data_5FT8
#
_entry.id   5FT8
#
_cell.length_a   74.863
_cell.length_b   115.135
_cell.length_c   604.966
_cell.angle_alpha   90.00
_cell.angle_beta   90.00
_cell.angle_gamma   90.00
#
_symmetry.space_group_name_H-M   'P 21 21 21'
#
loop_
_entity.id
_entity.type
_entity.pdbx_description
1 polymer 'Cysteine desulfurase CsdA'
2 polymer 'Sulfur acceptor protein CsdE'
3 non-polymer "PYRIDOXAL-5'-PHOSPHATE"
4 non-polymer DI(HYDROXYETHYL)ETHER
5 non-polymer GLYCEROL
6 water water
#
loop_
_entity_poly.entity_id
_entity_poly.type
_entity_poly.pdbx_seq_one_letter_code
_entity_poly.pdbx_strand_id
1 'polypeptide(L)'
;GAMNVFNPAQFRAQFPALQDAGVYLDSAATALKPEAVVEATQQFYSLSAGNVHRSQFAEAQRLTARYEAAREKVAQLLNA
PDDKTIVWTRGTTESINMVAQCYARPRLQPGDEIIVSVAEHHANLVPWLMVAQQTGAKVVKLPLNAQRLPDVDLLPELIT
PRSRILALGQMSNVTGGCPDLARAITFAHSAGMVVMVDGAQGAVHFPADVQQLDIDFYAFSGHKLYGPTGIGVLYGKSEL
LEAMSPWLGGGKMVHEVSFDGFTTQSAPWKLEAGTPNVAGVIGLSAALEWLADYDINQAESWSRSLATLAEDALAKRPGF
RSFRCQDSSLLAFDFAGVHHSDMVTLLAEYGIALRAGQH(CSS)AQPLLAELGVTGTLRASFAPYNTKSDVDALVNAVDR
ALELLVD
;
A,C,E,G,I,K,M,O
2 'polypeptide(L)'
;MTNPQFAGHPFGTTVTAETLRNTFAPLTQWEDKYRQLIMLGKQLPALPDELKAQAKEIAG(CSS)ENRVWLGYTVAENGK
MHFFGDSEGRIVRGLLAVLLTAVEGKTAAELQAQSPLALFDELGLRAQLSASRSQGLNALSEAIIAATKQVKHHHHHH
;
Q,S,U,W,Y,a,c,e
#
loop_
_chem_comp.id
_chem_comp.type
_chem_comp.name
_chem_comp.formula
GOL non-polymer GLYCEROL 'C3 H8 O3'
PEG non-polymer DI(HYDROXYETHYL)ETHER 'C4 H10 O3'
PLP non-polymer PYRIDOXAL-5'-PHOSPHATE 'C8 H10 N O6 P'
#
# COMPACT_ATOMS: atom_id res chain seq x y z
N MET A 3 -15.05 -45.27 -22.48
CA MET A 3 -14.14 -45.36 -23.67
C MET A 3 -13.65 -46.84 -23.80
N ASN A 4 -14.57 -47.78 -23.57
CA ASN A 4 -14.22 -49.24 -23.40
C ASN A 4 -13.57 -49.92 -24.63
N VAL A 5 -14.08 -49.72 -25.85
CA VAL A 5 -13.38 -50.15 -27.05
C VAL A 5 -13.80 -49.22 -28.17
N PHE A 6 -12.83 -48.62 -28.85
CA PHE A 6 -13.14 -47.65 -29.88
C PHE A 6 -13.85 -48.24 -31.09
N ASN A 7 -15.02 -47.68 -31.40
CA ASN A 7 -15.83 -48.10 -32.53
C ASN A 7 -15.85 -47.01 -33.60
N PRO A 8 -15.14 -47.24 -34.73
CA PRO A 8 -15.06 -46.23 -35.80
C PRO A 8 -16.40 -45.83 -36.39
N ALA A 9 -17.35 -46.77 -36.45
CA ALA A 9 -18.67 -46.50 -36.99
C ALA A 9 -19.48 -45.54 -36.08
N GLN A 10 -19.48 -45.83 -34.78
CA GLN A 10 -20.08 -44.95 -33.77
C GLN A 10 -19.52 -43.55 -33.90
N PHE A 11 -18.20 -43.46 -33.90
CA PHE A 11 -17.51 -42.20 -34.10
C PHE A 11 -18.00 -41.49 -35.37
N ARG A 12 -17.98 -42.21 -36.50
CA ARG A 12 -18.43 -41.64 -37.79
C ARG A 12 -19.80 -41.03 -37.76
N ALA A 13 -20.74 -41.74 -37.15
CA ALA A 13 -22.14 -41.34 -37.16
C ALA A 13 -22.40 -39.89 -36.68
N GLN A 14 -21.47 -39.33 -35.91
CA GLN A 14 -21.67 -38.03 -35.26
C GLN A 14 -21.48 -36.83 -36.19
N PHE A 15 -20.93 -37.05 -37.37
CA PHE A 15 -20.57 -35.95 -38.27
C PHE A 15 -21.55 -35.79 -39.42
N PRO A 16 -22.39 -34.75 -39.38
CA PRO A 16 -23.38 -34.56 -40.43
C PRO A 16 -22.81 -34.15 -41.79
N ALA A 17 -21.58 -33.65 -41.81
CA ALA A 17 -20.94 -33.28 -43.07
C ALA A 17 -20.59 -34.49 -43.93
N LEU A 18 -20.43 -35.65 -43.31
CA LEU A 18 -19.79 -36.80 -43.98
C LEU A 18 -20.45 -37.35 -45.23
N GLN A 19 -21.77 -37.37 -45.29
CA GLN A 19 -22.46 -37.83 -46.52
C GLN A 19 -22.12 -36.97 -47.75
N ASP A 20 -22.31 -35.66 -47.61
CA ASP A 20 -22.04 -34.72 -48.70
C ASP A 20 -20.54 -34.59 -48.99
N ALA A 21 -19.70 -34.80 -47.98
CA ALA A 21 -18.26 -34.52 -48.10
C ALA A 21 -17.54 -35.49 -49.02
N GLY A 22 -18.17 -36.64 -49.28
CA GLY A 22 -17.58 -37.65 -50.15
C GLY A 22 -16.48 -38.38 -49.42
N VAL A 23 -15.30 -38.42 -50.03
CA VAL A 23 -14.11 -38.99 -49.40
C VAL A 23 -13.21 -37.86 -48.94
N TYR A 24 -13.33 -37.49 -47.66
CA TYR A 24 -12.63 -36.33 -47.12
C TYR A 24 -11.31 -36.74 -46.49
N LEU A 25 -10.20 -36.33 -47.12
CA LEU A 25 -8.88 -36.65 -46.62
C LEU A 25 -8.02 -35.38 -46.47
N ASP A 26 -8.60 -34.34 -45.90
CA ASP A 26 -7.95 -33.07 -45.71
C ASP A 26 -8.13 -32.53 -44.28
N SER A 27 -8.19 -33.44 -43.31
CA SER A 27 -8.40 -33.07 -41.91
C SER A 27 -7.24 -32.32 -41.27
N ALA A 28 -6.03 -32.52 -41.77
CA ALA A 28 -4.87 -31.81 -41.25
C ALA A 28 -4.94 -30.31 -41.63
N ALA A 29 -5.71 -29.98 -42.66
CA ALA A 29 -6.01 -28.59 -43.00
C ALA A 29 -7.09 -28.10 -42.04
N THR A 30 -8.26 -28.73 -42.10
CA THR A 30 -9.34 -28.42 -41.16
C THR A 30 -10.23 -29.63 -40.94
N ALA A 31 -10.66 -29.81 -39.69
CA ALA A 31 -11.39 -30.99 -39.27
C ALA A 31 -12.90 -30.77 -39.43
N LEU A 32 -13.63 -31.86 -39.71
CA LEU A 32 -15.07 -31.82 -39.73
C LEU A 32 -15.57 -31.76 -38.29
N LYS A 33 -16.80 -31.31 -38.11
CA LYS A 33 -17.35 -31.03 -36.79
C LYS A 33 -18.46 -32.01 -36.42
N PRO A 34 -18.46 -32.49 -35.17
CA PRO A 34 -19.55 -33.36 -34.71
C PRO A 34 -20.80 -32.54 -34.39
N GLU A 35 -21.95 -33.21 -34.32
CA GLU A 35 -23.21 -32.50 -34.14
C GLU A 35 -23.19 -31.67 -32.86
N ALA A 36 -22.48 -32.15 -31.84
CA ALA A 36 -22.38 -31.44 -30.55
C ALA A 36 -21.89 -30.02 -30.72
N VAL A 37 -20.91 -29.82 -31.60
CA VAL A 37 -20.38 -28.50 -31.89
C VAL A 37 -21.36 -27.65 -32.69
N VAL A 38 -21.95 -28.25 -33.72
CA VAL A 38 -22.93 -27.57 -34.57
C VAL A 38 -24.14 -27.10 -33.75
N GLU A 39 -24.55 -27.93 -32.80
CA GLU A 39 -25.75 -27.67 -32.01
C GLU A 39 -25.55 -26.60 -30.93
N ALA A 40 -24.37 -26.59 -30.33
CA ALA A 40 -24.02 -25.58 -29.33
C ALA A 40 -23.95 -24.21 -29.97
N THR A 41 -23.35 -24.15 -31.16
CA THR A 41 -23.21 -22.90 -31.90
C THR A 41 -24.55 -22.32 -32.31
N GLN A 42 -25.42 -23.16 -32.83
CA GLN A 42 -26.75 -22.71 -33.23
C GLN A 42 -27.56 -22.18 -32.04
N GLN A 43 -27.47 -22.89 -30.93
CA GLN A 43 -28.15 -22.48 -29.71
C GLN A 43 -27.61 -21.19 -29.15
N PHE A 44 -26.30 -21.01 -29.24
CA PHE A 44 -25.69 -19.79 -28.74
C PHE A 44 -26.19 -18.57 -29.52
N TYR A 45 -26.26 -18.70 -30.85
CA TYR A 45 -26.70 -17.58 -31.70
C TYR A 45 -28.21 -17.43 -31.76
N SER A 46 -28.93 -18.42 -31.26
CA SER A 46 -30.38 -18.42 -31.27
C SER A 46 -30.98 -17.86 -29.99
N LEU A 47 -30.12 -17.56 -29.01
CA LEU A 47 -30.57 -17.05 -27.73
C LEU A 47 -29.88 -15.75 -27.36
N SER A 48 -30.51 -15.03 -26.43
CA SER A 48 -29.95 -13.82 -25.86
C SER A 48 -28.78 -14.15 -24.94
N ALA A 49 -27.83 -13.24 -24.81
CA ALA A 49 -26.72 -13.36 -23.86
C ALA A 49 -26.96 -12.51 -22.60
N GLY A 50 -28.20 -12.10 -22.36
CA GLY A 50 -28.52 -11.19 -21.28
C GLY A 50 -28.96 -11.85 -19.98
N ASN A 51 -29.52 -11.03 -19.10
CA ASN A 51 -29.97 -11.48 -17.80
C ASN A 51 -31.30 -12.25 -17.92
N VAL A 52 -32.13 -11.82 -18.85
CA VAL A 52 -33.50 -12.30 -18.95
C VAL A 52 -33.57 -13.52 -19.84
N HIS A 53 -34.17 -14.59 -19.35
CA HIS A 53 -34.54 -15.76 -20.15
C HIS A 53 -35.92 -16.19 -19.81
N ARG A 54 -36.85 -15.97 -20.74
CA ARG A 54 -38.27 -16.18 -20.47
C ARG A 54 -38.68 -17.65 -20.62
N SER A 55 -38.12 -18.32 -21.62
CA SER A 55 -38.56 -19.65 -22.03
C SER A 55 -37.44 -20.69 -21.88
N GLN A 56 -36.30 -20.40 -22.48
CA GLN A 56 -35.21 -21.36 -22.61
C GLN A 56 -34.07 -21.10 -21.63
N PHE A 57 -34.41 -21.16 -20.34
CA PHE A 57 -33.44 -21.01 -19.27
C PHE A 57 -32.49 -22.21 -19.21
N ALA A 58 -33.03 -23.43 -19.32
CA ALA A 58 -32.22 -24.66 -19.27
C ALA A 58 -31.10 -24.62 -20.29
N GLU A 59 -31.45 -24.32 -21.54
CA GLU A 59 -30.48 -24.18 -22.62
C GLU A 59 -29.47 -23.08 -22.34
N ALA A 60 -29.93 -21.99 -21.73
CA ALA A 60 -29.04 -20.87 -21.41
C ALA A 60 -28.05 -21.24 -20.29
N GLN A 61 -28.52 -21.97 -19.29
CA GLN A 61 -27.66 -22.52 -18.21
C GLN A 61 -26.58 -23.42 -18.76
N ARG A 62 -26.95 -24.22 -19.76
CA ARG A 62 -26.05 -25.18 -20.39
C ARG A 62 -24.91 -24.46 -21.08
N LEU A 63 -25.25 -23.40 -21.83
CA LEU A 63 -24.24 -22.61 -22.54
C LEU A 63 -23.28 -21.90 -21.58
N THR A 64 -23.82 -21.36 -20.49
CA THR A 64 -23.00 -20.72 -19.47
C THR A 64 -22.04 -21.74 -18.85
N ALA A 65 -22.57 -22.93 -18.53
CA ALA A 65 -21.78 -24.02 -17.98
C ALA A 65 -20.61 -24.38 -18.89
N ARG A 66 -20.90 -24.47 -20.17
CA ARG A 66 -19.90 -24.79 -21.19
C ARG A 66 -18.77 -23.76 -21.22
N TYR A 67 -19.15 -22.48 -21.18
CA TYR A 67 -18.20 -21.37 -21.28
C TYR A 67 -17.27 -21.32 -20.08
N GLU A 68 -17.84 -21.45 -18.89
CA GLU A 68 -17.09 -21.39 -17.65
C GLU A 68 -16.14 -22.57 -17.46
N ALA A 69 -16.52 -23.73 -17.98
CA ALA A 69 -15.68 -24.93 -17.89
C ALA A 69 -14.64 -25.03 -19.01
N ALA A 70 -14.79 -24.20 -20.06
CA ALA A 70 -13.95 -24.30 -21.27
C ALA A 70 -12.43 -24.35 -21.00
N ARG A 71 -11.94 -23.50 -20.09
CA ARG A 71 -10.52 -23.54 -19.71
C ARG A 71 -10.12 -24.86 -19.07
N GLU A 72 -10.93 -25.32 -18.11
CA GLU A 72 -10.66 -26.59 -17.41
C GLU A 72 -10.56 -27.74 -18.39
N LYS A 73 -11.43 -27.75 -19.39
CA LYS A 73 -11.47 -28.84 -20.36
C LYS A 73 -10.20 -28.86 -21.23
N VAL A 74 -9.69 -27.70 -21.58
CA VAL A 74 -8.42 -27.62 -22.29
C VAL A 74 -7.29 -28.12 -21.36
N ALA A 75 -7.36 -27.75 -20.09
CA ALA A 75 -6.33 -28.13 -19.12
C ALA A 75 -6.30 -29.64 -18.98
N GLN A 76 -7.46 -30.26 -18.91
CA GLN A 76 -7.55 -31.71 -18.82
C GLN A 76 -6.94 -32.39 -20.03
N LEU A 77 -7.16 -31.83 -21.22
CA LEU A 77 -6.55 -32.35 -22.44
C LEU A 77 -5.02 -32.32 -22.41
N LEU A 78 -4.46 -31.29 -21.77
CA LEU A 78 -3.01 -31.10 -21.73
C LEU A 78 -2.39 -31.51 -20.40
N ASN A 79 -3.22 -32.03 -19.51
CA ASN A 79 -2.79 -32.34 -18.14
C ASN A 79 -2.08 -31.14 -17.53
N ALA A 80 -2.69 -29.98 -17.69
CA ALA A 80 -2.16 -28.77 -17.10
C ALA A 80 -2.57 -28.70 -15.63
N PRO A 81 -1.72 -28.10 -14.78
CA PRO A 81 -1.99 -28.10 -13.35
C PRO A 81 -3.22 -27.27 -12.96
N ASP A 82 -3.40 -26.15 -13.64
CA ASP A 82 -4.47 -25.23 -13.33
C ASP A 82 -4.99 -24.49 -14.56
N ASP A 83 -6.28 -24.16 -14.55
CA ASP A 83 -6.94 -23.62 -15.73
C ASP A 83 -6.56 -22.16 -16.06
N LYS A 84 -5.91 -21.48 -15.10
CA LYS A 84 -5.42 -20.11 -15.33
C LYS A 84 -4.19 -20.06 -16.22
N THR A 85 -3.58 -21.21 -16.48
CA THR A 85 -2.47 -21.28 -17.43
C THR A 85 -2.93 -21.34 -18.88
N ILE A 86 -4.25 -21.37 -19.11
CA ILE A 86 -4.80 -21.42 -20.46
C ILE A 86 -5.27 -20.06 -20.91
N VAL A 87 -4.86 -19.66 -22.12
CA VAL A 87 -5.21 -18.36 -22.70
C VAL A 87 -5.87 -18.54 -24.06
N TRP A 88 -6.93 -17.78 -24.31
CA TRP A 88 -7.64 -17.84 -25.57
C TRP A 88 -7.05 -16.93 -26.59
N THR A 89 -6.86 -17.44 -27.80
CA THR A 89 -6.34 -16.68 -28.93
C THR A 89 -7.20 -17.00 -30.13
N ARG A 90 -6.89 -16.38 -31.26
CA ARG A 90 -7.55 -16.68 -32.53
C ARG A 90 -7.24 -18.09 -32.99
N GLY A 91 -5.98 -18.48 -32.76
CA GLY A 91 -5.34 -19.61 -33.42
C GLY A 91 -3.89 -19.77 -33.03
N THR A 92 -3.30 -20.88 -33.46
CA THR A 92 -1.88 -21.17 -33.21
C THR A 92 -1.01 -20.00 -33.64
N THR A 93 -1.34 -19.42 -34.79
CA THR A 93 -0.53 -18.32 -35.33
C THR A 93 -0.46 -17.15 -34.36
N GLU A 94 -1.61 -16.75 -33.82
CA GLU A 94 -1.63 -15.64 -32.86
C GLU A 94 -0.89 -16.05 -31.59
N SER A 95 -1.19 -17.25 -31.09
CA SER A 95 -0.52 -17.78 -29.90
C SER A 95 0.99 -17.63 -29.97
N ILE A 96 1.57 -18.01 -31.11
CA ILE A 96 3.03 -17.96 -31.25
C ILE A 96 3.52 -16.53 -31.33
N ASN A 97 2.81 -15.70 -32.09
CA ASN A 97 3.18 -14.28 -32.20
C ASN A 97 3.19 -13.59 -30.87
N MET A 98 2.25 -13.98 -30.00
CA MET A 98 2.16 -13.43 -28.65
C MET A 98 3.43 -13.72 -27.87
N VAL A 99 3.86 -14.97 -27.86
CA VAL A 99 5.09 -15.34 -27.15
C VAL A 99 6.30 -14.57 -27.70
N ALA A 100 6.37 -14.43 -29.01
CA ALA A 100 7.49 -13.73 -29.64
C ALA A 100 7.54 -12.26 -29.21
N GLN A 101 6.38 -11.63 -29.12
CA GLN A 101 6.30 -10.19 -28.87
C GLN A 101 6.21 -9.84 -27.39
N CYS A 102 5.50 -10.66 -26.63
CA CYS A 102 5.27 -10.38 -25.21
C CYS A 102 6.32 -11.02 -24.29
N TYR A 103 6.93 -12.13 -24.73
CA TYR A 103 8.01 -12.74 -23.94
C TYR A 103 9.40 -12.41 -24.50
N ALA A 104 9.60 -12.66 -25.79
CA ALA A 104 10.93 -12.61 -26.38
C ALA A 104 11.43 -11.18 -26.59
N ARG A 105 10.61 -10.36 -27.23
CA ARG A 105 11.05 -9.05 -27.69
C ARG A 105 11.63 -8.11 -26.60
N PRO A 106 10.98 -8.00 -25.44
CA PRO A 106 11.57 -7.19 -24.38
C PRO A 106 12.81 -7.78 -23.70
N ARG A 107 13.12 -9.05 -23.96
CA ARG A 107 14.28 -9.73 -23.36
C ARG A 107 15.49 -9.91 -24.29
N LEU A 108 15.25 -10.09 -25.59
CA LEU A 108 16.33 -10.37 -26.54
C LEU A 108 17.26 -9.17 -26.73
N GLN A 109 18.56 -9.42 -26.65
CA GLN A 109 19.60 -8.43 -26.92
C GLN A 109 20.28 -8.70 -28.24
N PRO A 110 20.92 -7.66 -28.82
CA PRO A 110 21.60 -7.87 -30.11
C PRO A 110 22.60 -9.01 -30.05
N GLY A 111 22.53 -9.92 -31.02
CA GLY A 111 23.40 -11.09 -31.06
C GLY A 111 22.78 -12.36 -30.52
N ASP A 112 21.70 -12.24 -29.73
CA ASP A 112 21.05 -13.41 -29.16
C ASP A 112 20.50 -14.29 -30.27
N GLU A 113 20.24 -15.55 -29.95
CA GLU A 113 19.97 -16.56 -30.97
C GLU A 113 18.67 -17.33 -30.72
N ILE A 114 17.91 -17.52 -31.80
CA ILE A 114 16.67 -18.27 -31.77
C ILE A 114 16.84 -19.50 -32.67
N ILE A 115 16.81 -20.68 -32.10
CA ILE A 115 16.96 -21.89 -32.88
C ILE A 115 15.59 -22.34 -33.34
N VAL A 116 15.43 -22.52 -34.65
CA VAL A 116 14.16 -22.95 -35.23
C VAL A 116 14.40 -24.11 -36.17
N SER A 117 13.57 -25.14 -36.08
CA SER A 117 13.75 -26.32 -36.92
C SER A 117 13.27 -26.05 -38.34
N VAL A 118 13.89 -26.69 -39.30
CA VAL A 118 13.51 -26.56 -40.71
C VAL A 118 12.14 -27.15 -41.00
N ALA A 119 11.68 -28.05 -40.14
CA ALA A 119 10.35 -28.67 -40.25
C ALA A 119 9.20 -27.79 -39.71
N GLU A 120 9.48 -26.52 -39.41
CA GLU A 120 8.46 -25.65 -38.83
C GLU A 120 7.49 -25.09 -39.86
N HIS A 121 6.22 -25.04 -39.46
CA HIS A 121 5.20 -24.30 -40.14
C HIS A 121 5.57 -22.83 -40.13
N HIS A 122 5.15 -22.08 -41.15
CA HIS A 122 5.44 -20.63 -41.23
C HIS A 122 5.05 -19.89 -39.97
N ALA A 123 3.97 -20.32 -39.32
CA ALA A 123 3.50 -19.76 -38.06
C ALA A 123 4.56 -19.82 -36.95
N ASN A 124 5.42 -20.84 -36.96
CA ASN A 124 6.48 -20.98 -35.98
C ASN A 124 7.83 -20.67 -36.58
N LEU A 125 7.86 -19.86 -37.63
CA LEU A 125 9.10 -19.34 -38.22
C LEU A 125 9.07 -17.82 -38.47
N VAL A 126 8.03 -17.34 -39.15
CA VAL A 126 7.96 -15.90 -39.53
C VAL A 126 8.00 -14.96 -38.32
N PRO A 127 7.31 -15.31 -37.22
CA PRO A 127 7.34 -14.45 -36.04
C PRO A 127 8.72 -14.29 -35.46
N TRP A 128 9.54 -15.32 -35.59
CA TRP A 128 10.90 -15.28 -35.08
C TRP A 128 11.77 -14.47 -35.97
N LEU A 129 11.54 -14.57 -37.27
CA LEU A 129 12.25 -13.73 -38.23
C LEU A 129 11.93 -12.24 -37.96
N MET A 130 10.65 -11.94 -37.75
CA MET A 130 10.20 -10.60 -37.44
C MET A 130 10.85 -10.05 -36.18
N VAL A 131 10.80 -10.82 -35.10
CA VAL A 131 11.33 -10.34 -33.83
C VAL A 131 12.86 -10.23 -33.91
N ALA A 132 13.49 -11.10 -34.68
CA ALA A 132 14.96 -11.06 -34.86
C ALA A 132 15.37 -9.71 -35.43
N GLN A 133 14.66 -9.28 -36.47
CA GLN A 133 14.92 -8.00 -37.11
C GLN A 133 14.70 -6.86 -36.14
N GLN A 134 13.68 -6.98 -35.30
CA GLN A 134 13.31 -5.92 -34.37
C GLN A 134 14.25 -5.78 -33.17
N THR A 135 14.92 -6.87 -32.79
CA THR A 135 15.79 -6.87 -31.60
C THR A 135 17.29 -6.97 -31.90
N GLY A 136 17.63 -7.30 -33.15
CA GLY A 136 19.02 -7.53 -33.53
C GLY A 136 19.48 -8.95 -33.20
N ALA A 137 18.53 -9.83 -32.90
CA ALA A 137 18.82 -11.25 -32.68
C ALA A 137 18.92 -11.96 -34.02
N LYS A 138 19.30 -13.23 -33.99
CA LYS A 138 19.49 -14.03 -35.20
C LYS A 138 18.77 -15.36 -35.12
N VAL A 139 18.17 -15.79 -36.23
CA VAL A 139 17.54 -17.12 -36.32
C VAL A 139 18.59 -18.13 -36.78
N VAL A 140 18.70 -19.23 -36.04
CA VAL A 140 19.63 -20.30 -36.38
C VAL A 140 18.83 -21.54 -36.71
N LYS A 141 19.19 -22.21 -37.79
CA LYS A 141 18.45 -23.37 -38.28
C LYS A 141 18.86 -24.67 -37.59
N LEU A 142 17.86 -25.46 -37.20
CA LEU A 142 18.06 -26.84 -36.71
C LEU A 142 17.62 -27.82 -37.82
N PRO A 143 18.57 -28.50 -38.48
CA PRO A 143 18.23 -29.26 -39.67
C PRO A 143 17.61 -30.62 -39.39
N LEU A 144 17.23 -31.30 -40.47
CA LEU A 144 16.67 -32.64 -40.39
C LEU A 144 17.77 -33.68 -40.35
N ASN A 145 17.49 -34.81 -39.70
CA ASN A 145 18.38 -35.96 -39.74
C ASN A 145 18.04 -36.87 -40.93
N ALA A 146 18.68 -38.04 -40.99
CA ALA A 146 18.47 -39.00 -42.07
C ALA A 146 17.05 -39.55 -42.11
N GLN A 147 16.36 -39.52 -40.97
CA GLN A 147 14.97 -39.99 -40.87
C GLN A 147 13.95 -38.89 -41.14
N ARG A 148 14.42 -37.72 -41.60
CA ARG A 148 13.57 -36.56 -41.91
C ARG A 148 12.86 -35.94 -40.69
N LEU A 149 13.48 -36.08 -39.52
CA LEU A 149 13.00 -35.40 -38.31
C LEU A 149 14.06 -34.38 -37.93
N PRO A 150 13.66 -33.28 -37.29
CA PRO A 150 14.60 -32.35 -36.69
C PRO A 150 15.67 -33.07 -35.85
N ASP A 151 16.92 -32.76 -36.16
CA ASP A 151 18.05 -33.50 -35.60
C ASP A 151 18.35 -33.06 -34.18
N VAL A 152 17.59 -33.63 -33.24
CA VAL A 152 17.70 -33.26 -31.83
C VAL A 152 19.05 -33.60 -31.23
N ASP A 153 19.71 -34.65 -31.73
CA ASP A 153 21.02 -35.02 -31.22
C ASP A 153 22.11 -34.01 -31.60
N LEU A 154 21.85 -33.23 -32.65
CA LEU A 154 22.76 -32.18 -33.10
C LEU A 154 22.63 -30.92 -32.23
N LEU A 155 21.56 -30.85 -31.44
CA LEU A 155 21.18 -29.63 -30.72
C LEU A 155 22.26 -29.08 -29.78
N PRO A 156 22.94 -29.95 -29.02
CA PRO A 156 24.00 -29.43 -28.17
C PRO A 156 25.07 -28.65 -28.93
N GLU A 157 25.34 -29.06 -30.17
CA GLU A 157 26.34 -28.38 -31.03
C GLU A 157 25.85 -27.03 -31.47
N LEU A 158 24.55 -26.92 -31.73
CA LEU A 158 23.99 -25.67 -32.24
C LEU A 158 23.78 -24.66 -31.14
N ILE A 159 23.57 -25.15 -29.91
CA ILE A 159 23.43 -24.28 -28.75
C ILE A 159 24.73 -23.61 -28.38
N THR A 160 24.69 -22.29 -28.27
CA THR A 160 25.84 -21.51 -27.83
C THR A 160 25.41 -20.72 -26.60
N PRO A 161 26.34 -19.97 -25.99
CA PRO A 161 25.97 -19.15 -24.84
C PRO A 161 24.94 -18.04 -25.15
N ARG A 162 24.70 -17.77 -26.42
CA ARG A 162 23.78 -16.72 -26.84
C ARG A 162 22.40 -17.27 -27.24
N SER A 163 22.21 -18.59 -27.11
CA SER A 163 20.94 -19.23 -27.44
C SER A 163 19.95 -18.94 -26.35
N ARG A 164 18.75 -18.54 -26.75
CA ARG A 164 17.70 -18.11 -25.82
C ARG A 164 16.38 -18.83 -26.02
N ILE A 165 16.02 -19.08 -27.28
CA ILE A 165 14.73 -19.67 -27.60
C ILE A 165 14.87 -20.86 -28.56
N LEU A 166 14.05 -21.88 -28.31
CA LEU A 166 13.93 -23.03 -29.17
C LEU A 166 12.50 -23.14 -29.69
N ALA A 167 12.33 -22.88 -30.98
CA ALA A 167 11.03 -23.01 -31.65
C ALA A 167 11.01 -24.36 -32.31
N LEU A 168 10.07 -25.21 -31.88
CA LEU A 168 10.05 -26.60 -32.33
C LEU A 168 8.62 -27.13 -32.43
N GLY A 169 8.32 -27.83 -33.53
CA GLY A 169 6.98 -28.38 -33.74
C GLY A 169 6.87 -29.77 -33.13
N GLN A 170 5.72 -30.05 -32.52
CA GLN A 170 5.46 -31.37 -31.96
C GLN A 170 5.25 -32.38 -33.08
N MET A 171 4.62 -31.92 -34.16
CA MET A 171 4.27 -32.80 -35.29
C MET A 171 4.22 -31.97 -36.56
N SER A 172 4.97 -32.40 -37.57
CA SER A 172 4.98 -31.73 -38.86
C SER A 172 3.66 -31.95 -39.59
N ASN A 173 3.19 -30.91 -40.28
CA ASN A 173 1.97 -30.99 -41.07
C ASN A 173 2.21 -31.58 -42.45
N VAL A 174 3.48 -31.89 -42.76
CA VAL A 174 3.86 -32.49 -44.05
C VAL A 174 4.19 -33.95 -43.88
N THR A 175 5.19 -34.25 -43.05
CA THR A 175 5.62 -35.63 -42.83
C THR A 175 4.82 -36.37 -41.75
N GLY A 176 4.11 -35.64 -40.90
CA GLY A 176 3.47 -36.22 -39.73
C GLY A 176 4.45 -36.69 -38.67
N GLY A 177 5.71 -36.28 -38.80
CA GLY A 177 6.77 -36.78 -37.94
C GLY A 177 6.89 -35.98 -36.66
N CYS A 178 7.09 -36.70 -35.55
CA CYS A 178 7.27 -36.08 -34.24
C CYS A 178 8.71 -36.27 -33.80
N PRO A 179 9.44 -35.15 -33.56
CA PRO A 179 10.80 -35.31 -33.04
C PRO A 179 10.83 -35.73 -31.57
N ASP A 180 12.00 -36.10 -31.07
CA ASP A 180 12.15 -36.48 -29.65
C ASP A 180 12.07 -35.24 -28.76
N LEU A 181 10.84 -34.83 -28.48
CA LEU A 181 10.57 -33.56 -27.80
C LEU A 181 11.08 -33.54 -26.37
N ALA A 182 10.92 -34.66 -25.67
CA ALA A 182 11.38 -34.76 -24.29
C ALA A 182 12.88 -34.45 -24.19
N ARG A 183 13.67 -35.08 -25.06
CA ARG A 183 15.12 -34.87 -25.04
CA ARG A 183 15.12 -34.88 -25.05
C ARG A 183 15.47 -33.44 -25.42
N ALA A 184 14.83 -32.93 -26.47
CA ALA A 184 15.02 -31.54 -26.93
C ALA A 184 14.90 -30.56 -25.78
N ILE A 185 13.82 -30.71 -25.00
CA ILE A 185 13.54 -29.82 -23.90
C ILE A 185 14.61 -29.88 -22.82
N THR A 186 15.08 -31.08 -22.52
CA THR A 186 16.17 -31.24 -21.57
C THR A 186 17.41 -30.46 -21.96
N PHE A 187 17.76 -30.50 -23.26
CA PHE A 187 18.94 -29.78 -23.77
C PHE A 187 18.72 -28.28 -23.69
N ALA A 188 17.54 -27.83 -24.09
CA ALA A 188 17.20 -26.40 -24.05
C ALA A 188 17.24 -25.85 -22.63
N HIS A 189 16.69 -26.60 -21.69
CA HIS A 189 16.60 -26.16 -20.31
C HIS A 189 17.94 -26.13 -19.62
N SER A 190 18.82 -27.05 -20.00
CA SER A 190 20.21 -27.04 -19.52
C SER A 190 20.91 -25.75 -19.93
N ALA A 191 20.59 -25.25 -21.11
CA ALA A 191 21.18 -24.01 -21.60
C ALA A 191 20.40 -22.77 -21.18
N GLY A 192 19.44 -22.93 -20.27
CA GLY A 192 18.60 -21.81 -19.84
C GLY A 192 17.71 -21.21 -20.92
N MET A 193 17.33 -22.01 -21.90
CA MET A 193 16.47 -21.52 -22.97
C MET A 193 15.01 -21.79 -22.66
N VAL A 194 14.12 -21.12 -23.37
CA VAL A 194 12.68 -21.38 -23.26
C VAL A 194 12.20 -22.00 -24.57
N VAL A 195 11.26 -22.93 -24.47
CA VAL A 195 10.83 -23.70 -25.63
C VAL A 195 9.40 -23.35 -26.05
N MET A 196 9.23 -23.00 -27.31
CA MET A 196 7.91 -22.77 -27.90
C MET A 196 7.54 -23.97 -28.73
N VAL A 197 6.50 -24.68 -28.33
CA VAL A 197 6.07 -25.89 -29.03
C VAL A 197 4.81 -25.61 -29.81
N ASP A 198 4.88 -25.82 -31.13
CA ASP A 198 3.73 -25.69 -32.00
C ASP A 198 3.03 -27.04 -32.00
N GLY A 199 1.84 -27.08 -31.41
CA GLY A 199 1.06 -28.31 -31.27
C GLY A 199 -0.21 -28.33 -32.11
N ALA A 200 -0.25 -27.56 -33.19
CA ALA A 200 -1.44 -27.47 -34.02
C ALA A 200 -1.90 -28.85 -34.50
N GLN A 201 -0.94 -29.69 -34.90
CA GLN A 201 -1.25 -31.06 -35.32
C GLN A 201 -1.20 -32.01 -34.14
N GLY A 202 -0.17 -31.84 -33.32
CA GLY A 202 0.07 -32.75 -32.19
C GLY A 202 -1.09 -32.84 -31.22
N ALA A 203 -1.76 -31.72 -31.00
CA ALA A 203 -2.89 -31.68 -30.07
C ALA A 203 -4.00 -32.61 -30.52
N VAL A 204 -4.12 -32.78 -31.84
CA VAL A 204 -5.20 -33.55 -32.45
C VAL A 204 -4.91 -35.05 -32.39
N HIS A 205 -3.63 -35.42 -32.52
CA HIS A 205 -3.22 -36.84 -32.63
C HIS A 205 -2.52 -37.42 -31.41
N PHE A 206 -1.65 -36.63 -30.77
CA PHE A 206 -0.91 -37.06 -29.58
C PHE A 206 -0.85 -35.92 -28.57
N PRO A 207 -1.97 -35.61 -27.92
CA PRO A 207 -1.99 -34.38 -27.11
C PRO A 207 -0.93 -34.41 -26.04
N ALA A 208 -0.14 -33.34 -25.95
CA ALA A 208 1.06 -33.32 -25.10
C ALA A 208 0.72 -33.14 -23.63
N ASP A 209 1.35 -33.95 -22.79
CA ASP A 209 1.29 -33.78 -21.34
C ASP A 209 2.33 -32.72 -20.95
N VAL A 210 1.85 -31.51 -20.71
CA VAL A 210 2.73 -30.35 -20.54
C VAL A 210 3.57 -30.40 -19.26
N GLN A 211 3.05 -31.02 -18.22
CA GLN A 211 3.80 -31.17 -16.97
C GLN A 211 4.92 -32.22 -17.11
N GLN A 212 4.56 -33.39 -17.63
CA GLN A 212 5.51 -34.48 -17.82
C GLN A 212 6.63 -34.03 -18.74
N LEU A 213 6.26 -33.46 -19.88
CA LEU A 213 7.24 -32.96 -20.85
C LEU A 213 7.95 -31.69 -20.39
N ASP A 214 7.37 -30.96 -19.43
CA ASP A 214 7.93 -29.70 -18.93
C ASP A 214 7.94 -28.59 -20.00
N ILE A 215 6.90 -28.57 -20.82
CA ILE A 215 6.77 -27.60 -21.89
C ILE A 215 6.57 -26.18 -21.32
N ASP A 216 7.30 -25.22 -21.87
CA ASP A 216 7.18 -23.82 -21.46
C ASP A 216 5.94 -23.17 -22.07
N PHE A 217 5.84 -23.26 -23.39
CA PHE A 217 4.71 -22.74 -24.14
C PHE A 217 4.19 -23.80 -25.10
N TYR A 218 2.88 -23.83 -25.29
CA TYR A 218 2.25 -24.80 -26.16
C TYR A 218 1.03 -24.18 -26.83
N ALA A 219 0.94 -24.35 -28.14
CA ALA A 219 -0.12 -23.70 -28.91
C ALA A 219 -0.86 -24.70 -29.82
N PHE A 220 -2.18 -24.54 -29.93
CA PHE A 220 -2.93 -25.23 -30.97
C PHE A 220 -4.21 -24.50 -31.43
N SER A 221 -4.83 -25.02 -32.47
CA SER A 221 -6.00 -24.38 -33.08
C SER A 221 -7.26 -25.23 -32.91
N GLY A 222 -8.38 -24.56 -32.64
CA GLY A 222 -9.64 -25.26 -32.42
C GLY A 222 -10.22 -25.97 -33.63
N HIS A 223 -9.99 -25.43 -34.83
CA HIS A 223 -10.59 -25.99 -36.03
C HIS A 223 -10.02 -27.33 -36.46
N LYS A 224 -8.77 -27.57 -36.09
CA LYS A 224 -8.13 -28.87 -36.36
C LYS A 224 -8.57 -29.85 -35.36
N LEU A 225 -9.05 -29.35 -34.22
CA LEU A 225 -9.50 -30.22 -33.12
C LEU A 225 -11.02 -30.42 -33.12
N TYR A 226 -11.57 -30.61 -34.32
CA TYR A 226 -13.00 -30.85 -34.53
C TYR A 226 -13.88 -29.74 -34.00
N GLY A 227 -13.35 -28.53 -33.98
CA GLY A 227 -14.01 -27.40 -33.33
C GLY A 227 -14.17 -26.20 -34.23
N PRO A 228 -14.58 -25.05 -33.67
CA PRO A 228 -14.87 -23.87 -34.47
C PRO A 228 -13.63 -23.17 -35.01
N THR A 229 -13.84 -22.34 -36.02
CA THR A 229 -12.80 -21.49 -36.55
C THR A 229 -12.68 -20.23 -35.69
N GLY A 230 -11.57 -19.52 -35.82
CA GLY A 230 -11.37 -18.26 -35.11
C GLY A 230 -11.09 -18.40 -33.62
N ILE A 231 -10.65 -19.57 -33.18
CA ILE A 231 -10.35 -19.80 -31.77
C ILE A 231 -9.16 -20.74 -31.61
N GLY A 232 -8.26 -20.35 -30.72
CA GLY A 232 -7.04 -21.09 -30.48
C GLY A 232 -6.62 -20.94 -29.03
N VAL A 233 -5.58 -21.67 -28.66
CA VAL A 233 -5.13 -21.72 -27.30
C VAL A 233 -3.64 -21.45 -27.19
N LEU A 234 -3.27 -20.76 -26.13
CA LEU A 234 -1.87 -20.69 -25.71
C LEU A 234 -1.80 -21.18 -24.30
N TYR A 235 -1.09 -22.27 -24.09
CA TYR A 235 -0.73 -22.68 -22.74
C TYR A 235 0.62 -22.07 -22.39
N GLY A 236 0.75 -21.59 -21.15
CA GLY A 236 2.05 -21.20 -20.62
C GLY A 236 2.17 -21.51 -19.14
N LYS A 237 3.39 -21.81 -18.71
CA LYS A 237 3.68 -21.88 -17.29
C LYS A 237 3.33 -20.55 -16.66
N SER A 238 2.78 -20.58 -15.46
CA SER A 238 2.25 -19.36 -14.84
C SER A 238 3.33 -18.28 -14.67
N GLU A 239 4.54 -18.69 -14.30
CA GLU A 239 5.65 -17.74 -14.11
C GLU A 239 5.93 -16.99 -15.40
N LEU A 240 5.81 -17.70 -16.52
CA LEU A 240 6.07 -17.14 -17.82
C LEU A 240 4.94 -16.23 -18.28
N LEU A 241 3.70 -16.63 -18.01
CA LEU A 241 2.56 -15.78 -18.33
C LEU A 241 2.61 -14.48 -17.50
N GLU A 242 3.05 -14.59 -16.25
CA GLU A 242 3.21 -13.42 -15.37
C GLU A 242 4.35 -12.51 -15.87
N ALA A 243 5.40 -13.12 -16.42
CA ALA A 243 6.52 -12.37 -16.97
C ALA A 243 6.21 -11.64 -18.29
N MET A 244 5.22 -12.13 -19.03
CA MET A 244 4.87 -11.56 -20.30
C MET A 244 4.29 -10.16 -20.18
N SER A 245 4.60 -9.33 -21.16
CA SER A 245 4.01 -8.01 -21.30
C SER A 245 2.57 -8.17 -21.78
N PRO A 246 1.76 -7.13 -21.64
CA PRO A 246 0.42 -7.22 -22.19
C PRO A 246 0.46 -7.34 -23.71
N TRP A 247 -0.53 -7.99 -24.28
CA TRP A 247 -0.57 -8.23 -25.70
C TRP A 247 -1.31 -7.10 -26.37
N LEU A 248 -2.60 -7.23 -26.62
CA LEU A 248 -3.40 -6.12 -27.14
C LEU A 248 -3.90 -5.29 -25.97
N GLY A 249 -4.11 -4.00 -26.21
CA GLY A 249 -4.62 -3.10 -25.19
C GLY A 249 -6.09 -2.84 -25.38
N GLY A 250 -6.83 -2.76 -24.28
CA GLY A 250 -8.25 -2.43 -24.34
C GLY A 250 -9.04 -2.86 -23.13
N GLY A 251 -10.33 -3.11 -23.33
CA GLY A 251 -11.19 -3.56 -22.26
C GLY A 251 -10.84 -4.96 -21.78
N LYS A 252 -11.27 -5.27 -20.57
CA LYS A 252 -11.13 -6.60 -19.93
C LYS A 252 -9.73 -6.83 -19.39
N MET A 253 -8.71 -6.55 -20.18
CA MET A 253 -7.32 -6.72 -19.76
C MET A 253 -6.85 -5.66 -18.78
N VAL A 254 -7.48 -4.50 -18.81
CA VAL A 254 -7.10 -3.42 -17.94
C VAL A 254 -7.77 -3.54 -16.58
N HIS A 255 -7.12 -2.98 -15.56
CA HIS A 255 -7.69 -2.90 -14.23
C HIS A 255 -8.14 -1.48 -13.98
N GLU A 256 -7.21 -0.54 -14.05
CA GLU A 256 -7.54 0.87 -13.93
C GLU A 256 -6.88 1.66 -15.04
N VAL A 257 -7.63 2.62 -15.57
CA VAL A 257 -7.14 3.44 -16.68
C VAL A 257 -7.40 4.93 -16.47
N SER A 258 -6.35 5.71 -16.70
CA SER A 258 -6.46 7.16 -16.76
C SER A 258 -5.60 7.62 -17.92
N PHE A 259 -5.57 8.93 -18.16
CA PHE A 259 -4.71 9.50 -19.22
C PHE A 259 -3.24 9.51 -18.82
N ASP A 260 -2.96 9.24 -17.55
CA ASP A 260 -1.59 9.19 -17.07
C ASP A 260 -1.01 7.79 -17.16
N GLY A 261 -1.86 6.78 -17.34
CA GLY A 261 -1.40 5.40 -17.52
C GLY A 261 -2.44 4.36 -17.16
N PHE A 262 -2.04 3.11 -17.08
CA PHE A 262 -2.96 2.03 -16.74
C PHE A 262 -2.27 0.86 -16.06
N THR A 263 -3.07 0.12 -15.28
CA THR A 263 -2.65 -1.16 -14.69
C THR A 263 -3.47 -2.27 -15.31
N THR A 264 -2.93 -3.48 -15.31
CA THR A 264 -3.58 -4.62 -15.95
C THR A 264 -4.04 -5.66 -14.96
N GLN A 265 -4.90 -6.56 -15.44
CA GLN A 265 -5.29 -7.72 -14.66
C GLN A 265 -4.09 -8.70 -14.64
N SER A 266 -4.26 -9.81 -13.95
CA SER A 266 -3.30 -10.91 -14.01
C SER A 266 -3.61 -11.77 -15.22
N ALA A 267 -2.71 -12.70 -15.53
CA ALA A 267 -3.00 -13.70 -16.56
C ALA A 267 -4.10 -14.62 -16.05
N PRO A 268 -4.91 -15.16 -16.97
CA PRO A 268 -4.80 -15.01 -18.43
C PRO A 268 -5.48 -13.77 -18.98
N TRP A 269 -6.25 -13.08 -18.15
CA TRP A 269 -7.04 -11.91 -18.61
C TRP A 269 -6.16 -10.79 -19.10
N LYS A 270 -4.96 -10.68 -18.55
CA LYS A 270 -3.95 -9.72 -19.01
C LYS A 270 -3.70 -9.82 -20.50
N LEU A 271 -3.78 -11.03 -21.02
CA LEU A 271 -3.46 -11.30 -22.41
C LEU A 271 -4.69 -11.40 -23.34
N GLU A 272 -5.87 -11.05 -22.84
CA GLU A 272 -7.13 -11.24 -23.58
C GLU A 272 -7.93 -9.94 -23.67
N ALA A 273 -7.53 -9.03 -24.54
CA ALA A 273 -8.22 -7.74 -24.63
C ALA A 273 -9.48 -7.86 -25.47
N GLY A 274 -10.48 -7.05 -25.14
CA GLY A 274 -11.68 -6.93 -25.97
C GLY A 274 -12.70 -8.02 -25.72
N THR A 275 -13.84 -7.93 -26.40
CA THR A 275 -14.87 -8.95 -26.30
C THR A 275 -14.31 -10.26 -26.87
N PRO A 276 -14.36 -11.35 -26.08
CA PRO A 276 -13.81 -12.60 -26.57
C PRO A 276 -14.70 -13.22 -27.62
N ASN A 277 -14.13 -14.10 -28.43
CA ASN A 277 -14.92 -14.86 -29.36
C ASN A 277 -15.67 -15.96 -28.58
N VAL A 278 -16.80 -15.55 -28.00
CA VAL A 278 -17.59 -16.40 -27.11
C VAL A 278 -18.11 -17.64 -27.83
N ALA A 279 -18.52 -17.46 -29.09
CA ALA A 279 -18.96 -18.57 -29.93
C ALA A 279 -17.85 -19.64 -30.06
N GLY A 280 -16.63 -19.19 -30.32
CA GLY A 280 -15.49 -20.10 -30.44
C GLY A 280 -15.21 -20.89 -29.18
N VAL A 281 -15.20 -20.20 -28.04
CA VAL A 281 -14.92 -20.82 -26.74
C VAL A 281 -15.97 -21.86 -26.39
N ILE A 282 -17.24 -21.49 -26.53
CA ILE A 282 -18.33 -22.41 -26.28
C ILE A 282 -18.27 -23.63 -27.20
N GLY A 283 -18.06 -23.38 -28.49
CA GLY A 283 -17.98 -24.44 -29.48
C GLY A 283 -16.79 -25.37 -29.27
N LEU A 284 -15.67 -24.79 -28.89
CA LEU A 284 -14.47 -25.58 -28.57
C LEU A 284 -14.70 -26.42 -27.32
N SER A 285 -15.43 -25.86 -26.37
CA SER A 285 -15.78 -26.59 -25.14
C SER A 285 -16.66 -27.79 -25.49
N ALA A 286 -17.62 -27.58 -26.38
CA ALA A 286 -18.48 -28.64 -26.83
C ALA A 286 -17.67 -29.74 -27.53
N ALA A 287 -16.70 -29.34 -28.35
CA ALA A 287 -15.79 -30.29 -28.99
C ALA A 287 -14.98 -31.11 -27.99
N LEU A 288 -14.42 -30.45 -26.98
CA LEU A 288 -13.59 -31.12 -25.97
C LEU A 288 -14.40 -32.07 -25.11
N GLU A 289 -15.56 -31.62 -24.65
CA GLU A 289 -16.43 -32.48 -23.83
C GLU A 289 -16.77 -33.76 -24.58
N TRP A 290 -17.09 -33.60 -25.86
CA TRP A 290 -17.41 -34.71 -26.74
C TRP A 290 -16.23 -35.60 -26.99
N LEU A 291 -15.09 -34.99 -27.30
CA LEU A 291 -13.87 -35.74 -27.56
C LEU A 291 -13.42 -36.58 -26.38
N ALA A 292 -13.68 -36.08 -25.18
CA ALA A 292 -13.34 -36.76 -23.93
C ALA A 292 -13.91 -38.18 -23.79
N ASP A 293 -14.93 -38.50 -24.58
CA ASP A 293 -15.55 -39.83 -24.54
C ASP A 293 -14.72 -40.94 -25.20
N TYR A 294 -13.78 -40.58 -26.07
CA TYR A 294 -13.03 -41.56 -26.84
C TYR A 294 -11.57 -41.65 -26.40
N ASP A 295 -11.00 -42.85 -26.45
CA ASP A 295 -9.58 -43.03 -26.23
C ASP A 295 -8.81 -42.60 -27.48
N ILE A 296 -8.12 -41.47 -27.38
CA ILE A 296 -7.38 -40.89 -28.50
C ILE A 296 -6.32 -41.84 -29.04
N ASN A 297 -5.72 -42.61 -28.14
CA ASN A 297 -4.70 -43.55 -28.55
C ASN A 297 -5.25 -44.59 -29.53
N GLN A 298 -6.44 -45.09 -29.23
CA GLN A 298 -7.11 -46.05 -30.10
C GLN A 298 -7.58 -45.39 -31.37
N ALA A 299 -8.10 -44.19 -31.25
CA ALA A 299 -8.62 -43.46 -32.40
C ALA A 299 -7.49 -43.10 -33.35
N GLU A 300 -6.31 -42.80 -32.80
CA GLU A 300 -5.17 -42.47 -33.63
C GLU A 300 -4.59 -43.72 -34.30
N SER A 301 -4.53 -44.82 -33.57
CA SER A 301 -4.12 -46.09 -34.15
C SER A 301 -4.94 -46.44 -35.39
N TRP A 302 -6.26 -46.26 -35.29
CA TRP A 302 -7.16 -46.47 -36.42
C TRP A 302 -6.78 -45.62 -37.58
N SER A 303 -6.64 -44.31 -37.34
CA SER A 303 -6.27 -43.36 -38.38
C SER A 303 -4.97 -43.76 -39.08
N ARG A 304 -4.01 -44.24 -38.30
CA ARG A 304 -2.73 -44.66 -38.84
C ARG A 304 -2.84 -45.95 -39.66
N SER A 305 -3.66 -46.91 -39.21
CA SER A 305 -3.90 -48.14 -39.95
CA SER A 305 -3.87 -48.15 -39.96
C SER A 305 -4.32 -47.87 -41.38
N LEU A 306 -5.21 -46.88 -41.54
CA LEU A 306 -5.73 -46.53 -42.85
C LEU A 306 -4.66 -45.88 -43.71
N ALA A 307 -3.85 -45.04 -43.08
CA ALA A 307 -2.74 -44.38 -43.77
C ALA A 307 -1.72 -45.40 -44.28
N THR A 308 -1.50 -46.45 -43.50
CA THR A 308 -0.56 -47.49 -43.89
C THR A 308 -1.06 -48.29 -45.09
N LEU A 309 -2.34 -48.63 -45.07
CA LEU A 309 -2.96 -49.32 -46.19
C LEU A 309 -2.88 -48.48 -47.46
N ALA A 310 -3.15 -47.19 -47.31
CA ALA A 310 -3.07 -46.26 -48.43
C ALA A 310 -1.66 -46.22 -49.03
N GLU A 311 -0.65 -46.12 -48.18
CA GLU A 311 0.74 -46.01 -48.63
C GLU A 311 1.22 -47.27 -49.34
N ASP A 312 0.95 -48.42 -48.73
CA ASP A 312 1.38 -49.69 -49.29
C ASP A 312 0.72 -49.95 -50.65
N ALA A 313 -0.55 -49.61 -50.77
CA ALA A 313 -1.28 -49.78 -52.02
C ALA A 313 -0.74 -48.88 -53.11
N LEU A 314 -0.54 -47.60 -52.79
CA LEU A 314 -0.04 -46.63 -53.77
C LEU A 314 1.41 -46.91 -54.15
N ALA A 315 2.17 -47.48 -53.23
CA ALA A 315 3.56 -47.82 -53.49
C ALA A 315 3.73 -48.86 -54.61
N LYS A 316 2.68 -49.63 -54.89
CA LYS A 316 2.71 -50.59 -56.00
C LYS A 316 2.70 -49.91 -57.37
N ARG A 317 2.22 -48.67 -57.42
CA ARG A 317 2.23 -47.88 -58.65
C ARG A 317 3.63 -47.30 -58.85
N PRO A 318 4.18 -47.40 -60.08
CA PRO A 318 5.55 -46.94 -60.24
C PRO A 318 5.66 -45.42 -60.28
N GLY A 319 6.80 -44.90 -59.85
CA GLY A 319 7.02 -43.46 -59.76
C GLY A 319 6.53 -42.84 -58.47
N PHE A 320 6.06 -43.68 -57.54
CA PHE A 320 5.50 -43.22 -56.28
C PHE A 320 6.60 -42.93 -55.26
N ARG A 321 6.39 -41.87 -54.49
CA ARG A 321 7.30 -41.49 -53.39
C ARG A 321 6.50 -40.95 -52.22
N SER A 322 6.82 -41.42 -51.03
CA SER A 322 6.19 -40.98 -49.79
C SER A 322 7.18 -40.22 -48.91
N PHE A 323 6.69 -39.18 -48.22
CA PHE A 323 7.50 -38.43 -47.26
C PHE A 323 7.05 -38.69 -45.83
N ARG A 324 6.27 -39.73 -45.63
CA ARG A 324 5.61 -39.99 -44.37
C ARG A 324 6.55 -40.62 -43.33
N CYS A 325 6.50 -40.10 -42.10
CA CYS A 325 7.35 -40.59 -41.00
C CYS A 325 6.55 -41.31 -39.93
N GLN A 326 7.22 -42.23 -39.24
CA GLN A 326 6.69 -42.87 -38.03
C GLN A 326 5.27 -43.42 -38.23
N ASP A 327 4.99 -43.92 -39.42
CA ASP A 327 3.69 -44.46 -39.77
C ASP A 327 2.55 -43.55 -39.34
N SER A 328 2.66 -42.25 -39.63
CA SER A 328 1.67 -41.30 -39.16
C SER A 328 0.37 -41.35 -39.99
N SER A 329 -0.64 -40.63 -39.49
CA SER A 329 -1.93 -40.54 -40.15
C SER A 329 -1.92 -39.53 -41.29
N LEU A 330 -0.83 -38.77 -41.40
CA LEU A 330 -0.62 -37.86 -42.53
C LEU A 330 0.23 -38.52 -43.58
N LEU A 331 -0.22 -38.48 -44.83
CA LEU A 331 0.49 -39.09 -45.94
C LEU A 331 0.80 -38.09 -47.05
N ALA A 332 2.00 -37.51 -47.02
CA ALA A 332 2.45 -36.62 -48.08
C ALA A 332 3.12 -37.46 -49.15
N PHE A 333 2.84 -37.17 -50.42
CA PHE A 333 3.39 -37.96 -51.50
C PHE A 333 3.38 -37.25 -52.83
N ASP A 334 4.03 -37.86 -53.81
CA ASP A 334 3.97 -37.40 -55.20
C ASP A 334 4.29 -38.52 -56.18
N PHE A 335 4.11 -38.24 -57.47
CA PHE A 335 4.36 -39.19 -58.54
C PHE A 335 5.27 -38.56 -59.58
N ALA A 336 6.33 -39.28 -59.97
CA ALA A 336 7.30 -38.76 -60.93
C ALA A 336 6.63 -38.29 -62.22
N GLY A 337 6.91 -37.06 -62.61
CA GLY A 337 6.42 -36.49 -63.87
C GLY A 337 4.98 -35.99 -63.84
N VAL A 338 4.37 -36.01 -62.66
CA VAL A 338 2.98 -35.59 -62.51
C VAL A 338 2.91 -34.40 -61.55
N HIS A 339 2.40 -33.26 -62.04
CA HIS A 339 2.29 -32.07 -61.21
C HIS A 339 1.17 -32.22 -60.23
N HIS A 340 1.43 -31.80 -58.99
CA HIS A 340 0.47 -32.03 -57.91
C HIS A 340 -0.84 -31.30 -58.04
N SER A 341 -0.80 -30.10 -58.60
CA SER A 341 -2.01 -29.32 -58.87
C SER A 341 -2.96 -30.06 -59.83
N ASP A 342 -2.40 -30.70 -60.86
CA ASP A 342 -3.21 -31.44 -61.83
C ASP A 342 -3.93 -32.61 -61.16
N MET A 343 -3.18 -33.31 -60.35
CA MET A 343 -3.72 -34.44 -59.62
C MET A 343 -4.87 -34.07 -58.69
N VAL A 344 -4.72 -32.97 -57.97
CA VAL A 344 -5.74 -32.55 -57.00
C VAL A 344 -7.05 -32.23 -57.71
N THR A 345 -6.95 -31.58 -58.86
CA THR A 345 -8.12 -31.24 -59.65
C THR A 345 -8.88 -32.49 -60.08
N LEU A 346 -8.15 -33.46 -60.62
CA LEU A 346 -8.77 -34.70 -61.09
C LEU A 346 -9.32 -35.55 -59.94
N LEU A 347 -8.58 -35.65 -58.83
CA LEU A 347 -9.06 -36.40 -57.67
C LEU A 347 -10.36 -35.82 -57.12
N ALA A 348 -10.47 -34.50 -57.15
CA ALA A 348 -11.68 -33.81 -56.76
C ALA A 348 -12.84 -34.32 -57.61
N GLU A 349 -12.64 -34.32 -58.93
CA GLU A 349 -13.64 -34.77 -59.89
C GLU A 349 -14.07 -36.21 -59.66
N TYR A 350 -13.18 -37.03 -59.13
CA TYR A 350 -13.52 -38.43 -58.78
C TYR A 350 -14.14 -38.57 -57.39
N GLY A 351 -14.31 -37.44 -56.68
CA GLY A 351 -15.00 -37.42 -55.39
C GLY A 351 -14.09 -37.53 -54.18
N ILE A 352 -12.80 -37.27 -54.40
CA ILE A 352 -11.80 -37.35 -53.33
C ILE A 352 -11.31 -35.96 -53.04
N ALA A 353 -11.47 -35.52 -51.79
CA ALA A 353 -11.15 -34.16 -51.37
C ALA A 353 -9.81 -34.18 -50.67
N LEU A 354 -8.87 -33.54 -51.34
CA LEU A 354 -7.43 -33.64 -51.01
C LEU A 354 -6.77 -32.27 -50.99
N ARG A 355 -5.54 -32.12 -50.48
CA ARG A 355 -4.84 -30.83 -50.59
C ARG A 355 -3.48 -30.97 -51.24
N ALA A 356 -3.14 -30.00 -52.08
CA ALA A 356 -1.81 -29.89 -52.70
C ALA A 356 -1.22 -28.54 -52.33
N GLY A 357 0.04 -28.35 -52.67
CA GLY A 357 0.71 -27.05 -52.49
C GLY A 357 1.90 -27.17 -51.58
N GLN A 358 2.24 -26.06 -50.93
CA GLN A 358 3.45 -25.97 -50.10
C GLN A 358 3.18 -26.21 -48.61
N HIS A 359 1.92 -26.18 -48.19
CA HIS A 359 1.52 -26.49 -46.81
C HIS A 359 2.16 -25.58 -45.80
N CSS A 360 2.31 -24.30 -46.17
CA CSS A 360 2.96 -23.28 -45.33
CB CSS A 360 2.01 -22.79 -44.23
SG CSS A 360 0.65 -21.85 -44.89
SD CSS A 360 1.61 -20.41 -46.00
C CSS A 360 4.21 -23.85 -44.74
O CSS A 360 4.45 -23.73 -43.53
N ALA A 361 5.04 -24.48 -45.58
CA ALA A 361 6.28 -25.11 -45.12
C ALA A 361 7.36 -25.11 -46.21
N GLN A 362 7.71 -23.93 -46.69
CA GLN A 362 8.66 -23.79 -47.79
C GLN A 362 10.05 -24.34 -47.52
N PRO A 363 10.65 -23.99 -46.36
CA PRO A 363 12.00 -24.47 -46.05
C PRO A 363 12.09 -26.00 -46.01
N LEU A 364 11.07 -26.64 -45.45
CA LEU A 364 11.05 -28.10 -45.37
C LEU A 364 11.06 -28.72 -46.76
N LEU A 365 10.18 -28.25 -47.63
CA LEU A 365 10.08 -28.76 -48.99
C LEU A 365 11.35 -28.49 -49.81
N ALA A 366 11.99 -27.35 -49.57
CA ALA A 366 13.29 -27.05 -50.18
C ALA A 366 14.36 -28.07 -49.71
N GLU A 367 14.31 -28.43 -48.44
CA GLU A 367 15.19 -29.44 -47.91
C GLU A 367 14.91 -30.77 -48.55
N LEU A 368 13.64 -31.07 -48.73
CA LEU A 368 13.23 -32.32 -49.35
C LEU A 368 13.41 -32.29 -50.85
N GLY A 369 13.72 -31.12 -51.41
CA GLY A 369 14.04 -30.99 -52.83
C GLY A 369 12.82 -30.98 -53.72
N VAL A 370 11.70 -30.51 -53.19
CA VAL A 370 10.47 -30.37 -53.96
C VAL A 370 9.83 -28.99 -53.73
N THR A 371 9.02 -28.55 -54.67
CA THR A 371 8.34 -27.24 -54.59
C THR A 371 6.92 -27.39 -54.08
N GLY A 372 6.41 -28.61 -54.06
CA GLY A 372 5.10 -28.86 -53.52
C GLY A 372 4.78 -30.34 -53.49
N THR A 373 3.70 -30.66 -52.81
CA THR A 373 3.30 -32.07 -52.62
C THR A 373 1.80 -32.22 -52.49
N LEU A 374 1.33 -33.44 -52.76
CA LEU A 374 -0.02 -33.84 -52.40
C LEU A 374 -0.01 -34.31 -50.98
N ARG A 375 -1.13 -34.13 -50.29
CA ARG A 375 -1.24 -34.62 -48.94
C ARG A 375 -2.62 -35.17 -48.64
N ALA A 376 -2.65 -36.45 -48.28
CA ALA A 376 -3.85 -37.11 -47.79
C ALA A 376 -3.72 -37.30 -46.29
N SER A 377 -4.68 -36.82 -45.54
CA SER A 377 -4.63 -36.93 -44.08
C SER A 377 -5.85 -37.66 -43.59
N PHE A 378 -5.62 -38.66 -42.74
CA PHE A 378 -6.67 -39.55 -42.29
C PHE A 378 -7.12 -39.24 -40.86
N ALA A 379 -8.43 -39.17 -40.67
CA ALA A 379 -9.04 -38.93 -39.37
C ALA A 379 -9.76 -40.19 -38.93
N PRO A 380 -10.17 -40.25 -37.65
CA PRO A 380 -10.93 -41.42 -37.19
C PRO A 380 -12.33 -41.60 -37.77
N TYR A 381 -12.83 -40.60 -38.51
CA TYR A 381 -14.10 -40.75 -39.24
C TYR A 381 -13.93 -41.31 -40.65
N ASN A 382 -12.72 -41.73 -41.00
CA ASN A 382 -12.46 -42.37 -42.29
C ASN A 382 -12.56 -43.88 -42.19
N THR A 383 -12.68 -44.52 -43.35
CA THR A 383 -12.90 -45.96 -43.44
C THR A 383 -11.90 -46.60 -44.41
N LYS A 384 -11.93 -47.93 -44.49
CA LYS A 384 -11.16 -48.63 -45.51
C LYS A 384 -11.71 -48.39 -46.93
N SER A 385 -13.02 -48.19 -47.05
CA SER A 385 -13.63 -47.83 -48.33
C SER A 385 -13.02 -46.55 -48.87
N ASP A 386 -12.69 -45.62 -47.97
CA ASP A 386 -12.06 -44.36 -48.37
C ASP A 386 -10.70 -44.62 -48.99
N VAL A 387 -9.93 -45.52 -48.39
CA VAL A 387 -8.60 -45.87 -48.94
C VAL A 387 -8.73 -46.46 -50.34
N ASP A 388 -9.64 -47.40 -50.52
CA ASP A 388 -9.87 -48.01 -51.84
C ASP A 388 -10.28 -46.97 -52.88
N ALA A 389 -11.16 -46.05 -52.48
CA ALA A 389 -11.61 -44.98 -53.39
C ALA A 389 -10.44 -44.07 -53.80
N LEU A 390 -9.56 -43.77 -52.86
CA LEU A 390 -8.37 -42.97 -53.15
C LEU A 390 -7.49 -43.69 -54.15
N VAL A 391 -7.18 -44.94 -53.85
CA VAL A 391 -6.30 -45.72 -54.71
C VAL A 391 -6.88 -45.82 -56.12
N ASN A 392 -8.17 -46.10 -56.21
CA ASN A 392 -8.83 -46.21 -57.51
C ASN A 392 -8.83 -44.91 -58.28
N ALA A 393 -9.11 -43.82 -57.59
CA ALA A 393 -9.11 -42.52 -58.22
C ALA A 393 -7.71 -42.13 -58.76
N VAL A 394 -6.67 -42.43 -57.99
CA VAL A 394 -5.29 -42.17 -58.45
C VAL A 394 -5.00 -42.89 -59.76
N ASP A 395 -5.36 -44.16 -59.86
CA ASP A 395 -5.16 -44.93 -61.09
C ASP A 395 -5.78 -44.23 -62.28
N ARG A 396 -7.02 -43.80 -62.12
CA ARG A 396 -7.75 -43.13 -63.20
C ARG A 396 -7.07 -41.82 -63.54
N ALA A 397 -6.66 -41.10 -62.51
CA ALA A 397 -5.93 -39.84 -62.66
C ALA A 397 -4.62 -40.05 -63.44
N LEU A 398 -3.84 -41.04 -63.01
CA LEU A 398 -2.56 -41.32 -63.62
C LEU A 398 -2.70 -41.67 -65.09
N GLU A 399 -3.73 -42.42 -65.44
CA GLU A 399 -3.97 -42.79 -66.84
C GLU A 399 -4.26 -41.60 -67.72
N LEU A 400 -4.89 -40.57 -67.16
CA LEU A 400 -5.16 -39.35 -67.91
C LEU A 400 -3.91 -38.48 -68.02
N LEU A 401 -3.08 -38.49 -66.99
CA LEU A 401 -1.94 -37.58 -66.89
C LEU A 401 -0.62 -38.15 -67.39
N VAL A 402 -0.39 -39.44 -67.21
CA VAL A 402 0.91 -40.01 -67.65
C VAL A 402 0.99 -40.04 -69.18
N ASP A 403 2.17 -39.74 -69.70
CA ASP A 403 2.43 -39.84 -71.13
C ASP A 403 2.82 -41.25 -71.45
N PRO B 4 10.86 -9.72 -83.51
CA PRO B 4 9.49 -9.94 -83.04
C PRO B 4 9.34 -11.01 -81.95
N GLN B 5 9.84 -12.23 -82.22
CA GLN B 5 9.56 -13.41 -81.38
C GLN B 5 10.74 -14.42 -81.35
N PHE B 6 10.67 -15.38 -80.42
CA PHE B 6 11.65 -16.48 -80.32
C PHE B 6 10.94 -17.85 -80.43
N ALA B 7 10.59 -18.47 -79.31
CA ALA B 7 10.01 -19.81 -79.33
C ALA B 7 8.63 -19.82 -79.99
N GLY B 8 7.95 -18.67 -79.98
CA GLY B 8 6.69 -18.48 -80.68
C GLY B 8 5.60 -19.32 -80.08
N HIS B 9 4.42 -19.24 -80.66
CA HIS B 9 3.37 -20.22 -80.35
C HIS B 9 2.33 -20.14 -81.43
N PRO B 10 1.64 -21.27 -81.69
CA PRO B 10 0.77 -21.33 -82.86
C PRO B 10 -0.62 -20.78 -82.61
N PHE B 11 -0.93 -20.46 -81.36
CA PHE B 11 -2.28 -20.09 -80.97
C PHE B 11 -2.62 -18.70 -81.50
N GLY B 12 -3.79 -18.58 -82.13
CA GLY B 12 -4.24 -17.32 -82.73
C GLY B 12 -3.88 -17.19 -84.17
N THR B 13 -2.85 -17.94 -84.59
CA THR B 13 -2.33 -17.90 -85.95
C THR B 13 -2.64 -19.22 -86.67
N THR B 14 -1.80 -20.23 -86.42
CA THR B 14 -2.03 -21.60 -86.90
C THR B 14 -3.20 -22.34 -86.27
N VAL B 15 -3.34 -22.20 -84.95
CA VAL B 15 -4.43 -22.79 -84.18
C VAL B 15 -5.49 -21.72 -83.89
N THR B 16 -6.64 -21.84 -84.53
CA THR B 16 -7.70 -20.83 -84.46
C THR B 16 -8.91 -21.35 -83.69
N ALA B 17 -9.90 -20.47 -83.53
CA ALA B 17 -11.16 -20.84 -82.90
C ALA B 17 -11.85 -21.96 -83.67
N GLU B 18 -11.79 -21.89 -84.99
CA GLU B 18 -12.33 -22.96 -85.82
C GLU B 18 -11.67 -24.30 -85.55
N THR B 19 -10.33 -24.31 -85.57
CA THR B 19 -9.51 -25.52 -85.34
C THR B 19 -9.78 -26.17 -84.00
N LEU B 20 -9.90 -25.34 -82.97
CA LEU B 20 -10.27 -25.83 -81.66
C LEU B 20 -11.68 -26.42 -81.67
N ARG B 21 -12.60 -25.75 -82.37
CA ARG B 21 -13.99 -26.16 -82.39
C ARG B 21 -14.18 -27.52 -83.02
N ASN B 22 -13.38 -27.83 -84.05
CA ASN B 22 -13.43 -29.14 -84.68
C ASN B 22 -13.00 -30.23 -83.71
N THR B 23 -12.04 -29.89 -82.86
CA THR B 23 -11.49 -30.84 -81.88
C THR B 23 -12.40 -31.09 -80.65
N PHE B 24 -13.00 -30.04 -80.13
CA PHE B 24 -13.73 -30.10 -78.86
C PHE B 24 -15.24 -30.27 -79.00
N ALA B 25 -15.80 -29.82 -80.12
CA ALA B 25 -17.23 -29.92 -80.37
C ALA B 25 -17.82 -31.34 -80.21
N PRO B 26 -17.16 -32.37 -80.77
CA PRO B 26 -17.75 -33.71 -80.69
C PRO B 26 -17.52 -34.46 -79.35
N LEU B 27 -17.00 -33.76 -78.34
CA LEU B 27 -16.64 -34.39 -77.05
C LEU B 27 -17.71 -34.14 -76.00
N THR B 28 -18.26 -35.21 -75.45
CA THR B 28 -19.33 -35.08 -74.45
C THR B 28 -18.89 -35.61 -73.09
N GLN B 29 -17.93 -36.52 -73.09
CA GLN B 29 -17.49 -37.19 -71.89
C GLN B 29 -16.40 -36.29 -71.31
N TRP B 30 -16.52 -35.94 -70.03
CA TRP B 30 -15.61 -34.99 -69.38
C TRP B 30 -14.18 -35.45 -69.33
N GLU B 31 -13.98 -36.77 -69.20
CA GLU B 31 -12.64 -37.34 -69.19
C GLU B 31 -11.88 -37.08 -70.50
N ASP B 32 -12.58 -37.18 -71.62
CA ASP B 32 -11.97 -36.97 -72.92
C ASP B 32 -11.61 -35.50 -73.13
N LYS B 33 -12.42 -34.61 -72.59
CA LYS B 33 -12.18 -33.17 -72.70
C LYS B 33 -10.88 -32.77 -72.04
N TYR B 34 -10.65 -33.30 -70.85
CA TYR B 34 -9.40 -33.05 -70.12
C TYR B 34 -8.20 -33.60 -70.89
N ARG B 35 -8.31 -34.83 -71.40
CA ARG B 35 -7.27 -35.45 -72.24
C ARG B 35 -6.82 -34.53 -73.37
N GLN B 36 -7.80 -33.91 -74.01
CA GLN B 36 -7.57 -33.06 -75.16
C GLN B 36 -7.00 -31.71 -74.77
N LEU B 37 -7.37 -31.23 -73.59
CA LEU B 37 -6.73 -30.02 -73.03
C LEU B 37 -5.25 -30.24 -72.72
N ILE B 38 -4.94 -31.37 -72.09
CA ILE B 38 -3.56 -31.73 -71.79
C ILE B 38 -2.75 -31.80 -73.07
N MET B 39 -3.29 -32.49 -74.08
CA MET B 39 -2.65 -32.61 -75.40
C MET B 39 -2.46 -31.27 -76.08
N LEU B 40 -3.45 -30.40 -75.99
CA LEU B 40 -3.34 -29.04 -76.53
C LEU B 40 -2.18 -28.28 -75.89
N GLY B 41 -1.97 -28.51 -74.59
CA GLY B 41 -0.90 -27.85 -73.83
C GLY B 41 0.50 -28.23 -74.27
N LYS B 42 0.67 -29.44 -74.81
CA LYS B 42 1.96 -29.84 -75.38
C LYS B 42 2.39 -28.94 -76.55
N GLN B 43 1.43 -28.37 -77.27
CA GLN B 43 1.74 -27.43 -78.37
C GLN B 43 2.25 -26.06 -77.92
N LEU B 44 2.12 -25.75 -76.64
CA LEU B 44 2.73 -24.55 -76.07
C LEU B 44 4.16 -24.83 -75.66
N PRO B 45 5.12 -24.17 -76.32
CA PRO B 45 6.52 -24.47 -76.02
C PRO B 45 6.93 -24.10 -74.61
N ALA B 46 8.06 -24.67 -74.20
CA ALA B 46 8.72 -24.37 -72.98
C ALA B 46 9.30 -23.01 -73.28
N LEU B 47 8.99 -22.12 -72.38
CA LEU B 47 9.41 -20.75 -72.43
C LEU B 47 10.75 -20.70 -71.71
N PRO B 48 11.79 -20.13 -72.36
CA PRO B 48 13.12 -20.10 -71.75
C PRO B 48 13.23 -19.12 -70.57
N ASP B 49 14.32 -19.20 -69.82
CA ASP B 49 14.54 -18.34 -68.67
C ASP B 49 14.55 -16.84 -69.02
N GLU B 50 15.16 -16.48 -70.15
CA GLU B 50 15.27 -15.07 -70.56
C GLU B 50 13.89 -14.46 -70.84
N LEU B 51 12.98 -15.23 -71.45
CA LEU B 51 11.61 -14.76 -71.69
C LEU B 51 10.77 -14.76 -70.42
N LYS B 52 11.15 -15.59 -69.44
CA LYS B 52 10.49 -15.60 -68.14
C LYS B 52 10.81 -14.35 -67.33
N ALA B 53 11.99 -13.79 -67.58
CA ALA B 53 12.43 -12.58 -66.89
C ALA B 53 11.58 -11.37 -67.27
N GLN B 54 11.17 -11.29 -68.55
CA GLN B 54 10.32 -10.18 -69.02
C GLN B 54 8.82 -10.46 -68.90
N ALA B 55 8.44 -11.61 -68.35
CA ALA B 55 7.03 -11.89 -68.05
C ALA B 55 6.77 -11.74 -66.54
N LYS B 56 5.50 -11.51 -66.21
CA LYS B 56 5.05 -11.42 -64.83
C LYS B 56 4.94 -12.83 -64.27
N GLU B 57 5.45 -13.04 -63.06
CA GLU B 57 5.37 -14.34 -62.46
C GLU B 57 4.29 -14.22 -61.41
N ILE B 58 3.30 -15.08 -61.56
CA ILE B 58 2.17 -15.13 -60.71
C ILE B 58 2.32 -16.47 -60.01
N ALA B 59 3.07 -16.51 -58.90
CA ALA B 59 3.31 -17.77 -58.18
C ALA B 59 2.18 -18.02 -57.18
N GLY B 60 1.30 -18.95 -57.52
CA GLY B 60 0.21 -19.32 -56.62
C GLY B 60 0.68 -20.35 -55.62
N CSS B 61 -0.16 -20.63 -54.63
CA CSS B 61 0.11 -21.71 -53.67
CB CSS B 61 -0.93 -21.69 -52.54
SG CSS B 61 -1.23 -23.28 -51.83
SD CSS B 61 0.54 -23.50 -50.87
C CSS B 61 0.07 -23.01 -54.41
O CSS B 61 0.94 -23.88 -54.22
N GLU B 62 -0.93 -23.17 -55.27
CA GLU B 62 -1.12 -24.39 -56.05
C GLU B 62 -0.10 -24.54 -57.18
N ASN B 63 0.02 -23.51 -58.01
CA ASN B 63 0.65 -23.64 -59.31
C ASN B 63 1.28 -22.33 -59.79
N ARG B 64 2.48 -22.40 -60.37
CA ARG B 64 3.17 -21.23 -60.91
C ARG B 64 2.74 -20.98 -62.35
N VAL B 65 2.55 -19.72 -62.68
CA VAL B 65 2.10 -19.32 -64.00
C VAL B 65 2.82 -18.02 -64.41
N TRP B 66 3.14 -17.91 -65.70
CA TRP B 66 3.81 -16.73 -66.25
C TRP B 66 2.98 -16.13 -67.33
N LEU B 67 3.01 -14.80 -67.42
CA LEU B 67 2.33 -14.08 -68.49
C LEU B 67 3.03 -12.77 -68.83
N GLY B 68 3.26 -12.56 -70.12
CA GLY B 68 3.92 -11.36 -70.61
C GLY B 68 3.37 -10.94 -71.97
N TYR B 69 3.71 -9.73 -72.39
CA TYR B 69 3.14 -9.16 -73.62
C TYR B 69 4.13 -8.25 -74.34
N THR B 70 3.89 -8.08 -75.63
CA THR B 70 4.57 -7.10 -76.44
C THR B 70 3.53 -6.52 -77.37
N VAL B 71 3.70 -5.26 -77.75
CA VAL B 71 2.77 -4.64 -78.69
C VAL B 71 3.50 -4.13 -79.94
N ALA B 72 2.98 -4.52 -81.10
CA ALA B 72 3.53 -4.12 -82.39
C ALA B 72 3.09 -2.72 -82.79
N GLU B 73 3.76 -2.17 -83.80
CA GLU B 73 3.43 -0.83 -84.28
C GLU B 73 1.99 -0.84 -84.76
N ASN B 74 1.60 -1.92 -85.44
CA ASN B 74 0.19 -2.12 -85.80
C ASN B 74 -0.74 -1.72 -84.68
N GLY B 75 -0.36 -2.05 -83.45
CA GLY B 75 -1.24 -1.92 -82.30
C GLY B 75 -1.74 -3.28 -81.86
N LYS B 76 -1.42 -4.31 -82.64
CA LYS B 76 -1.73 -5.69 -82.29
C LYS B 76 -0.87 -6.15 -81.13
N MET B 77 -1.47 -6.89 -80.19
CA MET B 77 -0.76 -7.37 -79.01
C MET B 77 -0.38 -8.83 -79.17
N HIS B 78 0.89 -9.11 -78.89
CA HIS B 78 1.39 -10.46 -78.80
C HIS B 78 1.47 -10.87 -77.36
N PHE B 79 0.94 -12.04 -77.06
CA PHE B 79 0.96 -12.58 -75.71
C PHE B 79 1.80 -13.83 -75.63
N PHE B 80 2.46 -14.02 -74.50
CA PHE B 80 3.22 -15.24 -74.23
C PHE B 80 3.13 -15.59 -72.74
N GLY B 81 3.33 -16.87 -72.42
CA GLY B 81 3.24 -17.33 -71.06
C GLY B 81 3.50 -18.82 -70.90
N ASP B 82 3.34 -19.31 -69.68
CA ASP B 82 3.57 -20.71 -69.36
C ASP B 82 2.89 -21.08 -68.05
N SER B 83 2.70 -22.38 -67.85
CA SER B 83 2.16 -22.93 -66.62
C SER B 83 2.93 -24.20 -66.30
N GLU B 84 3.04 -24.53 -65.02
CA GLU B 84 3.62 -25.81 -64.61
C GLU B 84 2.57 -26.89 -64.67
N GLY B 85 1.34 -26.56 -64.30
CA GLY B 85 0.25 -27.51 -64.34
C GLY B 85 -0.19 -27.72 -65.78
N ARG B 86 -0.37 -28.98 -66.17
CA ARG B 86 -0.65 -29.34 -67.56
C ARG B 86 -2.10 -29.07 -67.98
N ILE B 87 -3.04 -29.16 -67.04
CA ILE B 87 -4.45 -28.87 -67.32
C ILE B 87 -4.60 -27.34 -67.49
N VAL B 88 -3.89 -26.57 -66.66
CA VAL B 88 -3.91 -25.11 -66.79
C VAL B 88 -3.19 -24.66 -68.05
N ARG B 89 -2.17 -25.43 -68.45
CA ARG B 89 -1.43 -25.12 -69.66
C ARG B 89 -2.31 -25.23 -70.90
N GLY B 90 -3.19 -26.22 -70.92
CA GLY B 90 -4.15 -26.38 -72.00
C GLY B 90 -5.15 -25.22 -72.04
N LEU B 91 -5.61 -24.82 -70.86
CA LEU B 91 -6.57 -23.73 -70.74
C LEU B 91 -5.95 -22.39 -71.11
N LEU B 92 -4.68 -22.22 -70.78
CA LEU B 92 -3.94 -21.04 -71.21
C LEU B 92 -3.85 -21.00 -72.74
N ALA B 93 -3.66 -22.17 -73.34
CA ALA B 93 -3.58 -22.28 -74.78
C ALA B 93 -4.86 -21.82 -75.44
N VAL B 94 -5.99 -22.17 -74.84
CA VAL B 94 -7.28 -21.72 -75.33
C VAL B 94 -7.40 -20.21 -75.18
N LEU B 95 -6.96 -19.71 -74.02
CA LEU B 95 -6.99 -18.28 -73.72
C LEU B 95 -6.15 -17.49 -74.72
N LEU B 96 -4.99 -18.02 -75.06
CA LEU B 96 -4.09 -17.36 -76.02
C LEU B 96 -4.67 -17.29 -77.41
N THR B 97 -5.45 -18.30 -77.79
CA THR B 97 -6.17 -18.32 -79.08
C THR B 97 -7.18 -17.19 -79.16
N ALA B 98 -7.92 -16.97 -78.07
CA ALA B 98 -8.95 -15.90 -78.03
C ALA B 98 -8.36 -14.49 -78.13
N VAL B 99 -7.28 -14.23 -77.41
CA VAL B 99 -6.52 -12.98 -77.54
C VAL B 99 -5.54 -13.21 -78.68
N GLU B 100 -4.46 -12.46 -78.72
CA GLU B 100 -3.36 -12.70 -79.64
C GLU B 100 -3.63 -12.10 -81.01
N GLY B 101 -2.75 -11.17 -81.40
CA GLY B 101 -2.84 -10.48 -82.67
C GLY B 101 -3.99 -9.50 -82.69
N LYS B 102 -4.63 -9.30 -81.54
CA LYS B 102 -5.74 -8.39 -81.40
C LYS B 102 -5.29 -7.11 -80.67
N THR B 103 -5.90 -5.98 -81.03
CA THR B 103 -5.59 -4.70 -80.40
C THR B 103 -6.31 -4.53 -79.06
N ALA B 104 -5.87 -3.55 -78.27
CA ALA B 104 -6.43 -3.32 -76.94
C ALA B 104 -7.90 -2.91 -76.99
N ALA B 105 -8.27 -2.11 -77.99
CA ALA B 105 -9.66 -1.72 -78.21
C ALA B 105 -10.53 -2.96 -78.48
N GLU B 106 -10.06 -3.83 -79.38
CA GLU B 106 -10.75 -5.08 -79.68
C GLU B 106 -10.91 -5.93 -78.43
N LEU B 107 -9.82 -6.11 -77.71
CA LEU B 107 -9.81 -6.86 -76.47
C LEU B 107 -10.79 -6.41 -75.39
N GLN B 108 -10.77 -5.13 -75.04
CA GLN B 108 -11.72 -4.62 -74.01
C GLN B 108 -13.21 -4.72 -74.37
N ALA B 109 -13.50 -5.07 -75.62
CA ALA B 109 -14.84 -5.03 -76.20
C ALA B 109 -15.39 -6.45 -76.36
N GLN B 110 -14.49 -7.43 -76.32
CA GLN B 110 -14.79 -8.86 -76.39
C GLN B 110 -14.47 -9.43 -75.03
N SER B 111 -15.21 -10.47 -74.63
CA SER B 111 -14.83 -11.32 -73.51
C SER B 111 -14.16 -12.62 -74.05
N PRO B 112 -12.92 -12.91 -73.59
CA PRO B 112 -12.25 -14.14 -74.00
C PRO B 112 -12.97 -15.41 -73.52
N LEU B 113 -13.70 -15.30 -72.42
CA LEU B 113 -14.42 -16.42 -71.82
C LEU B 113 -15.46 -17.04 -72.78
N ALA B 114 -15.94 -16.24 -73.73
CA ALA B 114 -16.89 -16.70 -74.75
C ALA B 114 -16.38 -17.89 -75.55
N LEU B 115 -15.06 -17.99 -75.71
CA LEU B 115 -14.47 -19.11 -76.45
C LEU B 115 -14.61 -20.44 -75.73
N PHE B 116 -14.52 -20.41 -74.40
CA PHE B 116 -14.67 -21.63 -73.60
C PHE B 116 -16.10 -22.21 -73.68
N ASP B 117 -17.07 -21.31 -73.82
CA ASP B 117 -18.47 -21.71 -74.05
C ASP B 117 -18.62 -22.39 -75.40
N GLU B 118 -18.04 -21.79 -76.43
CA GLU B 118 -18.11 -22.32 -77.80
C GLU B 118 -17.49 -23.69 -77.91
N LEU B 119 -16.46 -23.93 -77.12
CA LEU B 119 -15.76 -25.21 -77.13
C LEU B 119 -16.35 -26.21 -76.13
N GLY B 120 -17.26 -25.73 -75.30
CA GLY B 120 -17.91 -26.55 -74.29
C GLY B 120 -16.95 -26.92 -73.18
N LEU B 121 -16.20 -25.94 -72.68
CA LEU B 121 -15.20 -26.17 -71.65
C LEU B 121 -15.41 -25.37 -70.36
N ARG B 122 -16.64 -24.97 -70.07
CA ARG B 122 -16.85 -24.17 -68.91
C ARG B 122 -16.61 -24.89 -67.59
N ALA B 123 -16.96 -26.17 -67.54
CA ALA B 123 -16.79 -26.96 -66.31
C ALA B 123 -15.33 -27.07 -65.96
N GLN B 124 -14.50 -27.18 -66.99
CA GLN B 124 -13.07 -27.39 -66.82
C GLN B 124 -12.42 -26.08 -66.40
N LEU B 125 -12.80 -25.00 -67.10
CA LEU B 125 -12.36 -23.66 -66.75
C LEU B 125 -12.64 -23.34 -65.30
N SER B 126 -13.90 -23.58 -64.92
CA SER B 126 -14.35 -23.35 -63.56
C SER B 126 -13.55 -24.09 -62.51
N ALA B 127 -13.23 -25.34 -62.80
CA ALA B 127 -12.53 -26.21 -61.83
C ALA B 127 -11.09 -25.75 -61.56
N SER B 128 -10.51 -24.96 -62.48
CA SER B 128 -9.10 -24.56 -62.39
C SER B 128 -8.88 -23.06 -62.27
N ARG B 129 -9.95 -22.33 -61.94
CA ARG B 129 -9.89 -20.86 -61.87
C ARG B 129 -8.85 -20.33 -60.88
N SER B 130 -8.83 -20.90 -59.68
CA SER B 130 -7.92 -20.48 -58.63
C SER B 130 -6.54 -21.13 -58.74
N GLN B 131 -6.37 -22.03 -59.70
CA GLN B 131 -5.07 -22.65 -59.95
C GLN B 131 -4.26 -21.87 -61.00
N GLY B 132 -4.71 -20.68 -61.37
CA GLY B 132 -3.94 -19.83 -62.26
C GLY B 132 -4.74 -19.10 -63.32
N LEU B 133 -5.93 -19.59 -63.65
CA LEU B 133 -6.72 -18.99 -64.73
C LEU B 133 -7.25 -17.60 -64.39
N ASN B 134 -7.74 -17.43 -63.18
CA ASN B 134 -8.11 -16.09 -62.71
C ASN B 134 -6.95 -15.14 -62.94
N ALA B 135 -5.79 -15.51 -62.43
CA ALA B 135 -4.60 -14.67 -62.47
C ALA B 135 -4.22 -14.26 -63.90
N LEU B 136 -4.17 -15.23 -64.80
CA LEU B 136 -3.82 -14.97 -66.21
C LEU B 136 -4.81 -14.00 -66.86
N SER B 137 -6.09 -14.28 -66.66
CA SER B 137 -7.16 -13.49 -67.24
C SER B 137 -7.08 -12.04 -66.80
N GLU B 138 -6.89 -11.82 -65.51
CA GLU B 138 -6.78 -10.48 -64.95
C GLU B 138 -5.46 -9.81 -65.34
N ALA B 139 -4.43 -10.61 -65.57
CA ALA B 139 -3.12 -10.09 -66.01
C ALA B 139 -3.19 -9.56 -67.44
N ILE B 140 -4.03 -10.21 -68.25
CA ILE B 140 -4.32 -9.74 -69.60
C ILE B 140 -5.11 -8.44 -69.58
N ILE B 141 -6.07 -8.34 -68.67
CA ILE B 141 -6.85 -7.12 -68.50
C ILE B 141 -5.95 -5.96 -68.01
N ALA B 142 -5.00 -6.28 -67.14
CA ALA B 142 -4.03 -5.30 -66.65
C ALA B 142 -3.10 -4.87 -67.76
N ALA B 143 -2.70 -5.81 -68.59
CA ALA B 143 -1.82 -5.54 -69.73
C ALA B 143 -2.52 -4.74 -70.80
N THR B 144 -3.83 -4.96 -70.97
CA THR B 144 -4.62 -4.24 -71.99
C THR B 144 -4.87 -2.79 -71.57
N LYS B 145 -4.80 -2.54 -70.27
CA LYS B 145 -5.05 -1.20 -69.72
C LYS B 145 -3.79 -0.35 -69.83
N GLN B 146 -2.64 -1.00 -69.90
CA GLN B 146 -1.36 -0.32 -70.01
C GLN B 146 -1.15 0.28 -71.40
N VAL B 147 -1.96 -0.14 -72.37
CA VAL B 147 -1.83 0.29 -73.76
C VAL B 147 -2.73 1.52 -74.05
N LYS B 148 -2.79 2.44 -73.08
CA LYS B 148 -3.20 3.81 -73.31
C LYS B 148 -1.94 4.66 -73.47
N HIS B 149 -0.90 4.28 -72.72
CA HIS B 149 0.30 5.12 -72.55
C HIS B 149 1.22 5.12 -73.73
N HIS B 150 2.11 6.11 -73.76
CA HIS B 150 3.06 6.34 -74.88
C HIS B 150 2.35 6.88 -76.12
N HIS B 151 1.02 6.99 -76.00
CA HIS B 151 0.14 7.71 -76.92
C HIS B 151 0.60 7.66 -78.34
N MET C 3 -41.92 4.16 -50.79
CA MET C 3 -40.62 3.62 -51.28
C MET C 3 -39.77 3.05 -50.16
N ASN C 4 -39.71 1.71 -50.07
CA ASN C 4 -39.06 1.01 -48.96
C ASN C 4 -39.47 1.62 -47.61
N VAL C 5 -40.75 1.49 -47.28
CA VAL C 5 -41.25 1.93 -45.96
C VAL C 5 -40.84 0.93 -44.89
N PHE C 6 -40.05 1.37 -43.93
CA PHE C 6 -39.58 0.49 -42.86
C PHE C 6 -40.71 0.00 -41.95
N ASN C 7 -40.83 -1.33 -41.84
CA ASN C 7 -41.83 -1.97 -41.02
C ASN C 7 -41.18 -2.66 -39.81
N PRO C 8 -41.32 -2.09 -38.60
CA PRO C 8 -40.67 -2.66 -37.41
C PRO C 8 -41.08 -4.09 -37.10
N ALA C 9 -42.31 -4.45 -37.40
CA ALA C 9 -42.81 -5.82 -37.15
C ALA C 9 -42.13 -6.84 -38.06
N GLN C 10 -42.08 -6.53 -39.35
CA GLN C 10 -41.34 -7.34 -40.32
C GLN C 10 -39.91 -7.57 -39.84
N PHE C 11 -39.24 -6.47 -39.52
CA PHE C 11 -37.90 -6.52 -38.98
C PHE C 11 -37.82 -7.45 -37.78
N ARG C 12 -38.70 -7.22 -36.80
CA ARG C 12 -38.75 -8.05 -35.58
C ARG C 12 -38.82 -9.54 -35.84
N ALA C 13 -39.67 -9.91 -36.78
CA ALA C 13 -39.97 -11.31 -37.06
C ALA C 13 -38.74 -12.18 -37.33
N GLN C 14 -37.66 -11.57 -37.76
CA GLN C 14 -36.46 -12.28 -38.21
C GLN C 14 -35.58 -12.84 -37.09
N PHE C 15 -35.82 -12.41 -35.86
CA PHE C 15 -34.92 -12.74 -34.75
C PHE C 15 -35.51 -13.83 -33.85
N PRO C 16 -34.98 -15.06 -33.92
CA PRO C 16 -35.50 -16.15 -33.09
C PRO C 16 -35.22 -16.02 -31.59
N ALA C 17 -34.24 -15.20 -31.22
CA ALA C 17 -33.93 -14.97 -29.82
C ALA C 17 -34.99 -14.16 -29.09
N LEU C 18 -35.76 -13.36 -29.84
CA LEU C 18 -36.60 -12.30 -29.24
C LEU C 18 -37.64 -12.75 -28.24
N GLN C 19 -38.29 -13.88 -28.45
CA GLN C 19 -39.28 -14.29 -27.47
C GLN C 19 -38.70 -14.59 -26.11
N ASP C 20 -37.66 -15.41 -26.10
CA ASP C 20 -37.01 -15.81 -24.85
C ASP C 20 -36.29 -14.63 -24.22
N ALA C 21 -35.86 -13.68 -25.04
CA ALA C 21 -35.03 -12.57 -24.56
C ALA C 21 -35.77 -11.60 -23.65
N GLY C 22 -37.10 -11.63 -23.71
CA GLY C 22 -37.93 -10.76 -22.88
C GLY C 22 -37.92 -9.36 -23.45
N VAL C 23 -37.58 -8.39 -22.61
CA VAL C 23 -37.41 -7.02 -23.06
C VAL C 23 -35.91 -6.75 -23.11
N TYR C 24 -35.33 -6.89 -24.30
CA TYR C 24 -33.88 -6.82 -24.49
C TYR C 24 -33.48 -5.40 -24.85
N LEU C 25 -32.77 -4.74 -23.94
CA LEU C 25 -32.31 -3.37 -24.15
C LEU C 25 -30.80 -3.23 -23.92
N ASP C 26 -30.04 -4.18 -24.44
CA ASP C 26 -28.59 -4.23 -24.24
C ASP C 26 -27.86 -4.47 -25.56
N SER C 27 -28.42 -3.96 -26.65
CA SER C 27 -27.85 -4.14 -28.00
C SER C 27 -26.51 -3.43 -28.21
N ALA C 28 -26.27 -2.36 -27.47
CA ALA C 28 -25.01 -1.65 -27.57
C ALA C 28 -23.84 -2.50 -27.02
N ALA C 29 -24.17 -3.45 -26.15
CA ALA C 29 -23.20 -4.44 -25.70
C ALA C 29 -23.03 -5.48 -26.79
N THR C 30 -24.10 -6.19 -27.11
CA THR C 30 -24.09 -7.16 -28.20
C THR C 30 -25.47 -7.30 -28.81
N ALA C 31 -25.50 -7.42 -30.13
CA ALA C 31 -26.75 -7.42 -30.86
C ALA C 31 -27.28 -8.84 -31.02
N LEU C 32 -28.60 -8.97 -31.08
CA LEU C 32 -29.23 -10.24 -31.42
C LEU C 32 -29.02 -10.50 -32.91
N LYS C 33 -29.16 -11.78 -33.31
CA LYS C 33 -28.86 -12.21 -34.66
C LYS C 33 -30.11 -12.63 -35.45
N PRO C 34 -30.22 -12.22 -36.71
CA PRO C 34 -31.34 -12.67 -37.54
C PRO C 34 -31.12 -14.10 -38.01
N GLU C 35 -32.20 -14.75 -38.43
CA GLU C 35 -32.13 -16.16 -38.80
C GLU C 35 -31.09 -16.40 -39.92
N ALA C 36 -30.95 -15.41 -40.82
CA ALA C 36 -29.98 -15.49 -41.91
C ALA C 36 -28.58 -15.81 -41.42
N VAL C 37 -28.18 -15.16 -40.32
CA VAL C 37 -26.87 -15.38 -39.71
C VAL C 37 -26.76 -16.75 -39.05
N VAL C 38 -27.80 -17.10 -38.29
CA VAL C 38 -27.86 -18.39 -37.58
C VAL C 38 -27.81 -19.56 -38.56
N GLU C 39 -28.49 -19.40 -39.70
CA GLU C 39 -28.61 -20.46 -40.69
C GLU C 39 -27.34 -20.64 -41.52
N ALA C 40 -26.65 -19.55 -41.83
CA ALA C 40 -25.40 -19.61 -42.60
C ALA C 40 -24.33 -20.31 -41.77
N THR C 41 -24.28 -20.00 -40.49
CA THR C 41 -23.32 -20.59 -39.58
C THR C 41 -23.53 -22.09 -39.44
N GLN C 42 -24.77 -22.52 -39.26
CA GLN C 42 -25.07 -23.92 -39.07
C GLN C 42 -24.71 -24.70 -40.32
N GLN C 43 -25.04 -24.14 -41.48
CA GLN C 43 -24.72 -24.76 -42.75
C GLN C 43 -23.22 -24.84 -43.01
N PHE C 44 -22.48 -23.82 -42.59
CA PHE C 44 -21.04 -23.84 -42.76
C PHE C 44 -20.41 -24.97 -41.96
N TYR C 45 -20.84 -25.15 -40.72
CA TYR C 45 -20.28 -26.17 -39.86
C TYR C 45 -20.85 -27.56 -40.11
N SER C 46 -21.94 -27.63 -40.89
CA SER C 46 -22.58 -28.88 -41.23
C SER C 46 -22.07 -29.50 -42.54
N LEU C 47 -21.19 -28.78 -43.24
CA LEU C 47 -20.68 -29.25 -44.53
C LEU C 47 -19.16 -29.24 -44.61
N SER C 48 -18.64 -30.00 -45.57
CA SER C 48 -17.21 -30.03 -45.89
C SER C 48 -16.77 -28.73 -46.57
N ALA C 49 -15.51 -28.35 -46.35
CA ALA C 49 -14.94 -27.15 -46.98
C ALA C 49 -14.07 -27.53 -48.18
N GLY C 50 -14.23 -28.76 -48.67
CA GLY C 50 -13.44 -29.25 -49.80
C GLY C 50 -14.11 -29.03 -51.15
N ASN C 51 -13.52 -29.61 -52.18
CA ASN C 51 -14.01 -29.49 -53.56
C ASN C 51 -15.07 -30.53 -53.90
N VAL C 52 -15.13 -31.61 -53.12
CA VAL C 52 -16.11 -32.66 -53.35
C VAL C 52 -17.38 -32.36 -52.56
N HIS C 53 -18.52 -32.36 -53.26
CA HIS C 53 -19.84 -32.25 -52.63
C HIS C 53 -20.82 -33.18 -53.29
N ARG C 54 -21.24 -34.21 -52.56
CA ARG C 54 -22.04 -35.30 -53.12
C ARG C 54 -23.52 -34.96 -53.21
N SER C 55 -24.02 -34.26 -52.20
CA SER C 55 -25.46 -34.03 -52.03
C SER C 55 -25.79 -32.55 -52.07
N GLN C 56 -25.14 -31.78 -51.20
CA GLN C 56 -25.49 -30.40 -50.95
C GLN C 56 -24.52 -29.41 -51.63
N PHE C 57 -24.46 -29.49 -52.95
CA PHE C 57 -23.65 -28.58 -53.74
C PHE C 57 -24.21 -27.16 -53.69
N ALA C 58 -25.52 -27.03 -53.89
CA ALA C 58 -26.16 -25.72 -53.95
C ALA C 58 -25.83 -24.93 -52.70
N GLU C 59 -26.00 -25.56 -51.54
CA GLU C 59 -25.67 -24.95 -50.26
C GLU C 59 -24.18 -24.59 -50.14
N ALA C 60 -23.32 -25.43 -50.70
CA ALA C 60 -21.86 -25.19 -50.68
C ALA C 60 -21.47 -24.02 -51.57
N GLN C 61 -22.08 -23.94 -52.74
CA GLN C 61 -21.88 -22.84 -53.66
C GLN C 61 -22.35 -21.48 -53.05
N ARG C 62 -23.42 -21.53 -52.25
CA ARG C 62 -23.96 -20.36 -51.54
C ARG C 62 -22.97 -19.83 -50.52
N LEU C 63 -22.38 -20.73 -49.74
CA LEU C 63 -21.40 -20.36 -48.72
C LEU C 63 -20.13 -19.76 -49.32
N THR C 64 -19.66 -20.35 -50.42
CA THR C 64 -18.51 -19.81 -51.14
C THR C 64 -18.81 -18.40 -51.64
N ALA C 65 -20.00 -18.22 -52.23
CA ALA C 65 -20.43 -16.93 -52.75
C ALA C 65 -20.42 -15.87 -51.66
N ARG C 66 -20.93 -16.25 -50.49
CA ARG C 66 -20.97 -15.35 -49.34
C ARG C 66 -19.57 -14.91 -48.89
N TYR C 67 -18.64 -15.84 -48.86
CA TYR C 67 -17.28 -15.61 -48.40
C TYR C 67 -16.53 -14.67 -49.31
N GLU C 68 -16.64 -14.94 -50.61
CA GLU C 68 -15.93 -14.16 -51.62
C GLU C 68 -16.45 -12.73 -51.75
N ALA C 69 -17.74 -12.53 -51.51
CA ALA C 69 -18.34 -11.19 -51.58
C ALA C 69 -18.22 -10.41 -50.29
N ALA C 70 -17.83 -11.07 -49.20
CA ALA C 70 -17.82 -10.48 -47.87
C ALA C 70 -17.14 -9.11 -47.82
N ARG C 71 -15.98 -8.99 -48.44
CA ARG C 71 -15.27 -7.69 -48.46
C ARG C 71 -16.08 -6.62 -49.16
N GLU C 72 -16.59 -6.95 -50.35
CA GLU C 72 -17.38 -6.02 -51.14
C GLU C 72 -18.57 -5.50 -50.33
N LYS C 73 -19.22 -6.39 -49.59
CA LYS C 73 -20.39 -6.01 -48.82
C LYS C 73 -20.05 -5.03 -47.69
N VAL C 74 -18.90 -5.20 -47.06
CA VAL C 74 -18.43 -4.24 -46.06
C VAL C 74 -18.10 -2.91 -46.74
N ALA C 75 -17.52 -2.98 -47.94
CA ALA C 75 -17.20 -1.78 -48.70
C ALA C 75 -18.45 -0.99 -49.02
N GLN C 76 -19.50 -1.68 -49.47
CA GLN C 76 -20.76 -1.05 -49.81
C GLN C 76 -21.36 -0.35 -48.60
N LEU C 77 -21.24 -0.96 -47.43
CA LEU C 77 -21.70 -0.35 -46.19
C LEU C 77 -20.98 0.97 -45.86
N LEU C 78 -19.68 1.04 -46.17
CA LEU C 78 -18.86 2.19 -45.86
C LEU C 78 -18.63 3.12 -47.04
N ASN C 79 -19.26 2.79 -48.18
CA ASN C 79 -19.01 3.50 -49.44
C ASN C 79 -17.50 3.60 -49.70
N ALA C 80 -16.81 2.48 -49.50
CA ALA C 80 -15.38 2.39 -49.74
C ALA C 80 -15.13 2.20 -51.24
N PRO C 81 -14.05 2.77 -51.76
CA PRO C 81 -13.84 2.73 -53.23
C PRO C 81 -13.54 1.33 -53.75
N ASP C 82 -12.79 0.55 -52.98
CA ASP C 82 -12.32 -0.74 -53.38
C ASP C 82 -12.35 -1.74 -52.20
N ASP C 83 -12.65 -3.00 -52.47
CA ASP C 83 -12.77 -4.01 -51.43
C ASP C 83 -11.42 -4.44 -50.83
N LYS C 84 -10.32 -4.08 -51.49
CA LYS C 84 -8.97 -4.36 -50.98
C LYS C 84 -8.60 -3.42 -49.83
N THR C 85 -9.38 -2.40 -49.61
CA THR C 85 -9.20 -1.51 -48.50
C THR C 85 -9.78 -2.07 -47.16
N ILE C 86 -10.43 -3.23 -47.23
CA ILE C 86 -11.04 -3.87 -46.05
C ILE C 86 -10.16 -4.98 -45.54
N VAL C 87 -9.91 -4.99 -44.22
CA VAL C 87 -9.11 -6.02 -43.55
C VAL C 87 -9.90 -6.71 -42.45
N TRP C 88 -9.79 -8.03 -42.37
CA TRP C 88 -10.47 -8.79 -41.33
C TRP C 88 -9.64 -8.84 -40.07
N THR C 89 -10.29 -8.61 -38.92
CA THR C 89 -9.68 -8.70 -37.59
C THR C 89 -10.62 -9.47 -36.69
N ARG C 90 -10.27 -9.61 -35.42
CA ARG C 90 -11.13 -10.30 -34.45
C ARG C 90 -12.06 -9.32 -33.72
N GLY C 91 -11.96 -8.03 -34.05
CA GLY C 91 -12.82 -7.00 -33.44
C GLY C 91 -12.21 -5.61 -33.50
N THR C 92 -13.01 -4.61 -33.12
CA THR C 92 -12.56 -3.22 -33.07
C THR C 92 -11.27 -3.08 -32.28
N THR C 93 -11.18 -3.79 -31.15
CA THR C 93 -9.99 -3.73 -30.30
C THR C 93 -8.73 -4.14 -31.05
N GLU C 94 -8.78 -5.23 -31.79
CA GLU C 94 -7.61 -5.66 -32.56
C GLU C 94 -7.33 -4.64 -33.66
N SER C 95 -8.37 -4.24 -34.38
CA SER C 95 -8.24 -3.25 -35.45
C SER C 95 -7.46 -2.02 -35.00
N ILE C 96 -7.81 -1.48 -33.85
CA ILE C 96 -7.14 -0.27 -33.33
C ILE C 96 -5.69 -0.57 -32.92
N ASN C 97 -5.47 -1.69 -32.25
CA ASN C 97 -4.12 -2.09 -31.85
C ASN C 97 -3.21 -2.24 -33.06
N MET C 98 -3.77 -2.70 -34.18
CA MET C 98 -3.01 -2.89 -35.42
C MET C 98 -2.49 -1.56 -35.94
N VAL C 99 -3.37 -0.58 -36.02
CA VAL C 99 -2.97 0.76 -36.41
C VAL C 99 -1.88 1.32 -35.49
N ALA C 100 -2.04 1.13 -34.19
CA ALA C 100 -1.07 1.67 -33.24
C ALA C 100 0.31 1.09 -33.45
N GLN C 101 0.35 -0.21 -33.70
CA GLN C 101 1.61 -0.95 -33.74
C GLN C 101 2.22 -0.95 -35.13
N CYS C 102 1.38 -1.04 -36.15
CA CYS C 102 1.86 -1.18 -37.52
C CYS C 102 2.01 0.14 -38.22
N TYR C 103 1.24 1.15 -37.81
CA TYR C 103 1.38 2.48 -38.40
C TYR C 103 2.14 3.42 -37.48
N ALA C 104 1.71 3.52 -36.23
CA ALA C 104 2.20 4.58 -35.33
C ALA C 104 3.59 4.29 -34.82
N ARG C 105 3.77 3.09 -34.27
CA ARG C 105 5.01 2.76 -33.55
C ARG C 105 6.30 2.99 -34.33
N PRO C 106 6.36 2.56 -35.61
CA PRO C 106 7.60 2.82 -36.34
C PRO C 106 7.83 4.28 -36.75
N ARG C 107 6.81 5.12 -36.61
CA ARG C 107 6.88 6.53 -37.00
C ARG C 107 7.04 7.52 -35.83
N LEU C 108 6.46 7.22 -34.67
CA LEU C 108 6.49 8.14 -33.53
C LEU C 108 7.89 8.31 -32.91
N GLN C 109 8.27 9.55 -32.68
CA GLN C 109 9.54 9.90 -32.03
C GLN C 109 9.29 10.46 -30.65
N PRO C 110 10.32 10.45 -29.79
CA PRO C 110 10.12 10.96 -28.42
C PRO C 110 9.63 12.41 -28.41
N GLY C 111 8.59 12.67 -27.63
CA GLY C 111 7.96 13.97 -27.58
C GLY C 111 6.73 14.14 -28.48
N ASP C 112 6.56 13.27 -29.46
CA ASP C 112 5.41 13.36 -30.36
C ASP C 112 4.11 13.18 -29.56
N GLU C 113 2.99 13.62 -30.13
CA GLU C 113 1.74 13.72 -29.38
C GLU C 113 0.57 13.03 -30.06
N ILE C 114 -0.20 12.32 -29.23
CA ILE C 114 -1.39 11.60 -29.67
C ILE C 114 -2.60 12.19 -28.96
N ILE C 115 -3.48 12.84 -29.70
CA ILE C 115 -4.64 13.48 -29.09
C ILE C 115 -5.76 12.47 -29.04
N VAL C 116 -6.29 12.24 -27.85
CA VAL C 116 -7.34 11.24 -27.64
C VAL C 116 -8.47 11.90 -26.85
N SER C 117 -9.71 11.68 -27.28
CA SER C 117 -10.85 12.25 -26.56
C SER C 117 -11.13 11.54 -25.28
N VAL C 118 -11.69 12.28 -24.32
CA VAL C 118 -12.09 11.69 -23.04
C VAL C 118 -13.28 10.73 -23.20
N ALA C 119 -14.04 10.89 -24.30
CA ALA C 119 -15.20 10.03 -24.54
C ALA C 119 -14.85 8.68 -25.19
N GLU C 120 -13.57 8.34 -25.22
CA GLU C 120 -13.13 7.13 -25.91
C GLU C 120 -13.33 5.88 -25.07
N HIS C 121 -13.77 4.83 -25.74
CA HIS C 121 -13.76 3.48 -25.21
C HIS C 121 -12.33 3.08 -24.94
N HIS C 122 -12.14 2.23 -23.94
CA HIS C 122 -10.80 1.76 -23.59
C HIS C 122 -10.02 1.23 -24.78
N ALA C 123 -10.74 0.60 -25.71
CA ALA C 123 -10.17 0.11 -26.94
C ALA C 123 -9.45 1.17 -27.77
N ASN C 124 -9.96 2.41 -27.72
CA ASN C 124 -9.33 3.52 -28.44
C ASN C 124 -8.59 4.45 -27.49
N LEU C 125 -8.12 3.92 -26.36
CA LEU C 125 -7.28 4.66 -25.41
C LEU C 125 -6.06 3.85 -24.94
N VAL C 126 -6.28 2.62 -24.46
CA VAL C 126 -5.19 1.80 -23.92
C VAL C 126 -4.07 1.51 -24.94
N PRO C 127 -4.41 1.27 -26.21
CA PRO C 127 -3.37 1.05 -27.22
C PRO C 127 -2.47 2.24 -27.45
N TRP C 128 -3.02 3.44 -27.27
CA TRP C 128 -2.24 4.66 -27.40
C TRP C 128 -1.36 4.87 -26.22
N LEU C 129 -1.87 4.53 -25.03
CA LEU C 129 -1.05 4.60 -23.84
C LEU C 129 0.14 3.64 -23.97
N MET C 130 -0.13 2.42 -24.44
CA MET C 130 0.90 1.41 -24.65
C MET C 130 1.98 1.86 -25.63
N VAL C 131 1.57 2.37 -26.79
CA VAL C 131 2.53 2.80 -27.80
C VAL C 131 3.29 4.03 -27.31
N ALA C 132 2.62 4.88 -26.53
CA ALA C 132 3.26 6.09 -26.00
C ALA C 132 4.45 5.71 -25.13
N GLN C 133 4.24 4.74 -24.26
CA GLN C 133 5.28 4.24 -23.39
C GLN C 133 6.42 3.62 -24.21
N GLN C 134 6.08 2.94 -25.29
CA GLN C 134 7.07 2.27 -26.13
C GLN C 134 7.92 3.22 -26.97
N THR C 135 7.37 4.38 -27.33
CA THR C 135 8.05 5.30 -28.26
C THR C 135 8.54 6.57 -27.61
N GLY C 136 8.09 6.85 -26.39
CA GLY C 136 8.39 8.12 -25.72
C GLY C 136 7.47 9.25 -26.14
N ALA C 137 6.35 8.90 -26.79
CA ALA C 137 5.33 9.87 -27.16
C ALA C 137 4.43 10.11 -25.99
N LYS C 138 3.53 11.09 -26.12
CA LYS C 138 2.63 11.48 -25.05
C LYS C 138 1.20 11.56 -25.50
N VAL C 139 0.29 11.11 -24.65
CA VAL C 139 -1.13 11.16 -24.93
C VAL C 139 -1.66 12.45 -24.40
N VAL C 140 -2.35 13.21 -25.24
CA VAL C 140 -2.94 14.48 -24.84
C VAL C 140 -4.44 14.36 -24.91
N LYS C 141 -5.11 14.86 -23.88
CA LYS C 141 -6.55 14.75 -23.76
C LYS C 141 -7.31 15.81 -24.54
N LEU C 142 -8.35 15.39 -25.27
CA LEU C 142 -9.31 16.30 -25.89
C LEU C 142 -10.61 16.25 -25.09
N PRO C 143 -10.92 17.33 -24.35
CA PRO C 143 -12.02 17.27 -23.40
C PRO C 143 -13.40 17.44 -24.00
N LEU C 144 -14.42 17.29 -23.16
CA LEU C 144 -15.81 17.46 -23.57
C LEU C 144 -16.21 18.90 -23.51
N ASN C 145 -17.14 19.29 -24.37
CA ASN C 145 -17.74 20.62 -24.32
C ASN C 145 -18.96 20.61 -23.40
N ALA C 146 -19.68 21.72 -23.36
CA ALA C 146 -20.88 21.87 -22.51
C ALA C 146 -21.99 20.88 -22.88
N GLN C 147 -22.00 20.43 -24.13
CA GLN C 147 -23.00 19.48 -24.63
C GLN C 147 -22.57 18.02 -24.45
N ARG C 148 -21.47 17.79 -23.73
CA ARG C 148 -20.91 16.46 -23.46
C ARG C 148 -20.43 15.71 -24.71
N LEU C 149 -19.98 16.46 -25.70
CA LEU C 149 -19.31 15.90 -26.86
C LEU C 149 -17.86 16.38 -26.84
N PRO C 150 -16.94 15.57 -27.38
CA PRO C 150 -15.56 16.01 -27.60
C PRO C 150 -15.48 17.37 -28.27
N ASP C 151 -14.73 18.27 -27.64
CA ASP C 151 -14.75 19.68 -28.00
C ASP C 151 -13.90 19.91 -29.23
N VAL C 152 -14.50 19.67 -30.40
CA VAL C 152 -13.81 19.75 -31.68
C VAL C 152 -13.38 21.17 -32.02
N ASP C 153 -14.10 22.17 -31.54
CA ASP C 153 -13.71 23.56 -31.77
C ASP C 153 -12.45 23.96 -31.01
N LEU C 154 -12.14 23.23 -29.94
CA LEU C 154 -10.93 23.44 -29.14
C LEU C 154 -9.69 22.85 -29.81
N LEU C 155 -9.91 22.01 -30.82
CA LEU C 155 -8.86 21.18 -31.41
C LEU C 155 -7.69 21.95 -31.98
N PRO C 156 -7.95 23.04 -32.72
CA PRO C 156 -6.82 23.85 -33.18
C PRO C 156 -5.87 24.30 -32.07
N GLU C 157 -6.41 24.59 -30.89
CA GLU C 157 -5.59 25.03 -29.77
C GLU C 157 -4.79 23.88 -29.13
N LEU C 158 -5.32 22.66 -29.18
CA LEU C 158 -4.60 21.51 -28.65
C LEU C 158 -3.53 21.00 -29.62
N ILE C 159 -3.74 21.20 -30.93
CA ILE C 159 -2.78 20.79 -31.94
C ILE C 159 -1.53 21.63 -31.88
N THR C 160 -0.38 20.97 -31.77
CA THR C 160 0.92 21.62 -31.79
C THR C 160 1.72 21.03 -32.94
N PRO C 161 2.92 21.57 -33.20
CA PRO C 161 3.77 20.99 -34.26
C PRO C 161 4.18 19.52 -34.02
N ARG C 162 3.98 19.01 -32.82
CA ARG C 162 4.35 17.64 -32.47
C ARG C 162 3.16 16.68 -32.48
N SER C 163 2.00 17.17 -32.85
CA SER C 163 0.80 16.35 -32.96
C SER C 163 0.87 15.49 -34.21
N ARG C 164 0.55 14.21 -34.04
CA ARG C 164 0.68 13.23 -35.12
C ARG C 164 -0.58 12.41 -35.34
N ILE C 165 -1.25 12.03 -34.25
CA ILE C 165 -2.41 11.15 -34.33
C ILE C 165 -3.61 11.70 -33.57
N LEU C 166 -4.79 11.54 -34.15
CA LEU C 166 -6.06 11.90 -33.54
C LEU C 166 -6.91 10.63 -33.38
N ALA C 167 -7.07 10.19 -32.14
CA ALA C 167 -7.93 9.04 -31.81
C ALA C 167 -9.28 9.60 -31.39
N LEU C 168 -10.32 9.27 -32.14
CA LEU C 168 -11.64 9.88 -31.92
C LEU C 168 -12.76 8.88 -32.22
N GLY C 169 -13.75 8.80 -31.34
CA GLY C 169 -14.89 7.90 -31.54
C GLY C 169 -15.99 8.54 -32.37
N GLN C 170 -16.59 7.76 -33.26
CA GLN C 170 -17.71 8.25 -34.09
C GLN C 170 -18.95 8.41 -33.23
N MET C 171 -19.10 7.51 -32.27
CA MET C 171 -20.26 7.49 -31.40
C MET C 171 -19.88 6.89 -30.06
N SER C 172 -20.17 7.62 -28.99
CA SER C 172 -19.91 7.11 -27.65
C SER C 172 -20.88 5.97 -27.28
N ASN C 173 -20.38 4.97 -26.56
CA ASN C 173 -21.21 3.87 -26.09
C ASN C 173 -21.91 4.18 -24.80
N VAL C 174 -21.67 5.39 -24.27
CA VAL C 174 -22.34 5.82 -23.03
C VAL C 174 -23.41 6.88 -23.34
N THR C 175 -23.00 7.98 -23.95
CA THR C 175 -23.93 9.07 -24.29
C THR C 175 -24.66 8.89 -25.61
N GLY C 176 -24.14 8.02 -26.47
CA GLY C 176 -24.65 7.90 -27.84
C GLY C 176 -24.35 9.11 -28.71
N GLY C 177 -23.44 9.96 -28.24
CA GLY C 177 -23.18 11.22 -28.89
C GLY C 177 -22.14 11.10 -29.98
N CYS C 178 -22.39 11.77 -31.10
CA CYS C 178 -21.47 11.83 -32.21
C CYS C 178 -20.88 13.21 -32.32
N PRO C 179 -19.56 13.35 -32.18
CA PRO C 179 -18.94 14.65 -32.39
C PRO C 179 -18.93 15.06 -33.86
N ASP C 180 -18.59 16.32 -34.13
CA ASP C 180 -18.54 16.82 -35.51
C ASP C 180 -17.30 16.26 -36.20
N LEU C 181 -17.42 15.03 -36.69
CA LEU C 181 -16.30 14.27 -37.20
C LEU C 181 -15.72 14.89 -38.47
N ALA C 182 -16.57 15.38 -39.34
CA ALA C 182 -16.12 16.02 -40.58
C ALA C 182 -15.17 17.18 -40.28
N ARG C 183 -15.56 18.05 -39.35
CA ARG C 183 -14.72 19.20 -39.00
C ARG C 183 -13.40 18.72 -38.35
N ALA C 184 -13.52 17.78 -37.41
CA ALA C 184 -12.36 17.20 -36.72
C ALA C 184 -11.29 16.76 -37.71
N ILE C 185 -11.72 16.02 -38.72
CA ILE C 185 -10.81 15.48 -39.72
C ILE C 185 -10.13 16.59 -40.54
N THR C 186 -10.88 17.63 -40.90
CA THR C 186 -10.31 18.78 -41.59
C THR C 186 -9.17 19.42 -40.79
N PHE C 187 -9.37 19.56 -39.48
CA PHE C 187 -8.36 20.16 -38.62
C PHE C 187 -7.12 19.27 -38.51
N ALA C 188 -7.35 17.98 -38.33
CA ALA C 188 -6.27 17.01 -38.21
C ALA C 188 -5.42 16.96 -39.48
N HIS C 189 -6.08 16.96 -40.64
CA HIS C 189 -5.40 16.87 -41.92
C HIS C 189 -4.64 18.11 -42.27
N SER C 190 -5.13 19.26 -41.83
CA SER C 190 -4.40 20.52 -41.97
C SER C 190 -3.08 20.47 -41.22
N ALA C 191 -3.09 19.79 -40.08
CA ALA C 191 -1.89 19.64 -39.26
C ALA C 191 -1.04 18.44 -39.67
N GLY C 192 -1.38 17.81 -40.79
CA GLY C 192 -0.67 16.62 -41.24
C GLY C 192 -0.80 15.41 -40.33
N MET C 193 -1.90 15.30 -39.60
CA MET C 193 -2.10 14.19 -38.68
C MET C 193 -2.90 13.10 -39.36
N VAL C 194 -2.91 11.90 -38.78
CA VAL C 194 -3.78 10.81 -39.27
C VAL C 194 -4.83 10.50 -38.21
N VAL C 195 -6.05 10.18 -38.66
CA VAL C 195 -7.17 10.02 -37.77
C VAL C 195 -7.62 8.58 -37.64
N MET C 196 -7.68 8.08 -36.41
CA MET C 196 -8.24 6.77 -36.12
C MET C 196 -9.65 6.96 -35.59
N VAL C 197 -10.64 6.48 -36.35
CA VAL C 197 -12.04 6.56 -35.94
C VAL C 197 -12.56 5.22 -35.42
N ASP C 198 -13.01 5.20 -34.17
CA ASP C 198 -13.64 4.02 -33.59
C ASP C 198 -15.11 4.06 -33.96
N GLY C 199 -15.53 3.13 -34.81
CA GLY C 199 -16.91 3.08 -35.28
C GLY C 199 -17.70 1.88 -34.77
N ALA C 200 -17.33 1.35 -33.62
CA ALA C 200 -17.99 0.14 -33.08
C ALA C 200 -19.50 0.34 -32.90
N GLN C 201 -19.90 1.51 -32.41
CA GLN C 201 -21.30 1.89 -32.32
C GLN C 201 -21.81 2.59 -33.59
N GLY C 202 -21.01 3.52 -34.12
CA GLY C 202 -21.37 4.28 -35.32
C GLY C 202 -21.71 3.44 -36.55
N ALA C 203 -20.99 2.34 -36.75
CA ALA C 203 -21.25 1.45 -37.88
C ALA C 203 -22.67 0.87 -37.83
N VAL C 204 -23.19 0.66 -36.62
CA VAL C 204 -24.50 0.07 -36.41
C VAL C 204 -25.64 1.08 -36.66
N HIS C 205 -25.42 2.34 -36.30
CA HIS C 205 -26.49 3.36 -36.31
C HIS C 205 -26.37 4.39 -37.40
N PHE C 206 -25.15 4.83 -37.68
CA PHE C 206 -24.88 5.85 -38.71
C PHE C 206 -23.62 5.47 -39.48
N PRO C 207 -23.70 4.42 -40.31
CA PRO C 207 -22.48 3.92 -40.92
C PRO C 207 -21.76 5.01 -41.70
N ALA C 208 -20.47 5.19 -41.45
CA ALA C 208 -19.74 6.32 -41.99
C ALA C 208 -19.38 6.14 -43.46
N ASP C 209 -19.63 7.19 -44.24
CA ASP C 209 -19.14 7.26 -45.61
C ASP C 209 -17.66 7.68 -45.58
N VAL C 210 -16.78 6.72 -45.74
CA VAL C 210 -15.35 6.93 -45.53
C VAL C 210 -14.71 7.86 -46.56
N GLN C 211 -15.23 7.87 -47.78
CA GLN C 211 -14.72 8.75 -48.84
C GLN C 211 -15.14 10.20 -48.59
N GLN C 212 -16.43 10.39 -48.35
CA GLN C 212 -16.99 11.71 -48.10
C GLN C 212 -16.33 12.33 -46.88
N LEU C 213 -16.28 11.58 -45.78
CA LEU C 213 -15.65 12.05 -44.57
C LEU C 213 -14.13 12.11 -44.65
N ASP C 214 -13.54 11.36 -45.59
CA ASP C 214 -12.07 11.32 -45.77
C ASP C 214 -11.36 10.65 -44.58
N ILE C 215 -11.99 9.62 -44.04
CA ILE C 215 -11.47 8.91 -42.89
C ILE C 215 -10.21 8.15 -43.28
N ASP C 216 -9.18 8.26 -42.44
CA ASP C 216 -7.95 7.51 -42.64
C ASP C 216 -8.11 6.03 -42.25
N PHE C 217 -8.55 5.81 -41.01
CA PHE C 217 -8.77 4.48 -40.48
C PHE C 217 -10.13 4.40 -39.82
N TYR C 218 -10.79 3.25 -39.94
CA TYR C 218 -12.11 3.05 -39.38
C TYR C 218 -12.26 1.63 -38.92
N ALA C 219 -12.77 1.43 -37.71
CA ALA C 219 -12.90 0.11 -37.14
C ALA C 219 -14.29 -0.17 -36.59
N PHE C 220 -14.77 -1.41 -36.75
CA PHE C 220 -15.98 -1.85 -36.02
C PHE C 220 -16.02 -3.37 -35.76
N SER C 221 -17.01 -3.80 -35.00
CA SER C 221 -17.13 -5.19 -34.59
C SER C 221 -18.39 -5.84 -35.16
N GLY C 222 -18.26 -7.08 -35.59
CA GLY C 222 -19.37 -7.80 -36.21
C GLY C 222 -20.54 -8.11 -35.28
N HIS C 223 -20.26 -8.35 -34.00
CA HIS C 223 -21.30 -8.75 -33.04
C HIS C 223 -22.27 -7.65 -32.68
N LYS C 224 -21.83 -6.41 -32.77
CA LYS C 224 -22.73 -5.26 -32.59
C LYS C 224 -23.55 -5.02 -33.82
N LEU C 225 -23.06 -5.51 -34.97
CA LEU C 225 -23.73 -5.33 -36.25
C LEU C 225 -24.59 -6.55 -36.61
N TYR C 226 -25.29 -7.10 -35.62
CA TYR C 226 -26.20 -8.23 -35.78
C TYR C 226 -25.51 -9.47 -36.33
N GLY C 227 -24.22 -9.60 -36.05
CA GLY C 227 -23.39 -10.61 -36.67
C GLY C 227 -22.65 -11.46 -35.67
N PRO C 228 -21.69 -12.27 -36.15
CA PRO C 228 -21.02 -13.26 -35.28
C PRO C 228 -19.99 -12.62 -34.38
N THR C 229 -19.60 -13.35 -33.35
CA THR C 229 -18.54 -12.93 -32.45
C THR C 229 -17.22 -13.32 -33.10
N GLY C 230 -16.13 -12.75 -32.60
CA GLY C 230 -14.79 -13.09 -33.08
C GLY C 230 -14.45 -12.58 -34.46
N ILE C 231 -15.15 -11.56 -34.92
CA ILE C 231 -14.88 -10.99 -36.23
C ILE C 231 -15.08 -9.48 -36.21
N GLY C 232 -14.12 -8.78 -36.79
CA GLY C 232 -14.15 -7.33 -36.87
C GLY C 232 -13.49 -6.84 -38.12
N VAL C 233 -13.58 -5.54 -38.35
CA VAL C 233 -13.07 -4.95 -39.58
C VAL C 233 -12.13 -3.80 -39.30
N LEU C 234 -11.11 -3.67 -40.13
CA LEU C 234 -10.34 -2.46 -40.21
C LEU C 234 -10.39 -1.97 -41.63
N TYR C 235 -10.96 -0.78 -41.83
CA TYR C 235 -10.82 -0.08 -43.11
C TYR C 235 -9.62 0.85 -43.04
N GLY C 236 -8.85 0.89 -44.12
CA GLY C 236 -7.81 1.89 -44.24
C GLY C 236 -7.66 2.35 -45.68
N LYS C 237 -7.25 3.60 -45.87
CA LYS C 237 -6.86 4.09 -47.20
C LYS C 237 -5.72 3.20 -47.69
N SER C 238 -5.72 2.89 -48.97
CA SER C 238 -4.77 1.93 -49.52
C SER C 238 -3.31 2.37 -49.32
N GLU C 239 -3.03 3.66 -49.46
CA GLU C 239 -1.70 4.20 -49.22
C GLU C 239 -1.23 3.89 -47.79
N LEU C 240 -2.16 3.97 -46.85
CA LEU C 240 -1.84 3.77 -45.43
C LEU C 240 -1.66 2.31 -45.12
N LEU C 241 -2.49 1.46 -45.73
CA LEU C 241 -2.36 0.03 -45.56
C LEU C 241 -1.03 -0.45 -46.17
N GLU C 242 -0.64 0.15 -47.29
CA GLU C 242 0.66 -0.11 -47.91
C GLU C 242 1.83 0.32 -47.01
N ALA C 243 1.67 1.47 -46.34
CA ALA C 243 2.68 2.00 -45.46
C ALA C 243 2.85 1.19 -44.16
N MET C 244 1.81 0.48 -43.76
CA MET C 244 1.85 -0.27 -42.51
C MET C 244 2.84 -1.43 -42.57
N SER C 245 3.45 -1.71 -41.43
CA SER C 245 4.26 -2.89 -41.25
C SER C 245 3.36 -4.13 -41.17
N PRO C 246 3.94 -5.32 -41.35
CA PRO C 246 3.12 -6.52 -41.14
C PRO C 246 2.68 -6.63 -39.69
N TRP C 247 1.54 -7.26 -39.47
CA TRP C 247 0.97 -7.38 -38.14
C TRP C 247 1.47 -8.66 -37.53
N LEU C 248 0.71 -9.74 -37.64
CA LEU C 248 1.18 -11.04 -37.17
C LEU C 248 1.95 -11.72 -38.29
N GLY C 249 2.90 -12.57 -37.92
CA GLY C 249 3.70 -13.32 -38.89
C GLY C 249 3.19 -14.74 -39.03
N GLY C 250 3.18 -15.25 -40.25
CA GLY C 250 2.79 -16.65 -40.48
C GLY C 250 2.37 -16.94 -41.92
N GLY C 251 1.52 -17.94 -42.07
CA GLY C 251 1.00 -18.32 -43.39
C GLY C 251 0.09 -17.27 -43.96
N LYS C 252 -0.10 -17.31 -45.27
CA LYS C 252 -1.02 -16.42 -46.04
C LYS C 252 -0.43 -15.05 -46.25
N MET C 253 0.07 -14.42 -45.19
CA MET C 253 0.64 -13.08 -45.28
C MET C 253 2.01 -13.07 -45.96
N VAL C 254 2.71 -14.19 -45.93
CA VAL C 254 4.03 -14.26 -46.52
C VAL C 254 3.95 -14.58 -48.00
N HIS C 255 4.96 -14.13 -48.75
CA HIS C 255 5.11 -14.47 -50.16
C HIS C 255 6.18 -15.52 -50.28
N GLU C 256 7.39 -15.18 -49.86
CA GLU C 256 8.48 -16.11 -49.87
C GLU C 256 9.19 -16.11 -48.55
N VAL C 257 9.57 -17.29 -48.08
CA VAL C 257 10.25 -17.42 -46.81
C VAL C 257 11.41 -18.36 -46.83
N SER C 258 12.51 -17.89 -46.28
CA SER C 258 13.68 -18.70 -46.05
C SER C 258 14.22 -18.34 -44.68
N PHE C 259 15.30 -19.00 -44.25
CA PHE C 259 15.95 -18.67 -42.99
C PHE C 259 16.73 -17.36 -43.05
N ASP C 260 16.91 -16.83 -44.25
CA ASP C 260 17.59 -15.56 -44.40
C ASP C 260 16.62 -14.38 -44.37
N GLY C 261 15.33 -14.64 -44.53
CA GLY C 261 14.32 -13.58 -44.42
C GLY C 261 13.03 -13.93 -45.13
N PHE C 262 12.14 -12.95 -45.24
CA PHE C 262 10.87 -13.16 -45.90
C PHE C 262 10.31 -11.90 -46.54
N THR C 263 9.50 -12.11 -47.57
CA THR C 263 8.75 -11.04 -48.21
C THR C 263 7.26 -11.30 -47.97
N THR C 264 6.48 -10.24 -48.00
CA THR C 264 5.06 -10.37 -47.72
C THR C 264 4.18 -10.09 -48.96
N GLN C 265 2.91 -10.46 -48.84
CA GLN C 265 1.92 -10.11 -49.83
C GLN C 265 1.64 -8.59 -49.70
N SER C 266 0.78 -8.09 -50.57
CA SER C 266 0.22 -6.74 -50.41
C SER C 266 -0.96 -6.76 -49.45
N ALA C 267 -1.42 -5.58 -49.05
CA ALA C 267 -2.64 -5.48 -48.26
C ALA C 267 -3.83 -5.89 -49.14
N PRO C 268 -4.87 -6.47 -48.52
CA PRO C 268 -5.04 -6.67 -47.09
C PRO C 268 -4.37 -7.94 -46.55
N TRP C 269 -3.91 -8.81 -47.43
CA TRP C 269 -3.40 -10.13 -47.02
C TRP C 269 -2.15 -10.02 -46.19
N LYS C 270 -1.38 -8.95 -46.44
CA LYS C 270 -0.22 -8.63 -45.61
C LYS C 270 -0.56 -8.59 -44.12
N LEU C 271 -1.78 -8.17 -43.80
CA LEU C 271 -2.18 -7.94 -42.42
C LEU C 271 -3.03 -9.08 -41.82
N GLU C 272 -3.14 -10.20 -42.55
CA GLU C 272 -4.04 -11.27 -42.17
C GLU C 272 -3.30 -12.59 -42.13
N ALA C 273 -2.52 -12.81 -41.08
CA ALA C 273 -1.78 -14.08 -40.96
C ALA C 273 -2.67 -15.22 -40.48
N GLY C 274 -2.36 -16.43 -40.93
CA GLY C 274 -2.98 -17.63 -40.39
C GLY C 274 -4.33 -17.94 -40.99
N THR C 275 -4.91 -19.06 -40.59
CA THR C 275 -6.23 -19.41 -41.06
C THR C 275 -7.25 -18.38 -40.57
N PRO C 276 -8.04 -17.80 -41.50
CA PRO C 276 -8.99 -16.78 -41.09
C PRO C 276 -10.20 -17.39 -40.37
N ASN C 277 -10.89 -16.57 -39.58
CA ASN C 277 -12.12 -17.02 -38.95
C ASN C 277 -13.19 -17.03 -40.03
N VAL C 278 -13.21 -18.11 -40.81
CA VAL C 278 -14.11 -18.26 -41.96
C VAL C 278 -15.58 -18.19 -41.52
N ALA C 279 -15.89 -18.79 -40.38
CA ALA C 279 -17.25 -18.74 -39.82
C ALA C 279 -17.70 -17.30 -39.61
N GLY C 280 -16.83 -16.50 -39.01
CA GLY C 280 -17.12 -15.10 -38.76
C GLY C 280 -17.36 -14.32 -40.03
N VAL C 281 -16.50 -14.49 -41.02
CA VAL C 281 -16.61 -13.77 -42.29
C VAL C 281 -17.90 -14.10 -43.03
N ILE C 282 -18.20 -15.39 -43.13
CA ILE C 282 -19.42 -15.87 -43.76
C ILE C 282 -20.67 -15.35 -43.04
N GLY C 283 -20.65 -15.46 -41.71
CA GLY C 283 -21.76 -14.97 -40.90
C GLY C 283 -21.97 -13.46 -40.97
N LEU C 284 -20.87 -12.72 -40.99
CA LEU C 284 -20.91 -11.28 -41.12
C LEU C 284 -21.43 -10.87 -42.49
N SER C 285 -21.05 -11.65 -43.52
CA SER C 285 -21.54 -11.44 -44.86
C SER C 285 -23.06 -11.65 -44.90
N ALA C 286 -23.53 -12.69 -44.22
CA ALA C 286 -24.96 -12.98 -44.09
C ALA C 286 -25.69 -11.82 -43.42
N ALA C 287 -25.09 -11.28 -42.36
CA ALA C 287 -25.65 -10.12 -41.68
C ALA C 287 -25.76 -8.91 -42.59
N LEU C 288 -24.68 -8.61 -43.31
CA LEU C 288 -24.65 -7.44 -44.18
C LEU C 288 -25.64 -7.56 -45.34
N GLU C 289 -25.65 -8.71 -45.99
CA GLU C 289 -26.58 -8.93 -47.10
C GLU C 289 -28.01 -8.68 -46.65
N TRP C 290 -28.32 -9.21 -45.47
CA TRP C 290 -29.63 -9.07 -44.87
C TRP C 290 -29.92 -7.65 -44.48
N LEU C 291 -28.96 -7.00 -43.83
CA LEU C 291 -29.12 -5.61 -43.39
C LEU C 291 -29.34 -4.66 -44.54
N ALA C 292 -28.74 -4.96 -45.69
CA ALA C 292 -28.85 -4.14 -46.90
C ALA C 292 -30.29 -3.96 -47.39
N ASP C 293 -31.21 -4.81 -46.93
CA ASP C 293 -32.63 -4.69 -47.33
C ASP C 293 -33.39 -3.53 -46.66
N TYR C 294 -32.88 -3.01 -45.55
CA TYR C 294 -33.58 -1.98 -44.79
C TYR C 294 -32.89 -0.63 -44.91
N ASP C 295 -33.67 0.44 -44.93
CA ASP C 295 -33.13 1.79 -44.86
C ASP C 295 -32.72 2.09 -43.42
N ILE C 296 -31.40 2.11 -43.18
CA ILE C 296 -30.84 2.30 -41.84
C ILE C 296 -31.31 3.62 -41.22
N ASN C 297 -31.48 4.64 -42.05
CA ASN C 297 -31.94 5.93 -41.58
C ASN C 297 -33.31 5.82 -40.93
N GLN C 298 -34.20 5.07 -41.56
CA GLN C 298 -35.55 4.86 -41.03
C GLN C 298 -35.52 3.95 -39.81
N ALA C 299 -34.68 2.93 -39.87
CA ALA C 299 -34.55 1.97 -38.78
C ALA C 299 -33.97 2.64 -37.55
N GLU C 300 -33.06 3.59 -37.76
CA GLU C 300 -32.45 4.31 -36.65
C GLU C 300 -33.43 5.31 -36.06
N SER C 301 -34.17 6.00 -36.93
CA SER C 301 -35.20 6.91 -36.46
C SER C 301 -36.16 6.21 -35.50
N TRP C 302 -36.60 5.01 -35.88
CA TRP C 302 -37.47 4.22 -35.04
C TRP C 302 -36.85 3.96 -33.70
N SER C 303 -35.61 3.46 -33.70
CA SER C 303 -34.88 3.19 -32.47
C SER C 303 -34.81 4.41 -31.56
N ARG C 304 -34.58 5.57 -32.16
CA ARG C 304 -34.49 6.82 -31.42
C ARG C 304 -35.84 7.25 -30.85
N SER C 305 -36.91 7.06 -31.62
CA SER C 305 -38.26 7.38 -31.16
C SER C 305 -38.56 6.72 -29.84
N LEU C 306 -38.18 5.45 -29.72
CA LEU C 306 -38.45 4.68 -28.53
C LEU C 306 -37.62 5.18 -27.37
N ALA C 307 -36.37 5.55 -27.65
CA ALA C 307 -35.50 6.07 -26.64
C ALA C 307 -36.04 7.38 -26.08
N THR C 308 -36.63 8.19 -26.95
CA THR C 308 -37.17 9.49 -26.54
C THR C 308 -38.38 9.32 -25.63
N LEU C 309 -39.25 8.38 -25.98
CA LEU C 309 -40.41 8.07 -25.15
C LEU C 309 -39.96 7.56 -23.78
N ALA C 310 -38.95 6.72 -23.77
CA ALA C 310 -38.37 6.20 -22.54
C ALA C 310 -37.86 7.32 -21.64
N GLU C 311 -37.10 8.23 -22.21
CA GLU C 311 -36.47 9.33 -21.46
C GLU C 311 -37.51 10.28 -20.87
N ASP C 312 -38.45 10.70 -21.71
CA ASP C 312 -39.50 11.63 -21.28
C ASP C 312 -40.36 11.05 -20.17
N ALA C 313 -40.67 9.76 -20.27
CA ALA C 313 -41.45 9.08 -19.25
C ALA C 313 -40.69 8.96 -17.93
N LEU C 314 -39.44 8.54 -17.99
CA LEU C 314 -38.62 8.36 -16.79
C LEU C 314 -38.28 9.70 -16.15
N ALA C 315 -38.20 10.76 -16.96
CA ALA C 315 -37.94 12.10 -16.45
C ALA C 315 -39.02 12.63 -15.49
N LYS C 316 -40.22 12.07 -15.57
CA LYS C 316 -41.29 12.44 -14.66
C LYS C 316 -41.03 11.96 -13.23
N ARG C 317 -40.20 10.93 -13.08
CA ARG C 317 -39.82 10.39 -11.78
C ARG C 317 -38.74 11.28 -11.18
N PRO C 318 -38.87 11.65 -9.90
CA PRO C 318 -37.89 12.60 -9.35
C PRO C 318 -36.56 11.92 -9.05
N GLY C 319 -35.47 12.69 -9.13
CA GLY C 319 -34.13 12.15 -8.93
C GLY C 319 -33.52 11.56 -10.18
N PHE C 320 -34.22 11.68 -11.30
CA PHE C 320 -33.78 11.14 -12.57
C PHE C 320 -32.77 12.04 -13.26
N ARG C 321 -31.77 11.42 -13.88
CA ARG C 321 -30.77 12.13 -14.67
C ARG C 321 -30.37 11.32 -15.89
N SER C 322 -30.34 11.99 -17.04
CA SER C 322 -29.94 11.35 -18.31
C SER C 322 -28.64 11.94 -18.80
N PHE C 323 -27.82 11.08 -19.42
CA PHE C 323 -26.57 11.51 -20.04
C PHE C 323 -26.64 11.42 -21.54
N ARG C 324 -27.84 11.30 -22.09
CA ARG C 324 -28.05 11.01 -23.51
C ARG C 324 -27.91 12.26 -24.38
N CYS C 325 -27.19 12.11 -25.50
CA CYS C 325 -26.94 13.22 -26.43
C CYS C 325 -27.64 13.02 -27.76
N GLN C 326 -27.98 14.14 -28.41
CA GLN C 326 -28.47 14.15 -29.78
C GLN C 326 -29.62 13.17 -30.01
N ASP C 327 -30.46 13.01 -28.99
CA ASP C 327 -31.61 12.12 -29.05
C ASP C 327 -31.25 10.75 -29.58
N SER C 328 -30.16 10.17 -29.07
CA SER C 328 -29.69 8.90 -29.61
C SER C 328 -30.53 7.72 -29.14
N SER C 329 -30.27 6.57 -29.75
CA SER C 329 -30.92 5.33 -29.37
C SER C 329 -30.33 4.70 -28.09
N LEU C 330 -29.20 5.25 -27.63
CA LEU C 330 -28.59 4.83 -26.37
C LEU C 330 -29.03 5.76 -25.26
N LEU C 331 -29.50 5.19 -24.16
CA LEU C 331 -29.98 5.98 -23.01
C LEU C 331 -29.26 5.61 -21.72
N ALA C 332 -28.24 6.37 -21.38
CA ALA C 332 -27.54 6.19 -20.12
C ALA C 332 -28.22 7.05 -19.09
N PHE C 333 -28.39 6.51 -17.88
CA PHE C 333 -29.08 7.24 -16.84
C PHE C 333 -28.80 6.71 -15.44
N ASP C 334 -29.29 7.46 -14.44
CA ASP C 334 -29.28 7.02 -13.05
C ASP C 334 -30.33 7.74 -12.21
N PHE C 335 -30.47 7.30 -10.96
CA PHE C 335 -31.42 7.87 -10.02
C PHE C 335 -30.72 8.22 -8.73
N ALA C 336 -30.93 9.43 -8.26
CA ALA C 336 -30.29 9.92 -7.04
C ALA C 336 -30.50 8.96 -5.86
N GLY C 337 -29.39 8.54 -5.25
CA GLY C 337 -29.41 7.71 -4.04
C GLY C 337 -29.63 6.23 -4.30
N VAL C 338 -29.68 5.83 -5.56
CA VAL C 338 -29.96 4.45 -5.92
C VAL C 338 -28.77 3.90 -6.67
N HIS C 339 -28.20 2.81 -6.17
CA HIS C 339 -27.04 2.19 -6.81
C HIS C 339 -27.42 1.42 -8.04
N HIS C 340 -26.64 1.59 -9.11
CA HIS C 340 -27.01 1.02 -10.41
C HIS C 340 -27.01 -0.49 -10.47
N SER C 341 -26.11 -1.11 -9.73
CA SER C 341 -26.07 -2.57 -9.61
C SER C 341 -27.38 -3.15 -9.02
N ASP C 342 -27.94 -2.47 -8.02
CA ASP C 342 -29.18 -2.93 -7.41
C ASP C 342 -30.33 -2.90 -8.41
N MET C 343 -30.41 -1.81 -9.16
CA MET C 343 -31.48 -1.61 -10.13
C MET C 343 -31.46 -2.65 -11.24
N VAL C 344 -30.26 -2.99 -11.70
CA VAL C 344 -30.10 -3.94 -12.79
C VAL C 344 -30.59 -5.32 -12.36
N THR C 345 -30.28 -5.69 -11.12
CA THR C 345 -30.70 -6.97 -10.60
C THR C 345 -32.23 -7.06 -10.57
N LEU C 346 -32.87 -6.02 -10.06
CA LEU C 346 -34.33 -6.00 -9.94
C LEU C 346 -35.03 -5.87 -11.28
N LEU C 347 -34.50 -5.06 -12.18
CA LEU C 347 -35.06 -4.95 -13.53
C LEU C 347 -35.01 -6.30 -14.26
N ALA C 348 -33.93 -7.06 -14.05
CA ALA C 348 -33.80 -8.41 -14.60
C ALA C 348 -34.98 -9.25 -14.14
N GLU C 349 -35.23 -9.23 -12.83
CA GLU C 349 -36.31 -9.99 -12.23
C GLU C 349 -37.68 -9.63 -12.78
N TYR C 350 -37.84 -8.39 -13.22
CA TYR C 350 -39.09 -7.94 -13.84
C TYR C 350 -39.15 -8.22 -15.35
N GLY C 351 -38.10 -8.83 -15.88
CA GLY C 351 -38.06 -9.24 -17.28
C GLY C 351 -37.43 -8.25 -18.24
N ILE C 352 -36.66 -7.31 -17.70
CA ILE C 352 -36.01 -6.29 -18.49
C ILE C 352 -34.50 -6.54 -18.43
N ALA C 353 -33.86 -6.72 -19.58
CA ALA C 353 -32.44 -7.05 -19.64
C ALA C 353 -31.66 -5.83 -20.11
N LEU C 354 -30.86 -5.28 -19.22
CA LEU C 354 -30.02 -4.15 -19.57
C LEU C 354 -28.68 -4.26 -18.85
N ARG C 355 -27.86 -3.22 -18.96
CA ARG C 355 -26.51 -3.27 -18.45
C ARG C 355 -26.20 -2.09 -17.52
N ALA C 356 -25.43 -2.38 -16.48
CA ALA C 356 -24.90 -1.37 -15.59
C ALA C 356 -23.38 -1.50 -15.57
N GLY C 357 -22.71 -0.53 -14.95
CA GLY C 357 -21.26 -0.57 -14.79
C GLY C 357 -20.59 0.63 -15.42
N GLN C 358 -19.32 0.45 -15.78
CA GLN C 358 -18.48 1.54 -16.29
C GLN C 358 -18.42 1.61 -17.83
N HIS C 359 -18.84 0.54 -18.50
CA HIS C 359 -18.94 0.51 -19.96
C HIS C 359 -17.64 0.76 -20.65
N CSS C 360 -16.57 0.22 -20.06
CA CSS C 360 -15.21 0.40 -20.58
CB CSS C 360 -14.92 -0.51 -21.77
SG CSS C 360 -14.88 -2.22 -21.33
SD CSS C 360 -13.48 -2.28 -19.82
C CSS C 360 -14.98 1.85 -20.96
O CSS C 360 -14.47 2.14 -22.04
N ALA C 361 -15.35 2.75 -20.05
CA ALA C 361 -15.20 4.19 -20.29
C ALA C 361 -14.99 4.95 -18.97
N GLN C 362 -13.92 4.60 -18.26
CA GLN C 362 -13.63 5.21 -16.95
C GLN C 362 -13.38 6.73 -16.98
N PRO C 363 -12.52 7.23 -17.89
CA PRO C 363 -12.27 8.65 -17.95
C PRO C 363 -13.53 9.49 -18.20
N LEU C 364 -14.40 8.99 -19.07
CA LEU C 364 -15.64 9.70 -19.38
C LEU C 364 -16.51 9.84 -18.14
N LEU C 365 -16.71 8.74 -17.43
CA LEU C 365 -17.53 8.75 -16.23
C LEU C 365 -16.94 9.62 -15.13
N ALA C 366 -15.62 9.65 -15.05
CA ALA C 366 -14.94 10.55 -14.12
C ALA C 366 -15.21 12.01 -14.47
N GLU C 367 -15.19 12.30 -15.78
CA GLU C 367 -15.49 13.63 -16.30
C GLU C 367 -16.96 13.97 -16.02
N LEU C 368 -17.84 12.98 -16.13
CA LEU C 368 -19.25 13.16 -15.78
C LEU C 368 -19.52 13.14 -14.26
N GLY C 369 -18.52 12.75 -13.47
CA GLY C 369 -18.63 12.78 -12.02
C GLY C 369 -19.42 11.62 -11.44
N VAL C 370 -19.39 10.47 -12.11
CA VAL C 370 -20.02 9.25 -11.60
C VAL C 370 -19.08 8.06 -11.77
N THR C 371 -19.30 7.02 -10.95
CA THR C 371 -18.46 5.81 -10.97
C THR C 371 -19.09 4.72 -11.83
N GLY C 372 -20.37 4.89 -12.17
CA GLY C 372 -21.05 3.96 -13.06
C GLY C 372 -22.44 4.43 -13.42
N THR C 373 -23.05 3.75 -14.37
CA THR C 373 -24.37 4.13 -14.85
C THR C 373 -25.17 2.93 -15.35
N LEU C 374 -26.49 3.09 -15.38
CA LEU C 374 -27.36 2.16 -16.08
C LEU C 374 -27.39 2.56 -17.55
N ARG C 375 -27.57 1.59 -18.43
CA ARG C 375 -27.69 1.90 -19.84
C ARG C 375 -28.70 1.02 -20.54
N ALA C 376 -29.71 1.68 -21.10
CA ALA C 376 -30.71 1.03 -21.92
C ALA C 376 -30.43 1.42 -23.36
N SER C 377 -30.27 0.44 -24.24
CA SER C 377 -29.99 0.72 -25.64
C SER C 377 -31.04 0.08 -26.53
N PHE C 378 -31.61 0.89 -27.41
CA PHE C 378 -32.76 0.49 -28.22
C PHE C 378 -32.35 0.13 -29.64
N ALA C 379 -32.83 -1.02 -30.11
CA ALA C 379 -32.58 -1.50 -31.47
C ALA C 379 -33.89 -1.46 -32.26
N PRO C 380 -33.83 -1.63 -33.58
CA PRO C 380 -35.05 -1.61 -34.36
C PRO C 380 -35.98 -2.81 -34.14
N TYR C 381 -35.52 -3.83 -33.41
CA TYR C 381 -36.39 -4.94 -33.03
C TYR C 381 -37.12 -4.69 -31.70
N ASN C 382 -37.02 -3.49 -31.14
CA ASN C 382 -37.79 -3.12 -29.95
C ASN C 382 -39.12 -2.45 -30.31
N THR C 383 -40.03 -2.38 -29.34
CA THR C 383 -41.38 -1.88 -29.53
C THR C 383 -41.72 -0.82 -28.48
N LYS C 384 -42.87 -0.18 -28.62
CA LYS C 384 -43.37 0.73 -27.58
C LYS C 384 -43.75 -0.01 -26.31
N SER C 385 -44.25 -1.24 -26.45
CA SER C 385 -44.53 -2.08 -25.28
C SER C 385 -43.29 -2.26 -24.42
N ASP C 386 -42.14 -2.38 -25.06
CA ASP C 386 -40.87 -2.49 -24.35
C ASP C 386 -40.60 -1.26 -23.49
N VAL C 387 -40.87 -0.07 -24.04
CA VAL C 387 -40.68 1.16 -23.28
C VAL C 387 -41.57 1.20 -22.06
N ASP C 388 -42.85 0.88 -22.24
CA ASP C 388 -43.81 0.86 -21.12
C ASP C 388 -43.37 -0.13 -20.04
N ALA C 389 -42.90 -1.29 -20.46
CA ALA C 389 -42.47 -2.33 -19.53
C ALA C 389 -41.24 -1.87 -18.73
N LEU C 390 -40.34 -1.15 -19.40
CA LEU C 390 -39.19 -0.57 -18.71
C LEU C 390 -39.63 0.42 -17.66
N VAL C 391 -40.46 1.36 -18.08
CA VAL C 391 -40.93 2.41 -17.20
C VAL C 391 -41.63 1.82 -15.99
N ASN C 392 -42.52 0.87 -16.24
CA ASN C 392 -43.24 0.20 -15.16
C ASN C 392 -42.30 -0.53 -14.20
N ALA C 393 -41.31 -1.21 -14.76
CA ALA C 393 -40.34 -1.97 -13.96
C ALA C 393 -39.54 -1.05 -13.06
N VAL C 394 -39.12 0.09 -13.60
CA VAL C 394 -38.38 1.07 -12.80
C VAL C 394 -39.18 1.50 -11.58
N ASP C 395 -40.45 1.82 -11.77
CA ASP C 395 -41.33 2.24 -10.66
C ASP C 395 -41.32 1.20 -9.54
N ARG C 396 -41.49 -0.05 -9.92
CA ARG C 396 -41.52 -1.15 -8.95
C ARG C 396 -40.17 -1.26 -8.26
N ALA C 397 -39.11 -1.14 -9.05
CA ALA C 397 -37.75 -1.18 -8.51
C ALA C 397 -37.53 -0.05 -7.52
N LEU C 398 -37.90 1.17 -7.91
CA LEU C 398 -37.69 2.34 -7.06
C LEU C 398 -38.43 2.23 -5.73
N GLU C 399 -39.64 1.66 -5.75
CA GLU C 399 -40.41 1.48 -4.53
C GLU C 399 -39.75 0.52 -3.55
N LEU C 400 -39.03 -0.47 -4.08
CA LEU C 400 -38.30 -1.40 -3.22
C LEU C 400 -37.02 -0.78 -2.67
N LEU C 401 -36.38 0.07 -3.48
CA LEU C 401 -35.06 0.62 -3.16
C LEU C 401 -35.09 2.00 -2.49
N VAL C 402 -36.06 2.84 -2.82
CA VAL C 402 -36.08 4.22 -2.37
C VAL C 402 -36.23 4.34 -0.86
N ASP C 403 -35.48 5.29 -0.31
CA ASP C 403 -35.39 5.68 1.10
C ASP C 403 -35.35 4.48 2.04
N GLY D 8 -17.38 -2.61 15.27
CA GLY D 8 -17.53 -3.86 14.49
C GLY D 8 -18.85 -3.92 13.74
N HIS D 9 -19.55 -5.04 13.90
CA HIS D 9 -20.87 -5.29 13.22
C HIS D 9 -21.61 -6.30 14.04
N PRO D 10 -22.96 -6.30 13.97
CA PRO D 10 -23.74 -7.11 14.90
C PRO D 10 -23.92 -8.56 14.47
N PHE D 11 -23.49 -8.87 13.25
CA PHE D 11 -23.78 -10.17 12.67
C PHE D 11 -22.94 -11.25 13.33
N GLY D 12 -23.59 -12.34 13.74
CA GLY D 12 -22.94 -13.41 14.49
C GLY D 12 -23.05 -13.25 16.01
N THR D 13 -23.06 -12.01 16.49
CA THR D 13 -23.18 -11.74 17.92
C THR D 13 -24.64 -11.41 18.29
N THR D 14 -25.09 -10.20 17.94
CA THR D 14 -26.46 -9.75 18.28
C THR D 14 -27.49 -10.13 17.21
N VAL D 15 -27.07 -10.27 15.95
CA VAL D 15 -27.93 -10.82 14.89
C VAL D 15 -27.49 -12.25 14.56
N THR D 16 -28.33 -13.23 14.92
CA THR D 16 -27.96 -14.64 14.78
C THR D 16 -28.77 -15.33 13.69
N ALA D 17 -28.46 -16.60 13.44
CA ALA D 17 -29.23 -17.41 12.52
C ALA D 17 -30.69 -17.50 12.95
N GLU D 18 -30.93 -17.65 14.26
CA GLU D 18 -32.28 -17.69 14.84
C GLU D 18 -33.06 -16.41 14.51
N THR D 19 -32.46 -15.27 14.80
CA THR D 19 -33.10 -13.97 14.56
C THR D 19 -33.38 -13.74 13.07
N LEU D 20 -32.46 -14.13 12.20
CA LEU D 20 -32.70 -14.04 10.76
C LEU D 20 -33.86 -14.94 10.36
N ARG D 21 -33.91 -16.13 10.94
CA ARG D 21 -34.92 -17.13 10.60
C ARG D 21 -36.34 -16.65 10.95
N ASN D 22 -36.45 -15.93 12.07
CA ASN D 22 -37.73 -15.35 12.48
C ASN D 22 -38.21 -14.34 11.43
N THR D 23 -37.27 -13.59 10.86
CA THR D 23 -37.56 -12.53 9.90
C THR D 23 -37.89 -13.04 8.49
N PHE D 24 -37.15 -14.02 8.02
CA PHE D 24 -37.24 -14.47 6.62
C PHE D 24 -38.14 -15.68 6.39
N ALA D 25 -38.31 -16.51 7.41
CA ALA D 25 -39.11 -17.72 7.31
C ALA D 25 -40.54 -17.48 6.82
N PRO D 26 -41.26 -16.47 7.34
CA PRO D 26 -42.65 -16.27 6.91
C PRO D 26 -42.85 -15.57 5.55
N LEU D 27 -41.77 -15.35 4.79
CA LEU D 27 -41.81 -14.55 3.56
C LEU D 27 -41.88 -15.47 2.35
N THR D 28 -42.91 -15.31 1.54
CA THR D 28 -43.09 -16.16 0.36
C THR D 28 -42.98 -15.37 -0.93
N GLN D 29 -43.25 -14.07 -0.85
CA GLN D 29 -43.22 -13.22 -2.03
C GLN D 29 -41.81 -12.74 -2.19
N TRP D 30 -41.28 -12.87 -3.39
CA TRP D 30 -39.89 -12.51 -3.67
C TRP D 30 -39.57 -11.06 -3.48
N GLU D 31 -40.56 -10.19 -3.75
CA GLU D 31 -40.37 -8.75 -3.58
C GLU D 31 -40.10 -8.37 -2.12
N ASP D 32 -40.80 -9.02 -1.21
CA ASP D 32 -40.64 -8.76 0.22
C ASP D 32 -39.29 -9.27 0.74
N LYS D 33 -38.80 -10.36 0.16
CA LYS D 33 -37.50 -10.94 0.54
C LYS D 33 -36.34 -10.00 0.23
N TYR D 34 -36.40 -9.39 -0.95
CA TYR D 34 -35.42 -8.40 -1.33
C TYR D 34 -35.48 -7.17 -0.42
N ARG D 35 -36.68 -6.68 -0.15
CA ARG D 35 -36.86 -5.52 0.74
C ARG D 35 -36.18 -5.73 2.08
N GLN D 36 -36.31 -6.94 2.60
CA GLN D 36 -35.77 -7.29 3.89
C GLN D 36 -34.25 -7.46 3.85
N LEU D 37 -33.72 -7.94 2.73
CA LEU D 37 -32.28 -7.98 2.50
C LEU D 37 -31.67 -6.59 2.47
N ILE D 38 -32.31 -5.67 1.75
CA ILE D 38 -31.85 -4.28 1.70
C ILE D 38 -31.83 -3.68 3.08
N MET D 39 -32.92 -3.89 3.84
CA MET D 39 -33.02 -3.40 5.21
C MET D 39 -31.97 -4.01 6.12
N LEU D 40 -31.71 -5.30 5.97
CA LEU D 40 -30.64 -5.96 6.72
C LEU D 40 -29.29 -5.32 6.46
N GLY D 41 -29.07 -4.90 5.22
CA GLY D 41 -27.81 -4.26 4.82
C GLY D 41 -27.54 -2.91 5.47
N LYS D 42 -28.59 -2.19 5.83
CA LYS D 42 -28.43 -0.94 6.60
C LYS D 42 -27.73 -1.15 7.94
N GLN D 43 -27.90 -2.33 8.53
CA GLN D 43 -27.24 -2.65 9.80
C GLN D 43 -25.72 -2.90 9.69
N LEU D 44 -25.22 -3.06 8.47
CA LEU D 44 -23.78 -3.15 8.24
C LEU D 44 -23.19 -1.74 8.10
N PRO D 45 -22.29 -1.34 9.03
CA PRO D 45 -21.69 0.00 8.95
C PRO D 45 -20.83 0.20 7.71
N ALA D 46 -20.58 1.46 7.36
CA ALA D 46 -19.94 1.81 6.08
C ALA D 46 -18.49 1.31 5.85
N LEU D 47 -17.70 1.16 6.92
CA LEU D 47 -16.30 0.70 6.84
C LEU D 47 -15.34 1.82 6.39
N PRO D 48 -14.44 2.27 7.28
CA PRO D 48 -13.54 3.38 6.95
C PRO D 48 -12.43 3.02 5.97
N ASP D 49 -11.73 4.03 5.46
CA ASP D 49 -10.63 3.83 4.50
C ASP D 49 -9.49 2.96 5.05
N GLU D 50 -9.16 3.17 6.31
CA GLU D 50 -8.06 2.44 6.97
C GLU D 50 -8.33 0.93 7.04
N LEU D 51 -9.58 0.55 7.33
CA LEU D 51 -9.97 -0.85 7.35
C LEU D 51 -10.13 -1.43 5.95
N LYS D 52 -10.38 -0.57 4.96
CA LYS D 52 -10.44 -0.98 3.56
C LYS D 52 -9.05 -1.33 3.02
N ALA D 53 -8.03 -0.69 3.58
CA ALA D 53 -6.65 -0.94 3.17
C ALA D 53 -6.19 -2.34 3.53
N GLN D 54 -6.63 -2.85 4.68
CA GLN D 54 -6.29 -4.22 5.12
C GLN D 54 -7.25 -5.30 4.65
N ALA D 55 -8.28 -4.92 3.92
CA ALA D 55 -9.19 -5.89 3.30
C ALA D 55 -8.84 -6.07 1.83
N LYS D 56 -9.23 -7.21 1.28
CA LYS D 56 -9.06 -7.52 -0.13
C LYS D 56 -10.15 -6.78 -0.90
N GLU D 57 -9.77 -6.13 -1.99
CA GLU D 57 -10.73 -5.42 -2.79
C GLU D 57 -10.99 -6.29 -4.00
N ILE D 58 -12.23 -6.65 -4.16
CA ILE D 58 -12.70 -7.49 -5.23
C ILE D 58 -13.54 -6.54 -6.08
N ALA D 59 -12.90 -5.80 -7.00
CA ALA D 59 -13.58 -4.81 -7.81
C ALA D 59 -14.14 -5.44 -9.07
N GLY D 60 -15.44 -5.69 -9.08
CA GLY D 60 -16.09 -6.29 -10.24
C GLY D 60 -16.46 -5.22 -11.24
N CSS D 61 -16.89 -5.65 -12.42
CA CSS D 61 -17.41 -4.74 -13.44
CB CSS D 61 -17.66 -5.49 -14.75
SG CSS D 61 -18.93 -4.76 -15.76
SD CSS D 61 -20.71 -5.15 -14.87
C CSS D 61 -18.68 -4.13 -12.91
O CSS D 61 -18.90 -2.92 -13.04
N GLU D 62 -19.51 -4.97 -12.32
CA GLU D 62 -20.81 -4.56 -11.79
C GLU D 62 -20.70 -3.76 -10.50
N ASN D 63 -19.98 -4.31 -9.53
CA ASN D 63 -20.07 -3.85 -8.14
C ASN D 63 -18.77 -4.10 -7.36
N ARG D 64 -18.36 -3.11 -6.57
CA ARG D 64 -17.17 -3.24 -5.73
C ARG D 64 -17.52 -3.87 -4.39
N VAL D 65 -16.67 -4.76 -3.93
CA VAL D 65 -16.89 -5.48 -2.67
C VAL D 65 -15.57 -5.66 -1.92
N TRP D 66 -15.62 -5.57 -0.60
CA TRP D 66 -14.43 -5.72 0.23
C TRP D 66 -14.61 -6.84 1.21
N LEU D 67 -13.52 -7.54 1.49
CA LEU D 67 -13.54 -8.60 2.51
C LEU D 67 -12.18 -8.77 3.16
N GLY D 68 -12.19 -8.81 4.49
CA GLY D 68 -10.96 -9.00 5.27
C GLY D 68 -11.25 -9.81 6.53
N TYR D 69 -10.18 -10.26 7.18
CA TYR D 69 -10.30 -11.13 8.35
C TYR D 69 -9.21 -10.89 9.36
N THR D 70 -9.48 -11.29 10.59
CA THR D 70 -8.48 -11.36 11.66
C THR D 70 -8.76 -12.60 12.51
N VAL D 71 -7.72 -13.10 13.17
CA VAL D 71 -7.81 -14.28 14.01
C VAL D 71 -7.39 -13.96 15.43
N ALA D 72 -8.21 -14.34 16.40
CA ALA D 72 -7.89 -14.15 17.81
C ALA D 72 -7.11 -15.35 18.33
N GLU D 73 -6.63 -15.24 19.57
CA GLU D 73 -5.92 -16.34 20.22
C GLU D 73 -6.80 -17.58 20.44
N ASN D 74 -8.10 -17.36 20.62
CA ASN D 74 -9.09 -18.43 20.65
C ASN D 74 -8.94 -19.36 19.45
N GLY D 75 -8.70 -18.77 18.28
CA GLY D 75 -8.76 -19.48 17.01
C GLY D 75 -10.03 -19.12 16.25
N LYS D 76 -10.89 -18.34 16.91
CA LYS D 76 -12.10 -17.80 16.28
C LYS D 76 -11.73 -16.75 15.25
N MET D 77 -12.40 -16.76 14.10
CA MET D 77 -12.14 -15.81 13.02
C MET D 77 -13.16 -14.68 13.04
N HIS D 78 -12.67 -13.45 13.00
CA HIS D 78 -13.51 -12.24 12.85
C HIS D 78 -13.45 -11.84 11.41
N PHE D 79 -14.62 -11.62 10.81
CA PHE D 79 -14.73 -11.19 9.43
C PHE D 79 -15.28 -9.78 9.33
N PHE D 80 -14.79 -9.03 8.35
CA PHE D 80 -15.33 -7.69 8.07
C PHE D 80 -15.30 -7.42 6.57
N GLY D 81 -16.17 -6.53 6.12
CA GLY D 81 -16.31 -6.25 4.69
C GLY D 81 -17.34 -5.19 4.36
N ASP D 82 -17.53 -4.96 3.07
CA ASP D 82 -18.49 -3.96 2.60
C ASP D 82 -18.85 -4.20 1.13
N SER D 83 -19.97 -3.63 0.71
CA SER D 83 -20.40 -3.64 -0.67
C SER D 83 -20.96 -2.27 -1.01
N GLU D 84 -20.88 -1.89 -2.28
CA GLU D 84 -21.54 -0.67 -2.74
C GLU D 84 -23.00 -0.96 -3.06
N GLY D 85 -23.27 -2.13 -3.63
CA GLY D 85 -24.63 -2.53 -3.98
C GLY D 85 -25.37 -2.94 -2.73
N ARG D 86 -26.59 -2.46 -2.60
CA ARG D 86 -27.38 -2.65 -1.39
C ARG D 86 -27.98 -4.05 -1.24
N ILE D 87 -28.29 -4.70 -2.35
CA ILE D 87 -28.78 -6.09 -2.29
C ILE D 87 -27.64 -7.01 -1.90
N VAL D 88 -26.46 -6.75 -2.47
CA VAL D 88 -25.28 -7.58 -2.17
C VAL D 88 -24.84 -7.31 -0.74
N ARG D 89 -25.10 -6.11 -0.24
CA ARG D 89 -24.77 -5.77 1.14
C ARG D 89 -25.62 -6.57 2.13
N GLY D 90 -26.89 -6.76 1.81
CA GLY D 90 -27.75 -7.62 2.61
C GLY D 90 -27.31 -9.08 2.61
N LEU D 91 -26.91 -9.58 1.44
CA LEU D 91 -26.46 -10.94 1.29
C LEU D 91 -25.14 -11.17 2.01
N LEU D 92 -24.27 -10.17 1.99
CA LEU D 92 -23.01 -10.20 2.75
C LEU D 92 -23.30 -10.26 4.25
N ALA D 93 -24.31 -9.51 4.69
CA ALA D 93 -24.73 -9.51 6.07
C ALA D 93 -25.20 -10.88 6.52
N VAL D 94 -25.89 -11.61 5.64
CA VAL D 94 -26.30 -12.99 5.93
C VAL D 94 -25.05 -13.89 6.00
N LEU D 95 -24.14 -13.70 5.06
CA LEU D 95 -22.90 -14.48 4.99
C LEU D 95 -22.04 -14.30 6.24
N LEU D 96 -21.97 -13.06 6.72
CA LEU D 96 -21.22 -12.74 7.95
C LEU D 96 -21.83 -13.38 9.19
N THR D 97 -23.15 -13.50 9.23
CA THR D 97 -23.84 -14.19 10.33
C THR D 97 -23.41 -15.66 10.40
N ALA D 98 -23.30 -16.30 9.24
CA ALA D 98 -22.91 -17.70 9.16
C ALA D 98 -21.51 -17.98 9.68
N VAL D 99 -20.53 -17.20 9.21
CA VAL D 99 -19.09 -17.46 9.49
C VAL D 99 -18.28 -16.76 10.61
N GLU D 100 -18.78 -15.67 11.12
CA GLU D 100 -18.13 -14.94 12.26
C GLU D 100 -18.03 -15.68 13.62
N GLY D 101 -16.89 -15.50 14.31
CA GLY D 101 -16.67 -16.09 15.63
C GLY D 101 -16.47 -17.59 15.59
N LYS D 102 -16.35 -18.13 14.37
CA LYS D 102 -16.15 -19.56 14.16
C LYS D 102 -14.71 -19.84 13.75
N THR D 103 -14.22 -21.00 14.15
CA THR D 103 -12.85 -21.41 13.83
C THR D 103 -12.78 -22.00 12.43
N ALA D 104 -11.56 -22.12 11.91
CA ALA D 104 -11.32 -22.61 10.55
C ALA D 104 -11.78 -24.05 10.36
N ALA D 105 -11.57 -24.88 11.38
CA ALA D 105 -12.05 -26.27 11.38
C ALA D 105 -13.57 -26.32 11.27
N GLU D 106 -14.25 -25.51 12.10
CA GLU D 106 -15.71 -25.42 12.06
C GLU D 106 -16.18 -24.99 10.68
N LEU D 107 -15.57 -23.93 10.15
CA LEU D 107 -15.90 -23.40 8.82
C LEU D 107 -15.78 -24.37 7.66
N GLN D 108 -14.63 -25.03 7.51
CA GLN D 108 -14.48 -26.00 6.41
C GLN D 108 -15.39 -27.23 6.55
N ALA D 109 -16.13 -27.31 7.65
CA ALA D 109 -16.83 -28.54 8.06
C ALA D 109 -18.32 -28.36 7.84
N GLN D 110 -18.73 -27.11 7.69
CA GLN D 110 -20.09 -26.73 7.35
C GLN D 110 -20.01 -25.70 6.21
N SER D 111 -20.96 -25.76 5.29
CA SER D 111 -21.02 -24.79 4.20
C SER D 111 -21.81 -23.59 4.69
N PRO D 112 -21.30 -22.37 4.43
CA PRO D 112 -22.08 -21.16 4.72
C PRO D 112 -23.38 -21.05 3.90
N LEU D 113 -23.38 -21.64 2.71
CA LEU D 113 -24.53 -21.61 1.81
C LEU D 113 -25.78 -22.24 2.44
N ALA D 114 -25.58 -23.18 3.38
CA ALA D 114 -26.70 -23.84 4.09
C ALA D 114 -27.62 -22.86 4.80
N LEU D 115 -27.10 -21.71 5.21
CA LEU D 115 -27.91 -20.70 5.87
C LEU D 115 -28.90 -20.03 4.94
N PHE D 116 -28.52 -19.85 3.67
CA PHE D 116 -29.41 -19.24 2.68
C PHE D 116 -30.59 -20.14 2.36
N ASP D 117 -30.38 -21.45 2.44
CA ASP D 117 -31.46 -22.43 2.31
C ASP D 117 -32.44 -22.33 3.48
N GLU D 118 -31.90 -22.28 4.70
CA GLU D 118 -32.71 -22.17 5.91
C GLU D 118 -33.56 -20.91 5.95
N LEU D 119 -33.04 -19.84 5.36
CA LEU D 119 -33.75 -18.57 5.30
C LEU D 119 -34.63 -18.44 4.04
N GLY D 120 -34.48 -19.39 3.11
CA GLY D 120 -35.25 -19.41 1.88
C GLY D 120 -34.82 -18.32 0.92
N LEU D 121 -33.50 -18.19 0.74
CA LEU D 121 -32.95 -17.11 -0.08
C LEU D 121 -32.04 -17.60 -1.21
N ARG D 122 -32.23 -18.83 -1.67
CA ARG D 122 -31.38 -19.40 -2.75
C ARG D 122 -31.59 -18.69 -4.11
N ALA D 123 -32.81 -18.27 -4.41
CA ALA D 123 -33.10 -17.52 -5.64
C ALA D 123 -32.40 -16.14 -5.69
N GLN D 124 -32.32 -15.48 -4.53
CA GLN D 124 -31.75 -14.14 -4.43
C GLN D 124 -30.24 -14.24 -4.50
N LEU D 125 -29.68 -15.20 -3.76
CA LEU D 125 -28.26 -15.51 -3.80
C LEU D 125 -27.80 -15.77 -5.24
N SER D 126 -28.52 -16.65 -5.91
CA SER D 126 -28.26 -17.02 -7.30
C SER D 126 -28.24 -15.82 -8.23
N ALA D 127 -29.21 -14.92 -8.03
CA ALA D 127 -29.37 -13.76 -8.92
C ALA D 127 -28.21 -12.75 -8.82
N SER D 128 -27.47 -12.80 -7.71
CA SER D 128 -26.40 -11.82 -7.45
C SER D 128 -25.01 -12.44 -7.35
N ARG D 129 -24.87 -13.67 -7.81
CA ARG D 129 -23.62 -14.40 -7.67
C ARG D 129 -22.41 -13.70 -8.30
N SER D 130 -22.60 -13.22 -9.52
CA SER D 130 -21.53 -12.59 -10.28
C SER D 130 -21.40 -11.10 -9.94
N GLN D 131 -22.29 -10.60 -9.09
CA GLN D 131 -22.21 -9.21 -8.64
C GLN D 131 -21.40 -9.08 -7.35
N GLY D 132 -20.73 -10.17 -6.92
CA GLY D 132 -19.85 -10.11 -5.77
C GLY D 132 -19.88 -11.31 -4.84
N LEU D 133 -20.98 -12.08 -4.88
CA LEU D 133 -21.17 -13.18 -3.91
C LEU D 133 -20.22 -14.34 -4.16
N ASN D 134 -20.02 -14.69 -5.43
CA ASN D 134 -19.00 -15.67 -5.77
C ASN D 134 -17.69 -15.29 -5.11
N ALA D 135 -17.25 -14.05 -5.37
CA ALA D 135 -15.96 -13.55 -4.91
C ALA D 135 -15.79 -13.64 -3.40
N LEU D 136 -16.79 -13.17 -2.68
CA LEU D 136 -16.77 -13.18 -1.21
C LEU D 136 -16.67 -14.61 -0.65
N SER D 137 -17.52 -15.49 -1.17
CA SER D 137 -17.59 -16.87 -0.73
C SER D 137 -16.24 -17.58 -0.90
N GLU D 138 -15.62 -17.40 -2.06
CA GLU D 138 -14.34 -17.99 -2.36
C GLU D 138 -13.18 -17.32 -1.62
N ALA D 139 -13.34 -16.03 -1.30
CA ALA D 139 -12.37 -15.30 -0.49
C ALA D 139 -12.34 -15.78 0.97
N ILE D 140 -13.52 -16.19 1.48
CA ILE D 140 -13.63 -16.79 2.80
C ILE D 140 -12.99 -18.17 2.84
N ILE D 141 -13.18 -18.94 1.76
CA ILE D 141 -12.56 -20.27 1.62
C ILE D 141 -11.02 -20.14 1.54
N ALA D 142 -10.55 -19.12 0.84
CA ALA D 142 -9.12 -18.85 0.72
C ALA D 142 -8.56 -18.39 2.07
N ALA D 143 -9.33 -17.58 2.79
CA ALA D 143 -8.93 -17.08 4.11
C ALA D 143 -8.93 -18.19 5.17
N THR D 144 -9.86 -19.14 5.03
CA THR D 144 -9.95 -20.27 5.98
C THR D 144 -8.82 -21.27 5.77
N LYS D 145 -8.23 -21.28 4.57
CA LYS D 145 -7.16 -22.20 4.25
C LYS D 145 -5.82 -21.67 4.75
N GLN D 146 -5.73 -20.36 4.92
CA GLN D 146 -4.50 -19.72 5.40
C GLN D 146 -4.34 -19.87 6.89
N VAL D 147 -5.45 -20.19 7.56
CA VAL D 147 -5.57 -19.99 8.99
C VAL D 147 -5.18 -21.27 9.70
N LYS D 148 -4.57 -22.20 8.98
CA LYS D 148 -4.21 -23.46 9.62
C LYS D 148 -3.04 -23.07 10.51
N HIS D 149 -2.16 -22.26 9.92
CA HIS D 149 -1.08 -21.54 10.61
C HIS D 149 -0.15 -21.08 9.51
N HIS D 150 0.33 -22.06 8.74
CA HIS D 150 1.06 -21.87 7.50
C HIS D 150 0.39 -22.88 6.59
N HIS D 151 0.77 -22.92 5.31
CA HIS D 151 0.37 -24.04 4.42
C HIS D 151 0.73 -25.38 5.01
N MET E 3 -74.25 -46.08 -32.20
CA MET E 3 -73.05 -45.43 -32.83
C MET E 3 -72.96 -43.97 -32.40
N ASN E 4 -73.89 -43.13 -32.86
CA ASN E 4 -73.99 -41.73 -32.40
C ASN E 4 -75.41 -41.37 -31.92
N VAL E 5 -76.13 -42.38 -31.47
CA VAL E 5 -77.44 -42.24 -30.79
C VAL E 5 -77.52 -43.01 -29.45
N PHE E 6 -77.12 -42.35 -28.38
CA PHE E 6 -76.84 -43.04 -27.13
C PHE E 6 -78.06 -43.63 -26.41
N ASN E 7 -78.02 -44.94 -26.18
CA ASN E 7 -79.08 -45.66 -25.47
C ASN E 7 -78.57 -46.17 -24.12
N PRO E 8 -79.02 -45.54 -23.01
CA PRO E 8 -78.53 -45.91 -21.68
C PRO E 8 -78.79 -47.35 -21.32
N ALA E 9 -79.90 -47.91 -21.80
CA ALA E 9 -80.26 -49.30 -21.51
C ALA E 9 -79.29 -50.28 -22.16
N GLN E 10 -79.03 -50.07 -23.44
CA GLN E 10 -78.03 -50.82 -24.17
C GLN E 10 -76.70 -50.79 -23.44
N PHE E 11 -76.25 -49.59 -23.12
CA PHE E 11 -75.03 -49.40 -22.34
C PHE E 11 -75.05 -50.21 -21.05
N ARG E 12 -76.11 -50.02 -20.25
CA ARG E 12 -76.27 -50.73 -18.97
C ARG E 12 -76.18 -52.25 -19.09
N ALA E 13 -76.76 -52.81 -20.14
CA ALA E 13 -76.81 -54.27 -20.34
C ALA E 13 -75.46 -54.97 -20.30
N GLN E 14 -74.39 -54.24 -20.61
CA GLN E 14 -73.06 -54.83 -20.78
C GLN E 14 -72.34 -55.17 -19.48
N PHE E 15 -72.86 -54.70 -18.35
CA PHE E 15 -72.16 -54.83 -17.07
C PHE E 15 -72.78 -55.92 -16.21
N PRO E 16 -72.09 -57.07 -16.07
CA PRO E 16 -72.65 -58.18 -15.30
C PRO E 16 -72.73 -57.93 -13.80
N ALA E 17 -71.96 -56.98 -13.30
CA ALA E 17 -71.99 -56.64 -11.88
C ALA E 17 -73.29 -55.95 -11.47
N LEU E 18 -73.98 -55.31 -12.42
CA LEU E 18 -75.05 -54.34 -12.08
C LEU E 18 -76.25 -54.83 -11.29
N GLN E 19 -76.71 -56.05 -11.54
CA GLN E 19 -77.83 -56.59 -10.75
C GLN E 19 -77.48 -56.70 -9.24
N ASP E 20 -76.37 -57.38 -8.94
CA ASP E 20 -75.92 -57.58 -7.56
C ASP E 20 -75.45 -56.28 -6.91
N ALA E 21 -74.96 -55.34 -7.71
CA ALA E 21 -74.31 -54.15 -7.17
C ALA E 21 -75.28 -53.18 -6.52
N GLY E 22 -76.57 -53.35 -6.81
CA GLY E 22 -77.60 -52.49 -6.23
C GLY E 22 -77.60 -51.14 -6.91
N VAL E 23 -77.53 -50.08 -6.09
CA VAL E 23 -77.44 -48.73 -6.58
C VAL E 23 -76.00 -48.25 -6.40
N TYR E 24 -75.20 -48.37 -7.46
CA TYR E 24 -73.77 -48.07 -7.40
C TYR E 24 -73.49 -46.64 -7.84
N LEU E 25 -73.05 -45.82 -6.90
CA LEU E 25 -72.77 -44.40 -7.15
C LEU E 25 -71.36 -44.02 -6.68
N ASP E 26 -70.40 -44.90 -6.95
CA ASP E 26 -69.02 -44.70 -6.52
C ASP E 26 -68.03 -44.92 -7.66
N SER E 27 -68.44 -44.58 -8.88
CA SER E 27 -67.64 -44.79 -10.08
C SER E 27 -66.41 -43.91 -10.15
N ALA E 28 -66.44 -42.76 -9.48
CA ALA E 28 -65.27 -41.87 -9.42
C ALA E 28 -64.15 -42.51 -8.62
N ALA E 29 -64.49 -43.43 -7.72
CA ALA E 29 -63.50 -44.23 -7.02
C ALA E 29 -63.01 -45.30 -7.96
N THR E 30 -63.91 -46.20 -8.37
CA THR E 30 -63.58 -47.24 -9.32
C THR E 30 -64.79 -47.65 -10.13
N ALA E 31 -64.58 -47.87 -11.42
CA ALA E 31 -65.65 -48.13 -12.35
C ALA E 31 -65.96 -49.62 -12.43
N LEU E 32 -67.20 -49.94 -12.72
CA LEU E 32 -67.59 -51.31 -13.04
C LEU E 32 -67.09 -51.67 -14.44
N LYS E 33 -67.00 -52.95 -14.73
CA LYS E 33 -66.36 -53.45 -15.97
C LYS E 33 -67.35 -54.11 -16.92
N PRO E 34 -67.26 -53.82 -18.22
CA PRO E 34 -68.16 -54.45 -19.19
C PRO E 34 -67.69 -55.87 -19.48
N GLU E 35 -68.58 -56.71 -20.04
CA GLU E 35 -68.26 -58.11 -20.24
C GLU E 35 -67.01 -58.27 -21.13
N ALA E 36 -66.82 -57.34 -22.07
CA ALA E 36 -65.66 -57.35 -22.94
C ALA E 36 -64.34 -57.42 -22.17
N VAL E 37 -64.24 -56.65 -21.09
CA VAL E 37 -63.05 -56.64 -20.25
C VAL E 37 -62.91 -57.95 -19.46
N VAL E 38 -64.02 -58.40 -18.87
CA VAL E 38 -64.03 -59.62 -18.08
C VAL E 38 -63.63 -60.83 -18.93
N GLU E 39 -64.08 -60.82 -20.17
CA GLU E 39 -63.89 -61.95 -21.07
C GLU E 39 -62.47 -62.00 -21.63
N ALA E 40 -61.90 -60.84 -21.88
CA ALA E 40 -60.52 -60.73 -22.37
C ALA E 40 -59.54 -61.23 -21.31
N THR E 41 -59.80 -60.85 -20.07
CA THR E 41 -58.97 -61.22 -18.93
C THR E 41 -59.01 -62.72 -18.69
N GLN E 42 -60.20 -63.32 -18.72
CA GLN E 42 -60.31 -64.76 -18.50
C GLN E 42 -59.60 -65.55 -19.61
N GLN E 43 -59.76 -65.10 -20.84
CA GLN E 43 -59.10 -65.73 -21.98
C GLN E 43 -57.58 -65.60 -21.93
N PHE E 44 -57.10 -64.46 -21.44
CA PHE E 44 -55.68 -64.27 -21.31
C PHE E 44 -55.06 -65.24 -20.31
N TYR E 45 -55.72 -65.42 -19.18
CA TYR E 45 -55.23 -66.30 -18.12
C TYR E 45 -55.54 -67.76 -18.37
N SER E 46 -56.41 -68.03 -19.35
CA SER E 46 -56.79 -69.39 -19.72
C SER E 46 -55.93 -69.98 -20.83
N LEU E 47 -55.04 -69.16 -21.39
CA LEU E 47 -54.19 -69.60 -22.51
C LEU E 47 -52.70 -69.37 -22.26
N SER E 48 -51.87 -70.09 -23.01
CA SER E 48 -50.42 -69.90 -23.02
C SER E 48 -50.06 -68.61 -23.73
N ALA E 49 -48.96 -67.98 -23.31
CA ALA E 49 -48.47 -66.76 -23.95
C ALA E 49 -47.28 -67.07 -24.88
N GLY E 50 -47.14 -68.34 -25.25
CA GLY E 50 -46.08 -68.77 -26.14
C GLY E 50 -46.44 -68.76 -27.62
N ASN E 51 -45.56 -69.32 -28.43
CA ASN E 51 -45.74 -69.38 -29.88
C ASN E 51 -46.54 -70.63 -30.32
N VAL E 52 -46.60 -71.64 -29.45
CA VAL E 52 -47.36 -72.84 -29.76
C VAL E 52 -48.80 -72.70 -29.34
N HIS E 53 -49.73 -72.95 -30.27
CA HIS E 53 -51.16 -73.02 -29.98
C HIS E 53 -51.80 -74.14 -30.75
N ARG E 54 -52.25 -75.18 -30.04
CA ARG E 54 -52.73 -76.42 -30.67
C ARG E 54 -54.18 -76.31 -31.15
N SER E 55 -55.02 -75.64 -30.35
CA SER E 55 -56.47 -75.60 -30.55
C SER E 55 -56.99 -74.19 -30.78
N GLN E 56 -56.65 -73.29 -29.85
CA GLN E 56 -57.24 -71.96 -29.81
C GLN E 56 -56.29 -70.89 -30.36
N PHE E 57 -55.90 -71.05 -31.63
CA PHE E 57 -55.07 -70.06 -32.31
C PHE E 57 -55.82 -68.76 -32.53
N ALA E 58 -57.06 -68.85 -33.01
CA ALA E 58 -57.86 -67.68 -33.32
C ALA E 58 -57.93 -66.75 -32.12
N GLU E 59 -58.28 -67.33 -30.98
CA GLU E 59 -58.32 -66.54 -29.77
C GLU E 59 -56.97 -65.99 -29.31
N ALA E 60 -55.89 -66.73 -29.57
CA ALA E 60 -54.56 -66.29 -29.25
C ALA E 60 -54.14 -65.13 -30.12
N GLN E 61 -54.46 -65.20 -31.42
CA GLN E 61 -54.17 -64.09 -32.35
C GLN E 61 -54.91 -62.83 -31.93
N ARG E 62 -56.13 -63.01 -31.40
CA ARG E 62 -56.97 -61.89 -30.95
C ARG E 62 -56.33 -61.18 -29.79
N LEU E 63 -55.85 -61.95 -28.81
CA LEU E 63 -55.17 -61.38 -27.63
C LEU E 63 -53.87 -60.64 -27.99
N THR E 64 -53.10 -61.21 -28.92
CA THR E 64 -51.90 -60.55 -29.43
C THR E 64 -52.24 -59.24 -30.14
N ALA E 65 -53.28 -59.29 -30.97
CA ALA E 65 -53.79 -58.12 -31.68
C ALA E 65 -54.17 -57.00 -30.71
N ARG E 66 -54.87 -57.37 -29.63
CA ARG E 66 -55.29 -56.43 -28.61
C ARG E 66 -54.09 -55.75 -27.95
N TYR E 67 -53.07 -56.54 -27.62
CA TYR E 67 -51.88 -56.06 -26.91
C TYR E 67 -51.08 -55.07 -27.75
N GLU E 68 -50.87 -55.44 -29.01
CA GLU E 68 -50.08 -54.64 -29.93
C GLU E 68 -50.78 -53.34 -30.29
N ALA E 69 -52.11 -53.35 -30.32
CA ALA E 69 -52.90 -52.16 -30.66
C ALA E 69 -53.17 -51.27 -29.46
N ALA E 70 -52.93 -51.79 -28.25
CA ALA E 70 -53.29 -51.07 -27.01
C ALA E 70 -52.80 -49.63 -26.98
N ARG E 71 -51.56 -49.39 -27.37
CA ARG E 71 -51.01 -48.02 -27.37
C ARG E 71 -51.78 -47.13 -28.34
N GLU E 72 -52.00 -47.62 -29.55
CA GLU E 72 -52.74 -46.88 -30.56
C GLU E 72 -54.12 -46.47 -30.04
N LYS E 73 -54.79 -47.39 -29.35
CA LYS E 73 -56.14 -47.13 -28.86
C LYS E 73 -56.18 -46.04 -27.82
N VAL E 74 -55.15 -46.00 -26.97
CA VAL E 74 -55.01 -44.91 -25.99
C VAL E 74 -54.74 -43.61 -26.74
N ALA E 75 -53.92 -43.68 -27.79
CA ALA E 75 -53.60 -42.51 -28.60
C ALA E 75 -54.86 -41.94 -29.26
N GLN E 76 -55.69 -42.81 -29.81
CA GLN E 76 -56.94 -42.39 -30.44
C GLN E 76 -57.87 -41.70 -29.44
N LEU E 77 -57.92 -42.20 -28.20
CA LEU E 77 -58.70 -41.58 -27.16
C LEU E 77 -58.24 -40.14 -26.85
N LEU E 78 -56.94 -39.91 -26.94
CA LEU E 78 -56.33 -38.61 -26.60
C LEU E 78 -56.01 -37.77 -27.82
N ASN E 79 -56.33 -38.28 -29.00
CA ASN E 79 -55.92 -37.67 -30.26
C ASN E 79 -54.42 -37.38 -30.26
N ALA E 80 -53.64 -38.36 -29.82
CA ALA E 80 -52.20 -38.24 -29.80
C ALA E 80 -51.66 -38.51 -31.19
N PRO E 81 -50.56 -37.85 -31.57
CA PRO E 81 -50.05 -37.99 -32.95
C PRO E 81 -49.49 -39.38 -33.26
N ASP E 82 -48.82 -39.99 -32.30
CA ASP E 82 -48.26 -41.32 -32.49
C ASP E 82 -48.22 -42.12 -31.19
N ASP E 83 -48.26 -43.43 -31.34
CA ASP E 83 -48.44 -44.33 -30.21
C ASP E 83 -47.18 -44.49 -29.33
N LYS E 84 -46.03 -44.04 -29.81
CA LYS E 84 -44.80 -44.09 -29.01
C LYS E 84 -44.78 -43.05 -27.91
N THR E 85 -45.71 -42.10 -27.98
CA THR E 85 -45.85 -41.14 -26.90
C THR E 85 -46.64 -41.69 -25.71
N ILE E 86 -47.12 -42.92 -25.77
CA ILE E 86 -47.85 -43.55 -24.67
C ILE E 86 -46.99 -44.50 -23.88
N VAL E 87 -47.02 -44.36 -22.56
CA VAL E 87 -46.20 -45.17 -21.65
C VAL E 87 -47.07 -45.86 -20.61
N TRP E 88 -46.83 -47.14 -20.36
CA TRP E 88 -47.60 -47.92 -19.40
C TRP E 88 -47.06 -47.76 -18.01
N THR E 89 -47.94 -47.51 -17.06
CA THR E 89 -47.60 -47.39 -15.66
C THR E 89 -48.61 -48.22 -14.86
N ARG E 90 -48.53 -48.19 -13.54
CA ARG E 90 -49.46 -48.93 -12.69
C ARG E 90 -50.64 -48.05 -12.27
N GLY E 91 -50.62 -46.80 -12.71
CA GLY E 91 -51.68 -45.87 -12.38
C GLY E 91 -51.25 -44.42 -12.46
N THR E 92 -52.23 -43.52 -12.36
CA THR E 92 -51.98 -42.07 -12.38
C THR E 92 -50.91 -41.70 -11.36
N THR E 93 -50.96 -42.29 -10.16
CA THR E 93 -50.00 -41.99 -9.12
C THR E 93 -48.56 -42.25 -9.55
N GLU E 94 -48.33 -43.41 -10.17
CA GLU E 94 -46.99 -43.71 -10.66
C GLU E 94 -46.62 -42.77 -11.78
N SER E 95 -47.54 -42.58 -12.72
CA SER E 95 -47.33 -41.69 -13.87
C SER E 95 -46.79 -40.34 -13.41
N ILE E 96 -47.43 -39.76 -12.39
CA ILE E 96 -47.05 -38.43 -11.93
C ILE E 96 -45.69 -38.47 -11.20
N ASN E 97 -45.48 -39.48 -10.39
CA ASN E 97 -44.19 -39.64 -9.73
C ASN E 97 -43.04 -39.75 -10.72
N MET E 98 -43.29 -40.41 -11.85
CA MET E 98 -42.29 -40.59 -12.89
C MET E 98 -41.86 -39.24 -13.43
N VAL E 99 -42.82 -38.41 -13.79
CA VAL E 99 -42.52 -37.08 -14.29
C VAL E 99 -41.72 -36.27 -13.25
N ALA E 100 -42.11 -36.36 -11.99
CA ALA E 100 -41.45 -35.60 -10.93
C ALA E 100 -40.00 -36.01 -10.79
N GLN E 101 -39.73 -37.31 -10.88
CA GLN E 101 -38.40 -37.86 -10.62
C GLN E 101 -37.53 -37.93 -11.88
N CYS E 102 -38.13 -38.24 -13.02
CA CYS E 102 -37.40 -38.39 -14.27
C CYS E 102 -37.29 -37.13 -15.09
N TYR E 103 -38.24 -36.21 -14.94
CA TYR E 103 -38.14 -34.92 -15.64
C TYR E 103 -37.72 -33.79 -14.73
N ALA E 104 -38.40 -33.64 -13.60
CA ALA E 104 -38.19 -32.45 -12.76
C ALA E 104 -36.89 -32.50 -11.96
N ARG E 105 -36.66 -33.60 -11.26
CA ARG E 105 -35.59 -33.68 -10.28
C ARG E 105 -34.21 -33.35 -10.82
N PRO E 106 -33.84 -33.87 -12.00
CA PRO E 106 -32.52 -33.52 -12.52
C PRO E 106 -32.40 -32.09 -13.06
N ARG E 107 -33.53 -31.40 -13.22
CA ARG E 107 -33.54 -30.06 -13.79
C ARG E 107 -33.70 -28.97 -12.73
N LEU E 108 -34.44 -29.24 -11.66
CA LEU E 108 -34.71 -28.23 -10.63
C LEU E 108 -33.47 -27.83 -9.83
N GLN E 109 -33.25 -26.52 -9.73
CA GLN E 109 -32.16 -25.95 -8.92
C GLN E 109 -32.76 -25.30 -7.66
N PRO E 110 -31.95 -25.13 -6.61
CA PRO E 110 -32.45 -24.48 -5.42
C PRO E 110 -33.09 -23.12 -5.68
N GLY E 111 -34.29 -22.92 -5.14
CA GLY E 111 -35.03 -21.69 -5.39
C GLY E 111 -36.06 -21.76 -6.52
N ASP E 112 -35.95 -22.76 -7.39
CA ASP E 112 -36.93 -22.93 -8.46
C ASP E 112 -38.33 -23.18 -7.87
N GLU E 113 -39.36 -22.98 -8.68
CA GLU E 113 -40.73 -22.98 -8.19
C GLU E 113 -41.67 -23.90 -8.96
N ILE E 114 -42.48 -24.62 -8.19
CA ILE E 114 -43.48 -25.55 -8.73
C ILE E 114 -44.85 -25.07 -8.31
N ILE E 115 -45.66 -24.64 -9.27
CA ILE E 115 -46.99 -24.15 -8.95
C ILE E 115 -47.97 -25.32 -8.98
N VAL E 116 -48.71 -25.48 -7.87
CA VAL E 116 -49.67 -26.57 -7.75
C VAL E 116 -51.00 -26.03 -7.25
N SER E 117 -52.09 -26.46 -7.88
CA SER E 117 -53.41 -25.94 -7.49
C SER E 117 -53.90 -26.60 -6.20
N VAL E 118 -54.68 -25.85 -5.43
CA VAL E 118 -55.25 -26.35 -4.18
C VAL E 118 -56.28 -27.47 -4.40
N ALA E 119 -56.85 -27.51 -5.61
CA ALA E 119 -57.83 -28.57 -5.98
C ALA E 119 -57.18 -29.90 -6.39
N GLU E 120 -55.88 -30.07 -6.16
CA GLU E 120 -55.19 -31.29 -6.61
C GLU E 120 -55.40 -32.48 -5.70
N HIS E 121 -55.57 -33.65 -6.32
CA HIS E 121 -55.47 -34.94 -5.65
C HIS E 121 -54.09 -35.11 -5.08
N HIS E 122 -53.98 -35.86 -3.98
CA HIS E 122 -52.67 -36.10 -3.34
C HIS E 122 -51.62 -36.58 -4.31
N ALA E 123 -52.06 -37.39 -5.28
CA ALA E 123 -51.19 -37.89 -6.34
C ALA E 123 -50.49 -36.78 -7.11
N ASN E 124 -51.15 -35.65 -7.28
CA ASN E 124 -50.55 -34.53 -7.98
C ASN E 124 -50.15 -33.42 -7.04
N LEU E 125 -49.84 -33.76 -5.79
CA LEU E 125 -49.29 -32.83 -4.82
C LEU E 125 -48.07 -33.41 -4.07
N VAL E 126 -48.23 -34.62 -3.52
CA VAL E 126 -47.18 -35.18 -2.65
C VAL E 126 -45.86 -35.38 -3.38
N PRO E 127 -45.92 -35.83 -4.65
CA PRO E 127 -44.68 -35.99 -5.39
C PRO E 127 -43.90 -34.70 -5.58
N TRP E 128 -44.62 -33.57 -5.67
CA TRP E 128 -43.99 -32.28 -5.84
C TRP E 128 -43.40 -31.80 -4.55
N LEU E 129 -44.09 -32.09 -3.46
CA LEU E 129 -43.53 -31.79 -2.14
C LEU E 129 -42.23 -32.58 -1.95
N MET E 130 -42.26 -33.86 -2.30
CA MET E 130 -41.10 -34.74 -2.16
C MET E 130 -39.92 -34.24 -2.95
N VAL E 131 -40.15 -33.93 -4.23
CA VAL E 131 -39.06 -33.49 -5.09
C VAL E 131 -38.56 -32.13 -4.64
N ALA E 132 -39.45 -31.29 -4.13
CA ALA E 132 -39.07 -29.96 -3.64
C ALA E 132 -38.04 -30.07 -2.55
N GLN E 133 -38.31 -30.96 -1.60
N GLN E 133 -38.31 -30.96 -1.60
CA GLN E 133 -37.41 -31.21 -0.48
CA GLN E 133 -37.40 -31.20 -0.49
C GLN E 133 -36.07 -31.75 -1.00
C GLN E 133 -36.06 -31.75 -1.00
N GLN E 134 -36.12 -32.59 -2.03
CA GLN E 134 -34.93 -33.23 -2.58
C GLN E 134 -34.04 -32.30 -3.40
N THR E 135 -34.63 -31.25 -4.00
CA THR E 135 -33.90 -30.35 -4.91
C THR E 135 -33.69 -28.95 -4.36
N GLY E 136 -34.38 -28.60 -3.29
CA GLY E 136 -34.35 -27.25 -2.74
C GLY E 136 -35.28 -26.30 -3.48
N ALA E 137 -36.19 -26.86 -4.27
CA ALA E 137 -37.22 -26.08 -4.94
C ALA E 137 -38.38 -25.83 -3.97
N LYS E 138 -39.31 -24.96 -4.35
CA LYS E 138 -40.40 -24.58 -3.49
C LYS E 138 -41.73 -24.80 -4.21
N VAL E 139 -42.72 -25.34 -3.49
CA VAL E 139 -44.05 -25.52 -4.03
C VAL E 139 -44.86 -24.27 -3.72
N VAL E 140 -45.46 -23.69 -4.77
CA VAL E 140 -46.26 -22.49 -4.63
C VAL E 140 -47.70 -22.83 -4.94
N LYS E 141 -48.62 -22.33 -4.11
CA LYS E 141 -50.04 -22.65 -4.22
C LYS E 141 -50.77 -21.77 -5.25
N LEU E 142 -51.57 -22.40 -6.09
CA LEU E 142 -52.49 -21.70 -6.99
C LEU E 142 -53.91 -21.85 -6.44
N PRO E 143 -54.47 -20.75 -5.92
CA PRO E 143 -55.74 -20.88 -5.18
C PRO E 143 -56.97 -20.97 -6.06
N LEU E 144 -58.12 -21.18 -5.41
CA LEU E 144 -59.41 -21.20 -6.08
C LEU E 144 -59.95 -19.81 -6.27
N ASN E 145 -60.72 -19.62 -7.32
CA ASN E 145 -61.46 -18.39 -7.53
C ASN E 145 -62.85 -18.47 -6.86
N ALA E 146 -63.69 -17.47 -7.11
CA ALA E 146 -65.03 -17.38 -6.52
C ALA E 146 -65.94 -18.54 -6.97
N GLN E 147 -65.64 -19.11 -8.13
CA GLN E 147 -66.40 -20.23 -8.69
C GLN E 147 -65.87 -21.59 -8.25
N ARG E 148 -64.92 -21.58 -7.31
CA ARG E 148 -64.30 -22.80 -6.76
C ARG E 148 -63.48 -23.61 -7.77
N LEU E 149 -62.92 -22.90 -8.76
CA LEU E 149 -61.99 -23.48 -9.71
C LEU E 149 -60.64 -22.82 -9.50
N PRO E 150 -59.56 -23.56 -9.78
CA PRO E 150 -58.21 -22.98 -9.77
C PRO E 150 -58.16 -21.69 -10.57
N ASP E 151 -57.65 -20.63 -9.93
CA ASP E 151 -57.72 -19.28 -10.45
C ASP E 151 -56.68 -19.06 -11.54
N VAL E 152 -57.01 -19.50 -12.76
CA VAL E 152 -56.10 -19.40 -13.90
C VAL E 152 -55.79 -17.96 -14.31
N ASP E 153 -56.71 -17.04 -14.06
CA ASP E 153 -56.44 -15.61 -14.37
C ASP E 153 -55.41 -14.97 -13.44
N LEU E 154 -55.22 -15.57 -12.27
CA LEU E 154 -54.20 -15.14 -11.31
C LEU E 154 -52.79 -15.62 -11.70
N LEU E 155 -52.72 -16.56 -12.62
CA LEU E 155 -51.50 -17.28 -12.94
C LEU E 155 -50.33 -16.41 -13.38
N PRO E 156 -50.58 -15.42 -14.28
CA PRO E 156 -49.50 -14.50 -14.62
C PRO E 156 -48.84 -13.83 -13.42
N GLU E 157 -49.60 -13.54 -12.37
CA GLU E 157 -49.07 -12.91 -11.17
C GLU E 157 -48.27 -13.88 -10.29
N LEU E 158 -48.62 -15.15 -10.30
CA LEU E 158 -47.90 -16.17 -9.54
C LEU E 158 -46.62 -16.61 -10.26
N ILE E 159 -46.61 -16.55 -11.59
CA ILE E 159 -45.42 -16.90 -12.38
C ILE E 159 -44.31 -15.88 -12.22
N THR E 160 -43.13 -16.37 -11.87
CA THR E 160 -41.91 -15.55 -11.77
C THR E 160 -40.86 -16.18 -12.68
N PRO E 161 -39.68 -15.55 -12.79
CA PRO E 161 -38.63 -16.14 -13.62
C PRO E 161 -38.13 -17.50 -13.12
N ARG E 162 -38.49 -17.88 -11.90
CA ARG E 162 -38.05 -19.12 -11.30
C ARG E 162 -39.09 -20.25 -11.38
N SER E 163 -40.22 -19.94 -12.02
CA SER E 163 -41.27 -20.93 -12.18
C SER E 163 -40.87 -21.91 -13.27
N ARG E 164 -41.07 -23.19 -13.01
CA ARG E 164 -40.64 -24.26 -13.90
C ARG E 164 -41.73 -25.26 -14.23
N ILE E 165 -42.55 -25.61 -13.24
CA ILE E 165 -43.57 -26.64 -13.40
C ILE E 165 -44.93 -26.17 -12.94
N LEU E 166 -45.96 -26.55 -13.71
CA LEU E 166 -47.35 -26.33 -13.36
C LEU E 166 -48.06 -27.68 -13.20
N ALA E 167 -48.40 -28.04 -11.96
CA ALA E 167 -49.19 -29.25 -11.68
C ALA E 167 -50.65 -28.82 -11.55
N LEU E 168 -51.49 -29.36 -12.43
CA LEU E 168 -52.89 -28.92 -12.51
C LEU E 168 -53.80 -30.10 -12.89
N GLY E 169 -54.93 -30.22 -12.21
CA GLY E 169 -55.89 -31.28 -12.54
C GLY E 169 -56.86 -30.85 -13.64
N GLN E 170 -57.17 -31.78 -14.54
CA GLN E 170 -58.19 -31.54 -15.57
C GLN E 170 -59.58 -31.48 -14.94
N MET E 171 -59.81 -32.31 -13.94
CA MET E 171 -61.11 -32.42 -13.29
C MET E 171 -60.92 -32.87 -11.85
N SER E 172 -61.49 -32.11 -10.92
CA SER E 172 -61.42 -32.46 -9.50
C SER E 172 -62.27 -33.68 -9.20
N ASN E 173 -61.77 -34.53 -8.30
CA ASN E 173 -62.53 -35.72 -7.87
C ASN E 173 -63.53 -35.40 -6.76
N VAL E 174 -63.56 -34.15 -6.32
CA VAL E 174 -64.46 -33.70 -5.28
C VAL E 174 -65.57 -32.87 -5.89
N THR E 175 -65.21 -31.77 -6.53
CA THR E 175 -66.19 -30.84 -7.10
C THR E 175 -66.63 -31.22 -8.51
N GLY E 176 -65.86 -32.07 -9.18
CA GLY E 176 -66.10 -32.37 -10.58
C GLY E 176 -65.81 -31.19 -11.51
N GLY E 177 -65.12 -30.18 -10.98
CA GLY E 177 -64.91 -28.94 -11.71
C GLY E 177 -63.66 -28.99 -12.57
N CYS E 178 -63.78 -28.47 -13.80
CA CYS E 178 -62.67 -28.39 -14.75
C CYS E 178 -62.23 -26.92 -14.92
N PRO E 179 -60.97 -26.58 -14.58
CA PRO E 179 -60.48 -25.24 -14.85
C PRO E 179 -60.22 -24.94 -16.34
N ASP E 180 -59.98 -23.67 -16.68
CA ASP E 180 -59.70 -23.28 -18.08
C ASP E 180 -58.29 -23.72 -18.48
N LEU E 181 -58.18 -24.99 -18.84
CA LEU E 181 -56.89 -25.62 -19.07
C LEU E 181 -56.16 -25.02 -20.28
N ALA E 182 -56.89 -24.72 -21.34
CA ALA E 182 -56.27 -24.18 -22.53
C ALA E 182 -55.55 -22.88 -22.23
N ARG E 183 -56.20 -21.99 -21.49
CA ARG E 183 -55.60 -20.70 -21.15
C ARG E 183 -54.40 -20.89 -20.23
N ALA E 184 -54.58 -21.74 -19.21
CA ALA E 184 -53.52 -22.04 -18.26
C ALA E 184 -52.23 -22.43 -19.00
N ILE E 185 -52.37 -23.33 -19.96
CA ILE E 185 -51.21 -23.85 -20.70
C ILE E 185 -50.52 -22.74 -21.51
N THR E 186 -51.31 -21.86 -22.12
CA THR E 186 -50.75 -20.73 -22.82
C THR E 186 -49.84 -19.87 -21.93
N PHE E 187 -50.29 -19.63 -20.70
CA PHE E 187 -49.53 -18.80 -19.77
C PHE E 187 -48.27 -19.52 -19.34
N ALA E 188 -48.40 -20.81 -19.04
CA ALA E 188 -47.26 -21.62 -18.62
C ALA E 188 -46.18 -21.66 -19.69
N HIS E 189 -46.60 -21.85 -20.94
CA HIS E 189 -45.68 -22.03 -22.04
C HIS E 189 -44.98 -20.77 -22.40
N SER E 190 -45.65 -19.63 -22.21
CA SER E 190 -45.02 -18.33 -22.37
C SER E 190 -43.86 -18.16 -21.40
N ALA E 191 -44.02 -18.72 -20.20
CA ALA E 191 -42.97 -18.64 -19.17
C ALA E 191 -41.97 -19.79 -19.25
N GLY E 192 -42.05 -20.58 -20.32
CA GLY E 192 -41.17 -21.71 -20.49
C GLY E 192 -41.33 -22.81 -19.46
N MET E 193 -42.54 -22.95 -18.92
CA MET E 193 -42.81 -23.99 -17.95
C MET E 193 -43.35 -25.24 -18.64
N VAL E 194 -43.33 -26.37 -17.92
CA VAL E 194 -43.97 -27.60 -18.40
C VAL E 194 -45.15 -27.94 -17.54
N VAL E 195 -46.20 -28.46 -18.16
CA VAL E 195 -47.45 -28.68 -17.46
C VAL E 195 -47.75 -30.16 -17.27
N MET E 196 -48.00 -30.54 -16.01
CA MET E 196 -48.44 -31.91 -15.67
C MET E 196 -49.92 -31.87 -15.43
N VAL E 197 -50.68 -32.54 -16.29
CA VAL E 197 -52.13 -32.60 -16.15
C VAL E 197 -52.59 -33.95 -15.61
N ASP E 198 -53.26 -33.93 -14.46
CA ASP E 198 -53.83 -35.12 -13.88
C ASP E 198 -55.19 -35.32 -14.50
N GLY E 199 -55.33 -36.38 -15.28
CA GLY E 199 -56.57 -36.65 -16.02
C GLY E 199 -57.30 -37.89 -15.54
N ALA E 200 -57.08 -38.28 -14.30
CA ALA E 200 -57.69 -39.51 -13.77
C ALA E 200 -59.18 -39.50 -13.96
N GLN E 201 -59.79 -38.35 -13.68
CA GLN E 201 -61.24 -38.18 -13.82
C GLN E 201 -61.58 -37.70 -15.20
N GLY E 202 -60.81 -36.73 -15.67
CA GLY E 202 -61.05 -36.10 -16.98
C GLY E 202 -61.07 -37.07 -18.14
N ALA E 203 -60.21 -38.09 -18.10
CA ALA E 203 -60.15 -39.11 -19.17
C ALA E 203 -61.45 -39.85 -19.32
N VAL E 204 -62.15 -40.03 -18.18
CA VAL E 204 -63.38 -40.78 -18.11
C VAL E 204 -64.57 -39.97 -18.66
N HIS E 205 -64.57 -38.66 -18.43
CA HIS E 205 -65.73 -37.80 -18.73
C HIS E 205 -65.55 -36.86 -19.90
N PHE E 206 -64.37 -36.27 -20.01
CA PHE E 206 -64.06 -35.32 -21.08
C PHE E 206 -62.64 -35.58 -21.57
N PRO E 207 -62.42 -36.68 -22.29
CA PRO E 207 -61.04 -37.06 -22.61
C PRO E 207 -60.33 -35.95 -23.38
N ALA E 208 -59.16 -35.56 -22.92
CA ALA E 208 -58.50 -34.37 -23.42
C ALA E 208 -57.82 -34.60 -24.77
N ASP E 209 -58.02 -33.67 -25.69
CA ASP E 209 -57.30 -33.64 -26.96
C ASP E 209 -55.92 -33.02 -26.73
N VAL E 210 -54.91 -33.88 -26.62
CA VAL E 210 -53.57 -33.44 -26.17
C VAL E 210 -52.86 -32.52 -27.18
N GLN E 211 -53.15 -32.68 -28.46
CA GLN E 211 -52.54 -31.83 -29.49
C GLN E 211 -53.16 -30.46 -29.51
N GLN E 212 -54.49 -30.43 -29.52
N GLN E 212 -54.49 -30.43 -29.52
CA GLN E 212 -55.24 -29.19 -29.54
CA GLN E 212 -55.26 -29.19 -29.56
C GLN E 212 -54.94 -28.37 -28.30
C GLN E 212 -54.95 -28.37 -28.30
N LEU E 213 -54.99 -29.01 -27.13
CA LEU E 213 -54.64 -28.35 -25.87
C LEU E 213 -53.14 -28.09 -25.70
N ASP E 214 -52.30 -28.82 -26.44
CA ASP E 214 -50.85 -28.69 -26.32
C ASP E 214 -50.31 -29.15 -24.95
N ILE E 215 -50.90 -30.20 -24.40
CA ILE E 215 -50.52 -30.74 -23.12
C ILE E 215 -49.13 -31.36 -23.19
N ASP E 216 -48.31 -31.06 -22.19
CA ASP E 216 -46.98 -31.64 -22.09
C ASP E 216 -47.01 -33.08 -21.57
N PHE E 217 -47.66 -33.26 -20.41
CA PHE E 217 -47.82 -34.56 -19.80
C PHE E 217 -49.28 -34.76 -19.39
N TYR E 218 -49.75 -35.99 -19.51
CA TYR E 218 -51.12 -36.35 -19.18
C TYR E 218 -51.19 -37.73 -18.60
N ALA E 219 -51.88 -37.88 -17.47
CA ALA E 219 -51.94 -39.18 -16.78
C ALA E 219 -53.38 -39.61 -16.48
N PHE E 220 -53.66 -40.90 -16.58
CA PHE E 220 -54.92 -41.45 -16.05
C PHE E 220 -54.82 -42.93 -15.67
N SER E 221 -55.87 -43.45 -15.04
CA SER E 221 -55.89 -44.81 -14.51
C SER E 221 -56.92 -45.66 -15.22
N GLY E 222 -56.55 -46.91 -15.49
CA GLY E 222 -57.42 -47.82 -16.23
C GLY E 222 -58.70 -48.19 -15.50
N HIS E 223 -58.64 -48.29 -14.18
CA HIS E 223 -59.80 -48.79 -13.40
C HIS E 223 -60.93 -47.83 -13.33
N LYS E 224 -60.64 -46.54 -13.46
CA LYS E 224 -61.68 -45.53 -13.56
C LYS E 224 -62.27 -45.53 -14.93
N LEU E 225 -61.53 -46.05 -15.90
CA LEU E 225 -61.97 -46.05 -17.29
C LEU E 225 -62.59 -47.38 -17.70
N TYR E 226 -63.38 -47.95 -16.79
CA TYR E 226 -64.08 -49.22 -17.00
C TYR E 226 -63.15 -50.40 -17.29
N GLY E 227 -61.94 -50.33 -16.76
CA GLY E 227 -60.88 -51.25 -17.12
C GLY E 227 -60.25 -51.91 -15.92
N PRO E 228 -59.17 -52.66 -16.14
CA PRO E 228 -58.52 -53.40 -15.06
C PRO E 228 -57.79 -52.53 -14.05
N THR E 229 -57.54 -53.11 -12.88
CA THR E 229 -56.72 -52.49 -11.87
C THR E 229 -55.25 -52.73 -12.20
N GLY E 230 -54.37 -51.96 -11.56
CA GLY E 230 -52.94 -52.13 -11.73
C GLY E 230 -52.38 -51.69 -13.08
N ILE E 231 -53.11 -50.83 -13.78
CA ILE E 231 -52.64 -50.32 -15.06
C ILE E 231 -53.03 -48.86 -15.27
N GLY E 232 -52.07 -48.09 -15.72
CA GLY E 232 -52.26 -46.67 -15.95
C GLY E 232 -51.44 -46.19 -17.12
N VAL E 233 -51.65 -44.93 -17.50
CA VAL E 233 -50.99 -44.37 -18.66
C VAL E 233 -50.26 -43.08 -18.31
N LEU E 234 -49.13 -42.87 -18.94
CA LEU E 234 -48.52 -41.56 -19.00
C LEU E 234 -48.34 -41.18 -20.45
N TYR E 235 -49.02 -40.13 -20.89
CA TYR E 235 -48.73 -39.55 -22.19
C TYR E 235 -47.68 -38.46 -22.01
N GLY E 236 -46.73 -38.40 -22.93
CA GLY E 236 -45.81 -37.28 -23.00
C GLY E 236 -45.44 -36.93 -24.43
N LYS E 237 -45.17 -35.65 -24.69
CA LYS E 237 -44.57 -35.23 -25.95
C LYS E 237 -43.26 -35.97 -26.12
N SER E 238 -42.95 -36.38 -27.34
CA SER E 238 -41.80 -37.26 -27.57
C SER E 238 -40.49 -36.61 -27.13
N GLU E 239 -40.34 -35.31 -27.36
CA GLU E 239 -39.14 -34.59 -26.94
C GLU E 239 -38.94 -34.69 -25.45
N LEU E 240 -40.04 -34.64 -24.71
CA LEU E 240 -40.00 -34.68 -23.26
C LEU E 240 -39.72 -36.07 -22.74
N LEU E 241 -40.30 -37.08 -23.38
CA LEU E 241 -40.02 -38.47 -23.03
C LEU E 241 -38.55 -38.78 -23.29
N GLU E 242 -38.01 -38.22 -24.38
CA GLU E 242 -36.60 -38.39 -24.69
C GLU E 242 -35.69 -37.69 -23.70
N ALA E 243 -36.13 -36.53 -23.21
CA ALA E 243 -35.39 -35.79 -22.22
C ALA E 243 -35.40 -36.45 -20.82
N MET E 244 -36.38 -37.28 -20.54
CA MET E 244 -36.51 -37.91 -19.22
C MET E 244 -35.39 -38.92 -18.96
N SER E 245 -35.01 -39.02 -17.70
CA SER E 245 -34.09 -40.04 -17.22
C SER E 245 -34.81 -41.37 -17.15
N PRO E 246 -34.05 -42.47 -17.05
CA PRO E 246 -34.72 -43.75 -16.88
C PRO E 246 -35.44 -43.80 -15.55
N TRP E 247 -36.51 -44.57 -15.49
CA TRP E 247 -37.32 -44.66 -14.30
C TRP E 247 -36.80 -45.80 -13.45
N LEU E 248 -37.39 -46.99 -13.56
CA LEU E 248 -36.87 -48.15 -12.87
C LEU E 248 -35.78 -48.78 -13.73
N GLY E 249 -34.82 -49.42 -13.09
CA GLY E 249 -33.75 -50.14 -13.80
C GLY E 249 -34.01 -51.64 -13.85
N GLY E 250 -33.73 -52.26 -14.99
CA GLY E 250 -33.88 -53.70 -15.15
C GLY E 250 -33.97 -54.17 -16.58
N GLY E 251 -34.63 -55.29 -16.78
CA GLY E 251 -34.81 -55.84 -18.10
C GLY E 251 -35.69 -54.98 -18.98
N LYS E 252 -35.55 -55.15 -20.29
CA LYS E 252 -36.38 -54.50 -21.32
C LYS E 252 -36.04 -53.05 -21.57
N MET E 253 -35.86 -52.28 -20.51
CA MET E 253 -35.45 -50.89 -20.64
C MET E 253 -33.99 -50.74 -21.07
N VAL E 254 -33.19 -51.73 -20.78
CA VAL E 254 -31.77 -51.66 -21.08
C VAL E 254 -31.47 -52.11 -22.51
N HIS E 255 -30.39 -51.60 -23.09
CA HIS E 255 -29.89 -52.01 -24.42
C HIS E 255 -28.70 -52.89 -24.21
N GLU E 256 -27.67 -52.37 -23.56
CA GLU E 256 -26.49 -53.14 -23.23
C GLU E 256 -26.07 -52.91 -21.79
N VAL E 257 -25.67 -53.98 -21.13
CA VAL E 257 -25.32 -53.92 -19.73
C VAL E 257 -24.08 -54.70 -19.36
N SER E 258 -23.19 -54.03 -18.65
CA SER E 258 -21.99 -54.65 -18.11
C SER E 258 -21.78 -54.09 -16.72
N PHE E 259 -20.75 -54.57 -16.03
CA PHE E 259 -20.42 -54.05 -14.70
C PHE E 259 -19.82 -52.66 -14.73
N ASP E 260 -19.45 -52.20 -15.92
CA ASP E 260 -18.91 -50.86 -16.10
C ASP E 260 -20.01 -49.82 -16.37
N GLY E 261 -21.20 -50.28 -16.73
CA GLY E 261 -22.33 -49.37 -16.97
C GLY E 261 -23.39 -49.94 -17.88
N PHE E 262 -24.33 -49.11 -18.31
CA PHE E 262 -25.37 -49.56 -19.21
C PHE E 262 -25.93 -48.45 -20.09
N THR E 263 -26.49 -48.85 -21.23
CA THR E 263 -27.22 -47.95 -22.12
C THR E 263 -28.68 -48.40 -22.16
N THR E 264 -29.57 -47.48 -22.48
CA THR E 264 -31.01 -47.77 -22.48
C THR E 264 -31.64 -47.72 -23.88
N GLN E 265 -32.84 -48.27 -23.99
CA GLN E 265 -33.65 -48.15 -25.18
C GLN E 265 -34.15 -46.71 -25.27
N SER E 266 -34.89 -46.40 -26.34
CA SER E 266 -35.62 -45.16 -26.44
C SER E 266 -36.94 -45.26 -25.71
N ALA E 267 -37.61 -44.13 -25.52
CA ALA E 267 -38.97 -44.16 -25.01
C ALA E 267 -39.92 -44.77 -26.07
N PRO E 268 -41.01 -45.40 -25.63
CA PRO E 268 -41.43 -45.54 -24.24
C PRO E 268 -40.73 -46.67 -23.45
N TRP E 269 -39.99 -47.54 -24.14
CA TRP E 269 -39.42 -48.72 -23.48
C TRP E 269 -38.38 -48.35 -22.44
N LYS E 270 -37.72 -47.22 -22.62
CA LYS E 270 -36.80 -46.66 -21.64
C LYS E 270 -37.44 -46.56 -20.26
N LEU E 271 -38.72 -46.28 -20.23
CA LEU E 271 -39.44 -46.01 -18.98
C LEU E 271 -40.26 -47.19 -18.48
N GLU E 272 -40.10 -48.35 -19.10
CA GLU E 272 -40.90 -49.54 -18.78
C GLU E 272 -40.01 -50.76 -18.44
N ALA E 273 -39.46 -50.78 -17.23
CA ALA E 273 -38.63 -51.87 -16.82
C ALA E 273 -39.44 -53.10 -16.44
N GLY E 274 -38.88 -54.28 -16.67
CA GLY E 274 -39.44 -55.51 -16.13
C GLY E 274 -40.58 -56.06 -16.95
N THR E 275 -41.09 -57.22 -16.54
CA THR E 275 -42.23 -57.81 -17.21
C THR E 275 -43.43 -56.91 -17.04
N PRO E 276 -44.08 -56.54 -18.15
CA PRO E 276 -45.20 -55.62 -18.03
C PRO E 276 -46.45 -56.32 -17.50
N ASN E 277 -47.38 -55.54 -16.94
CA ASN E 277 -48.67 -56.08 -16.54
C ASN E 277 -49.50 -56.34 -17.79
N VAL E 278 -49.23 -57.46 -18.45
CA VAL E 278 -49.83 -57.77 -19.74
C VAL E 278 -51.34 -57.90 -19.62
N ALA E 279 -51.81 -58.47 -18.51
CA ALA E 279 -53.23 -58.56 -18.25
C ALA E 279 -53.89 -57.20 -18.28
N GLY E 280 -53.27 -56.23 -17.61
CA GLY E 280 -53.79 -54.87 -17.53
C GLY E 280 -53.87 -54.22 -18.89
N VAL E 281 -52.80 -54.34 -19.67
CA VAL E 281 -52.74 -53.72 -21.01
C VAL E 281 -53.81 -54.30 -21.93
N ILE E 282 -53.90 -55.62 -21.97
CA ILE E 282 -54.89 -56.31 -22.80
C ILE E 282 -56.31 -55.93 -22.37
N GLY E 283 -56.56 -55.95 -21.06
CA GLY E 283 -57.88 -55.60 -20.53
C GLY E 283 -58.25 -54.16 -20.77
N LEU E 284 -57.28 -53.26 -20.66
CA LEU E 284 -57.50 -51.84 -20.94
C LEU E 284 -57.79 -51.63 -22.41
N SER E 285 -57.10 -52.39 -23.25
CA SER E 285 -57.35 -52.36 -24.69
C SER E 285 -58.78 -52.79 -24.98
N ALA E 286 -59.23 -53.85 -24.31
CA ALA E 286 -60.58 -54.33 -24.46
C ALA E 286 -61.58 -53.24 -24.06
N ALA E 287 -61.29 -52.55 -22.96
CA ALA E 287 -62.13 -51.45 -22.49
C ALA E 287 -62.20 -50.32 -23.51
N LEU E 288 -61.06 -49.94 -24.06
CA LEU E 288 -60.99 -48.83 -25.02
C LEU E 288 -61.70 -49.17 -26.33
N GLU E 289 -61.44 -50.37 -26.86
CA GLU E 289 -62.11 -50.80 -28.09
C GLU E 289 -63.64 -50.75 -27.92
N TRP E 290 -64.10 -51.23 -26.77
CA TRP E 290 -65.51 -51.23 -26.43
C TRP E 290 -66.06 -49.84 -26.23
N LEU E 291 -65.34 -49.00 -25.49
CA LEU E 291 -65.74 -47.61 -25.24
C LEU E 291 -65.86 -46.78 -26.51
N ALA E 292 -65.01 -47.08 -27.48
CA ALA E 292 -65.01 -46.40 -28.77
C ALA E 292 -66.36 -46.44 -29.53
N ASP E 293 -67.24 -47.37 -29.16
CA ASP E 293 -68.55 -47.49 -29.79
C ASP E 293 -69.57 -46.41 -29.39
N TYR E 294 -69.33 -45.75 -28.27
CA TYR E 294 -70.29 -44.78 -27.73
C TYR E 294 -69.78 -43.35 -27.85
N ASP E 295 -70.69 -42.41 -28.11
CA ASP E 295 -70.35 -40.99 -28.09
C ASP E 295 -70.26 -40.55 -26.63
N ILE E 296 -69.05 -40.31 -26.17
CA ILE E 296 -68.79 -39.94 -24.78
C ILE E 296 -69.53 -38.64 -24.39
N ASN E 297 -69.67 -37.73 -25.35
CA ASN E 297 -70.35 -36.48 -25.08
C ASN E 297 -71.81 -36.72 -24.68
N GLN E 298 -72.47 -37.63 -25.39
CA GLN E 298 -73.85 -37.99 -25.08
C GLN E 298 -73.93 -38.79 -23.78
N ALA E 299 -72.98 -39.69 -23.59
CA ALA E 299 -72.95 -40.52 -22.39
C ALA E 299 -72.70 -39.67 -21.16
N GLU E 300 -71.87 -38.63 -21.30
CA GLU E 300 -71.58 -37.76 -20.18
C GLU E 300 -72.77 -36.83 -19.87
N SER E 301 -73.42 -36.32 -20.91
CA SER E 301 -74.64 -35.57 -20.73
C SER E 301 -75.66 -36.34 -19.90
N TRP E 302 -75.85 -37.61 -20.22
CA TRP E 302 -76.75 -38.46 -19.47
C TRP E 302 -76.36 -38.50 -18.03
N SER E 303 -75.09 -38.80 -17.77
CA SER E 303 -74.57 -38.88 -16.41
C SER E 303 -74.82 -37.60 -15.62
N ARG E 304 -74.64 -36.46 -16.29
CA ARG E 304 -74.86 -35.17 -15.67
C ARG E 304 -76.34 -34.88 -15.39
N SER E 305 -77.22 -35.27 -16.31
CA SER E 305 -78.67 -35.15 -16.10
C SER E 305 -79.13 -35.77 -14.81
N LEU E 306 -78.62 -36.96 -14.52
CA LEU E 306 -78.99 -37.68 -13.30
C LEU E 306 -78.44 -36.95 -12.06
N ALA E 307 -77.23 -36.43 -12.17
CA ALA E 307 -76.61 -35.69 -11.06
C ALA E 307 -77.40 -34.44 -10.74
N THR E 308 -77.93 -33.80 -11.77
CA THR E 308 -78.72 -32.61 -11.59
C THR E 308 -80.04 -32.90 -10.88
N LEU E 309 -80.71 -33.97 -11.28
CA LEU E 309 -81.95 -34.39 -10.64
C LEU E 309 -81.70 -34.71 -9.17
N ALA E 310 -80.60 -35.40 -8.90
CA ALA E 310 -80.23 -35.75 -7.54
C ALA E 310 -80.04 -34.51 -6.68
N GLU E 311 -79.31 -33.53 -7.21
CA GLU E 311 -78.99 -32.31 -6.46
C GLU E 311 -80.23 -31.49 -6.16
N ASP E 312 -81.07 -31.28 -7.17
CA ASP E 312 -82.28 -30.48 -7.00
C ASP E 312 -83.25 -31.11 -6.00
N ALA E 313 -83.34 -32.43 -6.04
CA ALA E 313 -84.20 -33.18 -5.11
C ALA E 313 -83.69 -33.07 -3.67
N LEU E 314 -82.40 -33.31 -3.48
CA LEU E 314 -81.81 -33.26 -2.14
C LEU E 314 -81.76 -31.84 -1.59
N ALA E 315 -81.68 -30.87 -2.49
CA ALA E 315 -81.69 -29.46 -2.09
C ALA E 315 -83.00 -29.02 -1.38
N LYS E 316 -84.09 -29.75 -1.61
CA LYS E 316 -85.34 -29.47 -0.93
C LYS E 316 -85.29 -29.81 0.56
N ARG E 317 -84.37 -30.69 0.95
CA ARG E 317 -84.17 -31.04 2.35
C ARG E 317 -83.34 -29.93 3.01
N PRO E 318 -83.76 -29.45 4.19
CA PRO E 318 -83.02 -28.35 4.79
C PRO E 318 -81.69 -28.79 5.40
N GLY E 319 -80.72 -27.88 5.42
CA GLY E 319 -79.37 -28.19 5.89
C GLY E 319 -78.45 -28.80 4.83
N PHE E 320 -78.95 -28.87 3.60
CA PHE E 320 -78.22 -29.46 2.50
C PHE E 320 -77.23 -28.48 1.91
N ARG E 321 -76.07 -28.99 1.54
CA ARG E 321 -75.05 -28.21 0.86
C ARG E 321 -74.34 -29.05 -0.20
N SER E 322 -74.20 -28.46 -1.39
CA SER E 322 -73.50 -29.11 -2.50
C SER E 322 -72.20 -28.36 -2.82
N PHE E 323 -71.18 -29.11 -3.19
CA PHE E 323 -69.89 -28.54 -3.62
C PHE E 323 -69.66 -28.74 -5.12
N ARG E 324 -70.70 -29.10 -5.83
CA ARG E 324 -70.61 -29.50 -7.22
C ARG E 324 -70.48 -28.31 -8.17
N CYS E 325 -69.55 -28.40 -9.12
CA CYS E 325 -69.29 -27.35 -10.11
C CYS E 325 -69.73 -27.76 -11.52
N GLN E 326 -70.07 -26.77 -12.33
CA GLN E 326 -70.29 -26.95 -13.76
C GLN E 326 -71.24 -28.08 -14.08
N ASP E 327 -72.24 -28.28 -13.22
CA ASP E 327 -73.22 -29.35 -13.36
C ASP E 327 -72.58 -30.69 -13.68
N SER E 328 -71.53 -31.05 -12.95
CA SER E 328 -70.80 -32.28 -13.25
C SER E 328 -71.55 -33.55 -12.82
N SER E 329 -71.03 -34.70 -13.25
CA SER E 329 -71.57 -35.98 -12.88
C SER E 329 -71.13 -36.41 -11.48
N LEU E 330 -70.19 -35.69 -10.89
CA LEU E 330 -69.78 -35.90 -9.51
C LEU E 330 -70.54 -34.97 -8.58
N LEU E 331 -71.13 -35.53 -7.53
CA LEU E 331 -71.90 -34.74 -6.58
C LEU E 331 -71.37 -34.92 -5.17
N ALA E 332 -70.54 -33.99 -4.72
CA ALA E 332 -70.10 -33.97 -3.34
C ALA E 332 -71.07 -33.14 -2.52
N PHE E 333 -71.40 -33.61 -1.33
CA PHE E 333 -72.37 -32.91 -0.50
C PHE E 333 -72.31 -33.31 0.97
N ASP E 334 -73.05 -32.57 1.79
CA ASP E 334 -73.23 -32.91 3.20
C ASP E 334 -74.50 -32.31 3.78
N PHE E 335 -74.80 -32.66 5.03
CA PHE E 335 -75.97 -32.16 5.73
C PHE E 335 -75.58 -31.60 7.10
N ALA E 336 -76.05 -30.40 7.40
CA ALA E 336 -75.73 -29.72 8.65
C ALA E 336 -76.03 -30.58 9.87
N GLY E 337 -75.01 -30.75 10.72
CA GLY E 337 -75.15 -31.50 11.97
C GLY E 337 -75.08 -33.01 11.84
N VAL E 338 -74.84 -33.51 10.63
CA VAL E 338 -74.85 -34.94 10.37
C VAL E 338 -73.48 -35.36 9.89
N HIS E 339 -72.88 -36.33 10.59
CA HIS E 339 -71.56 -36.80 10.22
C HIS E 339 -71.61 -37.73 9.04
N HIS E 340 -70.68 -37.52 8.10
CA HIS E 340 -70.71 -38.22 6.81
C HIS E 340 -70.48 -39.71 6.92
N SER E 341 -69.64 -40.12 7.87
CA SER E 341 -69.42 -41.53 8.14
C SER E 341 -70.70 -42.27 8.55
N ASP E 342 -71.52 -41.64 9.38
CA ASP E 342 -72.81 -42.23 9.80
C ASP E 342 -73.73 -42.44 8.61
N MET E 343 -73.81 -41.42 7.77
CA MET E 343 -74.65 -41.48 6.61
C MET E 343 -74.27 -42.59 5.63
N VAL E 344 -72.98 -42.75 5.39
CA VAL E 344 -72.51 -43.74 4.42
C VAL E 344 -72.84 -45.14 4.90
N THR E 345 -72.71 -45.38 6.20
CA THR E 345 -73.03 -46.69 6.77
C THR E 345 -74.48 -47.04 6.54
N LEU E 346 -75.37 -46.10 6.85
CA LEU E 346 -76.80 -46.34 6.72
C LEU E 346 -77.25 -46.43 5.25
N LEU E 347 -76.72 -45.58 4.38
CA LEU E 347 -77.03 -45.64 2.94
C LEU E 347 -76.63 -46.98 2.33
N ALA E 348 -75.50 -47.51 2.78
CA ALA E 348 -75.06 -48.85 2.41
C ALA E 348 -76.15 -49.88 2.76
N GLU E 349 -76.63 -49.82 4.00
CA GLU E 349 -77.66 -50.75 4.50
C GLU E 349 -78.96 -50.65 3.69
N TYR E 350 -79.26 -49.48 3.14
CA TYR E 350 -80.45 -49.29 2.29
C TYR E 350 -80.18 -49.67 0.82
N GLY E 351 -78.96 -50.13 0.52
CA GLY E 351 -78.64 -50.65 -0.80
C GLY E 351 -78.04 -49.63 -1.74
N ILE E 352 -77.53 -48.53 -1.17
CA ILE E 352 -76.92 -47.46 -1.95
C ILE E 352 -75.43 -47.44 -1.61
N ALA E 353 -74.60 -47.63 -2.62
CA ALA E 353 -73.17 -47.72 -2.45
C ALA E 353 -72.53 -46.43 -2.86
N LEU E 354 -71.98 -45.70 -1.90
CA LEU E 354 -71.26 -44.47 -2.20
C LEU E 354 -70.05 -44.33 -1.26
N ARG E 355 -69.38 -43.19 -1.33
CA ARG E 355 -68.15 -43.00 -0.58
C ARG E 355 -68.20 -41.73 0.28
N ALA E 356 -67.60 -41.83 1.46
CA ALA E 356 -67.40 -40.68 2.35
C ALA E 356 -65.90 -40.57 2.67
N GLY E 357 -65.50 -39.48 3.32
CA GLY E 357 -64.09 -39.26 3.70
C GLY E 357 -63.49 -38.02 3.07
N GLN E 358 -62.16 -38.02 2.94
CA GLN E 358 -61.41 -36.85 2.48
C GLN E 358 -61.07 -36.88 0.99
N HIS E 359 -61.20 -38.05 0.36
CA HIS E 359 -61.07 -38.20 -1.08
C HIS E 359 -59.70 -37.80 -1.56
N CSS E 360 -58.70 -38.12 -0.73
CA CSS E 360 -57.29 -37.81 -1.02
CB CSS E 360 -56.71 -38.79 -2.04
SG CSS E 360 -56.57 -40.45 -1.42
SD CSS E 360 -55.44 -40.14 0.31
C CSS E 360 -57.20 -36.40 -1.51
O CSS E 360 -56.55 -36.13 -2.52
N ALA E 361 -57.86 -35.48 -0.78
CA ALA E 361 -57.88 -34.06 -1.14
C ALA E 361 -57.98 -33.15 0.07
N GLN E 362 -57.02 -33.27 0.98
CA GLN E 362 -57.05 -32.52 2.23
C GLN E 362 -57.01 -31.00 2.07
N PRO E 363 -56.07 -30.47 1.27
CA PRO E 363 -55.98 -29.02 1.11
C PRO E 363 -57.25 -28.39 0.56
N LEU E 364 -57.89 -29.06 -0.39
CA LEU E 364 -59.14 -28.58 -0.96
C LEU E 364 -60.23 -28.48 0.11
N LEU E 365 -60.42 -29.54 0.89
CA LEU E 365 -61.45 -29.55 1.92
C LEU E 365 -61.17 -28.54 3.02
N ALA E 366 -59.90 -28.31 3.34
CA ALA E 366 -59.52 -27.26 4.29
C ALA E 366 -59.91 -25.89 3.75
N GLU E 367 -59.70 -25.71 2.45
CA GLU E 367 -60.10 -24.46 1.79
C GLU E 367 -61.58 -24.31 1.84
N LEU E 368 -62.28 -25.42 1.62
CA LEU E 368 -63.73 -25.41 1.65
C LEU E 368 -64.27 -25.35 3.09
N GLY E 369 -63.40 -25.52 4.07
CA GLY E 369 -63.78 -25.41 5.48
C GLY E 369 -64.52 -26.63 6.00
N VAL E 370 -64.23 -27.81 5.43
CA VAL E 370 -64.79 -29.06 5.91
C VAL E 370 -63.70 -30.12 6.06
N THR E 371 -63.96 -31.12 6.89
CA THR E 371 -62.99 -32.19 7.16
C THR E 371 -63.29 -33.43 6.35
N GLY E 372 -64.49 -33.49 5.78
CA GLY E 372 -64.85 -34.61 4.92
C GLY E 372 -66.20 -34.40 4.28
N THR E 373 -66.52 -35.27 3.33
CA THR E 373 -67.77 -35.14 2.58
C THR E 373 -68.28 -36.49 2.10
N LEU E 374 -69.58 -36.53 1.81
CA LEU E 374 -70.18 -37.61 1.05
C LEU E 374 -70.00 -37.32 -0.41
N ARG E 375 -69.86 -38.37 -1.22
CA ARG E 375 -69.75 -38.19 -2.66
C ARG E 375 -70.48 -39.25 -3.45
N ALA E 376 -71.44 -38.79 -4.23
CA ALA E 376 -72.19 -39.63 -5.13
C ALA E 376 -71.72 -39.32 -6.54
N SER E 377 -71.28 -40.33 -7.27
CA SER E 377 -70.77 -40.12 -8.63
C SER E 377 -71.53 -40.97 -9.60
N PHE E 378 -72.02 -40.32 -10.65
CA PHE E 378 -72.93 -40.94 -11.62
C PHE E 378 -72.21 -41.34 -12.90
N ALA E 379 -72.45 -42.59 -13.31
CA ALA E 379 -71.89 -43.14 -14.54
C ALA E 379 -73.02 -43.33 -15.54
N PRO E 380 -72.68 -43.58 -16.81
CA PRO E 380 -73.75 -43.81 -17.80
C PRO E 380 -74.55 -45.11 -17.62
N TYR E 381 -74.11 -45.98 -16.72
CA TYR E 381 -74.90 -47.19 -16.40
C TYR E 381 -75.90 -46.95 -15.27
N ASN E 382 -76.04 -45.71 -14.82
CA ASN E 382 -77.05 -45.35 -13.81
C ASN E 382 -78.36 -44.89 -14.46
N THR E 383 -79.42 -44.91 -13.65
CA THR E 383 -80.78 -44.64 -14.13
C THR E 383 -81.45 -43.59 -13.26
N LYS E 384 -82.64 -43.15 -13.65
CA LYS E 384 -83.42 -42.25 -12.81
C LYS E 384 -83.93 -42.95 -11.55
N SER E 385 -84.23 -44.23 -11.64
CA SER E 385 -84.61 -45.05 -10.49
C SER E 385 -83.51 -45.02 -9.41
N ASP E 386 -82.24 -44.97 -9.85
CA ASP E 386 -81.12 -44.83 -8.93
C ASP E 386 -81.19 -43.51 -8.14
N VAL E 387 -81.52 -42.40 -8.82
CA VAL E 387 -81.63 -41.11 -8.17
C VAL E 387 -82.73 -41.11 -7.12
N ASP E 388 -83.90 -41.63 -7.48
CA ASP E 388 -85.01 -41.72 -6.54
C ASP E 388 -84.64 -42.55 -5.32
N ALA E 389 -83.95 -43.67 -5.54
CA ALA E 389 -83.54 -44.57 -4.45
C ALA E 389 -82.58 -43.87 -3.51
N LEU E 390 -81.67 -43.07 -4.07
CA LEU E 390 -80.73 -42.30 -3.27
C LEU E 390 -81.50 -41.32 -2.39
N VAL E 391 -82.39 -40.56 -3.02
CA VAL E 391 -83.13 -39.52 -2.32
C VAL E 391 -83.96 -40.12 -1.21
N ASN E 392 -84.65 -41.22 -1.52
CA ASN E 392 -85.45 -41.93 -0.53
C ASN E 392 -84.60 -42.49 0.62
N ALA E 393 -83.44 -43.05 0.31
CA ALA E 393 -82.54 -43.58 1.34
C ALA E 393 -82.03 -42.49 2.28
N VAL E 394 -81.68 -41.32 1.74
CA VAL E 394 -81.23 -40.20 2.56
C VAL E 394 -82.30 -39.81 3.59
N ASP E 395 -83.55 -39.70 3.14
CA ASP E 395 -84.65 -39.36 4.05
C ASP E 395 -84.71 -40.32 5.22
N ARG E 396 -84.63 -41.61 4.92
CA ARG E 396 -84.71 -42.65 5.94
C ARG E 396 -83.52 -42.53 6.88
N ALA E 397 -82.35 -42.30 6.29
CA ALA E 397 -81.12 -42.11 7.04
C ALA E 397 -81.25 -40.93 8.00
N LEU E 398 -81.67 -39.79 7.47
CA LEU E 398 -81.78 -38.59 8.26
C LEU E 398 -82.71 -38.78 9.45
N GLU E 399 -83.81 -39.49 9.25
CA GLU E 399 -84.79 -39.74 10.31
C GLU E 399 -84.21 -40.58 11.44
N LEU E 400 -83.28 -41.47 11.11
CA LEU E 400 -82.60 -42.28 12.13
C LEU E 400 -81.53 -41.50 12.85
N LEU E 401 -80.86 -40.62 12.12
CA LEU E 401 -79.69 -39.94 12.63
C LEU E 401 -80.00 -38.63 13.36
N VAL E 402 -80.88 -37.81 12.80
CA VAL E 402 -81.17 -36.54 13.44
C VAL E 402 -81.81 -36.79 14.79
N ASP E 403 -81.38 -36.04 15.79
CA ASP E 403 -81.70 -36.32 17.18
C ASP E 403 -82.19 -35.04 17.84
N HIS F 9 -67.39 -41.97 32.59
CA HIS F 9 -68.47 -42.59 31.79
C HIS F 9 -69.11 -43.75 32.51
N PRO F 10 -70.39 -44.04 32.20
CA PRO F 10 -71.14 -45.05 32.98
C PRO F 10 -70.86 -46.49 32.58
N PHE F 11 -70.14 -46.69 31.48
CA PHE F 11 -69.97 -48.03 30.92
C PHE F 11 -69.06 -48.88 31.78
N GLY F 12 -69.51 -50.08 32.09
CA GLY F 12 -68.81 -50.99 33.00
C GLY F 12 -69.27 -50.87 34.44
N THR F 13 -69.66 -49.67 34.86
CA THR F 13 -70.12 -49.43 36.23
C THR F 13 -71.65 -49.46 36.28
N THR F 14 -72.29 -48.40 35.82
CA THR F 14 -73.76 -48.30 35.85
C THR F 14 -74.43 -48.92 34.62
N VAL F 15 -73.73 -48.94 33.49
CA VAL F 15 -74.21 -49.64 32.29
C VAL F 15 -73.38 -50.92 32.11
N THR F 16 -74.02 -52.08 32.33
CA THR F 16 -73.32 -53.37 32.33
C THR F 16 -73.71 -54.25 31.13
N ALA F 17 -73.09 -55.42 31.04
CA ALA F 17 -73.43 -56.40 30.00
C ALA F 17 -74.90 -56.80 30.13
N GLU F 18 -75.37 -56.99 31.36
CA GLU F 18 -76.77 -57.30 31.58
C GLU F 18 -77.70 -56.22 31.05
N THR F 19 -77.42 -54.97 31.42
CA THR F 19 -78.22 -53.80 31.01
C THR F 19 -78.29 -53.69 29.50
N LEU F 20 -77.15 -53.88 28.84
CA LEU F 20 -77.12 -53.87 27.39
C LEU F 20 -77.95 -55.03 26.79
N ARG F 21 -77.86 -56.19 27.43
CA ARG F 21 -78.55 -57.38 26.95
C ARG F 21 -80.05 -57.17 26.96
N ASN F 22 -80.55 -56.56 28.01
CA ASN F 22 -81.99 -56.28 28.12
C ASN F 22 -82.48 -55.43 26.96
N THR F 23 -81.64 -54.48 26.56
CA THR F 23 -82.01 -53.53 25.51
C THR F 23 -81.90 -54.10 24.10
N PHE F 24 -80.87 -54.89 23.84
CA PHE F 24 -80.58 -55.35 22.48
C PHE F 24 -81.13 -56.73 22.13
N ALA F 25 -81.29 -57.57 23.15
CA ALA F 25 -81.78 -58.94 22.96
C ALA F 25 -83.08 -59.05 22.16
N PRO F 26 -84.10 -58.23 22.50
CA PRO F 26 -85.38 -58.37 21.80
C PRO F 26 -85.45 -57.72 20.41
N LEU F 27 -84.34 -57.27 19.86
CA LEU F 27 -84.31 -56.49 18.60
C LEU F 27 -83.92 -57.38 17.43
N THR F 28 -84.78 -57.44 16.42
CA THR F 28 -84.52 -58.28 15.25
C THR F 28 -84.39 -57.45 13.98
N GLN F 29 -84.99 -56.26 13.97
CA GLN F 29 -84.98 -55.35 12.82
C GLN F 29 -83.68 -54.62 12.89
N TRP F 30 -82.89 -54.63 11.81
CA TRP F 30 -81.58 -53.98 11.79
C TRP F 30 -81.64 -52.48 11.98
N GLU F 31 -82.71 -51.87 11.50
CA GLU F 31 -82.91 -50.43 11.66
C GLU F 31 -83.03 -50.02 13.14
N ASP F 32 -83.74 -50.83 13.92
CA ASP F 32 -83.92 -50.56 15.34
C ASP F 32 -82.62 -50.73 16.12
N LYS F 33 -81.79 -51.67 15.69
CA LYS F 33 -80.50 -51.93 16.34
C LYS F 33 -79.57 -50.74 16.22
N TYR F 34 -79.51 -50.15 15.03
CA TYR F 34 -78.70 -48.96 14.80
C TYR F 34 -79.22 -47.78 15.63
N ARG F 35 -80.53 -47.58 15.64
CA ARG F 35 -81.14 -46.52 16.44
C ARG F 35 -80.69 -46.58 17.89
N GLN F 36 -80.64 -47.80 18.42
CA GLN F 36 -80.32 -48.02 19.81
C GLN F 36 -78.81 -47.83 20.07
N LEU F 37 -77.99 -48.15 19.08
CA LEU F 37 -76.55 -47.87 19.15
C LEU F 37 -76.27 -46.37 19.18
N ILE F 38 -76.94 -45.62 18.31
CA ILE F 38 -76.82 -44.16 18.29
C ILE F 38 -77.24 -43.58 19.65
N MET F 39 -78.38 -44.04 20.17
CA MET F 39 -78.86 -43.61 21.48
C MET F 39 -77.90 -43.97 22.62
N LEU F 40 -77.33 -45.17 22.57
CA LEU F 40 -76.31 -45.57 23.55
C LEU F 40 -75.12 -44.61 23.52
N GLY F 41 -74.76 -44.13 22.34
CA GLY F 41 -73.63 -43.21 22.16
C GLY F 41 -73.82 -41.84 22.80
N LYS F 42 -75.07 -41.38 22.92
CA LYS F 42 -75.39 -40.12 23.64
C LYS F 42 -74.92 -40.19 25.10
N GLN F 43 -74.92 -41.37 25.69
CA GLN F 43 -74.47 -41.54 27.08
C GLN F 43 -72.95 -41.41 27.29
N LEU F 44 -72.19 -41.44 26.20
CA LEU F 44 -70.74 -41.18 26.26
C LEU F 44 -70.49 -39.69 26.19
N PRO F 45 -69.91 -39.09 27.26
CA PRO F 45 -69.66 -37.64 27.25
C PRO F 45 -68.64 -37.21 26.20
N ALA F 46 -68.63 -35.92 25.89
CA ALA F 46 -67.85 -35.38 24.74
C ALA F 46 -66.33 -35.53 24.80
N LEU F 47 -65.76 -35.49 25.98
CA LEU F 47 -64.30 -35.60 26.20
C LEU F 47 -63.58 -34.27 25.89
N PRO F 48 -63.03 -33.61 26.93
CA PRO F 48 -62.39 -32.31 26.74
C PRO F 48 -61.03 -32.39 26.04
N ASP F 49 -60.49 -31.23 25.65
CA ASP F 49 -59.20 -31.16 24.95
C ASP F 49 -58.04 -31.72 25.76
N GLU F 50 -58.04 -31.47 27.06
CA GLU F 50 -56.96 -31.91 27.96
C GLU F 50 -56.88 -33.44 28.03
N LEU F 51 -58.03 -34.10 28.07
CA LEU F 51 -58.08 -35.57 28.07
C LEU F 51 -57.80 -36.16 26.68
N LYS F 52 -58.03 -35.37 25.64
CA LYS F 52 -57.67 -35.77 24.27
C LYS F 52 -56.16 -35.78 24.07
N ALA F 53 -55.46 -34.93 24.81
CA ALA F 53 -54.00 -34.86 24.74
C ALA F 53 -53.33 -36.14 25.27
N GLN F 54 -53.93 -36.73 26.30
CA GLN F 54 -53.44 -37.96 26.94
C GLN F 54 -53.89 -39.23 26.20
N ALA F 55 -54.80 -39.10 25.24
CA ALA F 55 -55.26 -40.24 24.43
C ALA F 55 -54.58 -40.29 23.07
N LYS F 56 -54.52 -41.48 22.46
CA LYS F 56 -54.00 -41.61 21.11
C LYS F 56 -55.09 -41.17 20.13
N GLU F 57 -54.69 -40.43 19.10
CA GLU F 57 -55.63 -39.76 18.20
C GLU F 57 -56.35 -40.58 17.13
N ILE F 58 -55.76 -41.70 16.70
CA ILE F 58 -56.30 -42.52 15.58
C ILE F 58 -57.22 -41.78 14.56
N ALA F 59 -56.62 -40.86 13.82
CA ALA F 59 -57.35 -40.23 12.72
C ALA F 59 -57.41 -41.21 11.53
N GLY F 60 -58.63 -41.51 11.08
CA GLY F 60 -58.89 -42.25 9.84
C GLY F 60 -59.29 -41.33 8.70
N CSS F 61 -59.36 -41.90 7.49
CA CSS F 61 -59.87 -41.17 6.32
CB CSS F 61 -59.67 -42.00 5.05
SG CSS F 61 -60.85 -41.64 3.76
SD CSS F 61 -59.80 -40.83 2.19
C CSS F 61 -61.32 -40.87 6.54
O CSS F 61 -61.79 -39.76 6.28
N GLU F 62 -62.04 -41.87 7.03
CA GLU F 62 -63.48 -41.76 7.28
C GLU F 62 -63.80 -40.91 8.51
N ASN F 63 -63.19 -41.26 9.64
CA ASN F 63 -63.67 -40.83 10.95
C ASN F 63 -62.54 -40.75 11.99
N ARG F 64 -62.55 -39.71 12.82
CA ARG F 64 -61.57 -39.57 13.90
C ARG F 64 -62.05 -40.28 15.15
N VAL F 65 -61.13 -40.95 15.82
CA VAL F 65 -61.41 -41.69 17.05
C VAL F 65 -60.28 -41.52 18.04
N TRP F 66 -60.61 -41.43 19.33
CA TRP F 66 -59.62 -41.28 20.38
C TRP F 66 -59.71 -42.43 21.32
N LEU F 67 -58.56 -42.86 21.83
CA LEU F 67 -58.52 -43.93 22.83
C LEU F 67 -57.32 -43.77 23.76
N GLY F 68 -57.58 -43.83 25.06
CA GLY F 68 -56.54 -43.74 26.08
C GLY F 68 -56.85 -44.63 27.26
N TYR F 69 -55.86 -44.82 28.13
CA TYR F 69 -56.00 -45.73 29.26
C TYR F 69 -55.24 -45.25 30.49
N THR F 70 -55.66 -45.74 31.64
CA THR F 70 -54.90 -45.60 32.90
C THR F 70 -55.03 -46.91 33.68
N VAL F 71 -54.05 -47.19 34.54
CA VAL F 71 -54.03 -48.38 35.37
C VAL F 71 -53.96 -48.01 36.83
N ALA F 72 -54.85 -48.59 37.63
CA ALA F 72 -54.88 -48.35 39.08
C ALA F 72 -53.98 -49.35 39.79
N GLU F 73 -53.80 -49.17 41.09
CA GLU F 73 -52.99 -50.08 41.90
C GLU F 73 -53.60 -51.47 41.96
N ASN F 74 -54.93 -51.55 41.87
CA ASN F 74 -55.64 -52.83 41.73
C ASN F 74 -55.05 -53.68 40.62
N GLY F 75 -54.71 -53.03 39.51
CA GLY F 75 -54.34 -53.72 38.28
C GLY F 75 -55.47 -53.65 37.26
N LYS F 76 -56.61 -53.11 37.69
CA LYS F 76 -57.75 -52.88 36.81
C LYS F 76 -57.43 -51.73 35.86
N MET F 77 -57.82 -51.89 34.59
CA MET F 77 -57.57 -50.88 33.58
C MET F 77 -58.82 -50.03 33.36
N HIS F 78 -58.63 -48.71 33.39
CA HIS F 78 -59.67 -47.76 33.02
C HIS F 78 -59.43 -47.29 31.62
N PHE F 79 -60.47 -47.32 30.79
CA PHE F 79 -60.40 -46.89 29.41
C PHE F 79 -61.25 -45.65 29.18
N PHE F 80 -60.78 -44.79 28.30
CA PHE F 80 -61.56 -43.61 27.89
C PHE F 80 -61.31 -43.32 26.41
N GLY F 81 -62.27 -42.66 25.78
CA GLY F 81 -62.17 -42.36 24.36
C GLY F 81 -63.35 -41.56 23.82
N ASP F 82 -63.34 -41.37 22.50
CA ASP F 82 -64.40 -40.62 21.81
C ASP F 82 -64.38 -40.92 20.31
N SER F 83 -65.50 -40.64 19.65
CA SER F 83 -65.64 -40.78 18.22
C SER F 83 -66.43 -39.58 17.70
N GLU F 84 -66.17 -39.18 16.46
CA GLU F 84 -66.99 -38.17 15.81
C GLU F 84 -68.26 -38.81 15.23
N GLY F 85 -68.11 -40.02 14.69
CA GLY F 85 -69.23 -40.73 14.09
C GLY F 85 -70.09 -41.31 15.17
N ARG F 86 -71.40 -41.07 15.07
CA ARG F 86 -72.37 -41.51 16.07
C ARG F 86 -72.54 -43.03 16.17
N ILE F 87 -72.55 -43.71 15.04
CA ILE F 87 -72.71 -45.17 15.01
C ILE F 87 -71.47 -45.83 15.65
N VAL F 88 -70.29 -45.28 15.35
CA VAL F 88 -69.05 -45.78 15.94
C VAL F 88 -68.98 -45.43 17.42
N ARG F 89 -69.60 -44.32 17.81
CA ARG F 89 -69.64 -43.92 19.21
C ARG F 89 -70.45 -44.90 20.04
N GLY F 90 -71.55 -45.40 19.49
CA GLY F 90 -72.34 -46.44 20.16
C GLY F 90 -71.57 -47.73 20.31
N LEU F 91 -70.85 -48.12 19.26
CA LEU F 91 -70.06 -49.34 19.26
C LEU F 91 -68.89 -49.25 20.24
N LEU F 92 -68.28 -48.08 20.34
CA LEU F 92 -67.25 -47.82 21.33
C LEU F 92 -67.81 -47.97 22.75
N ALA F 93 -69.04 -47.49 22.93
CA ALA F 93 -69.71 -47.59 24.22
C ALA F 93 -69.92 -49.03 24.64
N VAL F 94 -70.24 -49.90 23.67
CA VAL F 94 -70.35 -51.33 23.94
C VAL F 94 -68.97 -51.89 24.28
N LEU F 95 -67.96 -51.48 23.53
CA LEU F 95 -66.58 -51.95 23.75
C LEU F 95 -66.08 -51.57 25.14
N LEU F 96 -66.40 -50.35 25.58
CA LEU F 96 -66.00 -49.87 26.91
C LEU F 96 -66.67 -50.65 28.04
N THR F 97 -67.90 -51.10 27.82
CA THR F 97 -68.61 -51.93 28.78
C THR F 97 -67.88 -53.26 29.00
N ALA F 98 -67.40 -53.87 27.93
CA ALA F 98 -66.66 -55.14 28.01
C ALA F 98 -65.32 -55.04 28.78
N VAL F 99 -64.53 -54.02 28.43
CA VAL F 99 -63.14 -53.85 28.95
C VAL F 99 -62.83 -52.98 30.23
N GLU F 100 -63.79 -52.16 30.64
CA GLU F 100 -63.65 -51.30 31.89
C GLU F 100 -63.22 -51.94 33.24
N GLY F 101 -63.73 -53.09 33.67
CA GLY F 101 -63.44 -53.55 35.07
C GLY F 101 -62.28 -54.53 35.17
N LYS F 102 -61.63 -54.75 34.04
CA LYS F 102 -60.79 -55.94 33.88
C LYS F 102 -59.29 -55.62 33.86
N THR F 103 -58.50 -56.53 34.44
CA THR F 103 -57.04 -56.49 34.41
C THR F 103 -56.51 -57.04 33.09
N ALA F 104 -55.21 -56.84 32.84
CA ALA F 104 -54.58 -57.23 31.58
C ALA F 104 -54.61 -58.75 31.35
N ALA F 105 -54.44 -59.52 32.42
CA ALA F 105 -54.52 -60.99 32.36
C ALA F 105 -55.93 -61.43 31.94
N GLU F 106 -56.94 -60.84 32.57
CA GLU F 106 -58.34 -61.10 32.22
C GLU F 106 -58.59 -60.77 30.76
N LEU F 107 -58.16 -59.58 30.35
CA LEU F 107 -58.23 -59.16 28.95
C LEU F 107 -57.36 -60.11 28.12
N GLN F 108 -57.83 -60.45 26.92
CA GLN F 108 -57.11 -61.36 26.02
C GLN F 108 -56.91 -62.77 26.60
N ALA F 109 -57.54 -63.05 27.74
CA ALA F 109 -57.92 -64.40 28.12
C ALA F 109 -59.36 -64.55 27.65
N GLN F 110 -60.02 -63.40 27.44
CA GLN F 110 -61.35 -63.27 26.86
C GLN F 110 -61.26 -62.33 25.70
N SER F 111 -62.05 -62.57 24.66
CA SER F 111 -62.18 -61.61 23.56
C SER F 111 -63.30 -60.62 23.87
N PRO F 112 -63.05 -59.31 23.70
CA PRO F 112 -64.13 -58.33 23.81
C PRO F 112 -65.24 -58.49 22.75
N LEU F 113 -64.88 -59.03 21.59
CA LEU F 113 -65.83 -59.24 20.50
C LEU F 113 -66.99 -60.16 20.89
N ALA F 114 -66.75 -61.04 21.86
CA ALA F 114 -67.80 -61.97 22.36
C ALA F 114 -69.05 -61.24 22.85
N LEU F 115 -68.90 -60.02 23.32
CA LEU F 115 -70.03 -59.24 23.79
C LEU F 115 -70.97 -58.80 22.66
N PHE F 116 -70.41 -58.50 21.48
CA PHE F 116 -71.21 -58.11 20.32
C PHE F 116 -72.06 -59.26 19.80
N ASP F 117 -71.56 -60.48 19.96
CA ASP F 117 -72.34 -61.68 19.66
C ASP F 117 -73.52 -61.83 20.61
N GLU F 118 -73.25 -61.66 21.90
CA GLU F 118 -74.28 -61.80 22.93
C GLU F 118 -75.40 -60.77 22.77
N LEU F 119 -75.05 -59.59 22.25
CA LEU F 119 -76.03 -58.53 22.02
C LEU F 119 -76.65 -58.61 20.62
N GLY F 120 -76.10 -59.48 19.77
CA GLY F 120 -76.59 -59.67 18.41
C GLY F 120 -76.25 -58.50 17.52
N LEU F 121 -74.99 -58.03 17.59
CA LEU F 121 -74.57 -56.82 16.87
C LEU F 121 -73.40 -57.07 15.94
N ARG F 122 -73.21 -58.29 15.49
CA ARG F 122 -72.07 -58.59 14.63
C ARG F 122 -72.14 -57.93 13.26
N ALA F 123 -73.34 -57.84 12.70
CA ALA F 123 -73.55 -57.21 11.40
C ALA F 123 -73.19 -55.73 11.43
N GLN F 124 -73.50 -55.09 12.55
CA GLN F 124 -73.26 -53.67 12.73
C GLN F 124 -71.78 -53.40 12.96
N LEU F 125 -71.18 -54.21 13.83
CA LEU F 125 -69.74 -54.17 14.08
C LEU F 125 -68.96 -54.30 12.78
N SER F 126 -69.31 -55.32 12.01
CA SER F 126 -68.70 -55.59 10.71
C SER F 126 -68.79 -54.42 9.76
N ALA F 127 -69.94 -53.76 9.73
CA ALA F 127 -70.20 -52.65 8.82
C ALA F 127 -69.35 -51.42 9.11
N SER F 128 -68.84 -51.29 10.34
CA SER F 128 -68.10 -50.10 10.77
C SER F 128 -66.64 -50.41 11.18
N ARG F 129 -66.13 -51.58 10.78
CA ARG F 129 -64.78 -52.04 11.18
C ARG F 129 -63.70 -51.05 10.78
N SER F 130 -63.76 -50.59 9.53
CA SER F 130 -62.73 -49.71 8.95
C SER F 130 -62.98 -48.25 9.27
N GLN F 131 -64.11 -47.96 9.91
CA GLN F 131 -64.41 -46.59 10.32
C GLN F 131 -63.84 -46.27 11.70
N GLY F 132 -63.12 -47.21 12.30
CA GLY F 132 -62.50 -46.98 13.60
C GLY F 132 -62.46 -48.15 14.55
N LEU F 133 -63.35 -49.14 14.35
CA LEU F 133 -63.45 -50.27 15.29
C LEU F 133 -62.24 -51.18 15.26
N ASN F 134 -61.73 -51.48 14.07
CA ASN F 134 -60.46 -52.19 13.96
C ASN F 134 -59.40 -51.51 14.82
N ALA F 135 -59.23 -50.22 14.58
CA ALA F 135 -58.20 -49.42 15.23
C ALA F 135 -58.29 -49.45 16.76
N LEU F 136 -59.49 -49.23 17.28
CA LEU F 136 -59.73 -49.24 18.73
C LEU F 136 -59.40 -50.61 19.34
N SER F 137 -59.90 -51.68 18.72
CA SER F 137 -59.69 -53.05 19.21
C SER F 137 -58.22 -53.39 19.30
N GLU F 138 -57.47 -53.07 18.26
CA GLU F 138 -56.05 -53.35 18.21
C GLU F 138 -55.24 -52.41 19.14
N ALA F 139 -55.77 -51.21 19.37
CA ALA F 139 -55.17 -50.24 20.29
C ALA F 139 -55.29 -50.70 21.74
N ILE F 140 -56.40 -51.38 22.04
CA ILE F 140 -56.62 -51.99 23.35
C ILE F 140 -55.67 -53.18 23.57
N ILE F 141 -55.46 -53.97 22.51
CA ILE F 141 -54.53 -55.10 22.55
C ILE F 141 -53.09 -54.61 22.75
N ALA F 142 -52.75 -53.50 22.11
CA ALA F 142 -51.43 -52.88 22.27
C ALA F 142 -51.27 -52.30 23.67
N ALA F 143 -52.35 -51.71 24.19
CA ALA F 143 -52.35 -51.19 25.57
C ALA F 143 -52.19 -52.31 26.59
N THR F 144 -52.61 -53.52 26.25
CA THR F 144 -52.40 -54.70 27.10
C THR F 144 -51.26 -55.56 26.56
N MET G 3 -50.04 -81.96 2.41
CA MET G 3 -50.59 -83.30 2.02
C MET G 3 -49.44 -84.30 1.98
N ASN G 4 -49.70 -85.47 1.40
CA ASN G 4 -48.68 -86.49 1.20
C ASN G 4 -48.88 -87.20 -0.15
N VAL G 5 -47.84 -87.85 -0.65
CA VAL G 5 -47.88 -88.42 -1.99
C VAL G 5 -48.42 -87.41 -3.03
N PHE G 6 -47.51 -86.57 -3.47
CA PHE G 6 -47.73 -85.70 -4.61
C PHE G 6 -48.06 -86.48 -5.88
N ASN G 7 -49.20 -86.13 -6.48
CA ASN G 7 -49.67 -86.75 -7.73
C ASN G 7 -49.57 -85.76 -8.89
N PRO G 8 -48.60 -85.96 -9.80
CA PRO G 8 -48.42 -85.05 -10.95
C PRO G 8 -49.63 -84.92 -11.87
N ALA G 9 -50.40 -85.99 -12.04
CA ALA G 9 -51.62 -85.98 -12.87
C ALA G 9 -52.73 -85.09 -12.27
N GLN G 10 -52.99 -85.26 -10.97
CA GLN G 10 -53.88 -84.38 -10.21
C GLN G 10 -53.49 -82.91 -10.37
N PHE G 11 -52.22 -82.63 -10.08
CA PHE G 11 -51.67 -81.30 -10.28
C PHE G 11 -51.95 -80.78 -11.70
N ARG G 12 -51.57 -81.56 -12.70
CA ARG G 12 -51.80 -81.20 -14.11
C ARG G 12 -53.21 -80.77 -14.45
N ALA G 13 -54.18 -81.55 -13.96
CA ALA G 13 -55.58 -81.38 -14.29
C ALA G 13 -56.10 -79.95 -14.07
N GLN G 14 -55.44 -79.20 -13.19
CA GLN G 14 -55.94 -77.90 -12.75
C GLN G 14 -55.72 -76.76 -13.74
N PHE G 15 -54.90 -76.99 -14.76
CA PHE G 15 -54.48 -75.92 -15.67
C PHE G 15 -55.21 -76.00 -17.00
N PRO G 16 -56.17 -75.10 -17.24
CA PRO G 16 -56.95 -75.14 -18.47
C PRO G 16 -56.17 -74.80 -19.73
N ALA G 17 -55.05 -74.11 -19.58
CA ALA G 17 -54.23 -73.76 -20.73
C ALA G 17 -53.53 -74.98 -21.35
N LEU G 18 -53.34 -76.04 -20.56
CA LEU G 18 -52.42 -77.11 -20.96
C LEU G 18 -52.68 -77.87 -22.25
N GLN G 19 -53.94 -78.11 -22.59
CA GLN G 19 -54.28 -78.76 -23.86
C GLN G 19 -53.75 -77.98 -25.07
N ASP G 20 -54.17 -76.72 -25.15
CA ASP G 20 -53.80 -75.84 -26.25
C ASP G 20 -52.32 -75.50 -26.23
N ALA G 21 -51.72 -75.48 -25.06
CA ALA G 21 -50.37 -74.96 -24.90
C ALA G 21 -49.31 -75.88 -25.52
N GLY G 22 -49.68 -77.13 -25.78
CA GLY G 22 -48.78 -78.09 -26.36
C GLY G 22 -47.78 -78.57 -25.30
N VAL G 23 -46.49 -78.50 -25.64
CA VAL G 23 -45.43 -78.88 -24.73
C VAL G 23 -44.77 -77.61 -24.22
N TYR G 24 -45.20 -77.17 -23.04
CA TYR G 24 -44.79 -75.87 -22.52
C TYR G 24 -43.61 -76.02 -21.58
N LEU G 25 -42.46 -75.52 -22.01
CA LEU G 25 -41.25 -75.60 -21.24
C LEU G 25 -40.62 -74.22 -21.06
N ASP G 26 -41.45 -73.22 -20.76
CA ASP G 26 -40.99 -71.84 -20.58
C ASP G 26 -41.53 -71.20 -19.29
N SER G 27 -41.69 -72.03 -18.25
CA SER G 27 -42.27 -71.58 -16.97
C SER G 27 -41.39 -70.61 -16.20
N ALA G 28 -40.08 -70.68 -16.44
CA ALA G 28 -39.13 -69.74 -15.78
C ALA G 28 -39.33 -68.32 -16.31
N ALA G 29 -39.87 -68.21 -17.51
CA ALA G 29 -40.28 -66.92 -18.03
C ALA G 29 -41.58 -66.54 -17.34
N THR G 30 -42.63 -67.32 -17.58
CA THR G 30 -43.93 -67.07 -16.95
C THR G 30 -44.68 -68.38 -16.80
N ALA G 31 -45.36 -68.53 -15.66
CA ALA G 31 -46.04 -69.76 -15.31
C ALA G 31 -47.48 -69.75 -15.82
N LEU G 32 -47.97 -70.94 -16.12
CA LEU G 32 -49.38 -71.13 -16.41
C LEU G 32 -50.18 -71.04 -15.11
N LYS G 33 -51.48 -70.78 -15.24
CA LYS G 33 -52.34 -70.47 -14.08
C LYS G 33 -53.37 -71.57 -13.83
N PRO G 34 -53.56 -71.94 -12.57
CA PRO G 34 -54.61 -72.93 -12.25
C PRO G 34 -55.99 -72.30 -12.28
N GLU G 35 -57.02 -73.12 -12.38
CA GLU G 35 -58.38 -72.59 -12.53
C GLU G 35 -58.76 -71.69 -11.35
N ALA G 36 -58.22 -71.99 -10.17
CA ALA G 36 -58.47 -71.18 -8.97
C ALA G 36 -58.15 -69.71 -9.18
N VAL G 37 -57.04 -69.44 -9.85
CA VAL G 37 -56.62 -68.07 -10.16
C VAL G 37 -57.51 -67.44 -11.23
N VAL G 38 -57.81 -68.18 -12.28
CA VAL G 38 -58.68 -67.69 -13.37
C VAL G 38 -60.09 -67.35 -12.85
N GLU G 39 -60.58 -68.17 -11.93
CA GLU G 39 -61.93 -68.06 -11.42
C GLU G 39 -62.07 -66.92 -10.41
N ALA G 40 -61.04 -66.71 -9.61
CA ALA G 40 -61.02 -65.61 -8.63
C ALA G 40 -61.01 -64.25 -9.36
N THR G 41 -60.23 -64.17 -10.41
CA THR G 41 -60.12 -62.96 -11.21
C THR G 41 -61.44 -62.61 -11.90
N GLN G 42 -62.08 -63.61 -12.49
CA GLN G 42 -63.34 -63.36 -13.17
C GLN G 42 -64.42 -62.91 -12.18
N GLN G 43 -64.45 -63.55 -11.02
CA GLN G 43 -65.39 -63.18 -9.97
C GLN G 43 -65.14 -61.77 -9.42
N PHE G 44 -63.87 -61.39 -9.31
CA PHE G 44 -63.52 -60.06 -8.82
C PHE G 44 -64.02 -58.99 -9.75
N TYR G 45 -63.83 -59.20 -11.05
CA TYR G 45 -64.27 -58.21 -12.05
C TYR G 45 -65.77 -58.30 -12.38
N SER G 46 -66.41 -59.38 -11.94
CA SER G 46 -67.83 -59.59 -12.18
C SER G 46 -68.72 -59.05 -11.06
N LEU G 47 -68.10 -58.60 -9.97
CA LEU G 47 -68.84 -58.10 -8.81
C LEU G 47 -68.42 -56.68 -8.42
N SER G 48 -69.30 -56.02 -7.68
CA SER G 48 -69.02 -54.70 -7.09
C SER G 48 -68.02 -54.83 -5.96
N ALA G 49 -67.22 -53.78 -5.75
CA ALA G 49 -66.27 -53.74 -4.64
C ALA G 49 -66.81 -52.88 -3.48
N GLY G 50 -68.12 -52.63 -3.49
CA GLY G 50 -68.77 -51.81 -2.47
C GLY G 50 -69.36 -52.61 -1.31
N ASN G 51 -70.12 -51.92 -0.46
CA ASN G 51 -70.77 -52.51 0.72
C ASN G 51 -72.09 -53.17 0.42
N VAL G 52 -72.69 -52.77 -0.69
CA VAL G 52 -74.00 -53.25 -1.07
C VAL G 52 -73.85 -54.51 -1.92
N HIS G 53 -74.49 -55.60 -1.49
CA HIS G 53 -74.55 -56.85 -2.26
C HIS G 53 -75.92 -57.46 -2.15
N ARG G 54 -76.67 -57.45 -3.25
CA ARG G 54 -78.08 -57.83 -3.26
C ARG G 54 -78.28 -59.35 -3.30
N SER G 55 -77.45 -60.04 -4.08
CA SER G 55 -77.62 -61.46 -4.39
C SER G 55 -76.43 -62.29 -3.91
N GLN G 56 -75.24 -61.88 -4.34
CA GLN G 56 -74.02 -62.69 -4.17
C GLN G 56 -73.13 -62.18 -3.04
N PHE G 57 -73.67 -62.18 -1.83
CA PHE G 57 -72.92 -61.78 -0.63
C PHE G 57 -71.84 -62.79 -0.30
N ALA G 58 -72.19 -64.07 -0.33
CA ALA G 58 -71.25 -65.15 0.00
C ALA G 58 -69.97 -65.04 -0.84
N GLU G 59 -70.15 -64.90 -2.16
CA GLU G 59 -69.03 -64.70 -3.09
C GLU G 59 -68.25 -63.41 -2.79
N ALA G 60 -68.95 -62.36 -2.39
CA ALA G 60 -68.33 -61.07 -2.04
C ALA G 60 -67.50 -61.18 -0.75
N GLN G 61 -68.03 -61.88 0.24
CA GLN G 61 -67.30 -62.17 1.49
C GLN G 61 -66.02 -62.96 1.23
N ARG G 62 -66.09 -63.90 0.29
CA ARG G 62 -64.96 -64.75 -0.09
C ARG G 62 -63.82 -63.91 -0.67
N LEU G 63 -64.17 -63.00 -1.58
CA LEU G 63 -63.18 -62.12 -2.22
C LEU G 63 -62.51 -61.17 -1.20
N THR G 64 -63.31 -60.64 -0.28
CA THR G 64 -62.79 -59.79 0.79
C THR G 64 -61.84 -60.60 1.68
N ALA G 65 -62.26 -61.81 2.05
CA ALA G 65 -61.47 -62.75 2.85
C ALA G 65 -60.12 -63.02 2.19
N ARG G 66 -60.13 -63.25 0.88
CA ARG G 66 -58.91 -63.48 0.11
C ARG G 66 -57.95 -62.29 0.18
N TYR G 67 -58.50 -61.08 0.03
CA TYR G 67 -57.71 -59.85 -0.03
C TYR G 67 -57.04 -59.56 1.29
N GLU G 68 -57.82 -59.69 2.35
CA GLU G 68 -57.33 -59.39 3.70
C GLU G 68 -56.30 -60.39 4.17
N ALA G 69 -56.41 -61.63 3.72
CA ALA G 69 -55.49 -62.71 4.11
C ALA G 69 -54.27 -62.77 3.23
N ALA G 70 -54.29 -62.07 2.10
CA ALA G 70 -53.20 -62.14 1.11
C ALA G 70 -51.81 -61.95 1.71
N ARG G 71 -51.64 -60.97 2.59
CA ARG G 71 -50.33 -60.74 3.22
C ARG G 71 -49.92 -61.94 4.06
N GLU G 72 -50.84 -62.43 4.87
CA GLU G 72 -50.56 -63.57 5.74
C GLU G 72 -50.11 -64.78 4.93
N LYS G 73 -50.75 -65.01 3.79
CA LYS G 73 -50.45 -66.16 2.95
C LYS G 73 -49.06 -66.09 2.35
N VAL G 74 -48.63 -64.89 2.00
CA VAL G 74 -47.25 -64.70 1.57
C VAL G 74 -46.29 -64.93 2.72
N ALA G 75 -46.67 -64.46 3.91
CA ALA G 75 -45.85 -64.63 5.09
C ALA G 75 -45.65 -66.11 5.40
N GLN G 76 -46.72 -66.89 5.31
CA GLN G 76 -46.65 -68.32 5.57
C GLN G 76 -45.70 -69.00 4.59
N LEU G 77 -45.72 -68.56 3.34
CA LEU G 77 -44.82 -69.10 2.33
C LEU G 77 -43.36 -68.86 2.67
N LEU G 78 -43.08 -67.72 3.28
CA LEU G 78 -41.69 -67.30 3.58
C LEU G 78 -41.33 -67.53 5.04
N ASN G 79 -42.26 -68.10 5.81
CA ASN G 79 -42.11 -68.24 7.25
C ASN G 79 -41.72 -66.90 7.88
N ALA G 80 -42.42 -65.85 7.45
CA ALA G 80 -42.27 -64.50 8.00
C ALA G 80 -42.89 -64.36 9.38
N PRO G 81 -42.21 -63.50 10.26
CA PRO G 81 -42.83 -63.43 11.60
C PRO G 81 -44.25 -62.84 11.60
N ASP G 82 -44.45 -61.76 10.86
CA ASP G 82 -45.74 -61.11 10.79
C ASP G 82 -46.02 -60.56 9.40
N ASP G 83 -47.30 -60.38 9.08
CA ASP G 83 -47.71 -59.92 7.77
C ASP G 83 -47.23 -58.52 7.39
N LYS G 84 -47.08 -57.65 8.38
CA LYS G 84 -46.75 -56.24 8.11
C LYS G 84 -45.36 -56.10 7.48
N THR G 85 -44.57 -57.17 7.48
CA THR G 85 -43.30 -57.16 6.79
C THR G 85 -43.44 -57.41 5.29
N ILE G 86 -44.66 -57.65 4.80
CA ILE G 86 -44.90 -57.87 3.38
C ILE G 86 -45.44 -56.62 2.69
N VAL G 87 -44.84 -56.25 1.56
CA VAL G 87 -45.20 -55.06 0.79
C VAL G 87 -45.52 -55.41 -0.66
N TRP G 88 -46.59 -54.83 -1.18
CA TRP G 88 -47.03 -55.12 -2.54
C TRP G 88 -46.35 -54.23 -3.53
N THR G 89 -45.86 -54.82 -4.62
CA THR G 89 -45.21 -54.09 -5.70
C THR G 89 -45.76 -54.62 -7.01
N ARG G 90 -45.24 -54.13 -8.13
CA ARG G 90 -45.68 -54.58 -9.45
C ARG G 90 -44.78 -55.70 -9.99
N GLY G 91 -43.80 -56.10 -9.19
CA GLY G 91 -42.91 -57.20 -9.56
C GLY G 91 -41.57 -57.14 -8.84
N THR G 92 -40.78 -58.19 -9.01
CA THR G 92 -39.42 -58.24 -8.46
C THR G 92 -38.61 -56.98 -8.84
N THR G 93 -38.74 -56.55 -10.08
CA THR G 93 -37.99 -55.39 -10.57
C THR G 93 -38.28 -54.14 -9.75
N GLU G 94 -39.55 -53.89 -9.49
CA GLU G 94 -39.90 -52.73 -8.68
C GLU G 94 -39.40 -52.91 -7.25
N SER G 95 -39.66 -54.09 -6.69
CA SER G 95 -39.21 -54.43 -5.35
C SER G 95 -37.75 -54.08 -5.14
N ILE G 96 -36.89 -54.47 -6.07
CA ILE G 96 -35.46 -54.22 -5.93
C ILE G 96 -35.13 -52.73 -6.08
N ASN G 97 -35.76 -52.07 -7.04
CA ASN G 97 -35.56 -50.64 -7.23
C ASN G 97 -35.92 -49.85 -5.99
N MET G 98 -36.96 -50.31 -5.30
CA MET G 98 -37.43 -49.67 -4.06
C MET G 98 -36.35 -49.71 -3.00
N VAL G 99 -35.78 -50.87 -2.77
CA VAL G 99 -34.68 -50.99 -1.82
C VAL G 99 -33.51 -50.08 -2.21
N ALA G 100 -33.16 -50.05 -3.49
CA ALA G 100 -32.02 -49.24 -3.93
C ALA G 100 -32.24 -47.78 -3.64
N GLN G 101 -33.46 -47.32 -3.87
CA GLN G 101 -33.77 -45.89 -3.81
C GLN G 101 -34.21 -45.43 -2.43
N CYS G 102 -34.96 -46.28 -1.73
CA CYS G 102 -35.51 -45.94 -0.43
C CYS G 102 -34.60 -46.35 0.73
N TYR G 103 -33.78 -47.38 0.56
CA TYR G 103 -32.85 -47.77 1.61
C TYR G 103 -31.42 -47.31 1.33
N ALA G 104 -30.91 -47.64 0.15
CA ALA G 104 -29.50 -47.42 -0.16
C ALA G 104 -29.16 -45.95 -0.41
N ARG G 105 -29.91 -45.31 -1.32
CA ARG G 105 -29.56 -43.98 -1.82
C ARG G 105 -29.34 -42.90 -0.77
N PRO G 106 -30.24 -42.82 0.24
CA PRO G 106 -30.00 -41.81 1.29
C PRO G 106 -28.88 -42.15 2.26
N ARG G 107 -28.38 -43.38 2.23
CA ARG G 107 -27.30 -43.81 3.13
C ARG G 107 -25.90 -43.86 2.50
N LEU G 108 -25.81 -44.19 1.21
CA LEU G 108 -24.50 -44.36 0.53
C LEU G 108 -23.73 -43.06 0.37
N GLN G 109 -22.45 -43.10 0.76
CA GLN G 109 -21.54 -41.98 0.63
C GLN G 109 -20.54 -42.27 -0.47
N PRO G 110 -19.89 -41.23 -1.00
CA PRO G 110 -18.95 -41.44 -2.10
C PRO G 110 -17.83 -42.39 -1.70
N GLY G 111 -17.56 -43.38 -2.55
CA GLY G 111 -16.58 -44.41 -2.26
C GLY G 111 -17.16 -45.70 -1.69
N ASP G 112 -18.39 -45.67 -1.17
CA ASP G 112 -19.01 -46.88 -0.63
C ASP G 112 -19.19 -47.94 -1.73
N GLU G 113 -19.36 -49.20 -1.33
CA GLU G 113 -19.29 -50.30 -2.26
C GLU G 113 -20.49 -51.21 -2.20
N ILE G 114 -20.96 -51.61 -3.39
CA ILE G 114 -22.05 -52.55 -3.55
C ILE G 114 -21.54 -53.80 -4.24
N ILE G 115 -21.56 -54.93 -3.55
CA ILE G 115 -21.09 -56.17 -4.15
C ILE G 115 -22.26 -56.85 -4.84
N VAL G 116 -22.08 -57.15 -6.12
CA VAL G 116 -23.13 -57.80 -6.91
C VAL G 116 -22.55 -58.98 -7.65
N SER G 117 -23.25 -60.12 -7.62
CA SER G 117 -22.76 -61.30 -8.29
C SER G 117 -22.95 -61.19 -9.81
N VAL G 118 -22.05 -61.82 -10.55
CA VAL G 118 -22.14 -61.88 -12.00
C VAL G 118 -23.34 -62.70 -12.49
N ALA G 119 -23.86 -63.58 -11.63
CA ALA G 119 -25.03 -64.40 -11.93
C ALA G 119 -26.36 -63.67 -11.74
N GLU G 120 -26.32 -62.36 -11.54
CA GLU G 120 -27.55 -61.59 -11.30
C GLU G 120 -28.35 -61.27 -12.56
N HIS G 121 -29.66 -61.37 -12.44
CA HIS G 121 -30.61 -60.84 -13.41
C HIS G 121 -30.46 -59.34 -13.48
N HIS G 122 -30.72 -58.75 -14.65
CA HIS G 122 -30.61 -57.31 -14.82
C HIS G 122 -31.33 -56.54 -13.74
N ALA G 123 -32.47 -57.07 -13.30
CA ALA G 123 -33.25 -56.50 -12.23
C ALA G 123 -32.46 -56.27 -10.94
N ASN G 124 -31.50 -57.16 -10.67
CA ASN G 124 -30.69 -57.06 -9.46
C ASN G 124 -29.28 -56.61 -9.82
N LEU G 125 -29.15 -55.88 -10.93
CA LEU G 125 -27.90 -55.24 -11.29
C LEU G 125 -28.05 -53.77 -11.71
N VAL G 126 -28.96 -53.50 -12.64
CA VAL G 126 -29.11 -52.13 -13.18
C VAL G 126 -29.44 -51.11 -12.10
N PRO G 127 -30.31 -51.47 -11.11
CA PRO G 127 -30.66 -50.50 -10.08
C PRO G 127 -29.48 -50.10 -9.23
N TRP G 128 -28.54 -51.01 -9.06
CA TRP G 128 -27.34 -50.72 -8.32
C TRP G 128 -26.42 -49.85 -9.10
N LEU G 129 -26.33 -50.08 -10.40
CA LEU G 129 -25.51 -49.25 -11.26
C LEU G 129 -26.06 -47.83 -11.23
N MET G 130 -27.38 -47.71 -11.32
CA MET G 130 -28.04 -46.40 -11.30
C MET G 130 -27.78 -45.64 -10.00
N VAL G 131 -27.97 -46.31 -8.88
CA VAL G 131 -27.78 -45.66 -7.60
C VAL G 131 -26.31 -45.33 -7.39
N ALA G 132 -25.41 -46.17 -7.90
CA ALA G 132 -23.97 -45.93 -7.75
C ALA G 132 -23.60 -44.59 -8.38
N GLN G 133 -24.08 -44.35 -9.59
CA GLN G 133 -23.83 -43.09 -10.27
C GLN G 133 -24.43 -41.92 -9.51
N GLN G 134 -25.60 -42.13 -8.91
CA GLN G 134 -26.29 -41.07 -8.19
C GLN G 134 -25.64 -40.70 -6.84
N THR G 135 -24.94 -41.63 -6.20
CA THR G 135 -24.38 -41.43 -4.87
C THR G 135 -22.86 -41.34 -4.83
N GLY G 136 -22.21 -41.72 -5.93
CA GLY G 136 -20.75 -41.78 -5.99
C GLY G 136 -20.21 -43.07 -5.41
N ALA G 137 -21.08 -44.05 -5.22
CA ALA G 137 -20.67 -45.38 -4.79
C ALA G 137 -20.20 -46.20 -5.98
N LYS G 138 -19.67 -47.39 -5.70
CA LYS G 138 -19.13 -48.25 -6.77
C LYS G 138 -19.67 -49.66 -6.67
N VAL G 139 -19.95 -50.26 -7.82
CA VAL G 139 -20.38 -51.67 -7.87
C VAL G 139 -19.17 -52.56 -8.02
N VAL G 140 -19.06 -53.55 -7.15
CA VAL G 140 -17.96 -54.50 -7.20
C VAL G 140 -18.49 -55.88 -7.54
N LYS G 141 -17.82 -56.56 -8.46
CA LYS G 141 -18.26 -57.86 -8.97
C LYS G 141 -17.86 -59.04 -8.06
N LEU G 142 -18.83 -59.93 -7.78
CA LEU G 142 -18.57 -61.22 -7.14
C LEU G 142 -18.65 -62.32 -8.20
N PRO G 143 -17.50 -62.91 -8.59
CA PRO G 143 -17.48 -63.83 -9.73
C PRO G 143 -17.99 -65.24 -9.43
N LEU G 144 -18.04 -66.07 -10.47
CA LEU G 144 -18.44 -67.47 -10.35
C LEU G 144 -17.26 -68.33 -9.97
N ASN G 145 -17.54 -69.41 -9.25
CA ASN G 145 -16.53 -70.42 -8.95
C ASN G 145 -16.49 -71.49 -10.05
N ALA G 146 -15.72 -72.54 -9.83
CA ALA G 146 -15.56 -73.64 -10.79
C ALA G 146 -16.88 -74.38 -11.07
N GLN G 147 -17.80 -74.34 -10.11
CA GLN G 147 -19.10 -75.01 -10.24
C GLN G 147 -20.16 -74.10 -10.87
N ARG G 148 -19.74 -72.94 -11.37
CA ARG G 148 -20.63 -71.93 -11.97
C ARG G 148 -21.65 -71.31 -11.01
N LEU G 149 -21.31 -71.23 -9.73
CA LEU G 149 -22.09 -70.52 -8.73
C LEU G 149 -21.28 -69.33 -8.23
N PRO G 150 -21.96 -68.24 -7.81
CA PRO G 150 -21.29 -67.12 -7.17
C PRO G 150 -20.36 -67.57 -6.06
N ASP G 151 -19.11 -67.13 -6.14
CA ASP G 151 -18.02 -67.65 -5.31
C ASP G 151 -18.10 -67.05 -3.91
N VAL G 152 -18.96 -67.64 -3.08
CA VAL G 152 -19.21 -67.14 -1.74
C VAL G 152 -17.98 -67.25 -0.83
N ASP G 153 -17.12 -68.21 -1.09
CA ASP G 153 -15.90 -68.36 -0.28
C ASP G 153 -14.88 -67.24 -0.54
N LEU G 154 -15.01 -66.59 -1.70
CA LEU G 154 -14.19 -65.45 -2.05
C LEU G 154 -14.66 -64.14 -1.38
N LEU G 155 -15.88 -64.16 -0.84
CA LEU G 155 -16.57 -62.97 -0.33
C LEU G 155 -15.80 -62.21 0.75
N PRO G 156 -15.22 -62.90 1.75
CA PRO G 156 -14.42 -62.17 2.73
C PRO G 156 -13.33 -61.33 2.12
N GLU G 157 -12.74 -61.80 1.02
CA GLU G 157 -11.66 -61.07 0.36
C GLU G 157 -12.16 -59.84 -0.42
N LEU G 158 -13.38 -59.92 -0.92
CA LEU G 158 -13.95 -58.79 -1.64
C LEU G 158 -14.54 -57.74 -0.70
N ILE G 159 -14.96 -58.16 0.49
CA ILE G 159 -15.48 -57.23 1.51
C ILE G 159 -14.38 -56.35 2.10
N THR G 160 -14.61 -55.05 2.05
CA THR G 160 -13.70 -54.06 2.61
C THR G 160 -14.49 -53.22 3.63
N PRO G 161 -13.82 -52.29 4.33
CA PRO G 161 -14.55 -51.44 5.28
C PRO G 161 -15.60 -50.53 4.63
N ARG G 162 -15.56 -50.41 3.31
CA ARG G 162 -16.50 -49.55 2.58
C ARG G 162 -17.66 -50.34 1.94
N SER G 163 -17.70 -51.65 2.18
CA SER G 163 -18.78 -52.48 1.68
C SER G 163 -20.05 -52.26 2.51
N ARG G 164 -21.17 -52.11 1.81
CA ARG G 164 -22.44 -51.74 2.44
C ARG G 164 -23.58 -52.65 2.05
N ILE G 165 -23.61 -53.04 0.78
CA ILE G 165 -24.71 -53.84 0.26
C ILE G 165 -24.23 -55.07 -0.52
N LEU G 166 -24.93 -56.19 -0.31
CA LEU G 166 -24.71 -57.41 -1.05
C LEU G 166 -25.97 -57.76 -1.86
N ALA G 167 -25.88 -57.63 -3.19
CA ALA G 167 -26.97 -58.01 -4.08
C ALA G 167 -26.69 -59.42 -4.58
N LEU G 168 -27.58 -60.36 -4.28
CA LEU G 168 -27.32 -61.77 -4.56
C LEU G 168 -28.61 -62.49 -4.92
N GLY G 169 -28.58 -63.32 -5.96
CA GLY G 169 -29.77 -64.09 -6.37
C GLY G 169 -29.85 -65.41 -5.63
N GLN G 170 -31.06 -65.79 -5.25
CA GLN G 170 -31.29 -67.11 -4.61
C GLN G 170 -31.11 -68.23 -5.63
N MET G 171 -31.53 -67.97 -6.86
CA MET G 171 -31.52 -68.95 -7.92
C MET G 171 -31.39 -68.26 -9.28
N SER G 172 -30.38 -68.66 -10.06
CA SER G 172 -30.18 -68.10 -11.39
C SER G 172 -31.29 -68.57 -12.34
N ASN G 173 -31.73 -67.66 -13.22
CA ASN G 173 -32.71 -67.99 -14.25
C ASN G 173 -32.10 -68.62 -15.49
N VAL G 174 -30.76 -68.76 -15.48
CA VAL G 174 -30.05 -69.42 -16.57
C VAL G 174 -29.58 -70.82 -16.17
N THR G 175 -28.76 -70.89 -15.12
CA THR G 175 -28.20 -72.17 -14.66
C THR G 175 -29.10 -72.92 -13.69
N GLY G 176 -30.08 -72.23 -13.09
CA GLY G 176 -30.91 -72.79 -12.03
C GLY G 176 -30.14 -73.02 -10.74
N GLY G 177 -28.95 -72.45 -10.65
CA GLY G 177 -28.05 -72.73 -9.54
C GLY G 177 -28.33 -71.82 -8.38
N CYS G 178 -28.29 -72.40 -7.18
CA CYS G 178 -28.45 -71.67 -5.93
C CYS G 178 -27.12 -71.60 -5.17
N PRO G 179 -26.61 -70.39 -4.91
CA PRO G 179 -25.39 -70.29 -4.11
C PRO G 179 -25.63 -70.55 -2.63
N ASP G 180 -24.55 -70.69 -1.86
CA ASP G 180 -24.66 -70.95 -0.41
C ASP G 180 -25.08 -69.68 0.31
N LEU G 181 -26.39 -69.44 0.29
CA LEU G 181 -26.96 -68.18 0.74
C LEU G 181 -26.78 -67.98 2.24
N ALA G 182 -26.93 -69.05 3.02
CA ALA G 182 -26.77 -68.97 4.46
C ALA G 182 -25.39 -68.43 4.82
N ARG G 183 -24.34 -69.00 4.21
CA ARG G 183 -22.97 -68.60 4.52
C ARG G 183 -22.72 -67.16 4.06
N ALA G 184 -23.20 -66.84 2.85
CA ALA G 184 -23.07 -65.49 2.32
C ALA G 184 -23.56 -64.46 3.31
N ILE G 185 -24.76 -64.71 3.84
CA ILE G 185 -25.41 -63.76 4.76
C ILE G 185 -24.61 -63.59 6.06
N THR G 186 -24.07 -64.68 6.58
CA THR G 186 -23.20 -64.61 7.74
C THR G 186 -22.01 -63.67 7.53
N PHE G 187 -21.39 -63.76 6.35
CA PHE G 187 -20.23 -62.92 6.03
C PHE G 187 -20.66 -61.46 5.91
N ALA G 188 -21.77 -61.22 5.23
CA ALA G 188 -22.27 -59.86 5.03
C ALA G 188 -22.62 -59.19 6.34
N HIS G 189 -23.26 -59.93 7.22
CA HIS G 189 -23.72 -59.40 8.50
C HIS G 189 -22.60 -59.12 9.44
N SER G 190 -21.54 -59.94 9.36
CA SER G 190 -20.31 -59.67 10.12
C SER G 190 -19.70 -58.33 9.71
N ALA G 191 -19.83 -57.98 8.44
CA ALA G 191 -19.32 -56.71 7.91
C ALA G 191 -20.30 -55.57 8.06
N GLY G 192 -21.39 -55.79 8.77
CA GLY G 192 -22.44 -54.80 8.88
C GLY G 192 -23.12 -54.41 7.57
N MET G 193 -23.18 -55.34 6.61
CA MET G 193 -23.82 -55.07 5.33
C MET G 193 -25.26 -55.52 5.36
N VAL G 194 -26.06 -55.06 4.40
CA VAL G 194 -27.42 -55.55 4.24
C VAL G 194 -27.51 -56.32 2.94
N VAL G 195 -28.31 -57.40 2.94
CA VAL G 195 -28.40 -58.30 1.81
C VAL G 195 -29.72 -58.20 1.06
N MET G 196 -29.65 -57.96 -0.25
CA MET G 196 -30.82 -57.97 -1.12
C MET G 196 -30.83 -59.30 -1.85
N VAL G 197 -31.85 -60.12 -1.59
CA VAL G 197 -31.98 -61.40 -2.26
C VAL G 197 -33.07 -61.36 -3.33
N ASP G 198 -32.69 -61.67 -4.56
CA ASP G 198 -33.64 -61.79 -5.66
C ASP G 198 -34.17 -63.21 -5.69
N GLY G 199 -35.44 -63.37 -5.36
CA GLY G 199 -36.07 -64.68 -5.22
C GLY G 199 -37.12 -64.96 -6.28
N ALA G 200 -37.00 -64.29 -7.43
CA ALA G 200 -37.99 -64.43 -8.47
C ALA G 200 -38.16 -65.89 -8.92
N GLN G 201 -37.04 -66.62 -9.01
CA GLN G 201 -37.06 -68.05 -9.32
C GLN G 201 -37.16 -68.88 -8.05
N GLY G 202 -36.36 -68.52 -7.06
CA GLY G 202 -36.26 -69.27 -5.81
C GLY G 202 -37.58 -69.46 -5.08
N ALA G 203 -38.41 -68.43 -5.13
CA ALA G 203 -39.72 -68.49 -4.46
C ALA G 203 -40.59 -69.60 -5.05
N VAL G 204 -40.41 -69.88 -6.34
CA VAL G 204 -41.19 -70.85 -7.06
C VAL G 204 -40.74 -72.30 -6.71
N HIS G 205 -39.44 -72.49 -6.52
CA HIS G 205 -38.83 -73.83 -6.42
C HIS G 205 -38.35 -74.21 -5.05
N PHE G 206 -37.74 -73.26 -4.35
CA PHE G 206 -37.22 -73.46 -3.00
C PHE G 206 -37.54 -72.23 -2.15
N PRO G 207 -38.80 -72.03 -1.79
CA PRO G 207 -39.15 -70.77 -1.12
C PRO G 207 -38.33 -70.57 0.14
N ALA G 208 -37.71 -69.40 0.29
CA ALA G 208 -36.77 -69.15 1.38
C ALA G 208 -37.44 -68.94 2.71
N ASP G 209 -36.90 -69.58 3.73
CA ASP G 209 -37.28 -69.30 5.12
C ASP G 209 -36.49 -68.07 5.59
N VAL G 210 -37.16 -66.92 5.57
CA VAL G 210 -36.51 -65.62 5.78
C VAL G 210 -35.96 -65.44 7.21
N GLN G 211 -36.60 -66.09 8.19
CA GLN G 211 -36.14 -66.03 9.58
C GLN G 211 -34.90 -66.89 9.79
N GLN G 212 -34.98 -68.14 9.35
CA GLN G 212 -33.89 -69.10 9.47
C GLN G 212 -32.65 -68.59 8.75
N LEU G 213 -32.83 -68.16 7.51
CA LEU G 213 -31.73 -67.57 6.73
C LEU G 213 -31.32 -66.18 7.17
N ASP G 214 -32.19 -65.47 7.90
CA ASP G 214 -31.91 -64.10 8.37
C ASP G 214 -31.79 -63.10 7.21
N ILE G 215 -32.61 -63.29 6.19
CA ILE G 215 -32.64 -62.44 5.01
C ILE G 215 -33.14 -61.04 5.36
N ASP G 216 -32.42 -60.04 4.88
CA ASP G 216 -32.81 -58.65 5.09
C ASP G 216 -33.97 -58.26 4.18
N PHE G 217 -33.76 -58.45 2.88
CA PHE G 217 -34.75 -58.13 1.87
C PHE G 217 -34.91 -59.29 0.89
N TYR G 218 -36.13 -59.52 0.45
CA TYR G 218 -36.45 -60.65 -0.41
C TYR G 218 -37.55 -60.25 -1.38
N ALA G 219 -37.34 -60.53 -2.66
CA ALA G 219 -38.30 -60.12 -3.70
C ALA G 219 -38.70 -61.28 -4.61
N PHE G 220 -39.98 -61.32 -5.00
CA PHE G 220 -40.39 -62.22 -6.08
C PHE G 220 -41.62 -61.71 -6.86
N SER G 221 -41.94 -62.39 -7.96
CA SER G 221 -43.01 -61.95 -8.87
C SER G 221 -44.15 -62.98 -8.88
N GLY G 222 -45.37 -62.47 -8.90
CA GLY G 222 -46.55 -63.33 -8.85
C GLY G 222 -46.75 -64.21 -10.08
N HIS G 223 -46.35 -63.72 -11.24
CA HIS G 223 -46.59 -64.46 -12.50
C HIS G 223 -45.76 -65.72 -12.65
N LYS G 224 -44.60 -65.75 -12.02
CA LYS G 224 -43.77 -66.95 -12.00
C LYS G 224 -44.30 -67.92 -11.00
N LEU G 225 -45.08 -67.42 -10.06
CA LEU G 225 -45.63 -68.25 -9.01
C LEU G 225 -47.07 -68.66 -9.29
N TYR G 226 -47.33 -69.01 -10.55
CA TYR G 226 -48.63 -69.48 -11.02
C TYR G 226 -49.75 -68.47 -10.79
N GLY G 227 -49.39 -67.20 -10.77
CA GLY G 227 -50.29 -66.13 -10.39
C GLY G 227 -50.41 -65.04 -11.43
N PRO G 228 -51.09 -63.93 -11.07
CA PRO G 228 -51.38 -62.87 -12.02
C PRO G 228 -50.15 -62.06 -12.38
N THR G 229 -50.23 -61.35 -13.50
CA THR G 229 -49.23 -60.39 -13.90
C THR G 229 -49.46 -59.08 -13.16
N GLY G 230 -48.46 -58.20 -13.17
CA GLY G 230 -48.57 -56.89 -12.54
C GLY G 230 -48.60 -56.88 -11.02
N ILE G 231 -48.10 -57.93 -10.39
CA ILE G 231 -48.09 -58.00 -8.92
C ILE G 231 -46.83 -58.73 -8.45
N GLY G 232 -46.19 -58.13 -7.44
CA GLY G 232 -44.98 -58.67 -6.87
C GLY G 232 -44.92 -58.35 -5.38
N VAL G 233 -43.91 -58.91 -4.73
CA VAL G 233 -43.77 -58.78 -3.29
C VAL G 233 -42.36 -58.29 -2.91
N LEU G 234 -42.31 -57.45 -1.88
CA LEU G 234 -41.05 -57.14 -1.22
C LEU G 234 -41.23 -57.50 0.23
N TYR G 235 -40.44 -58.46 0.71
CA TYR G 235 -40.33 -58.72 2.13
C TYR G 235 -39.17 -57.92 2.67
N GLY G 236 -39.36 -57.36 3.86
CA GLY G 236 -38.28 -56.72 4.59
C GLY G 236 -38.44 -56.89 6.09
N LYS G 237 -37.32 -56.97 6.79
CA LYS G 237 -37.34 -56.90 8.24
C LYS G 237 -37.98 -55.58 8.64
N SER G 238 -38.78 -55.59 9.70
CA SER G 238 -39.56 -54.43 10.07
C SER G 238 -38.70 -53.19 10.35
N GLU G 239 -37.56 -53.39 11.01
CA GLU G 239 -36.63 -52.30 11.29
C GLU G 239 -36.16 -51.62 10.01
N LEU G 240 -35.96 -52.43 8.97
CA LEU G 240 -35.48 -51.93 7.68
C LEU G 240 -36.57 -51.22 6.91
N LEU G 241 -37.79 -51.76 6.97
CA LEU G 241 -38.94 -51.13 6.32
C LEU G 241 -39.23 -49.78 6.99
N GLU G 242 -39.05 -49.72 8.31
CA GLU G 242 -39.22 -48.48 9.04
C GLU G 242 -38.14 -47.48 8.67
N ALA G 243 -36.91 -47.95 8.44
CA ALA G 243 -35.80 -47.07 8.09
C ALA G 243 -35.92 -46.52 6.65
N MET G 244 -36.66 -47.20 5.78
CA MET G 244 -36.80 -46.79 4.39
C MET G 244 -37.57 -45.49 4.23
N SER G 245 -37.17 -44.70 3.25
CA SER G 245 -37.87 -43.48 2.86
C SER G 245 -39.12 -43.87 2.13
N PRO G 246 -40.07 -42.93 2.01
CA PRO G 246 -41.22 -43.23 1.18
C PRO G 246 -40.83 -43.46 -0.28
N TRP G 247 -41.60 -44.29 -0.95
CA TRP G 247 -41.31 -44.65 -2.34
C TRP G 247 -42.02 -43.69 -3.25
N LEU G 248 -43.22 -44.04 -3.73
CA LEU G 248 -44.02 -43.11 -4.50
C LEU G 248 -44.82 -42.25 -3.54
N GLY G 249 -45.11 -41.01 -3.96
CA GLY G 249 -45.94 -40.11 -3.18
C GLY G 249 -47.37 -40.08 -3.68
N GLY G 250 -48.33 -39.99 -2.76
CA GLY G 250 -49.73 -39.89 -3.14
C GLY G 250 -50.68 -40.33 -2.06
N GLY G 251 -51.85 -40.78 -2.48
CA GLY G 251 -52.87 -41.23 -1.54
C GLY G 251 -52.45 -42.50 -0.83
N LYS G 252 -53.08 -42.77 0.31
CA LYS G 252 -52.92 -44.00 1.09
C LYS G 252 -51.65 -44.00 1.92
N MET G 253 -50.54 -43.65 1.30
CA MET G 253 -49.25 -43.60 1.99
C MET G 253 -49.11 -42.39 2.90
N VAL G 254 -49.85 -41.31 2.62
CA VAL G 254 -49.79 -40.09 3.44
C VAL G 254 -50.70 -40.21 4.66
N HIS G 255 -50.32 -39.49 5.72
CA HIS G 255 -51.14 -39.36 6.92
C HIS G 255 -51.78 -38.00 6.91
N GLU G 256 -50.96 -36.96 6.91
CA GLU G 256 -51.47 -35.59 6.85
C GLU G 256 -50.70 -34.80 5.81
N VAL G 257 -51.42 -33.98 5.05
CA VAL G 257 -50.84 -33.24 3.94
C VAL G 257 -51.31 -31.81 3.89
N SER G 258 -50.35 -30.91 3.78
CA SER G 258 -50.61 -29.49 3.54
C SER G 258 -49.57 -29.02 2.53
N PHE G 259 -49.65 -27.76 2.14
CA PHE G 259 -48.68 -27.19 1.23
C PHE G 259 -47.32 -26.92 1.90
N ASP G 260 -47.29 -27.02 3.22
CA ASP G 260 -46.05 -26.84 3.98
C ASP G 260 -45.31 -28.16 4.19
N GLY G 261 -45.99 -29.28 3.96
CA GLY G 261 -45.34 -30.59 4.02
C GLY G 261 -46.30 -31.73 4.25
N PHE G 262 -45.76 -32.91 4.53
CA PHE G 262 -46.59 -34.07 4.80
C PHE G 262 -45.94 -35.08 5.74
N THR G 263 -46.77 -35.87 6.41
CA THR G 263 -46.33 -37.03 7.20
C THR G 263 -46.87 -38.28 6.55
N THR G 264 -46.22 -39.41 6.79
CA THR G 264 -46.62 -40.69 6.18
C THR G 264 -47.16 -41.70 7.19
N GLN G 265 -47.81 -42.74 6.68
CA GLN G 265 -48.20 -43.87 7.48
C GLN G 265 -46.94 -44.65 7.85
N SER G 266 -47.10 -45.73 8.61
CA SER G 266 -46.03 -46.70 8.82
C SER G 266 -45.99 -47.70 7.66
N ALA G 267 -44.95 -48.51 7.62
CA ALA G 267 -44.89 -49.63 6.70
C ALA G 267 -45.96 -50.65 7.07
N PRO G 268 -46.48 -51.38 6.08
CA PRO G 268 -46.10 -51.34 4.67
C PRO G 268 -46.78 -50.23 3.88
N TRP G 269 -47.78 -49.58 4.47
CA TRP G 269 -48.59 -48.60 3.74
C TRP G 269 -47.78 -47.39 3.31
N LYS G 270 -46.74 -47.07 4.07
CA LYS G 270 -45.80 -46.03 3.71
C LYS G 270 -45.24 -46.23 2.31
N LEU G 271 -45.10 -47.48 1.89
CA LEU G 271 -44.46 -47.81 0.62
C LEU G 271 -45.42 -48.16 -0.50
N GLU G 272 -46.72 -47.95 -0.27
CA GLU G 272 -47.77 -48.35 -1.19
C GLU G 272 -48.69 -47.21 -1.56
N ALA G 273 -48.25 -46.33 -2.43
CA ALA G 273 -49.06 -45.19 -2.83
C ALA G 273 -50.12 -45.57 -3.85
N GLY G 274 -51.25 -44.88 -3.82
CA GLY G 274 -52.27 -45.01 -4.85
C GLY G 274 -53.17 -46.21 -4.67
N THR G 275 -54.13 -46.34 -5.58
CA THR G 275 -55.00 -47.51 -5.58
C THR G 275 -54.17 -48.74 -5.88
N PRO G 276 -54.27 -49.76 -5.01
CA PRO G 276 -53.46 -50.96 -5.24
C PRO G 276 -53.99 -51.81 -6.38
N ASN G 277 -53.16 -52.66 -6.94
CA ASN G 277 -53.62 -53.63 -7.94
C ASN G 277 -54.37 -54.76 -7.22
N VAL G 278 -55.63 -54.48 -6.91
CA VAL G 278 -56.46 -55.37 -6.12
C VAL G 278 -56.64 -56.71 -6.81
N ALA G 279 -56.80 -56.67 -8.13
CA ALA G 279 -56.91 -57.89 -8.93
C ALA G 279 -55.72 -58.79 -8.71
N GLY G 280 -54.52 -58.19 -8.78
CA GLY G 280 -53.29 -58.93 -8.58
C GLY G 280 -53.20 -59.59 -7.23
N VAL G 281 -53.50 -58.82 -6.19
CA VAL G 281 -53.41 -59.29 -4.81
C VAL G 281 -54.39 -60.46 -4.54
N ILE G 282 -55.64 -60.28 -4.96
CA ILE G 282 -56.64 -61.33 -4.84
C ILE G 282 -56.22 -62.59 -5.60
N GLY G 283 -55.78 -62.41 -6.85
CA GLY G 283 -55.37 -63.53 -7.69
C GLY G 283 -54.14 -64.26 -7.17
N LEU G 284 -53.20 -63.50 -6.62
CA LEU G 284 -52.04 -64.08 -6.00
C LEU G 284 -52.42 -64.85 -4.74
N SER G 285 -53.38 -64.33 -4.00
CA SER G 285 -53.88 -64.99 -2.80
C SER G 285 -54.52 -66.32 -3.18
N ALA G 286 -55.29 -66.30 -4.26
CA ALA G 286 -55.90 -67.52 -4.79
C ALA G 286 -54.82 -68.54 -5.17
N ALA G 287 -53.76 -68.07 -5.81
CA ALA G 287 -52.63 -68.93 -6.18
C ALA G 287 -51.95 -69.53 -4.95
N LEU G 288 -51.69 -68.72 -3.94
CA LEU G 288 -51.02 -69.19 -2.73
C LEU G 288 -51.86 -70.18 -1.95
N GLU G 289 -53.14 -69.86 -1.76
CA GLU G 289 -54.03 -70.77 -1.04
C GLU G 289 -54.03 -72.14 -1.73
N TRP G 290 -54.11 -72.11 -3.05
CA TRP G 290 -54.11 -73.32 -3.87
C TRP G 290 -52.81 -74.05 -3.79
N LEU G 291 -51.71 -73.32 -3.94
CA LEU G 291 -50.37 -73.90 -3.86
C LEU G 291 -50.09 -74.57 -2.52
N ALA G 292 -50.65 -74.03 -1.45
CA ALA G 292 -50.47 -74.56 -0.09
C ALA G 292 -50.92 -76.02 0.07
N ASP G 293 -51.72 -76.53 -0.87
CA ASP G 293 -52.17 -77.93 -0.83
C ASP G 293 -51.10 -78.98 -1.19
N TYR G 294 -50.04 -78.55 -1.87
CA TYR G 294 -49.02 -79.47 -2.36
C TYR G 294 -47.70 -79.31 -1.62
N ASP G 295 -47.00 -80.41 -1.39
CA ASP G 295 -45.64 -80.35 -0.84
C ASP G 295 -44.68 -79.91 -1.94
N ILE G 296 -44.18 -78.68 -1.83
CA ILE G 296 -43.30 -78.10 -2.83
C ILE G 296 -42.02 -78.92 -3.03
N ASN G 297 -41.53 -79.53 -1.96
CA ASN G 297 -40.34 -80.35 -2.01
C ASN G 297 -40.53 -81.53 -2.96
N GLN G 298 -41.70 -82.17 -2.87
CA GLN G 298 -42.04 -83.29 -3.74
C GLN G 298 -42.31 -82.82 -5.16
N ALA G 299 -43.00 -81.69 -5.27
CA ALA G 299 -43.32 -81.12 -6.57
C ALA G 299 -42.05 -80.69 -7.31
N GLU G 300 -41.07 -80.18 -6.57
CA GLU G 300 -39.82 -79.75 -7.20
C GLU G 300 -38.98 -80.94 -7.61
N SER G 301 -38.95 -81.97 -6.76
CA SER G 301 -38.25 -83.19 -7.09
C SER G 301 -38.74 -83.73 -8.42
N TRP G 302 -40.04 -83.75 -8.61
CA TRP G 302 -40.62 -84.20 -9.86
C TRP G 302 -40.11 -83.39 -11.02
N SER G 303 -40.21 -82.07 -10.91
CA SER G 303 -39.74 -81.17 -11.95
C SER G 303 -38.28 -81.44 -12.32
N ARG G 304 -37.46 -81.71 -11.30
CA ARG G 304 -36.05 -81.98 -11.51
C ARG G 304 -35.81 -83.32 -12.18
N SER G 305 -36.60 -84.34 -11.80
CA SER G 305 -36.52 -85.65 -12.43
CA SER G 305 -36.50 -85.66 -12.43
C SER G 305 -36.65 -85.56 -13.94
N LEU G 306 -37.60 -84.75 -14.39
CA LEU G 306 -37.86 -84.59 -15.82
C LEU G 306 -36.70 -83.87 -16.51
N ALA G 307 -36.14 -82.87 -15.82
CA ALA G 307 -35.01 -82.12 -16.34
C ALA G 307 -33.80 -83.02 -16.51
N THR G 308 -33.62 -83.95 -15.59
CA THR G 308 -32.50 -84.87 -15.64
C THR G 308 -32.62 -85.83 -16.81
N LEU G 309 -33.81 -86.35 -17.03
CA LEU G 309 -34.07 -87.24 -18.15
C LEU G 309 -33.82 -86.51 -19.47
N ALA G 310 -34.26 -85.27 -19.53
CA ALA G 310 -34.03 -84.44 -20.71
C ALA G 310 -32.57 -84.24 -21.01
N GLU G 311 -31.79 -83.90 -19.97
CA GLU G 311 -30.36 -83.64 -20.12
C GLU G 311 -29.59 -84.88 -20.55
N ASP G 312 -29.83 -86.00 -19.88
CA ASP G 312 -29.14 -87.25 -20.19
C ASP G 312 -29.44 -87.74 -21.61
N ALA G 313 -30.69 -87.58 -22.03
CA ALA G 313 -31.11 -87.96 -23.38
C ALA G 313 -30.44 -87.09 -24.44
N LEU G 314 -30.48 -85.77 -24.24
CA LEU G 314 -29.89 -84.82 -25.21
C LEU G 314 -28.38 -84.92 -25.24
N ALA G 315 -27.77 -85.30 -24.11
CA ALA G 315 -26.32 -85.49 -24.02
C ALA G 315 -25.80 -86.59 -24.97
N LYS G 316 -26.65 -87.52 -25.36
CA LYS G 316 -26.25 -88.56 -26.32
C LYS G 316 -26.03 -88.00 -27.73
N ARG G 317 -26.64 -86.85 -28.03
CA ARG G 317 -26.46 -86.19 -29.32
C ARG G 317 -25.13 -85.43 -29.30
N PRO G 318 -24.33 -85.53 -30.36
CA PRO G 318 -23.01 -84.92 -30.29
C PRO G 318 -23.08 -83.41 -30.47
N GLY G 319 -22.13 -82.70 -29.88
CA GLY G 319 -22.12 -81.23 -29.93
C GLY G 319 -22.96 -80.58 -28.85
N PHE G 320 -23.50 -81.39 -27.96
CA PHE G 320 -24.37 -80.91 -26.89
C PHE G 320 -23.59 -80.36 -25.71
N ARG G 321 -24.09 -79.27 -25.13
CA ARG G 321 -23.50 -78.68 -23.93
C ARG G 321 -24.60 -78.16 -23.01
N SER G 322 -24.50 -78.48 -21.74
CA SER G 322 -25.44 -78.00 -20.72
C SER G 322 -24.77 -77.02 -19.75
N PHE G 323 -25.52 -76.02 -19.29
CA PHE G 323 -25.05 -75.06 -18.29
C PHE G 323 -25.79 -75.25 -16.95
N ARG G 324 -26.46 -76.39 -16.80
CA ARG G 324 -27.34 -76.63 -15.66
C ARG G 324 -26.61 -77.03 -14.39
N CYS G 325 -26.98 -76.41 -13.27
CA CYS G 325 -26.34 -76.66 -11.97
C CYS G 325 -27.26 -77.39 -11.01
N GLN G 326 -26.66 -78.15 -10.09
CA GLN G 326 -27.35 -78.77 -8.96
C GLN G 326 -28.58 -79.57 -9.37
N ASP G 327 -28.54 -80.19 -10.55
CA ASP G 327 -29.67 -80.93 -11.10
C ASP G 327 -30.99 -80.15 -11.03
N SER G 328 -30.97 -78.88 -11.41
CA SER G 328 -32.16 -78.05 -11.27
C SER G 328 -33.23 -78.37 -12.32
N SER G 329 -34.39 -77.78 -12.12
CA SER G 329 -35.51 -77.89 -13.06
C SER G 329 -35.35 -76.98 -14.28
N LEU G 330 -34.38 -76.08 -14.25
CA LEU G 330 -34.03 -75.25 -15.40
C LEU G 330 -32.90 -75.90 -16.18
N LEU G 331 -33.06 -76.04 -17.50
CA LEU G 331 -32.04 -76.62 -18.36
C LEU G 331 -31.62 -75.69 -19.51
N ALA G 332 -30.52 -74.96 -19.30
CA ALA G 332 -29.95 -74.12 -20.35
C ALA G 332 -28.99 -74.95 -21.14
N PHE G 333 -29.01 -74.81 -22.47
CA PHE G 333 -28.13 -75.60 -23.30
C PHE G 333 -27.92 -75.01 -24.69
N ASP G 334 -27.01 -75.61 -25.44
CA ASP G 334 -26.82 -75.31 -26.87
C ASP G 334 -26.17 -76.46 -27.61
N PHE G 335 -26.10 -76.31 -28.94
CA PHE G 335 -25.50 -77.31 -29.81
C PHE G 335 -24.46 -76.66 -30.71
N ALA G 336 -23.28 -77.25 -30.76
CA ALA G 336 -22.17 -76.70 -31.55
C ALA G 336 -22.57 -76.49 -33.01
N GLY G 337 -22.37 -75.26 -33.49
CA GLY G 337 -22.64 -74.92 -34.89
C GLY G 337 -24.09 -74.64 -35.24
N VAL G 338 -24.96 -74.65 -34.24
CA VAL G 338 -26.38 -74.41 -34.45
C VAL G 338 -26.80 -73.16 -33.71
N HIS G 339 -27.38 -72.20 -34.42
CA HIS G 339 -27.80 -70.92 -33.83
C HIS G 339 -29.08 -71.12 -33.07
N HIS G 340 -29.13 -70.60 -31.85
CA HIS G 340 -30.24 -70.85 -30.93
C HIS G 340 -31.56 -70.30 -31.44
N SER G 341 -31.52 -69.18 -32.14
CA SER G 341 -32.71 -68.58 -32.72
C SER G 341 -33.38 -69.51 -33.74
N ASP G 342 -32.57 -70.18 -34.56
CA ASP G 342 -33.09 -71.12 -35.54
C ASP G 342 -33.80 -72.29 -34.87
N MET G 343 -33.15 -72.83 -33.84
CA MET G 343 -33.68 -73.95 -33.05
C MET G 343 -35.05 -73.62 -32.46
N VAL G 344 -35.18 -72.43 -31.89
CA VAL G 344 -36.42 -72.03 -31.21
C VAL G 344 -37.59 -71.94 -32.19
N THR G 345 -37.32 -71.41 -33.36
CA THR G 345 -38.33 -71.28 -34.41
C THR G 345 -38.86 -72.65 -34.83
N LEU G 346 -37.96 -73.58 -35.11
CA LEU G 346 -38.34 -74.92 -35.54
C LEU G 346 -39.00 -75.74 -34.43
N LEU G 347 -38.49 -75.63 -33.20
CA LEU G 347 -39.11 -76.34 -32.08
C LEU G 347 -40.55 -75.89 -31.85
N ALA G 348 -40.79 -74.60 -32.05
CA ALA G 348 -42.14 -74.03 -31.94
C ALA G 348 -43.04 -74.75 -32.92
N GLU G 349 -42.57 -74.84 -34.16
CA GLU G 349 -43.32 -75.49 -35.22
C GLU G 349 -43.61 -76.97 -34.93
N TYR G 350 -42.74 -77.62 -34.17
CA TYR G 350 -42.95 -79.02 -33.75
C TYR G 350 -43.80 -79.14 -32.48
N GLY G 351 -44.25 -78.01 -31.96
CA GLY G 351 -45.20 -77.99 -30.85
C GLY G 351 -44.54 -77.87 -29.49
N ILE G 352 -43.29 -77.44 -29.47
CA ILE G 352 -42.53 -77.29 -28.23
C ILE G 352 -42.29 -75.81 -28.03
N ALA G 353 -42.75 -75.29 -26.90
CA ALA G 353 -42.62 -73.85 -26.60
C ALA G 353 -41.53 -73.65 -25.57
N LEU G 354 -40.45 -73.02 -26.00
CA LEU G 354 -39.36 -72.70 -25.10
C LEU G 354 -38.77 -71.35 -25.49
N ARG G 355 -37.68 -70.97 -24.83
CA ARG G 355 -37.12 -69.64 -24.98
C ARG G 355 -35.63 -69.67 -25.32
N ALA G 356 -35.23 -68.76 -26.20
CA ALA G 356 -33.81 -68.53 -26.51
C ALA G 356 -33.49 -67.07 -26.20
N GLY G 357 -32.22 -66.72 -26.28
CA GLY G 357 -31.77 -65.33 -26.10
C GLY G 357 -30.82 -65.21 -24.93
N GLN G 358 -30.77 -64.01 -24.36
CA GLN G 358 -29.81 -63.67 -23.30
C GLN G 358 -30.38 -63.80 -21.89
N HIS G 359 -31.71 -63.87 -21.76
CA HIS G 359 -32.39 -64.11 -20.46
C HIS G 359 -32.12 -63.04 -19.43
N CSS G 360 -32.04 -61.79 -19.89
CA CSS G 360 -31.72 -60.63 -19.04
CB CSS G 360 -32.94 -60.17 -18.23
SG CSS G 360 -34.24 -59.49 -19.23
SD CSS G 360 -33.24 -58.04 -20.31
C CSS G 360 -30.58 -60.97 -18.14
O CSS G 360 -30.64 -60.70 -16.93
N ALA G 361 -29.51 -61.54 -18.70
CA ALA G 361 -28.33 -61.94 -17.91
C ALA G 361 -27.03 -61.87 -18.75
N GLN G 362 -26.74 -60.69 -19.26
CA GLN G 362 -25.61 -60.50 -20.17
C GLN G 362 -24.25 -60.81 -19.54
N PRO G 363 -23.97 -60.26 -18.34
CA PRO G 363 -22.68 -60.51 -17.71
C PRO G 363 -22.40 -62.00 -17.47
N LEU G 364 -23.44 -62.74 -17.07
CA LEU G 364 -23.30 -64.16 -16.83
C LEU G 364 -22.88 -64.90 -18.10
N LEU G 365 -23.59 -64.64 -19.18
CA LEU G 365 -23.31 -65.29 -20.46
C LEU G 365 -21.93 -64.92 -20.99
N ALA G 366 -21.51 -63.68 -20.76
CA ALA G 366 -20.14 -63.23 -21.12
C ALA G 366 -19.10 -64.01 -20.32
N GLU G 367 -19.39 -64.25 -19.04
CA GLU G 367 -18.55 -65.06 -18.15
C GLU G 367 -18.54 -66.52 -18.61
N LEU G 368 -19.69 -67.02 -19.08
CA LEU G 368 -19.77 -68.36 -19.65
C LEU G 368 -19.21 -68.45 -21.08
N GLY G 369 -18.93 -67.30 -21.70
CA GLY G 369 -18.34 -67.27 -23.03
C GLY G 369 -19.32 -67.56 -24.15
N VAL G 370 -20.58 -67.20 -23.96
CA VAL G 370 -21.59 -67.32 -25.00
C VAL G 370 -22.43 -66.04 -25.09
N THR G 371 -23.03 -65.83 -26.25
CA THR G 371 -23.85 -64.66 -26.50
C THR G 371 -25.34 -64.93 -26.30
N GLY G 372 -25.70 -66.21 -26.22
CA GLY G 372 -27.06 -66.58 -25.92
C GLY G 372 -27.21 -68.08 -25.77
N THR G 373 -28.38 -68.51 -25.34
CA THR G 373 -28.65 -69.92 -25.11
C THR G 373 -30.12 -70.28 -25.26
N LEU G 374 -30.37 -71.55 -25.49
CA LEU G 374 -31.71 -72.11 -25.40
C LEU G 374 -31.97 -72.43 -23.94
N ARG G 375 -33.23 -72.34 -23.53
CA ARG G 375 -33.59 -72.71 -22.17
C ARG G 375 -34.91 -73.42 -22.09
N ALA G 376 -34.87 -74.63 -21.57
CA ALA G 376 -36.05 -75.41 -21.30
C ALA G 376 -36.24 -75.45 -19.79
N SER G 377 -37.40 -75.06 -19.31
CA SER G 377 -37.67 -75.03 -17.87
C SER G 377 -38.87 -75.88 -17.56
N PHE G 378 -38.71 -76.76 -16.57
CA PHE G 378 -39.72 -77.76 -16.24
C PHE G 378 -40.51 -77.39 -14.99
N ALA G 379 -41.83 -77.51 -15.10
CA ALA G 379 -42.75 -77.27 -13.99
C ALA G 379 -43.38 -78.58 -13.56
N PRO G 380 -44.07 -78.60 -12.40
CA PRO G 380 -44.72 -79.84 -11.97
C PRO G 380 -45.92 -80.26 -12.83
N TYR G 381 -46.36 -79.40 -13.75
CA TYR G 381 -47.39 -79.79 -14.71
C TYR G 381 -46.84 -80.42 -15.98
N ASN G 382 -45.55 -80.69 -16.01
CA ASN G 382 -44.95 -81.40 -17.12
C ASN G 382 -44.89 -82.91 -16.87
N THR G 383 -44.73 -83.67 -17.94
CA THR G 383 -44.75 -85.12 -17.91
C THR G 383 -43.51 -85.70 -18.59
N LYS G 384 -43.35 -87.02 -18.52
CA LYS G 384 -42.29 -87.68 -19.28
C LYS G 384 -42.53 -87.60 -20.78
N SER G 385 -43.81 -87.61 -21.19
CA SER G 385 -44.15 -87.45 -22.61
C SER G 385 -43.60 -86.14 -23.15
N ASP G 386 -43.61 -85.11 -22.32
CA ASP G 386 -43.06 -83.81 -22.69
C ASP G 386 -41.56 -83.93 -22.98
N VAL G 387 -40.83 -84.65 -22.14
CA VAL G 387 -39.40 -84.84 -22.37
C VAL G 387 -39.12 -85.56 -23.68
N ASP G 388 -39.84 -86.65 -23.93
CA ASP G 388 -39.69 -87.40 -25.18
C ASP G 388 -39.99 -86.54 -26.40
N ALA G 389 -41.02 -85.71 -26.30
CA ALA G 389 -41.40 -84.81 -27.39
C ALA G 389 -40.31 -83.78 -27.66
N LEU G 390 -39.69 -83.28 -26.59
CA LEU G 390 -38.59 -82.33 -26.70
C LEU G 390 -37.43 -82.98 -27.42
N VAL G 391 -37.04 -84.15 -26.93
CA VAL G 391 -35.90 -84.87 -27.49
C VAL G 391 -36.15 -85.16 -28.95
N ASN G 392 -37.33 -85.66 -29.27
CA ASN G 392 -37.68 -85.95 -30.66
C ASN G 392 -37.67 -84.73 -31.56
N ALA G 393 -38.20 -83.62 -31.06
CA ALA G 393 -38.24 -82.38 -31.84
C ALA G 393 -36.83 -81.87 -32.13
N VAL G 394 -35.94 -81.96 -31.15
CA VAL G 394 -34.56 -81.55 -31.33
C VAL G 394 -33.91 -82.31 -32.47
N ASP G 395 -34.09 -83.63 -32.48
CA ASP G 395 -33.53 -84.47 -33.54
C ASP G 395 -33.96 -84.00 -34.91
N ARG G 396 -35.25 -83.75 -35.06
CA ARG G 396 -35.83 -83.29 -36.32
C ARG G 396 -35.23 -81.93 -36.70
N ALA G 397 -35.15 -81.05 -35.71
CA ALA G 397 -34.56 -79.73 -35.91
C ALA G 397 -33.10 -79.83 -36.34
N LEU G 398 -32.34 -80.64 -35.62
CA LEU G 398 -30.91 -80.80 -35.92
C LEU G 398 -30.66 -81.32 -37.33
N GLU G 399 -31.50 -82.25 -37.78
N GLU G 399 -31.50 -82.25 -37.78
CA GLU G 399 -31.37 -82.81 -39.13
CA GLU G 399 -31.36 -82.82 -39.12
C GLU G 399 -31.61 -81.78 -40.21
C GLU G 399 -31.61 -81.78 -40.22
N LEU G 400 -32.47 -80.80 -39.94
CA LEU G 400 -32.72 -79.72 -40.89
C LEU G 400 -31.59 -78.68 -40.86
N LEU G 401 -31.00 -78.47 -39.68
CA LEU G 401 -30.02 -77.39 -39.48
C LEU G 401 -28.55 -77.81 -39.57
N VAL G 402 -28.21 -79.02 -39.16
CA VAL G 402 -26.79 -79.41 -39.14
C VAL G 402 -26.22 -79.66 -40.55
N ASP G 403 -24.95 -79.28 -40.72
CA ASP G 403 -24.13 -79.55 -41.91
C ASP G 403 -24.06 -78.30 -42.82
N PHE H 6 -18.80 -57.92 -56.09
CA PHE H 6 -17.64 -58.60 -56.75
C PHE H 6 -17.89 -60.11 -56.65
N ALA H 7 -17.88 -60.62 -55.41
CA ALA H 7 -18.35 -61.98 -55.11
C ALA H 7 -19.89 -62.11 -55.11
N GLY H 8 -20.58 -60.97 -55.27
CA GLY H 8 -22.04 -60.81 -55.36
C GLY H 8 -22.90 -62.02 -55.01
N HIS H 9 -23.92 -62.28 -55.80
CA HIS H 9 -24.92 -63.30 -55.44
C HIS H 9 -25.87 -63.50 -56.58
N PRO H 10 -26.51 -64.68 -56.68
CA PRO H 10 -27.32 -65.00 -57.85
C PRO H 10 -28.74 -64.46 -57.81
N PHE H 11 -29.15 -63.90 -56.69
CA PHE H 11 -30.54 -63.50 -56.50
C PHE H 11 -30.87 -62.25 -57.33
N GLY H 12 -31.97 -62.33 -58.07
CA GLY H 12 -32.38 -61.27 -58.98
C GLY H 12 -31.89 -61.49 -60.40
N THR H 13 -30.71 -62.09 -60.55
CA THR H 13 -30.13 -62.37 -61.87
C THR H 13 -30.44 -63.80 -62.29
N THR H 14 -29.72 -64.76 -61.71
CA THR H 14 -29.88 -66.18 -62.07
C THR H 14 -30.99 -66.87 -61.27
N VAL H 15 -31.26 -66.40 -60.05
CA VAL H 15 -32.41 -66.85 -59.28
C VAL H 15 -33.48 -65.77 -59.30
N THR H 16 -34.59 -66.01 -59.99
CA THR H 16 -35.64 -65.02 -60.16
C THR H 16 -36.91 -65.39 -59.40
N ALA H 17 -37.90 -64.50 -59.45
CA ALA H 17 -39.21 -64.76 -58.83
C ALA H 17 -39.83 -66.01 -59.45
N GLU H 18 -39.69 -66.16 -60.78
CA GLU H 18 -40.17 -67.36 -61.50
C GLU H 18 -39.56 -68.63 -60.95
N THR H 19 -38.23 -68.64 -60.86
CA THR H 19 -37.45 -69.78 -60.37
C THR H 19 -37.86 -70.18 -58.96
N LEU H 20 -38.02 -69.18 -58.11
CA LEU H 20 -38.45 -69.43 -56.75
C LEU H 20 -39.86 -70.01 -56.73
N ARG H 21 -40.73 -69.47 -57.58
CA ARG H 21 -42.13 -69.88 -57.62
C ARG H 21 -42.28 -71.33 -58.04
N ASN H 22 -41.43 -71.81 -58.95
CA ASN H 22 -41.44 -73.21 -59.35
C ASN H 22 -41.11 -74.11 -58.16
N THR H 23 -40.19 -73.64 -57.32
CA THR H 23 -39.70 -74.40 -56.18
C THR H 23 -40.66 -74.44 -54.98
N PHE H 24 -41.28 -73.30 -54.67
CA PHE H 24 -42.08 -73.15 -53.47
C PHE H 24 -43.58 -73.37 -53.65
N ALA H 25 -44.07 -73.12 -54.87
CA ALA H 25 -45.48 -73.25 -55.16
C ALA H 25 -46.08 -74.61 -54.79
N PRO H 26 -45.41 -75.72 -55.14
CA PRO H 26 -46.03 -77.03 -54.89
C PRO H 26 -45.91 -77.55 -53.46
N LEU H 27 -45.43 -76.72 -52.53
CA LEU H 27 -45.09 -77.17 -51.19
C LEU H 27 -46.20 -76.82 -50.23
N THR H 28 -46.73 -77.84 -49.55
CA THR H 28 -47.86 -77.65 -48.64
C THR H 28 -47.49 -78.02 -47.20
N GLN H 29 -46.47 -78.85 -47.05
CA GLN H 29 -45.97 -79.29 -45.73
C GLN H 29 -45.04 -78.19 -45.25
N TRP H 30 -45.28 -77.68 -44.05
CA TRP H 30 -44.49 -76.55 -43.52
C TRP H 30 -43.05 -76.94 -43.32
N GLU H 31 -42.79 -78.21 -42.98
CA GLU H 31 -41.42 -78.65 -42.77
C GLU H 31 -40.61 -78.57 -44.04
N ASP H 32 -41.22 -78.90 -45.17
CA ASP H 32 -40.52 -78.86 -46.46
C ASP H 32 -40.21 -77.45 -46.89
N LYS H 33 -41.10 -76.51 -46.54
CA LYS H 33 -40.89 -75.09 -46.84
C LYS H 33 -39.66 -74.54 -46.15
N TYR H 34 -39.51 -74.87 -44.87
CA TYR H 34 -38.34 -74.43 -44.11
C TYR H 34 -37.05 -75.06 -44.64
N ARG H 35 -37.09 -76.35 -44.94
CA ARG H 35 -35.95 -77.04 -45.54
CA ARG H 35 -35.95 -77.05 -45.53
C ARG H 35 -35.43 -76.33 -46.77
N GLN H 36 -36.36 -75.89 -47.62
CA GLN H 36 -36.02 -75.24 -48.88
C GLN H 36 -35.50 -73.84 -48.66
N LEU H 37 -36.00 -73.15 -47.63
CA LEU H 37 -35.47 -71.85 -47.24
C LEU H 37 -34.04 -71.95 -46.76
N ILE H 38 -33.76 -72.93 -45.92
CA ILE H 38 -32.40 -73.18 -45.44
C ILE H 38 -31.47 -73.46 -46.62
N MET H 39 -31.92 -74.33 -47.53
CA MET H 39 -31.15 -74.68 -48.73
C MET H 39 -30.92 -73.47 -49.62
N LEU H 40 -31.94 -72.64 -49.77
CA LEU H 40 -31.81 -71.39 -50.54
C LEU H 40 -30.74 -70.50 -49.94
N GLY H 41 -30.64 -70.49 -48.61
CA GLY H 41 -29.66 -69.67 -47.91
C GLY H 41 -28.20 -70.07 -48.13
N LYS H 42 -27.95 -71.35 -48.42
CA LYS H 42 -26.61 -71.80 -48.80
C LYS H 42 -26.08 -71.12 -50.05
N GLN H 43 -26.97 -70.72 -50.96
CA GLN H 43 -26.58 -70.03 -52.18
C GLN H 43 -26.13 -68.59 -51.96
N LEU H 44 -26.38 -68.03 -50.77
CA LEU H 44 -25.88 -66.72 -50.41
C LEU H 44 -24.49 -66.86 -49.83
N PRO H 45 -23.47 -66.28 -50.51
CA PRO H 45 -22.11 -66.38 -50.00
C PRO H 45 -21.89 -65.68 -48.65
N ALA H 46 -20.81 -66.05 -47.97
CA ALA H 46 -20.58 -65.65 -46.56
C ALA H 46 -20.44 -64.14 -46.28
N LEU H 47 -19.89 -63.39 -47.24
CA LEU H 47 -19.66 -61.94 -47.11
C LEU H 47 -18.43 -61.63 -46.25
N PRO H 48 -17.37 -61.08 -46.89
CA PRO H 48 -16.12 -60.81 -46.15
C PRO H 48 -16.22 -59.62 -45.19
N ASP H 49 -15.22 -59.48 -44.33
CA ASP H 49 -15.19 -58.40 -43.35
C ASP H 49 -15.21 -57.01 -43.98
N GLU H 50 -14.49 -56.85 -45.08
CA GLU H 50 -14.38 -55.55 -45.77
C GLU H 50 -15.75 -55.08 -46.30
N LEU H 51 -16.55 -56.01 -46.83
CA LEU H 51 -17.90 -55.67 -47.29
C LEU H 51 -18.89 -55.50 -46.13
N LYS H 52 -18.58 -56.12 -44.99
CA LYS H 52 -19.37 -55.91 -43.77
C LYS H 52 -19.19 -54.51 -43.21
N ALA H 53 -18.02 -53.93 -43.43
CA ALA H 53 -17.71 -52.59 -42.94
C ALA H 53 -18.54 -51.51 -43.64
N GLN H 54 -18.83 -51.71 -44.92
CA GLN H 54 -19.68 -50.77 -45.69
C GLN H 54 -21.16 -51.10 -45.66
N ALA H 55 -21.55 -52.17 -44.97
CA ALA H 55 -22.96 -52.48 -44.75
C ALA H 55 -23.39 -52.04 -43.35
N LYS H 56 -24.69 -51.81 -43.18
CA LYS H 56 -25.27 -51.49 -41.90
C LYS H 56 -25.40 -52.77 -41.09
N GLU H 57 -25.00 -52.73 -39.83
CA GLU H 57 -25.09 -53.87 -38.99
C GLU H 57 -26.28 -53.63 -38.09
N ILE H 58 -27.21 -54.56 -38.18
CA ILE H 58 -28.45 -54.50 -37.45
C ILE H 58 -28.30 -55.66 -36.48
N ALA H 59 -27.69 -55.41 -35.33
CA ALA H 59 -27.44 -56.46 -34.36
C ALA H 59 -28.63 -56.57 -33.43
N GLY H 60 -29.43 -57.62 -33.64
CA GLY H 60 -30.59 -57.86 -32.80
C GLY H 60 -30.17 -58.62 -31.56
N CSS H 61 -31.08 -58.73 -30.61
CA CSS H 61 -30.87 -59.56 -29.41
CB CSS H 61 -32.02 -59.35 -28.41
SG CSS H 61 -32.29 -60.79 -27.39
SD CSS H 61 -31.93 -60.23 -25.46
C CSS H 61 -30.76 -60.99 -29.85
O CSS H 61 -29.87 -61.72 -29.41
N GLU H 62 -31.66 -61.38 -30.75
CA GLU H 62 -31.71 -62.74 -31.28
C GLU H 62 -30.60 -63.08 -32.25
N ASN H 63 -30.45 -62.24 -33.28
CA ASN H 63 -29.70 -62.61 -34.47
C ASN H 63 -29.09 -61.39 -35.16
N ARG H 64 -27.84 -61.50 -35.60
CA ARG H 64 -27.16 -60.42 -36.31
C ARG H 64 -27.46 -60.51 -37.79
N VAL H 65 -27.69 -59.35 -38.40
CA VAL H 65 -27.98 -59.24 -39.83
C VAL H 65 -27.28 -58.03 -40.43
N TRP H 66 -26.83 -58.17 -41.68
CA TRP H 66 -26.16 -57.08 -42.37
C TRP H 66 -26.87 -56.74 -43.63
N LEU H 67 -26.88 -55.45 -43.98
CA LEU H 67 -27.47 -54.97 -45.22
C LEU H 67 -26.78 -53.71 -45.73
N GLY H 68 -26.42 -53.74 -47.01
CA GLY H 68 -25.78 -52.61 -47.67
C GLY H 68 -26.22 -52.49 -49.12
N TYR H 69 -25.91 -51.36 -49.75
CA TYR H 69 -26.37 -51.07 -51.11
C TYR H 69 -25.36 -50.26 -51.92
N THR H 70 -25.48 -50.34 -53.24
CA THR H 70 -24.78 -49.48 -54.18
C THR H 70 -25.72 -49.12 -55.32
N VAL H 71 -25.49 -47.98 -55.95
CA VAL H 71 -26.31 -47.52 -57.06
C VAL H 71 -25.46 -47.29 -58.30
N ALA H 72 -25.90 -47.82 -59.44
CA ALA H 72 -25.21 -47.61 -60.72
C ALA H 72 -25.76 -46.36 -61.40
N GLU H 73 -25.12 -45.90 -62.48
CA GLU H 73 -25.58 -44.72 -63.22
C GLU H 73 -26.96 -44.95 -63.86
N ASN H 74 -27.25 -46.21 -64.21
CA ASN H 74 -28.58 -46.66 -64.67
C ASN H 74 -29.67 -46.19 -63.69
N GLY H 75 -29.38 -46.23 -62.38
CA GLY H 75 -30.36 -45.93 -61.34
C GLY H 75 -30.82 -47.21 -60.68
N LYS H 76 -30.39 -48.34 -61.22
CA LYS H 76 -30.66 -49.65 -60.62
C LYS H 76 -29.85 -49.80 -59.34
N MET H 77 -30.49 -50.37 -58.31
CA MET H 77 -29.85 -50.57 -57.02
C MET H 77 -29.35 -52.00 -56.88
N HIS H 78 -28.10 -52.14 -56.46
CA HIS H 78 -27.53 -53.43 -56.09
C HIS H 78 -27.55 -53.56 -54.59
N PHE H 79 -28.07 -54.68 -54.09
CA PHE H 79 -28.15 -54.95 -52.66
C PHE H 79 -27.27 -56.13 -52.26
N PHE H 80 -26.70 -56.05 -51.05
CA PHE H 80 -25.92 -57.14 -50.49
C PHE H 80 -26.14 -57.22 -48.99
N GLY H 81 -25.92 -58.40 -48.42
CA GLY H 81 -26.13 -58.60 -46.98
C GLY H 81 -25.81 -60.00 -46.50
N ASP H 82 -26.11 -60.27 -45.22
CA ASP H 82 -25.86 -61.57 -44.61
C ASP H 82 -26.66 -61.73 -43.32
N SER H 83 -26.81 -62.97 -42.87
CA SER H 83 -27.45 -63.30 -41.60
C SER H 83 -26.65 -64.42 -40.96
N GLU H 84 -26.68 -64.48 -39.63
CA GLU H 84 -26.08 -65.61 -38.91
C GLU H 84 -27.06 -66.78 -38.87
N GLY H 85 -28.33 -66.46 -38.68
CA GLY H 85 -29.39 -67.48 -38.62
C GLY H 85 -29.69 -67.98 -40.02
N ARG H 86 -29.78 -69.30 -40.15
CA ARG H 86 -29.93 -69.93 -41.47
C ARG H 86 -31.33 -69.81 -42.04
N ILE H 87 -32.35 -69.76 -41.20
CA ILE H 87 -33.71 -69.55 -41.69
C ILE H 87 -33.87 -68.11 -42.16
N VAL H 88 -33.30 -67.18 -41.42
CA VAL H 88 -33.36 -65.78 -41.80
C VAL H 88 -32.53 -65.53 -43.04
N ARG H 89 -31.49 -66.34 -43.21
CA ARG H 89 -30.65 -66.22 -44.39
C ARG H 89 -31.42 -66.60 -45.66
N GLY H 90 -32.25 -67.62 -45.55
CA GLY H 90 -33.11 -68.01 -46.68
C GLY H 90 -34.11 -66.91 -47.02
N LEU H 91 -34.67 -66.30 -45.97
CA LEU H 91 -35.68 -65.27 -46.13
C LEU H 91 -35.07 -64.00 -46.71
N LEU H 92 -33.84 -63.69 -46.31
CA LEU H 92 -33.08 -62.60 -46.90
C LEU H 92 -32.83 -62.86 -48.38
N ALA H 93 -32.53 -64.11 -48.71
CA ALA H 93 -32.30 -64.50 -50.09
C ALA H 93 -33.54 -64.26 -50.94
N VAL H 94 -34.72 -64.52 -50.37
CA VAL H 94 -35.97 -64.21 -51.06
C VAL H 94 -36.12 -62.71 -51.22
N LEU H 95 -35.82 -61.99 -50.16
CA LEU H 95 -35.94 -60.52 -50.16
C LEU H 95 -35.04 -59.90 -51.21
N LEU H 96 -33.83 -60.43 -51.34
CA LEU H 96 -32.87 -59.95 -52.35
C LEU H 96 -33.34 -60.20 -53.77
N THR H 97 -34.04 -61.31 -54.00
CA THR H 97 -34.61 -61.60 -55.30
C THR H 97 -35.67 -60.58 -55.71
N ALA H 98 -36.52 -60.18 -54.76
CA ALA H 98 -37.60 -59.21 -55.02
C ALA H 98 -37.08 -57.83 -55.36
N VAL H 99 -36.08 -57.37 -54.60
CA VAL H 99 -35.39 -56.14 -54.92
C VAL H 99 -34.30 -56.54 -55.92
N GLU H 100 -33.25 -55.75 -56.01
CA GLU H 100 -32.07 -56.09 -56.79
C GLU H 100 -32.27 -55.79 -58.27
N GLY H 101 -31.42 -54.90 -58.77
CA GLY H 101 -31.47 -54.47 -60.15
C GLY H 101 -32.67 -53.59 -60.44
N LYS H 102 -33.39 -53.20 -59.39
CA LYS H 102 -34.58 -52.35 -59.48
C LYS H 102 -34.25 -50.94 -58.99
N THR H 103 -34.92 -49.96 -59.59
CA THR H 103 -34.70 -48.57 -59.23
C THR H 103 -35.52 -48.20 -58.00
N ALA H 104 -35.19 -47.05 -57.41
CA ALA H 104 -35.83 -46.56 -56.20
C ALA H 104 -37.32 -46.26 -56.41
N ALA H 105 -37.67 -45.72 -57.58
CA ALA H 105 -39.06 -45.48 -57.95
C ALA H 105 -39.85 -46.79 -57.99
N GLU H 106 -39.28 -47.79 -58.66
CA GLU H 106 -39.89 -49.13 -58.72
C GLU H 106 -40.10 -49.69 -57.32
N LEU H 107 -39.04 -49.66 -56.52
CA LEU H 107 -39.12 -50.04 -55.12
C LEU H 107 -40.06 -49.09 -54.39
N GLN H 108 -40.84 -49.62 -53.46
CA GLN H 108 -41.79 -48.80 -52.67
C GLN H 108 -42.89 -48.13 -53.52
N ALA H 109 -42.92 -48.47 -54.81
CA ALA H 109 -44.14 -48.37 -55.61
C ALA H 109 -44.77 -49.74 -55.54
N GLN H 110 -43.94 -50.71 -55.15
CA GLN H 110 -44.36 -52.07 -54.85
C GLN H 110 -43.74 -52.50 -53.52
N SER H 111 -44.47 -53.30 -52.74
CA SER H 111 -43.95 -53.84 -51.50
C SER H 111 -43.16 -55.10 -51.79
N PRO H 112 -41.95 -55.25 -51.20
CA PRO H 112 -41.23 -56.52 -51.29
C PRO H 112 -41.94 -57.70 -50.64
N LEU H 113 -42.75 -57.43 -49.62
CA LEU H 113 -43.51 -58.48 -48.92
C LEU H 113 -44.47 -59.27 -49.84
N ALA H 114 -44.91 -58.64 -50.94
CA ALA H 114 -45.78 -59.28 -51.92
C ALA H 114 -45.18 -60.57 -52.49
N LEU H 115 -43.85 -60.65 -52.54
CA LEU H 115 -43.18 -61.85 -53.05
C LEU H 115 -43.33 -63.06 -52.13
N PHE H 116 -43.37 -62.83 -50.82
CA PHE H 116 -43.57 -63.93 -49.85
C PHE H 116 -44.96 -64.53 -49.93
N ASP H 117 -45.94 -63.70 -50.30
CA ASP H 117 -47.30 -64.18 -50.56
C ASP H 117 -47.35 -65.06 -51.81
N GLU H 118 -46.69 -64.60 -52.87
CA GLU H 118 -46.63 -65.35 -54.13
C GLU H 118 -45.96 -66.71 -53.97
N LEU H 119 -44.99 -66.81 -53.08
CA LEU H 119 -44.29 -68.06 -52.80
C LEU H 119 -44.95 -68.89 -51.70
N GLY H 120 -45.94 -68.31 -51.02
CA GLY H 120 -46.68 -68.99 -49.96
C GLY H 120 -45.83 -69.15 -48.72
N LEU H 121 -45.15 -68.08 -48.33
CA LEU H 121 -44.21 -68.12 -47.21
C LEU H 121 -44.55 -67.12 -46.12
N ARG H 122 -45.81 -66.73 -46.01
CA ARG H 122 -46.17 -65.75 -45.02
C ARG H 122 -46.03 -66.24 -43.59
N ALA H 123 -46.34 -67.51 -43.36
CA ALA H 123 -46.25 -68.10 -42.02
C ALA H 123 -44.80 -68.12 -41.51
N GLN H 124 -43.89 -68.37 -42.44
CA GLN H 124 -42.49 -68.46 -42.11
C GLN H 124 -41.91 -67.05 -41.89
N LEU H 125 -42.28 -66.13 -42.78
CA LEU H 125 -41.91 -64.72 -42.65
C LEU H 125 -42.34 -64.16 -41.31
N SER H 126 -43.61 -64.39 -40.98
CA SER H 126 -44.20 -63.95 -39.73
C SER H 126 -43.44 -64.47 -38.51
N ALA H 127 -43.03 -65.73 -38.56
CA ALA H 127 -42.38 -66.38 -37.42
C ALA H 127 -41.00 -65.80 -37.14
N SER H 128 -40.39 -65.16 -38.14
CA SER H 128 -39.03 -64.64 -38.02
C SER H 128 -38.93 -63.10 -38.18
N ARG H 129 -40.04 -62.39 -38.04
CA ARG H 129 -40.06 -60.94 -38.26
C ARG H 129 -39.12 -60.17 -37.35
N SER H 130 -39.15 -60.51 -36.06
CA SER H 130 -38.36 -59.82 -35.04
C SER H 130 -36.94 -60.39 -34.95
N GLN H 131 -36.66 -61.46 -35.71
CA GLN H 131 -35.32 -62.04 -35.75
C GLN H 131 -34.47 -61.45 -36.88
N GLY H 132 -34.96 -60.37 -37.51
CA GLY H 132 -34.17 -59.63 -38.48
C GLY H 132 -34.92 -59.14 -39.71
N LEU H 133 -36.07 -59.75 -40.02
CA LEU H 133 -36.80 -59.42 -41.25
C LEU H 133 -37.41 -58.02 -41.23
N ASN H 134 -38.01 -57.66 -40.11
CA ASN H 134 -38.46 -56.29 -39.93
C ASN H 134 -37.33 -55.34 -40.28
N ALA H 135 -36.19 -55.55 -39.62
CA ALA H 135 -35.04 -54.66 -39.76
C ALA H 135 -34.58 -54.48 -41.19
N LEU H 136 -34.42 -55.59 -41.89
CA LEU H 136 -33.94 -55.58 -43.27
C LEU H 136 -34.89 -54.81 -44.16
N SER H 137 -36.17 -55.11 -44.03
CA SER H 137 -37.20 -54.49 -44.82
C SER H 137 -37.22 -52.97 -44.68
N GLU H 138 -37.17 -52.51 -43.42
CA GLU H 138 -37.17 -51.08 -43.14
C GLU H 138 -35.83 -50.43 -43.54
N ALA H 139 -34.75 -51.21 -43.52
CA ALA H 139 -33.44 -50.71 -43.92
C ALA H 139 -33.38 -50.46 -45.42
N ILE H 140 -34.10 -51.30 -46.18
CA ILE H 140 -34.24 -51.13 -47.62
C ILE H 140 -35.06 -49.88 -47.94
N ILE H 141 -36.12 -49.65 -47.15
CA ILE H 141 -36.95 -48.45 -47.29
C ILE H 141 -36.15 -47.18 -46.97
N ALA H 142 -35.29 -47.26 -45.96
CA ALA H 142 -34.40 -46.16 -45.60
C ALA H 142 -33.36 -45.92 -46.68
N ALA H 143 -32.83 -47.01 -47.25
CA ALA H 143 -31.84 -46.94 -48.32
C ALA H 143 -32.45 -46.40 -49.62
N THR H 144 -33.71 -46.72 -49.86
CA THR H 144 -34.40 -46.26 -51.08
C THR H 144 -34.74 -44.77 -51.01
N LYS H 145 -34.83 -44.23 -49.79
CA LYS H 145 -35.17 -42.82 -49.57
C LYS H 145 -33.93 -41.94 -49.69
N GLN H 146 -32.76 -42.55 -49.56
N GLN H 146 -32.76 -42.54 -49.57
CA GLN H 146 -31.50 -41.85 -49.71
CA GLN H 146 -31.50 -41.82 -49.74
C GLN H 146 -31.23 -41.44 -51.16
C GLN H 146 -31.26 -41.37 -51.17
N VAL H 147 -32.02 -41.94 -52.10
CA VAL H 147 -31.95 -41.46 -53.51
C VAL H 147 -31.78 -39.96 -53.68
N LYS H 148 -30.68 -39.57 -54.32
CA LYS H 148 -30.38 -38.16 -54.59
C LYS H 148 -30.88 -37.71 -55.96
N HIS H 149 -31.99 -37.00 -55.90
CA HIS H 149 -32.59 -36.27 -57.02
C HIS H 149 -32.68 -37.00 -58.36
N HIS H 150 -33.40 -38.12 -58.32
CA HIS H 150 -33.73 -38.89 -59.51
C HIS H 150 -35.15 -38.55 -59.92
N MET I 3 2.92 -1.91 -14.66
CA MET I 3 2.66 -3.23 -15.28
C MET I 3 3.08 -3.20 -16.74
N ASN I 4 4.36 -3.53 -16.97
CA ASN I 4 5.01 -3.50 -18.28
C ASN I 4 6.50 -3.99 -18.21
N VAL I 5 7.20 -3.86 -19.33
CA VAL I 5 8.58 -4.35 -19.38
C VAL I 5 9.53 -3.53 -18.53
N PHE I 6 10.35 -4.18 -17.72
CA PHE I 6 11.48 -3.52 -17.06
C PHE I 6 12.44 -2.95 -18.10
N ASN I 7 12.70 -1.66 -17.99
CA ASN I 7 13.56 -0.95 -18.91
C ASN I 7 14.83 -0.54 -18.18
N PRO I 8 15.96 -1.22 -18.49
CA PRO I 8 17.24 -0.91 -17.82
C PRO I 8 17.73 0.52 -17.99
N ALA I 9 17.46 1.15 -19.14
CA ALA I 9 17.84 2.53 -19.39
C ALA I 9 17.08 3.52 -18.50
N GLN I 10 15.77 3.37 -18.43
CA GLN I 10 14.91 4.15 -17.51
C GLN I 10 15.45 4.04 -16.09
N PHE I 11 15.65 2.80 -15.64
CA PHE I 11 16.23 2.54 -14.33
C PHE I 11 17.54 3.31 -14.15
N ARG I 12 18.47 3.11 -15.09
CA ARG I 12 19.78 3.73 -15.02
C ARG I 12 19.72 5.25 -14.88
N ALA I 13 18.80 5.90 -15.60
CA ALA I 13 18.71 7.37 -15.63
C ALA I 13 18.59 8.02 -14.25
N GLN I 14 18.10 7.27 -13.25
CA GLN I 14 17.78 7.81 -11.94
C GLN I 14 18.98 8.03 -11.02
N PHE I 15 20.13 7.48 -11.39
CA PHE I 15 21.32 7.53 -10.54
C PHE I 15 22.30 8.59 -11.01
N PRO I 16 22.40 9.71 -10.28
CA PRO I 16 23.32 10.77 -10.67
C PRO I 16 24.81 10.44 -10.56
N ALA I 17 25.14 9.40 -9.79
CA ALA I 17 26.53 8.94 -9.69
C ALA I 17 27.05 8.32 -10.98
N LEU I 18 26.15 7.78 -11.79
CA LEU I 18 26.49 7.04 -13.00
C LEU I 18 26.96 7.96 -14.09
N GLN I 19 26.38 9.16 -14.15
CA GLN I 19 26.46 9.84 -15.41
C GLN I 19 27.93 10.21 -15.61
N ASP I 20 28.51 9.63 -16.67
CA ASP I 20 29.86 9.91 -17.08
C ASP I 20 30.84 9.53 -15.92
N ALA I 21 30.51 8.43 -15.24
CA ALA I 21 31.21 8.00 -14.00
C ALA I 21 32.39 6.99 -14.17
N GLY I 22 32.01 5.85 -14.74
CA GLY I 22 32.85 4.76 -15.07
C GLY I 22 32.09 3.50 -14.77
N VAL I 23 32.81 2.44 -14.43
CA VAL I 23 32.20 1.12 -14.36
C VAL I 23 32.15 0.60 -12.94
N TYR I 24 30.98 0.73 -12.33
CA TYR I 24 30.79 0.36 -10.96
C TYR I 24 30.26 -1.06 -10.83
N LEU I 25 31.09 -1.96 -10.30
CA LEU I 25 30.71 -3.37 -10.13
C LEU I 25 30.98 -3.85 -8.70
N ASP I 26 30.61 -3.00 -7.74
CA ASP I 26 30.84 -3.29 -6.34
C ASP I 26 29.56 -3.03 -5.52
N SER I 27 28.40 -3.27 -6.13
CA SER I 27 27.12 -3.03 -5.47
C SER I 27 26.85 -3.96 -4.29
N ALA I 28 27.46 -5.14 -4.28
CA ALA I 28 27.31 -6.07 -3.17
C ALA I 28 27.99 -5.53 -1.93
N ALA I 29 28.97 -4.67 -2.12
CA ALA I 29 29.59 -3.92 -1.01
C ALA I 29 28.65 -2.81 -0.59
N THR I 30 28.40 -1.87 -1.49
CA THR I 30 27.44 -0.80 -1.24
C THR I 30 26.81 -0.31 -2.55
N ALA I 31 25.53 0.00 -2.49
CA ALA I 31 24.74 0.34 -3.68
C ALA I 31 24.77 1.84 -3.94
N LEU I 32 24.68 2.23 -5.21
CA LEU I 32 24.50 3.63 -5.59
C LEU I 32 23.07 4.05 -5.28
N LYS I 33 22.85 5.35 -5.17
CA LYS I 33 21.57 5.88 -4.71
C LYS I 33 20.83 6.63 -5.82
N PRO I 34 19.51 6.41 -5.92
CA PRO I 34 18.71 7.16 -6.89
C PRO I 34 18.45 8.58 -6.40
N GLU I 35 18.05 9.47 -7.31
CA GLU I 35 17.87 10.88 -6.96
C GLU I 35 16.85 11.05 -5.83
N ALA I 36 15.84 10.18 -5.81
CA ALA I 36 14.80 10.22 -4.78
C ALA I 36 15.40 10.19 -3.37
N VAL I 37 16.41 9.36 -3.17
CA VAL I 37 17.08 9.27 -1.88
C VAL I 37 17.92 10.48 -1.57
N VAL I 38 18.68 10.93 -2.57
CA VAL I 38 19.53 12.11 -2.42
C VAL I 38 18.70 13.35 -2.07
N GLU I 39 17.54 13.46 -2.71
CA GLU I 39 16.69 14.63 -2.59
C GLU I 39 15.93 14.68 -1.26
N ALA I 40 15.51 13.51 -0.77
CA ALA I 40 14.85 13.42 0.54
C ALA I 40 15.80 13.80 1.66
N THR I 41 17.04 13.33 1.56
CA THR I 41 18.07 13.61 2.56
C THR I 41 18.41 15.10 2.61
N GLN I 42 18.58 15.72 1.45
CA GLN I 42 18.88 17.15 1.43
C GLN I 42 17.75 17.97 2.00
N GLN I 43 16.52 17.60 1.65
CA GLN I 43 15.34 18.28 2.17
C GLN I 43 15.18 18.11 3.66
N PHE I 44 15.50 16.93 4.17
CA PHE I 44 15.41 16.68 5.60
C PHE I 44 16.35 17.58 6.39
N TYR I 45 17.58 17.70 5.91
CA TYR I 45 18.59 18.52 6.58
C TYR I 45 18.46 20.01 6.28
N SER I 46 17.65 20.35 5.30
CA SER I 46 17.42 21.74 4.92
C SER I 46 16.22 22.37 5.63
N LEU I 47 15.48 21.57 6.39
CA LEU I 47 14.27 22.05 7.06
C LEU I 47 14.25 21.73 8.56
N SER I 48 13.41 22.46 9.29
CA SER I 48 13.17 22.22 10.71
C SER I 48 12.37 20.95 10.90
N ALA I 49 12.60 20.26 12.02
CA ALA I 49 11.84 19.05 12.36
C ALA I 49 10.71 19.35 13.35
N GLY I 50 10.38 20.64 13.51
CA GLY I 50 9.38 21.06 14.49
C GLY I 50 7.97 21.20 13.94
N ASN I 51 7.09 21.75 14.78
CA ASN I 51 5.67 21.93 14.45
C ASN I 51 5.39 23.26 13.72
N VAL I 52 6.34 24.18 13.81
CA VAL I 52 6.24 25.46 13.11
C VAL I 52 6.88 25.37 11.72
N HIS I 53 6.10 25.69 10.70
CA HIS I 53 6.60 25.77 9.32
C HIS I 53 5.98 26.98 8.65
N ARG I 54 6.79 28.00 8.36
CA ARG I 54 6.29 29.29 7.87
C ARG I 54 6.04 29.32 6.37
N SER I 55 6.89 28.65 5.60
CA SER I 55 6.87 28.71 4.13
C SER I 55 6.64 27.33 3.52
N GLN I 56 7.47 26.36 3.90
CA GLN I 56 7.51 25.05 3.24
C GLN I 56 6.81 23.95 4.06
N PHE I 57 5.51 24.15 4.27
CA PHE I 57 4.69 23.15 4.97
C PHE I 57 4.53 21.88 4.15
N ALA I 58 4.23 22.05 2.86
CA ALA I 58 4.00 20.93 1.96
C ALA I 58 5.17 19.95 2.01
N GLU I 59 6.37 20.50 1.85
CA GLU I 59 7.60 19.71 1.91
C GLU I 59 7.80 19.05 3.27
N ALA I 60 7.43 19.77 4.33
CA ALA I 60 7.54 19.24 5.69
C ALA I 60 6.57 18.10 5.94
N GLN I 61 5.35 18.24 5.44
CA GLN I 61 4.33 17.21 5.53
C GLN I 61 4.74 15.92 4.78
N ARG I 62 5.44 16.10 3.66
CA ARG I 62 5.97 15.00 2.86
C ARG I 62 7.00 14.20 3.65
N LEU I 63 7.92 14.89 4.32
CA LEU I 63 8.98 14.24 5.11
C LEU I 63 8.40 13.48 6.30
N THR I 64 7.40 14.09 6.95
CA THR I 64 6.71 13.43 8.06
C THR I 64 6.01 12.16 7.57
N ALA I 65 5.32 12.29 6.44
CA ALA I 65 4.62 11.17 5.80
C ALA I 65 5.59 10.02 5.51
N ARG I 66 6.76 10.35 4.98
CA ARG I 66 7.79 9.36 4.69
C ARG I 66 8.24 8.62 5.94
N TYR I 67 8.46 9.36 7.02
CA TYR I 67 8.98 8.81 8.28
C TYR I 67 8.00 7.86 8.92
N GLU I 68 6.75 8.29 8.97
CA GLU I 68 5.69 7.51 9.61
C GLU I 68 5.35 6.24 8.83
N ALA I 69 5.51 6.30 7.51
CA ALA I 69 5.22 5.15 6.64
C ALA I 69 6.40 4.19 6.51
N ALA I 70 7.58 4.62 6.94
CA ALA I 70 8.81 3.86 6.73
C ALA I 70 8.71 2.40 7.17
N ARG I 71 8.14 2.16 8.34
CA ARG I 71 7.97 0.78 8.81
C ARG I 71 7.08 -0.02 7.88
N GLU I 72 5.94 0.55 7.50
CA GLU I 72 5.00 -0.11 6.61
C GLU I 72 5.66 -0.51 5.29
N LYS I 73 6.48 0.38 4.75
CA LYS I 73 7.14 0.14 3.49
C LYS I 73 8.13 -1.02 3.56
N VAL I 74 8.82 -1.15 4.68
CA VAL I 74 9.69 -2.30 4.89
C VAL I 74 8.85 -3.55 4.99
N ALA I 75 7.71 -3.44 5.66
CA ALA I 75 6.80 -4.58 5.82
C ALA I 75 6.31 -5.06 4.47
N GLN I 76 5.93 -4.12 3.61
CA GLN I 76 5.44 -4.45 2.26
C GLN I 76 6.52 -5.17 1.45
N LEU I 77 7.78 -4.73 1.59
CA LEU I 77 8.89 -5.42 0.94
C LEU I 77 9.08 -6.88 1.38
N LEU I 78 8.80 -7.16 2.65
CA LEU I 78 8.96 -8.48 3.24
C LEU I 78 7.65 -9.25 3.36
N ASN I 79 6.57 -8.64 2.90
CA ASN I 79 5.23 -9.20 3.11
C ASN I 79 5.03 -9.56 4.57
N ALA I 80 5.41 -8.65 5.45
CA ALA I 80 5.22 -8.82 6.90
C ALA I 80 3.77 -8.46 7.25
N PRO I 81 3.20 -9.14 8.27
CA PRO I 81 1.78 -8.95 8.58
C PRO I 81 1.47 -7.56 9.16
N ASP I 82 2.36 -7.04 10.00
CA ASP I 82 2.17 -5.72 10.59
C ASP I 82 3.50 -4.99 10.83
N ASP I 83 3.41 -3.66 10.83
CA ASP I 83 4.60 -2.83 10.84
C ASP I 83 5.32 -2.76 12.20
N LYS I 84 4.67 -3.23 13.26
CA LYS I 84 5.30 -3.28 14.57
C LYS I 84 6.33 -4.40 14.70
N THR I 85 6.34 -5.32 13.74
CA THR I 85 7.35 -6.34 13.69
C THR I 85 8.68 -5.85 13.09
N ILE I 86 8.74 -4.59 12.65
CA ILE I 86 9.96 -4.02 12.09
C ILE I 86 10.69 -3.16 13.12
N VAL I 87 11.98 -3.40 13.27
CA VAL I 87 12.82 -2.70 14.23
C VAL I 87 14.02 -2.06 13.53
N TRP I 88 14.31 -0.81 13.86
CA TRP I 88 15.41 -0.08 13.23
C TRP I 88 16.69 -0.34 13.94
N THR I 89 17.73 -0.62 13.18
CA THR I 89 19.08 -0.83 13.70
C THR I 89 20.05 -0.03 12.83
N ARG I 90 21.33 -0.16 13.11
CA ARG I 90 22.32 0.56 12.33
C ARG I 90 22.85 -0.28 11.19
N GLY I 91 22.34 -1.51 11.09
CA GLY I 91 22.77 -2.42 10.02
C GLY I 91 22.51 -3.88 10.36
N THR I 92 22.70 -4.73 9.36
CA THR I 92 22.58 -6.17 9.55
C THR I 92 23.40 -6.66 10.74
N THR I 93 24.62 -6.17 10.87
CA THR I 93 25.50 -6.62 11.93
C THR I 93 24.86 -6.37 13.30
N GLU I 94 24.30 -5.17 13.52
CA GLU I 94 23.68 -4.87 14.80
C GLU I 94 22.44 -5.74 14.99
N SER I 95 21.63 -5.83 13.95
CA SER I 95 20.44 -6.66 13.96
C SER I 95 20.73 -8.07 14.47
N ILE I 96 21.77 -8.71 13.95
CA ILE I 96 22.10 -10.08 14.33
C ILE I 96 22.63 -10.15 15.76
N ASN I 97 23.47 -9.19 16.14
CA ASN I 97 23.97 -9.13 17.49
C ASN I 97 22.86 -8.98 18.53
N MET I 98 21.81 -8.25 18.14
CA MET I 98 20.66 -8.04 19.01
C MET I 98 19.96 -9.34 19.30
N VAL I 99 19.70 -10.11 18.27
CA VAL I 99 19.09 -11.43 18.44
C VAL I 99 19.95 -12.35 19.31
N ALA I 100 21.25 -12.35 19.09
CA ALA I 100 22.16 -13.17 19.87
C ALA I 100 22.10 -12.84 21.36
N GLN I 101 22.06 -11.54 21.67
CA GLN I 101 22.18 -11.08 23.04
C GLN I 101 20.84 -10.97 23.74
N CYS I 102 19.83 -10.55 23.01
CA CYS I 102 18.52 -10.31 23.61
C CYS I 102 17.61 -11.53 23.56
N TYR I 103 17.82 -12.41 22.59
CA TYR I 103 17.03 -13.62 22.52
C TYR I 103 17.79 -14.85 23.01
N ALA I 104 18.98 -15.08 22.47
CA ALA I 104 19.69 -16.32 22.71
C ALA I 104 20.30 -16.39 24.10
N ARG I 105 21.05 -15.35 24.47
CA ARG I 105 21.86 -15.38 25.68
C ARG I 105 21.10 -15.73 26.97
N PRO I 106 19.91 -15.14 27.18
CA PRO I 106 19.19 -15.49 28.42
C PRO I 106 18.55 -16.88 28.39
N ARG I 107 18.50 -17.52 27.23
CA ARG I 107 17.88 -18.83 27.08
C ARG I 107 18.87 -19.99 27.00
N LEU I 108 20.05 -19.77 26.41
CA LEU I 108 21.01 -20.86 26.17
C LEU I 108 21.64 -21.39 27.47
N GLN I 109 21.65 -22.72 27.62
CA GLN I 109 22.28 -23.38 28.75
C GLN I 109 23.54 -24.08 28.33
N PRO I 110 24.43 -24.40 29.28
CA PRO I 110 25.67 -25.07 28.90
C PRO I 110 25.42 -26.37 28.17
N GLY I 111 26.12 -26.55 27.04
CA GLY I 111 25.92 -27.73 26.19
C GLY I 111 24.97 -27.52 25.02
N ASP I 112 24.13 -26.48 25.07
CA ASP I 112 23.20 -26.21 23.96
C ASP I 112 23.97 -25.91 22.69
N GLU I 113 23.29 -26.04 21.55
CA GLU I 113 23.97 -26.03 20.24
C GLU I 113 23.39 -25.04 19.26
N ILE I 114 24.29 -24.33 18.58
CA ILE I 114 23.93 -23.33 17.58
C ILE I 114 24.51 -23.78 16.26
N ILE I 115 23.64 -24.12 15.31
CA ILE I 115 24.10 -24.61 14.01
C ILE I 115 24.29 -23.41 13.10
N VAL I 116 25.49 -23.25 12.56
CA VAL I 116 25.83 -22.12 11.69
C VAL I 116 26.49 -22.62 10.41
N SER I 117 26.07 -22.11 9.26
CA SER I 117 26.62 -22.58 8.00
C SER I 117 28.00 -22.00 7.73
N VAL I 118 28.84 -22.76 7.04
CA VAL I 118 30.19 -22.29 6.68
C VAL I 118 30.15 -21.12 5.69
N ALA I 119 29.02 -20.95 4.98
CA ALA I 119 28.86 -19.86 4.00
C ALA I 119 28.49 -18.54 4.64
N GLU I 120 28.55 -18.46 5.97
CA GLU I 120 28.07 -17.26 6.66
C GLU I 120 29.08 -16.12 6.67
N HIS I 121 28.56 -14.92 6.47
CA HIS I 121 29.28 -13.68 6.69
C HIS I 121 29.65 -13.61 8.16
N HIS I 122 30.76 -12.94 8.45
CA HIS I 122 31.22 -12.81 9.84
C HIS I 122 30.15 -12.30 10.74
N ALA I 123 29.30 -11.42 10.22
CA ALA I 123 28.17 -10.86 10.97
C ALA I 123 27.25 -11.94 11.51
N ASN I 124 27.10 -13.05 10.78
CA ASN I 124 26.24 -14.13 11.21
C ASN I 124 27.04 -15.32 11.69
N LEU I 125 28.26 -15.07 12.18
CA LEU I 125 29.09 -16.09 12.80
C LEU I 125 29.72 -15.62 14.12
N VAL I 126 30.38 -14.46 14.11
CA VAL I 126 31.09 -13.98 15.30
C VAL I 126 30.18 -13.78 16.50
N PRO I 127 28.98 -13.22 16.30
CA PRO I 127 28.08 -13.07 17.44
C PRO I 127 27.70 -14.38 18.11
N TRP I 128 27.63 -15.46 17.33
CA TRP I 128 27.28 -16.78 17.88
C TRP I 128 28.45 -17.35 18.60
N LEU I 129 29.66 -17.11 18.09
CA LEU I 129 30.85 -17.51 18.80
C LEU I 129 30.93 -16.80 20.15
N MET I 130 30.66 -15.50 20.15
CA MET I 130 30.70 -14.67 21.35
C MET I 130 29.71 -15.18 22.39
N VAL I 131 28.46 -15.38 21.97
CA VAL I 131 27.41 -15.81 22.90
C VAL I 131 27.69 -17.23 23.38
N ALA I 132 28.28 -18.06 22.52
CA ALA I 132 28.65 -19.42 22.89
C ALA I 132 29.59 -19.42 24.08
N GLN I 133 30.62 -18.60 23.98
CA GLN I 133 31.61 -18.46 25.05
C GLN I 133 30.95 -17.96 26.32
N GLN I 134 29.99 -17.05 26.17
CA GLN I 134 29.33 -16.45 27.32
C GLN I 134 28.34 -17.36 28.04
N THR I 135 27.78 -18.33 27.32
CA THR I 135 26.73 -19.20 27.87
C THR I 135 27.16 -20.65 28.06
N GLY I 136 28.29 -21.02 27.49
CA GLY I 136 28.75 -22.42 27.53
C GLY I 136 28.11 -23.28 26.45
N ALA I 137 27.50 -22.63 25.47
CA ALA I 137 26.93 -23.30 24.32
C ALA I 137 28.03 -23.58 23.32
N LYS I 138 27.69 -24.33 22.28
CA LYS I 138 28.66 -24.70 21.25
C LYS I 138 28.12 -24.37 19.88
N VAL I 139 28.99 -23.85 19.02
CA VAL I 139 28.66 -23.60 17.63
C VAL I 139 29.01 -24.84 16.82
N VAL I 140 28.02 -25.34 16.09
CA VAL I 140 28.19 -26.53 15.28
C VAL I 140 28.10 -26.12 13.81
N LYS I 141 29.03 -26.62 13.00
CA LYS I 141 29.15 -26.24 11.60
C LYS I 141 28.20 -27.02 10.70
N LEU I 142 27.53 -26.30 9.81
CA LEU I 142 26.74 -26.89 8.74
C LEU I 142 27.49 -26.71 7.41
N PRO I 143 28.05 -27.80 6.86
CA PRO I 143 28.97 -27.67 5.75
C PRO I 143 28.29 -27.46 4.41
N LEU I 144 29.10 -27.25 3.38
CA LEU I 144 28.63 -27.12 2.02
C LEU I 144 28.43 -28.48 1.37
N ASN I 145 27.48 -28.56 0.45
CA ASN I 145 27.31 -29.75 -0.38
C ASN I 145 28.18 -29.64 -1.65
N ALA I 146 27.98 -30.58 -2.57
CA ALA I 146 28.75 -30.62 -3.83
C ALA I 146 28.51 -29.38 -4.72
N GLN I 147 27.36 -28.75 -4.56
CA GLN I 147 26.99 -27.59 -5.35
C GLN I 147 27.42 -26.30 -4.69
N ARG I 148 28.18 -26.41 -3.61
CA ARG I 148 28.71 -25.26 -2.86
C ARG I 148 27.64 -24.43 -2.15
N LEU I 149 26.55 -25.08 -1.77
CA LEU I 149 25.52 -24.48 -0.94
C LEU I 149 25.48 -25.22 0.39
N PRO I 150 25.09 -24.52 1.46
CA PRO I 150 24.88 -25.15 2.77
C PRO I 150 24.01 -26.40 2.68
N ASP I 151 24.52 -27.50 3.22
CA ASP I 151 23.95 -28.82 2.99
C ASP I 151 22.72 -29.04 3.85
N VAL I 152 21.60 -28.51 3.38
CA VAL I 152 20.35 -28.55 4.10
C VAL I 152 19.82 -29.99 4.29
N ASP I 153 20.13 -30.88 3.37
CA ASP I 153 19.71 -32.29 3.50
C ASP I 153 20.43 -33.02 4.63
N LEU I 154 21.59 -32.51 5.02
CA LEU I 154 22.37 -33.06 6.12
C LEU I 154 21.82 -32.64 7.49
N LEU I 155 20.97 -31.63 7.47
CA LEU I 155 20.53 -30.96 8.69
C LEU I 155 19.88 -31.88 9.72
N PRO I 156 19.02 -32.82 9.28
CA PRO I 156 18.42 -33.71 10.27
C PRO I 156 19.46 -34.50 11.06
N GLU I 157 20.57 -34.82 10.43
CA GLU I 157 21.63 -35.57 11.09
C GLU I 157 22.42 -34.71 12.08
N LEU I 158 22.54 -33.42 11.79
CA LEU I 158 23.24 -32.51 12.70
C LEU I 158 22.40 -32.08 13.88
N ILE I 159 21.08 -32.03 13.70
CA ILE I 159 20.15 -31.66 14.76
C ILE I 159 20.09 -32.74 15.83
N THR I 160 20.32 -32.32 17.08
CA THR I 160 20.24 -33.19 18.24
C THR I 160 19.24 -32.58 19.20
N PRO I 161 18.96 -33.27 20.32
CA PRO I 161 18.03 -32.68 21.31
C PRO I 161 18.51 -31.38 21.93
N ARG I 162 19.78 -31.05 21.74
CA ARG I 162 20.38 -29.84 22.32
C ARG I 162 20.48 -28.68 21.33
N SER I 163 19.98 -28.90 20.11
CA SER I 163 19.97 -27.85 19.09
C SER I 163 18.90 -26.82 19.41
N ARG I 164 19.26 -25.55 19.33
CA ARG I 164 18.37 -24.44 19.68
C ARG I 164 18.25 -23.39 18.60
N ILE I 165 19.36 -23.06 17.94
CA ILE I 165 19.37 -22.01 16.95
C ILE I 165 20.00 -22.42 15.63
N LEU I 166 19.42 -21.93 14.54
CA LEU I 166 19.96 -22.12 13.19
C LEU I 166 20.29 -20.76 12.58
N ALA I 167 21.58 -20.48 12.45
CA ALA I 167 22.04 -19.24 11.81
C ALA I 167 22.38 -19.56 10.34
N LEU I 168 21.66 -18.93 9.43
CA LEU I 168 21.74 -19.28 8.01
C LEU I 168 21.56 -18.06 7.11
N GLY I 169 22.40 -17.92 6.09
CA GLY I 169 22.30 -16.80 5.15
C GLY I 169 21.34 -17.11 4.01
N GLN I 170 20.56 -16.12 3.62
CA GLN I 170 19.66 -16.26 2.47
C GLN I 170 20.47 -16.31 1.17
N MET I 171 21.55 -15.55 1.13
CA MET I 171 22.36 -15.42 -0.07
C MET I 171 23.78 -15.09 0.34
N SER I 172 24.73 -15.89 -0.14
CA SER I 172 26.16 -15.65 0.14
C SER I 172 26.64 -14.41 -0.61
N ASN I 173 27.51 -13.65 0.04
CA ASN I 173 28.11 -12.46 -0.58
C ASN I 173 29.32 -12.79 -1.42
N VAL I 174 29.69 -14.08 -1.43
CA VAL I 174 30.84 -14.55 -2.23
C VAL I 174 30.36 -15.31 -3.46
N THR I 175 29.59 -16.37 -3.23
CA THR I 175 29.10 -17.23 -4.33
C THR I 175 27.78 -16.74 -4.93
N GLY I 176 27.07 -15.87 -4.23
CA GLY I 176 25.74 -15.46 -4.64
C GLY I 176 24.71 -16.58 -4.52
N GLY I 177 25.09 -17.66 -3.83
CA GLY I 177 24.27 -18.85 -3.77
C GLY I 177 23.24 -18.78 -2.66
N CYS I 178 22.01 -19.20 -2.97
CA CYS I 178 20.91 -19.27 -2.01
C CYS I 178 20.57 -20.72 -1.68
N PRO I 179 20.68 -21.12 -0.40
CA PRO I 179 20.30 -22.48 -0.03
C PRO I 179 18.79 -22.68 -0.02
N ASP I 180 18.36 -23.94 0.11
CA ASP I 180 16.91 -24.24 0.16
C ASP I 180 16.34 -23.84 1.52
N LEU I 181 16.03 -22.56 1.64
CA LEU I 181 15.67 -21.97 2.91
C LEU I 181 14.36 -22.50 3.45
N ALA I 182 13.39 -22.68 2.57
CA ALA I 182 12.09 -23.20 2.96
C ALA I 182 12.24 -24.54 3.67
N ARG I 183 13.01 -25.46 3.08
CA ARG I 183 13.19 -26.78 3.65
C ARG I 183 13.95 -26.70 4.97
N ALA I 184 15.02 -25.92 4.98
CA ALA I 184 15.82 -25.71 6.17
C ALA I 184 14.95 -25.31 7.39
N ILE I 185 14.05 -24.36 7.17
CA ILE I 185 13.15 -23.86 8.21
C ILE I 185 12.22 -24.95 8.71
N THR I 186 11.69 -25.75 7.81
CA THR I 186 10.83 -26.87 8.20
C THR I 186 11.53 -27.84 9.16
N PHE I 187 12.80 -28.13 8.88
CA PHE I 187 13.57 -29.04 9.73
C PHE I 187 13.85 -28.41 11.08
N ALA I 188 14.22 -27.14 11.08
CA ALA I 188 14.51 -26.44 12.32
C ALA I 188 13.28 -26.38 13.22
N HIS I 189 12.13 -26.09 12.62
CA HIS I 189 10.91 -25.89 13.38
C HIS I 189 10.40 -27.18 13.95
N SER I 190 10.63 -28.27 13.24
CA SER I 190 10.30 -29.60 13.74
C SER I 190 11.07 -29.89 15.00
N ALA I 191 12.32 -29.41 15.07
CA ALA I 191 13.16 -29.62 16.25
C ALA I 191 12.98 -28.52 17.29
N GLY I 192 11.97 -27.67 17.12
CA GLY I 192 11.73 -26.57 18.04
C GLY I 192 12.83 -25.50 18.08
N MET I 193 13.55 -25.33 16.98
CA MET I 193 14.63 -24.35 16.92
C MET I 193 14.10 -23.03 16.38
N VAL I 194 14.87 -21.94 16.58
CA VAL I 194 14.55 -20.64 15.95
C VAL I 194 15.62 -20.28 14.93
N VAL I 195 15.20 -19.66 13.84
CA VAL I 195 16.08 -19.45 12.69
C VAL I 195 16.42 -17.98 12.54
N MET I 196 17.71 -17.68 12.47
CA MET I 196 18.18 -16.33 12.16
C MET I 196 18.65 -16.29 10.70
N VAL I 197 17.95 -15.51 9.87
CA VAL I 197 18.29 -15.40 8.46
C VAL I 197 18.97 -14.08 8.17
N ASP I 198 20.19 -14.16 7.64
CA ASP I 198 20.93 -12.98 7.21
C ASP I 198 20.53 -12.67 5.78
N GLY I 199 19.82 -11.56 5.60
CA GLY I 199 19.29 -11.20 4.28
C GLY I 199 19.94 -9.95 3.70
N ALA I 200 21.17 -9.66 4.10
CA ALA I 200 21.86 -8.45 3.64
C ALA I 200 21.93 -8.38 2.10
N GLN I 201 22.21 -9.52 1.48
CA GLN I 201 22.22 -9.63 0.02
C GLN I 201 20.85 -9.99 -0.51
N GLY I 202 20.22 -10.97 0.13
CA GLY I 202 18.93 -11.51 -0.31
C GLY I 202 17.83 -10.47 -0.43
N ALA I 203 17.82 -9.51 0.49
CA ALA I 203 16.82 -8.43 0.47
C ALA I 203 16.91 -7.60 -0.82
N VAL I 204 18.11 -7.49 -1.36
CA VAL I 204 18.36 -6.69 -2.56
C VAL I 204 17.91 -7.41 -3.83
N HIS I 205 18.10 -8.73 -3.87
CA HIS I 205 17.93 -9.51 -5.11
C HIS I 205 16.72 -10.40 -5.13
N PHE I 206 16.39 -11.03 -4.00
CA PHE I 206 15.23 -11.91 -3.87
C PHE I 206 14.56 -11.66 -2.51
N PRO I 207 13.91 -10.49 -2.33
CA PRO I 207 13.42 -10.15 -0.99
C PRO I 207 12.48 -11.23 -0.44
N ALA I 208 12.75 -11.69 0.78
CA ALA I 208 12.08 -12.85 1.34
C ALA I 208 10.68 -12.54 1.80
N ASP I 209 9.75 -13.41 1.44
CA ASP I 209 8.39 -13.38 1.98
C ASP I 209 8.39 -14.08 3.33
N VAL I 210 8.42 -13.28 4.40
CA VAL I 210 8.66 -13.80 5.76
C VAL I 210 7.51 -14.65 6.30
N GLN I 211 6.30 -14.39 5.84
CA GLN I 211 5.15 -15.21 6.23
C GLN I 211 5.16 -16.55 5.53
N GLN I 212 5.33 -16.52 4.22
CA GLN I 212 5.32 -17.73 3.40
C GLN I 212 6.47 -18.66 3.82
N LEU I 213 7.66 -18.10 3.96
CA LEU I 213 8.81 -18.86 4.46
C LEU I 213 8.77 -19.17 5.96
N ASP I 214 7.95 -18.44 6.73
CA ASP I 214 7.83 -18.64 8.18
C ASP I 214 9.14 -18.29 8.92
N ILE I 215 9.82 -17.26 8.45
CA ILE I 215 11.07 -16.81 9.04
C ILE I 215 10.86 -16.23 10.44
N ASP I 216 11.71 -16.63 11.37
CA ASP I 216 11.65 -16.12 12.73
C ASP I 216 12.26 -14.73 12.82
N PHE I 217 13.50 -14.62 12.35
CA PHE I 217 14.24 -13.35 12.34
C PHE I 217 14.87 -13.13 10.99
N TYR I 218 14.90 -11.87 10.57
CA TYR I 218 15.41 -11.51 9.25
C TYR I 218 16.08 -10.15 9.32
N ALA I 219 17.30 -10.06 8.80
CA ALA I 219 18.09 -8.83 8.90
C ALA I 219 18.62 -8.36 7.54
N PHE I 220 18.63 -7.05 7.31
CA PHE I 220 19.33 -6.47 6.15
C PHE I 220 19.78 -5.04 6.37
N SER I 221 20.57 -4.52 5.42
CA SER I 221 21.18 -3.19 5.54
C SER I 221 20.64 -2.24 4.46
N GLY I 222 20.40 -1.01 4.84
CA GLY I 222 19.83 -0.02 3.91
C GLY I 222 20.74 0.37 2.77
N HIS I 223 22.05 0.38 3.01
CA HIS I 223 23.01 0.86 2.00
C HIS I 223 23.16 -0.06 0.83
N LYS I 224 22.90 -1.35 1.04
CA LYS I 224 22.90 -2.32 -0.05
C LYS I 224 21.62 -2.22 -0.82
N LEU I 225 20.59 -1.68 -0.20
CA LEU I 225 19.27 -1.56 -0.81
C LEU I 225 19.04 -0.17 -1.40
N TYR I 226 20.07 0.39 -2.04
CA TYR I 226 20.03 1.67 -2.72
C TYR I 226 19.70 2.83 -1.80
N GLY I 227 20.04 2.67 -0.52
CA GLY I 227 19.61 3.59 0.51
C GLY I 227 20.76 4.13 1.32
N PRO I 228 20.43 4.84 2.41
CA PRO I 228 21.45 5.50 3.21
C PRO I 228 22.31 4.55 4.02
N THR I 229 23.46 5.05 4.46
CA THR I 229 24.30 4.33 5.40
C THR I 229 23.77 4.53 6.81
N GLY I 230 24.23 3.70 7.74
CA GLY I 230 23.89 3.83 9.15
C GLY I 230 22.47 3.45 9.51
N ILE I 231 21.81 2.67 8.66
CA ILE I 231 20.46 2.24 8.92
C ILE I 231 20.26 0.81 8.44
N GLY I 232 19.64 0.01 9.29
CA GLY I 232 19.37 -1.38 9.02
C GLY I 232 18.08 -1.81 9.69
N VAL I 233 17.66 -3.03 9.36
CA VAL I 233 16.38 -3.50 9.79
C VAL I 233 16.52 -4.87 10.47
N LEU I 234 15.73 -5.09 11.52
CA LEU I 234 15.52 -6.40 12.07
C LEU I 234 14.04 -6.67 12.03
N TYR I 235 13.63 -7.66 11.25
CA TYR I 235 12.29 -8.18 11.34
C TYR I 235 12.25 -9.31 12.34
N GLY I 236 11.20 -9.36 13.13
CA GLY I 236 10.95 -10.50 14.01
C GLY I 236 9.47 -10.75 14.16
N LYS I 237 9.10 -12.01 14.34
CA LYS I 237 7.74 -12.35 14.76
C LYS I 237 7.46 -11.63 16.06
N SER I 238 6.23 -11.13 16.23
CA SER I 238 5.90 -10.30 17.37
C SER I 238 6.12 -11.01 18.71
N GLU I 239 5.78 -12.30 18.77
CA GLU I 239 6.00 -13.09 19.98
C GLU I 239 7.47 -13.09 20.39
N LEU I 240 8.34 -13.15 19.39
CA LEU I 240 9.77 -13.23 19.61
C LEU I 240 10.35 -11.88 20.02
N LEU I 241 9.85 -10.81 19.39
CA LEU I 241 10.24 -9.45 19.79
C LEU I 241 9.81 -9.18 21.21
N GLU I 242 8.64 -9.69 21.57
CA GLU I 242 8.14 -9.51 22.93
C GLU I 242 8.97 -10.30 23.94
N ALA I 243 9.43 -11.47 23.53
CA ALA I 243 10.23 -12.33 24.39
C ALA I 243 11.64 -11.76 24.63
N MET I 244 12.11 -10.92 23.71
CA MET I 244 13.46 -10.40 23.77
C MET I 244 13.63 -9.47 24.95
N SER I 245 14.84 -9.50 25.51
CA SER I 245 15.25 -8.54 26.53
C SER I 245 15.52 -7.19 25.88
N PRO I 246 15.58 -6.11 26.69
CA PRO I 246 15.93 -4.84 26.12
C PRO I 246 17.36 -4.86 25.61
N TRP I 247 17.61 -4.04 24.59
CA TRP I 247 18.91 -4.03 23.94
C TRP I 247 19.75 -2.98 24.59
N LEU I 248 19.81 -1.77 24.04
CA LEU I 248 20.49 -0.67 24.71
C LEU I 248 19.53 -0.03 25.71
N GLY I 249 20.09 0.55 26.76
CA GLY I 249 19.32 1.30 27.74
C GLY I 249 19.41 2.80 27.49
N GLY I 250 18.29 3.51 27.67
CA GLY I 250 18.28 4.97 27.56
C GLY I 250 16.89 5.54 27.32
N GLY I 251 16.86 6.70 26.67
CA GLY I 251 15.60 7.36 26.37
C GLY I 251 14.79 6.58 25.34
N LYS I 252 13.49 6.86 25.29
CA LYS I 252 12.55 6.31 24.32
C LYS I 252 12.14 4.88 24.63
N MET I 253 13.11 4.02 24.93
CA MET I 253 12.83 2.63 25.25
C MET I 253 12.26 2.44 26.65
N VAL I 254 12.54 3.38 27.55
CA VAL I 254 12.03 3.30 28.93
C VAL I 254 10.62 3.85 29.00
N HIS I 255 9.87 3.35 29.99
CA HIS I 255 8.57 3.87 30.30
C HIS I 255 8.69 4.71 31.55
N GLU I 256 9.11 4.07 32.65
CA GLU I 256 9.31 4.78 33.91
C GLU I 256 10.64 4.41 34.53
N VAL I 257 11.34 5.40 35.11
CA VAL I 257 12.67 5.19 35.68
C VAL I 257 12.82 5.84 37.03
N SER I 258 13.35 5.06 37.97
CA SER I 258 13.76 5.55 39.27
C SER I 258 15.07 4.87 39.63
N PHE I 259 15.63 5.22 40.79
CA PHE I 259 16.86 4.58 41.25
C PHE I 259 16.62 3.17 41.76
N ASP I 260 15.36 2.78 41.93
CA ASP I 260 15.01 1.43 42.34
C ASP I 260 14.82 0.50 41.14
N GLY I 261 14.66 1.05 39.94
CA GLY I 261 14.53 0.23 38.73
C GLY I 261 13.83 0.94 37.59
N PHE I 262 13.46 0.19 36.55
CA PHE I 262 12.79 0.78 35.41
C PHE I 262 11.88 -0.21 34.67
N THR I 263 10.89 0.32 33.99
CA THR I 263 10.04 -0.46 33.09
C THR I 263 10.26 0.04 31.67
N THR I 264 10.00 -0.82 30.69
CA THR I 264 10.22 -0.48 29.28
C THR I 264 8.93 -0.37 28.49
N GLN I 265 9.03 0.20 27.30
CA GLN I 265 7.94 0.20 26.32
C GLN I 265 7.81 -1.22 25.74
N SER I 266 6.83 -1.42 24.87
CA SER I 266 6.71 -2.66 24.08
C SER I 266 7.60 -2.56 22.86
N ALA I 267 7.77 -3.67 22.16
CA ALA I 267 8.46 -3.67 20.88
C ALA I 267 7.59 -2.94 19.85
N PRO I 268 8.22 -2.32 18.85
CA PRO I 268 9.66 -2.25 18.62
C PRO I 268 10.43 -1.22 19.46
N TRP I 269 9.73 -0.33 20.15
CA TRP I 269 10.39 0.79 20.87
C TRP I 269 11.25 0.31 21.99
N LYS I 270 10.89 -0.83 22.58
CA LYS I 270 11.71 -1.50 23.60
C LYS I 270 13.16 -1.70 23.14
N LEU I 271 13.33 -1.91 21.85
CA LEU I 271 14.64 -2.24 21.29
C LEU I 271 15.35 -1.06 20.62
N GLU I 272 14.80 0.14 20.76
CA GLU I 272 15.29 1.31 20.02
C GLU I 272 15.59 2.46 20.98
N ALA I 273 16.72 2.39 21.68
CA ALA I 273 17.10 3.43 22.62
C ALA I 273 17.67 4.64 21.92
N GLY I 274 17.46 5.81 22.48
CA GLY I 274 18.12 7.02 22.02
C GLY I 274 17.45 7.65 20.81
N THR I 275 17.98 8.79 20.39
CA THR I 275 17.46 9.49 19.22
C THR I 275 17.72 8.61 18.01
N PRO I 276 16.67 8.29 17.25
CA PRO I 276 16.88 7.44 16.09
C PRO I 276 17.60 8.15 14.97
N ASN I 277 18.22 7.37 14.09
CA ASN I 277 18.79 7.95 12.90
C ASN I 277 17.67 8.30 11.93
N VAL I 278 17.06 9.45 12.15
CA VAL I 278 15.90 9.90 11.40
C VAL I 278 16.25 10.06 9.90
N ALA I 279 17.45 10.56 9.63
CA ALA I 279 17.91 10.69 8.24
C ALA I 279 17.88 9.36 7.53
N GLY I 280 18.40 8.35 8.19
CA GLY I 280 18.44 7.00 7.63
C GLY I 280 17.07 6.44 7.32
N VAL I 281 16.15 6.56 8.28
CA VAL I 281 14.79 6.07 8.13
C VAL I 281 14.08 6.75 6.96
N ILE I 282 14.14 8.07 6.93
CA ILE I 282 13.51 8.86 5.86
C ILE I 282 14.09 8.50 4.49
N GLY I 283 15.43 8.43 4.42
CA GLY I 283 16.12 8.08 3.20
C GLY I 283 15.84 6.67 2.71
N LEU I 284 15.76 5.73 3.67
CA LEU I 284 15.40 4.35 3.34
C LEU I 284 13.97 4.27 2.85
N SER I 285 13.10 5.08 3.44
CA SER I 285 11.71 5.14 3.00
C SER I 285 11.64 5.64 1.56
N ALA I 286 12.43 6.66 1.25
CA ALA I 286 12.50 7.19 -0.10
C ALA I 286 12.98 6.12 -1.08
N ALA I 287 13.97 5.34 -0.67
CA ALA I 287 14.45 4.22 -1.48
C ALA I 287 13.39 3.17 -1.74
N LEU I 288 12.69 2.79 -0.68
CA LEU I 288 11.67 1.73 -0.80
C LEU I 288 10.48 2.17 -1.64
N GLU I 289 9.99 3.38 -1.41
CA GLU I 289 8.89 3.91 -2.22
C GLU I 289 9.26 3.88 -3.71
N TRP I 290 10.48 4.31 -4.00
CA TRP I 290 10.98 4.33 -5.35
C TRP I 290 11.16 2.94 -5.93
N LEU I 291 11.76 2.06 -5.15
CA LEU I 291 12.01 0.68 -5.58
C LEU I 291 10.72 -0.07 -5.90
N ALA I 292 9.65 0.26 -5.18
CA ALA I 292 8.34 -0.35 -5.38
C ALA I 292 7.79 -0.24 -6.80
N ASP I 293 8.33 0.70 -7.58
CA ASP I 293 7.89 0.89 -8.97
C ASP I 293 8.35 -0.19 -9.97
N TYR I 294 9.40 -0.93 -9.62
CA TYR I 294 10.00 -1.90 -10.54
C TYR I 294 9.75 -3.33 -10.11
N ASP I 295 9.58 -4.22 -11.09
CA ASP I 295 9.49 -5.65 -10.80
C ASP I 295 10.89 -6.18 -10.54
N ILE I 296 11.16 -6.50 -9.28
CA ILE I 296 12.48 -6.96 -8.85
C ILE I 296 12.91 -8.24 -9.56
N ASN I 297 11.95 -9.10 -9.85
CA ASN I 297 12.22 -10.35 -10.56
C ASN I 297 12.82 -10.08 -11.94
N GLN I 298 12.26 -9.11 -12.66
CA GLN I 298 12.78 -8.72 -13.97
C GLN I 298 14.12 -8.00 -13.86
N ALA I 299 14.22 -7.15 -12.85
CA ALA I 299 15.43 -6.37 -12.62
C ALA I 299 16.59 -7.28 -12.24
N GLU I 300 16.28 -8.34 -11.49
CA GLU I 300 17.31 -9.28 -11.09
C GLU I 300 17.74 -10.17 -12.27
N SER I 301 16.78 -10.58 -13.08
CA SER I 301 17.09 -11.33 -14.30
C SER I 301 18.08 -10.58 -15.16
N TRP I 302 17.85 -9.28 -15.32
CA TRP I 302 18.78 -8.44 -16.09
C TRP I 302 20.16 -8.47 -15.50
N SER I 303 20.26 -8.22 -14.20
CA SER I 303 21.54 -8.24 -13.50
C SER I 303 22.28 -9.56 -13.71
N ARG I 304 21.54 -10.66 -13.69
CA ARG I 304 22.11 -11.99 -13.87
C ARG I 304 22.58 -12.21 -15.29
N SER I 305 21.82 -11.73 -16.27
N SER I 305 21.81 -11.72 -16.27
CA SER I 305 22.21 -11.81 -17.68
CA SER I 305 22.20 -11.80 -17.68
C SER I 305 23.60 -11.24 -17.91
C SER I 305 23.59 -11.23 -17.92
N LEU I 306 23.88 -10.10 -17.30
CA LEU I 306 25.16 -9.42 -17.47
C LEU I 306 26.27 -10.20 -16.79
N ALA I 307 25.98 -10.77 -15.63
CA ALA I 307 26.93 -11.59 -14.90
C ALA I 307 27.30 -12.85 -15.71
N THR I 308 26.33 -13.41 -16.43
CA THR I 308 26.57 -14.58 -17.27
C THR I 308 27.47 -14.27 -18.46
N LEU I 309 27.23 -13.14 -19.11
CA LEU I 309 28.05 -12.69 -20.22
C LEU I 309 29.49 -12.44 -19.75
N ALA I 310 29.64 -11.83 -18.58
CA ALA I 310 30.94 -11.60 -17.98
C ALA I 310 31.69 -12.89 -17.74
N GLU I 311 31.02 -13.87 -17.13
CA GLU I 311 31.64 -15.16 -16.80
C GLU I 311 32.08 -15.93 -18.06
N ASP I 312 31.19 -16.03 -19.03
CA ASP I 312 31.48 -16.76 -20.26
C ASP I 312 32.65 -16.13 -21.04
N ALA I 313 32.70 -14.80 -21.07
CA ALA I 313 33.77 -14.06 -21.74
C ALA I 313 35.11 -14.26 -21.05
N LEU I 314 35.14 -14.13 -19.74
CA LEU I 314 36.37 -14.32 -18.98
C LEU I 314 36.83 -15.77 -18.98
N ALA I 315 35.89 -16.70 -19.08
CA ALA I 315 36.21 -18.13 -19.12
C ALA I 315 37.06 -18.52 -20.35
N LYS I 316 37.02 -17.71 -21.40
CA LYS I 316 37.86 -17.94 -22.58
C LYS I 316 39.34 -17.72 -22.29
N ARG I 317 39.64 -16.93 -21.26
CA ARG I 317 41.03 -16.68 -20.86
C ARG I 317 41.50 -17.89 -20.03
N PRO I 318 42.69 -18.42 -20.30
CA PRO I 318 43.14 -19.60 -19.55
C PRO I 318 43.59 -19.28 -18.13
N GLY I 319 43.42 -20.24 -17.22
CA GLY I 319 43.68 -20.04 -15.80
C GLY I 319 42.53 -19.45 -15.00
N PHE I 320 41.39 -19.27 -15.65
CA PHE I 320 40.24 -18.64 -15.05
C PHE I 320 39.47 -19.64 -14.21
N ARG I 321 38.95 -19.17 -13.08
CA ARG I 321 38.10 -19.95 -12.20
C ARG I 321 37.00 -19.08 -11.60
N SER I 322 35.77 -19.59 -11.63
CA SER I 322 34.61 -18.91 -11.05
C SER I 322 34.06 -19.69 -9.85
N PHE I 323 33.59 -18.98 -8.84
CA PHE I 323 32.95 -19.58 -7.66
C PHE I 323 31.46 -19.30 -7.63
N ARG I 324 30.91 -18.86 -8.76
CA ARG I 324 29.55 -18.36 -8.81
C ARG I 324 28.52 -19.49 -8.86
N CYS I 325 27.47 -19.37 -8.05
CA CYS I 325 26.38 -20.37 -7.97
C CYS I 325 25.07 -19.86 -8.56
N GLN I 326 24.27 -20.79 -9.07
CA GLN I 326 22.91 -20.51 -9.50
C GLN I 326 22.80 -19.30 -10.45
N ASP I 327 23.80 -19.11 -11.29
CA ASP I 327 23.86 -17.99 -12.23
C ASP I 327 23.52 -16.65 -11.58
N SER I 328 24.10 -16.38 -10.42
N SER I 328 24.10 -16.38 -10.42
CA SER I 328 23.76 -15.19 -9.67
CA SER I 328 23.76 -15.19 -9.67
C SER I 328 24.36 -13.93 -10.27
C SER I 328 24.36 -13.93 -10.27
N SER I 329 23.93 -12.78 -9.76
CA SER I 329 24.45 -11.48 -10.18
C SER I 329 25.79 -11.16 -9.55
N LEU I 330 26.21 -11.99 -8.59
CA LEU I 330 27.54 -11.87 -7.97
C LEU I 330 28.49 -12.82 -8.62
N LEU I 331 29.64 -12.31 -9.05
CA LEU I 331 30.65 -13.11 -9.72
C LEU I 331 32.00 -13.05 -9.01
N ALA I 332 32.27 -14.05 -8.17
CA ALA I 332 33.59 -14.17 -7.53
C ALA I 332 34.47 -15.02 -8.43
N PHE I 333 35.72 -14.60 -8.57
CA PHE I 333 36.64 -15.29 -9.47
C PHE I 333 38.11 -15.00 -9.18
N ASP I 334 38.98 -15.76 -9.83
CA ASP I 334 40.41 -15.51 -9.80
C ASP I 334 41.13 -16.10 -11.02
N PHE I 335 42.41 -15.81 -11.13
CA PHE I 335 43.26 -16.29 -12.22
C PHE I 335 44.52 -16.94 -11.68
N ALA I 336 44.84 -18.13 -12.16
CA ALA I 336 45.99 -18.89 -11.68
C ALA I 336 47.27 -18.06 -11.73
N GLY I 337 47.94 -17.95 -10.59
CA GLY I 337 49.25 -17.30 -10.52
C GLY I 337 49.20 -15.79 -10.43
N VAL I 338 48.00 -15.23 -10.34
CA VAL I 338 47.82 -13.79 -10.30
C VAL I 338 47.18 -13.41 -8.99
N HIS I 339 47.82 -12.54 -8.22
CA HIS I 339 47.31 -12.13 -6.92
C HIS I 339 46.19 -11.16 -7.07
N HIS I 340 45.11 -11.38 -6.33
CA HIS I 340 43.89 -10.60 -6.49
C HIS I 340 44.04 -9.14 -6.13
N SER I 341 44.87 -8.85 -5.14
CA SER I 341 45.16 -7.46 -4.76
C SER I 341 45.77 -6.67 -5.91
N ASP I 342 46.69 -7.28 -6.66
CA ASP I 342 47.31 -6.63 -7.80
C ASP I 342 46.28 -6.29 -8.87
N MET I 343 45.42 -7.25 -9.17
CA MET I 343 44.34 -7.13 -10.16
C MET I 343 43.40 -5.96 -9.86
N VAL I 344 43.00 -5.86 -8.59
CA VAL I 344 42.03 -4.84 -8.20
C VAL I 344 42.62 -3.45 -8.35
N THR I 345 43.89 -3.30 -8.00
CA THR I 345 44.55 -2.01 -8.13
C THR I 345 44.56 -1.57 -9.60
N LEU I 346 44.95 -2.46 -10.49
CA LEU I 346 45.09 -2.12 -11.91
C LEU I 346 43.73 -1.91 -12.57
N LEU I 347 42.75 -2.73 -12.22
CA LEU I 347 41.39 -2.54 -12.74
C LEU I 347 40.79 -1.19 -12.35
N ALA I 348 41.09 -0.76 -11.13
CA ALA I 348 40.73 0.58 -10.67
C ALA I 348 41.28 1.63 -11.60
N GLU I 349 42.57 1.53 -11.88
CA GLU I 349 43.25 2.46 -12.76
C GLU I 349 42.66 2.49 -14.17
N TYR I 350 42.08 1.37 -14.63
CA TYR I 350 41.42 1.32 -15.93
C TYR I 350 39.97 1.77 -15.88
N GLY I 351 39.51 2.19 -14.70
CA GLY I 351 38.18 2.77 -14.54
C GLY I 351 37.12 1.78 -14.16
N ILE I 352 37.53 0.63 -13.64
CA ILE I 352 36.62 -0.41 -13.22
C ILE I 352 36.74 -0.52 -11.71
N ALA I 353 35.64 -0.31 -11.02
CA ALA I 353 35.62 -0.32 -9.56
C ALA I 353 35.02 -1.63 -9.10
N LEU I 354 35.85 -2.45 -8.49
CA LEU I 354 35.40 -3.70 -7.90
C LEU I 354 36.15 -3.97 -6.60
N ARG I 355 35.92 -5.12 -6.01
CA ARG I 355 36.47 -5.44 -4.71
C ARG I 355 37.24 -6.78 -4.68
N ALA I 356 38.31 -6.80 -3.89
CA ALA I 356 39.09 -8.00 -3.65
C ALA I 356 39.15 -8.23 -2.16
N GLY I 357 39.70 -9.37 -1.74
CA GLY I 357 39.94 -9.66 -0.34
C GLY I 357 39.19 -10.90 0.11
N GLN I 358 38.87 -10.95 1.40
CA GLN I 358 38.23 -12.11 2.01
C GLN I 358 36.71 -11.99 2.14
N HIS I 359 36.19 -10.77 1.98
CA HIS I 359 34.75 -10.51 1.95
C HIS I 359 34.06 -10.92 3.21
N CSS I 360 34.75 -10.70 4.33
CA CSS I 360 34.27 -11.08 5.65
CB CSS I 360 33.23 -10.06 6.14
SG CSS I 360 33.93 -8.49 6.49
SD CSS I 360 35.49 -8.93 7.77
C CSS I 360 33.69 -12.46 5.61
O CSS I 360 32.58 -12.68 6.09
N ALA I 361 34.43 -13.39 5.02
CA ALA I 361 33.98 -14.77 4.86
C ALA I 361 35.14 -15.76 4.85
N GLN I 362 35.93 -15.74 5.93
CA GLN I 362 37.12 -16.57 6.03
C GLN I 362 36.86 -18.09 5.96
N PRO I 363 35.89 -18.60 6.76
CA PRO I 363 35.65 -20.04 6.75
C PRO I 363 35.24 -20.58 5.38
N LEU I 364 34.44 -19.82 4.65
CA LEU I 364 34.01 -20.21 3.32
C LEU I 364 35.20 -20.33 2.37
N LEU I 365 36.05 -19.32 2.35
CA LEU I 365 37.23 -19.34 1.49
C LEU I 365 38.20 -20.46 1.86
N ALA I 366 38.31 -20.76 3.15
CA ALA I 366 39.12 -21.89 3.63
C ALA I 366 38.56 -23.21 3.10
N GLU I 367 37.23 -23.31 3.10
CA GLU I 367 36.53 -24.48 2.56
C GLU I 367 36.75 -24.56 1.05
N LEU I 368 36.77 -23.42 0.39
CA LEU I 368 37.06 -23.36 -1.05
C LEU I 368 38.55 -23.47 -1.37
N GLY I 369 39.41 -23.40 -0.34
CA GLY I 369 40.83 -23.60 -0.51
C GLY I 369 41.56 -22.40 -1.07
N VAL I 370 41.04 -21.21 -0.80
CA VAL I 370 41.67 -19.97 -1.24
C VAL I 370 41.68 -18.95 -0.10
N THR I 371 42.61 -17.99 -0.19
CA THR I 371 42.79 -17.00 0.86
C THR I 371 42.14 -15.68 0.50
N GLY I 372 41.74 -15.54 -0.76
CA GLY I 372 40.99 -14.36 -1.17
C GLY I 372 40.52 -14.47 -2.60
N THR I 373 39.69 -13.53 -3.00
CA THR I 373 39.12 -13.53 -4.33
C THR I 373 38.76 -12.14 -4.82
N LEU I 374 38.66 -12.01 -6.13
CA LEU I 374 38.09 -10.82 -6.76
C LEU I 374 36.60 -11.01 -6.79
N ARG I 375 35.86 -9.92 -6.74
CA ARG I 375 34.41 -10.01 -6.85
C ARG I 375 33.79 -8.86 -7.63
N ALA I 376 33.13 -9.21 -8.72
CA ALA I 376 32.38 -8.27 -9.53
C ALA I 376 30.91 -8.53 -9.26
N SER I 377 30.17 -7.50 -8.88
CA SER I 377 28.76 -7.65 -8.57
C SER I 377 27.94 -6.71 -9.44
N PHE I 378 26.92 -7.26 -10.09
CA PHE I 378 26.13 -6.55 -11.08
C PHE I 378 24.79 -6.10 -10.52
N ALA I 379 24.46 -4.83 -10.76
CA ALA I 379 23.18 -4.26 -10.37
C ALA I 379 22.36 -3.94 -11.63
N PRO I 380 21.06 -3.62 -11.48
CA PRO I 380 20.24 -3.31 -12.64
C PRO I 380 20.58 -1.98 -13.34
N TYR I 381 21.45 -1.17 -12.75
CA TYR I 381 21.97 0.03 -13.42
C TYR I 381 23.23 -0.22 -14.26
N ASN I 382 23.62 -1.49 -14.39
CA ASN I 382 24.74 -1.83 -15.27
C ASN I 382 24.29 -2.18 -16.67
N THR I 383 25.24 -2.13 -17.61
CA THR I 383 24.95 -2.34 -19.03
C THR I 383 25.89 -3.42 -19.61
N LYS I 384 25.66 -3.78 -20.87
CA LYS I 384 26.58 -4.72 -21.57
C LYS I 384 27.93 -4.03 -21.84
N SER I 385 27.91 -2.70 -22.04
CA SER I 385 29.16 -1.95 -22.20
C SER I 385 30.06 -2.11 -20.98
N ASP I 386 29.44 -2.19 -19.81
CA ASP I 386 30.19 -2.40 -18.57
C ASP I 386 30.91 -3.74 -18.59
N VAL I 387 30.22 -4.78 -19.07
CA VAL I 387 30.82 -6.11 -19.17
C VAL I 387 32.02 -6.13 -20.11
N ASP I 388 31.85 -5.53 -21.28
CA ASP I 388 32.95 -5.42 -22.23
C ASP I 388 34.16 -4.69 -21.65
N ALA I 389 33.88 -3.60 -20.93
CA ALA I 389 34.93 -2.80 -20.32
C ALA I 389 35.70 -3.60 -19.25
N LEU I 390 34.97 -4.40 -18.49
CA LEU I 390 35.58 -5.29 -17.49
C LEU I 390 36.50 -6.29 -18.17
N VAL I 391 35.97 -6.97 -19.17
CA VAL I 391 36.73 -7.98 -19.87
C VAL I 391 37.99 -7.39 -20.48
N ASN I 392 37.84 -6.24 -21.16
CA ASN I 392 38.99 -5.56 -21.75
C ASN I 392 40.03 -5.12 -20.74
N ALA I 393 39.58 -4.60 -19.61
CA ALA I 393 40.50 -4.17 -18.56
C ALA I 393 41.29 -5.34 -18.00
N VAL I 394 40.64 -6.48 -17.81
CA VAL I 394 41.30 -7.69 -17.29
C VAL I 394 42.44 -8.10 -18.22
N ASP I 395 42.18 -8.11 -19.52
CA ASP I 395 43.21 -8.44 -20.50
C ASP I 395 44.45 -7.55 -20.34
N ARG I 396 44.22 -6.25 -20.23
CA ARG I 396 45.30 -5.27 -20.09
C ARG I 396 46.04 -5.52 -18.78
N ALA I 397 45.27 -5.78 -17.72
CA ALA I 397 45.85 -6.11 -16.42
C ALA I 397 46.73 -7.34 -16.50
N LEU I 398 46.20 -8.40 -17.09
CA LEU I 398 46.92 -9.67 -17.16
C LEU I 398 48.24 -9.53 -17.92
N GLU I 399 48.24 -8.73 -18.98
CA GLU I 399 49.45 -8.50 -19.75
C GLU I 399 50.53 -7.77 -18.96
N LEU I 400 50.13 -6.92 -18.02
CA LEU I 400 51.09 -6.24 -17.16
C LEU I 400 51.60 -7.14 -16.05
N LEU I 401 50.76 -8.04 -15.59
CA LEU I 401 51.10 -8.89 -14.46
C LEU I 401 51.91 -10.16 -14.86
N VAL I 402 52.25 -10.30 -16.14
CA VAL I 402 53.18 -11.38 -16.55
C VAL I 402 54.56 -11.16 -15.95
N ASP I 403 55.19 -12.27 -15.54
CA ASP I 403 56.55 -12.27 -14.96
C ASP I 403 57.50 -13.20 -15.76
N PHE J 6 73.27 -9.40 5.89
CA PHE J 6 73.20 -10.87 6.13
C PHE J 6 71.78 -11.40 5.86
N ALA J 7 71.67 -12.34 4.91
CA ALA J 7 70.40 -13.04 4.60
C ALA J 7 69.41 -12.15 3.82
N GLY J 8 69.86 -10.98 3.36
CA GLY J 8 68.92 -9.90 3.04
C GLY J 8 68.50 -9.58 1.60
N HIS J 9 69.02 -8.46 1.11
CA HIS J 9 68.40 -7.81 -0.06
C HIS J 9 69.24 -6.63 -0.46
N PRO J 10 69.14 -6.21 -1.74
CA PRO J 10 70.04 -5.18 -2.25
C PRO J 10 69.61 -3.74 -1.91
N PHE J 11 68.42 -3.57 -1.36
CA PHE J 11 67.86 -2.24 -1.17
C PHE J 11 68.58 -1.50 -0.05
N GLY J 12 68.99 -0.26 -0.33
CA GLY J 12 69.77 0.55 0.60
C GLY J 12 71.27 0.42 0.38
N THR J 13 71.73 -0.76 -0.06
CA THR J 13 73.16 -0.99 -0.31
C THR J 13 73.46 -0.83 -1.81
N THR J 14 73.09 -1.81 -2.61
CA THR J 14 73.35 -1.79 -4.06
C THR J 14 72.26 -1.08 -4.87
N VAL J 15 71.02 -1.08 -4.37
CA VAL J 15 69.94 -0.30 -4.96
C VAL J 15 69.65 0.91 -4.07
N THR J 16 69.98 2.09 -4.55
CA THR J 16 69.88 3.32 -3.75
C THR J 16 68.78 4.25 -4.26
N ALA J 17 68.59 5.36 -3.56
CA ALA J 17 67.65 6.40 -3.99
C ALA J 17 68.02 6.92 -5.38
N GLU J 18 69.32 7.12 -5.61
CA GLU J 18 69.79 7.56 -6.92
C GLU J 18 69.42 6.58 -8.03
N THR J 19 69.71 5.30 -7.80
CA THR J 19 69.42 4.22 -8.75
C THR J 19 67.93 4.15 -9.10
N LEU J 20 67.09 4.27 -8.08
CA LEU J 20 65.64 4.28 -8.28
C LEU J 20 65.24 5.50 -9.09
N ARG J 21 65.85 6.64 -8.78
CA ARG J 21 65.51 7.91 -9.43
C ARG J 21 65.82 7.91 -10.93
N ASN J 22 66.90 7.24 -11.33
CA ASN J 22 67.22 7.09 -12.74
C ASN J 22 66.15 6.29 -13.47
N THR J 23 65.60 5.29 -12.78
CA THR J 23 64.60 4.38 -13.34
C THR J 23 63.19 4.99 -13.44
N PHE J 24 62.77 5.72 -12.40
CA PHE J 24 61.39 6.19 -12.30
C PHE J 24 61.17 7.63 -12.79
N ALA J 25 62.23 8.44 -12.72
CA ALA J 25 62.15 9.85 -13.11
C ALA J 25 61.56 10.08 -14.50
N PRO J 26 61.99 9.28 -15.51
CA PRO J 26 61.47 9.51 -16.88
C PRO J 26 60.07 8.94 -17.13
N LEU J 27 59.06 9.70 -16.71
CA LEU J 27 57.73 9.11 -16.40
C LEU J 27 56.63 9.84 -17.16
N THR J 28 56.08 9.18 -18.17
CA THR J 28 55.06 9.79 -19.02
C THR J 28 53.70 9.10 -18.89
N GLN J 29 53.71 7.84 -18.41
CA GLN J 29 52.52 6.97 -18.28
C GLN J 29 52.41 6.12 -16.97
N TRP J 30 51.21 6.10 -16.34
CA TRP J 30 50.97 5.35 -15.09
C TRP J 30 51.14 3.86 -15.24
N GLU J 31 50.81 3.35 -16.42
CA GLU J 31 50.95 1.92 -16.71
C GLU J 31 52.42 1.48 -16.62
N ASP J 32 53.32 2.30 -17.12
CA ASP J 32 54.74 1.98 -17.10
C ASP J 32 55.31 2.02 -15.69
N LYS J 33 54.78 2.90 -14.86
CA LYS J 33 55.22 3.02 -13.47
C LYS J 33 54.93 1.76 -12.69
N TYR J 34 53.73 1.22 -12.88
CA TYR J 34 53.34 -0.03 -12.22
C TYR J 34 54.20 -1.19 -12.69
N ARG J 35 54.43 -1.27 -13.99
CA ARG J 35 55.30 -2.30 -14.57
C ARG J 35 56.66 -2.33 -13.89
N GLN J 36 57.21 -1.14 -13.66
CA GLN J 36 58.53 -0.99 -13.09
C GLN J 36 58.55 -1.32 -11.60
N LEU J 37 57.44 -1.04 -10.91
CA LEU J 37 57.28 -1.44 -9.50
C LEU J 37 57.25 -2.97 -9.37
N ILE J 38 56.49 -3.63 -10.24
CA ILE J 38 56.43 -5.08 -10.26
C ILE J 38 57.81 -5.67 -10.49
N MET J 39 58.51 -5.13 -11.48
CA MET J 39 59.87 -5.56 -11.80
C MET J 39 60.84 -5.33 -10.66
N LEU J 40 60.72 -4.18 -10.00
CA LEU J 40 61.54 -3.91 -8.82
C LEU J 40 61.33 -4.96 -7.71
N GLY J 41 60.08 -5.43 -7.58
CA GLY J 41 59.73 -6.42 -6.58
C GLY J 41 60.36 -7.78 -6.79
N LYS J 42 60.66 -8.13 -8.03
CA LYS J 42 61.41 -9.36 -8.32
C LYS J 42 62.78 -9.39 -7.66
N GLN J 43 63.39 -8.23 -7.47
CA GLN J 43 64.69 -8.15 -6.79
C GLN J 43 64.65 -8.43 -5.28
N LEU J 44 63.44 -8.44 -4.70
CA LEU J 44 63.26 -8.83 -3.30
C LEU J 44 63.13 -10.34 -3.20
N PRO J 45 64.09 -11.01 -2.55
CA PRO J 45 64.03 -12.48 -2.49
C PRO J 45 62.86 -13.00 -1.67
N ALA J 46 62.59 -14.29 -1.86
CA ALA J 46 61.65 -15.05 -1.06
C ALA J 46 62.37 -15.17 0.26
N LEU J 47 61.64 -14.76 1.27
CA LEU J 47 62.07 -14.79 2.64
C LEU J 47 61.69 -16.17 3.17
N PRO J 48 62.64 -16.90 3.79
CA PRO J 48 62.35 -18.27 4.24
C PRO J 48 61.45 -18.30 5.47
N ASP J 49 60.96 -19.49 5.81
CA ASP J 49 60.07 -19.68 6.96
C ASP J 49 60.70 -19.26 8.29
N GLU J 50 61.99 -19.56 8.47
CA GLU J 50 62.67 -19.25 9.74
C GLU J 50 62.75 -17.73 9.95
N LEU J 51 63.00 -16.97 8.88
CA LEU J 51 63.04 -15.50 8.99
C LEU J 51 61.63 -14.90 9.12
N LYS J 52 60.62 -15.62 8.64
CA LYS J 52 59.21 -15.21 8.82
C LYS J 52 58.77 -15.34 10.28
N ALA J 53 59.37 -16.30 10.99
CA ALA J 53 59.05 -16.55 12.39
C ALA J 53 59.47 -15.39 13.27
N GLN J 54 60.56 -14.72 12.94
CA GLN J 54 60.84 -13.49 13.67
C GLN J 54 59.70 -12.48 13.36
N ALA J 55 59.91 -11.82 12.23
CA ALA J 55 59.06 -10.76 11.77
C ALA J 55 57.58 -10.81 12.13
N LYS J 56 56.96 -9.62 12.15
CA LYS J 56 55.53 -9.51 12.43
C LYS J 56 54.75 -9.87 11.17
N GLU J 57 53.66 -10.63 11.35
CA GLU J 57 52.92 -11.26 10.23
C GLU J 57 51.98 -10.34 9.42
N ILE J 58 51.47 -9.25 10.00
CA ILE J 58 50.44 -8.37 9.35
C ILE J 58 49.59 -9.01 8.21
N ALA J 59 48.70 -9.93 8.60
CA ALA J 59 47.79 -10.58 7.65
C ALA J 59 46.55 -9.71 7.44
N GLY J 60 46.47 -9.04 6.30
CA GLY J 60 45.33 -8.19 5.97
C GLY J 60 44.24 -9.02 5.32
N CSS J 61 43.08 -8.40 5.13
CA CSS J 61 41.97 -9.04 4.39
CB CSS J 61 40.70 -8.18 4.49
SG CSS J 61 39.62 -8.39 3.10
SD CSS J 61 37.85 -9.13 3.78
C CSS J 61 42.41 -9.23 2.97
O CSS J 61 42.20 -10.29 2.38
N GLU J 62 43.03 -8.19 2.41
CA GLU J 62 43.48 -8.19 1.03
C GLU J 62 44.73 -9.03 0.80
N ASN J 63 45.77 -8.77 1.59
CA ASN J 63 47.12 -9.21 1.27
C ASN J 63 47.97 -9.43 2.52
N ARG J 64 48.74 -10.53 2.53
CA ARG J 64 49.65 -10.81 3.65
C ARG J 64 50.98 -10.11 3.45
N VAL J 65 51.50 -9.55 4.53
CA VAL J 65 52.76 -8.82 4.49
C VAL J 65 53.55 -9.11 5.76
N TRP J 66 54.86 -9.19 5.62
CA TRP J 66 55.75 -9.44 6.76
C TRP J 66 56.72 -8.30 6.91
N LEU J 67 57.05 -7.97 8.15
CA LEU J 67 58.07 -6.95 8.43
C LEU J 67 58.78 -7.25 9.75
N GLY J 68 60.11 -7.23 9.70
CA GLY J 68 60.94 -7.46 10.88
C GLY J 68 62.20 -6.61 10.83
N TYR J 69 62.90 -6.54 11.97
CA TYR J 69 64.08 -5.68 12.09
C TYR J 69 65.14 -6.29 13.01
N THR J 70 66.37 -5.82 12.82
CA THR J 70 67.48 -6.08 13.72
C THR J 70 68.31 -4.81 13.85
N VAL J 71 68.99 -4.66 14.99
CA VAL J 71 69.89 -3.51 15.20
C VAL J 71 71.32 -3.99 15.46
N ALA J 72 72.27 -3.36 14.77
CA ALA J 72 73.68 -3.64 14.97
C ALA J 72 74.22 -2.76 16.09
N GLU J 73 75.46 -3.02 16.51
CA GLU J 73 76.11 -2.22 17.54
C GLU J 73 76.32 -0.77 17.08
N ASN J 74 76.47 -0.57 15.78
CA ASN J 74 76.49 0.78 15.18
C ASN J 74 75.31 1.62 15.63
N GLY J 75 74.14 0.98 15.70
CA GLY J 75 72.88 1.67 15.92
C GLY J 75 72.08 1.75 14.63
N LYS J 76 72.70 1.30 13.53
CA LYS J 76 72.03 1.19 12.24
C LYS J 76 71.01 0.06 12.28
N MET J 77 69.85 0.30 11.69
CA MET J 77 68.77 -0.69 11.67
C MET J 77 68.73 -1.43 10.34
N HIS J 78 68.70 -2.76 10.41
CA HIS J 78 68.48 -3.61 9.24
C HIS J 78 67.03 -4.01 9.22
N PHE J 79 66.39 -3.85 8.07
CA PHE J 79 64.98 -4.20 7.88
C PHE J 79 64.85 -5.35 6.90
N PHE J 80 63.87 -6.21 7.14
CA PHE J 80 63.54 -7.28 6.21
C PHE J 80 62.04 -7.52 6.20
N GLY J 81 61.53 -8.07 5.11
CA GLY J 81 60.11 -8.29 4.95
C GLY J 81 59.74 -8.94 3.63
N ASP J 82 58.42 -9.10 3.41
CA ASP J 82 57.90 -9.73 2.21
C ASP J 82 56.42 -9.39 2.02
N SER J 83 55.95 -9.56 0.80
CA SER J 83 54.55 -9.38 0.45
C SER J 83 54.14 -10.49 -0.51
N GLU J 84 52.88 -10.88 -0.49
CA GLU J 84 52.34 -11.80 -1.49
C GLU J 84 51.96 -11.05 -2.76
N GLY J 85 51.42 -9.84 -2.59
CA GLY J 85 51.01 -9.01 -3.71
C GLY J 85 52.23 -8.40 -4.35
N ARG J 86 52.30 -8.46 -5.67
CA ARG J 86 53.49 -8.04 -6.41
C ARG J 86 53.65 -6.53 -6.53
N ILE J 87 52.55 -5.79 -6.57
CA ILE J 87 52.64 -4.32 -6.59
C ILE J 87 53.06 -3.83 -5.23
N VAL J 88 52.53 -4.44 -4.18
CA VAL J 88 52.91 -4.05 -2.82
C VAL J 88 54.36 -4.45 -2.55
N ARG J 89 54.82 -5.52 -3.20
CA ARG J 89 56.20 -5.96 -3.07
C ARG J 89 57.17 -4.93 -3.64
N GLY J 90 56.79 -4.33 -4.76
CA GLY J 90 57.59 -3.26 -5.34
C GLY J 90 57.65 -2.05 -4.43
N LEU J 91 56.51 -1.69 -3.86
CA LEU J 91 56.42 -0.53 -2.97
C LEU J 91 57.19 -0.75 -1.69
N LEU J 92 57.17 -1.98 -1.18
CA LEU J 92 57.98 -2.36 -0.02
C LEU J 92 59.46 -2.21 -0.34
N ALA J 93 59.83 -2.58 -1.56
CA ALA J 93 61.20 -2.47 -2.02
C ALA J 93 61.67 -1.01 -2.03
N VAL J 94 60.78 -0.10 -2.42
CA VAL J 94 61.09 1.32 -2.37
C VAL J 94 61.22 1.77 -0.92
N LEU J 95 60.31 1.30 -0.08
CA LEU J 95 60.31 1.64 1.34
C LEU J 95 61.60 1.19 2.02
N LEU J 96 62.06 -0.01 1.68
CA LEU J 96 63.29 -0.58 2.25
C LEU J 96 64.53 0.22 1.85
N THR J 97 64.52 0.76 0.63
CA THR J 97 65.60 1.61 0.17
C THR J 97 65.71 2.89 1.02
N ALA J 98 64.57 3.49 1.33
CA ALA J 98 64.51 4.75 2.10
C ALA J 98 65.03 4.57 3.54
N VAL J 99 64.59 3.50 4.17
CA VAL J 99 65.11 3.11 5.48
C VAL J 99 66.37 2.28 5.18
N GLU J 100 66.74 1.42 6.11
CA GLU J 100 67.82 0.46 5.90
C GLU J 100 69.18 1.11 6.10
N GLY J 101 69.92 0.57 7.07
CA GLY J 101 71.24 1.05 7.40
C GLY J 101 71.21 2.40 8.07
N LYS J 102 70.00 2.88 8.40
CA LYS J 102 69.80 4.17 9.04
C LYS J 102 69.43 3.96 10.51
N THR J 103 69.87 4.90 11.34
CA THR J 103 69.60 4.84 12.77
C THR J 103 68.21 5.37 13.10
N ALA J 104 67.75 5.08 14.31
CA ALA J 104 66.41 5.48 14.75
C ALA J 104 66.24 7.00 14.81
N ALA J 105 67.30 7.71 15.22
CA ALA J 105 67.31 9.17 15.23
C ALA J 105 67.13 9.73 13.81
N GLU J 106 67.90 9.18 12.86
CA GLU J 106 67.80 9.57 11.45
C GLU J 106 66.39 9.34 10.95
N LEU J 107 65.88 8.15 11.21
CA LEU J 107 64.50 7.79 10.90
C LEU J 107 63.56 8.68 11.73
N GLN J 108 62.46 9.14 11.13
CA GLN J 108 61.52 10.06 11.79
C GLN J 108 62.11 11.41 12.16
N ALA J 109 63.34 11.67 11.73
CA ALA J 109 63.85 13.01 11.57
C ALA J 109 63.59 13.33 10.10
N GLN J 110 63.37 12.26 9.33
CA GLN J 110 62.94 12.34 7.96
C GLN J 110 61.77 11.35 7.75
N SER J 111 60.83 11.71 6.89
CA SER J 111 59.73 10.80 6.53
C SER J 111 60.19 9.90 5.38
N PRO J 112 59.92 8.58 5.49
CA PRO J 112 60.18 7.68 4.35
C PRO J 112 59.32 7.99 3.12
N LEU J 113 58.12 8.55 3.34
CA LEU J 113 57.19 8.89 2.26
C LEU J 113 57.79 9.89 1.26
N ALA J 114 58.74 10.70 1.72
CA ALA J 114 59.44 11.67 0.86
C ALA J 114 60.08 11.02 -0.37
N LEU J 115 60.50 9.77 -0.25
CA LEU J 115 61.12 9.06 -1.37
C LEU J 115 60.14 8.77 -2.50
N PHE J 116 58.88 8.49 -2.16
CA PHE J 116 57.85 8.22 -3.17
C PHE J 116 57.51 9.47 -3.98
N ASP J 117 57.62 10.64 -3.36
CA ASP J 117 57.48 11.92 -4.05
C ASP J 117 58.62 12.13 -5.04
N GLU J 118 59.84 11.86 -4.60
CA GLU J 118 61.03 12.03 -5.45
C GLU J 118 61.01 11.12 -6.67
N LEU J 119 60.40 9.95 -6.52
CA LEU J 119 60.28 8.99 -7.61
C LEU J 119 59.00 9.18 -8.43
N GLY J 120 58.11 10.04 -7.94
CA GLY J 120 56.85 10.33 -8.61
C GLY J 120 55.88 9.19 -8.51
N LEU J 121 55.76 8.61 -7.31
CA LEU J 121 54.94 7.41 -7.12
C LEU J 121 53.85 7.59 -6.08
N ARG J 122 53.40 8.81 -5.85
CA ARG J 122 52.39 9.02 -4.84
C ARG J 122 51.02 8.42 -5.18
N ALA J 123 50.65 8.45 -6.45
CA ALA J 123 49.37 7.92 -6.89
C ALA J 123 49.31 6.41 -6.67
N GLN J 124 50.45 5.76 -6.87
CA GLN J 124 50.56 4.31 -6.74
C GLN J 124 50.56 3.92 -5.26
N LEU J 125 51.34 4.65 -4.46
CA LEU J 125 51.37 4.48 -3.02
C LEU J 125 49.98 4.59 -2.41
N SER J 126 49.30 5.67 -2.79
CA SER J 126 47.92 5.94 -2.34
C SER J 126 46.97 4.80 -2.69
N ALA J 127 47.12 4.24 -3.88
CA ALA J 127 46.21 3.20 -4.37
C ALA J 127 46.33 1.89 -3.62
N SER J 128 47.47 1.67 -2.95
CA SER J 128 47.76 0.41 -2.26
C SER J 128 47.94 0.57 -0.75
N ARG J 129 47.50 1.70 -0.20
CA ARG J 129 47.71 2.02 1.22
C ARG J 129 47.10 0.96 2.16
N SER J 130 45.87 0.57 1.87
CA SER J 130 45.13 -0.38 2.70
C SER J 130 45.45 -1.84 2.36
N GLN J 131 46.25 -2.05 1.31
CA GLN J 131 46.69 -3.40 0.94
C GLN J 131 48.00 -3.79 1.62
N GLY J 132 48.45 -2.97 2.57
CA GLY J 132 49.62 -3.32 3.37
C GLY J 132 50.56 -2.18 3.67
N LEU J 133 50.53 -1.11 2.87
CA LEU J 133 51.49 -0.01 3.00
C LEU J 133 51.30 0.79 4.28
N ASN J 134 50.05 1.09 4.64
CA ASN J 134 49.79 1.70 5.94
C ASN J 134 50.44 0.88 7.03
N ALA J 135 50.15 -0.42 7.05
CA ALA J 135 50.63 -1.33 8.09
C ALA J 135 52.15 -1.35 8.22
N LEU J 136 52.84 -1.48 7.10
CA LEU J 136 54.31 -1.50 7.07
C LEU J 136 54.91 -0.20 7.61
N SER J 137 54.38 0.92 7.13
CA SER J 137 54.84 2.24 7.52
C SER J 137 54.73 2.48 9.03
N GLU J 138 53.57 2.14 9.59
CA GLU J 138 53.34 2.28 11.03
C GLU J 138 54.14 1.23 11.83
N ALA J 139 54.44 0.08 11.21
CA ALA J 139 55.25 -0.97 11.83
C ALA J 139 56.70 -0.53 11.97
N ILE J 140 57.17 0.24 10.99
CA ILE J 140 58.51 0.86 11.06
C ILE J 140 58.59 1.89 12.15
N ILE J 141 57.54 2.70 12.28
CA ILE J 141 57.45 3.73 13.32
C ILE J 141 57.42 3.06 14.71
N ALA J 142 56.73 1.94 14.82
CA ALA J 142 56.69 1.17 16.07
C ALA J 142 58.05 0.53 16.37
N ALA J 143 58.72 0.05 15.32
CA ALA J 143 60.04 -0.56 15.45
C ALA J 143 61.12 0.49 15.78
N THR J 144 60.96 1.70 15.26
CA THR J 144 61.91 2.79 15.53
C THR J 144 61.79 3.33 16.95
N LYS J 145 60.62 3.13 17.56
CA LYS J 145 60.36 3.60 18.90
C LYS J 145 60.91 2.64 19.94
N GLN J 146 61.04 1.35 19.57
CA GLN J 146 61.48 0.26 20.49
C GLN J 146 63.02 0.12 20.55
N VAL J 147 63.66 0.26 19.40
CA VAL J 147 65.12 0.26 19.33
C VAL J 147 65.70 1.49 20.02
N MET K 3 40.23 36.61 20.00
CA MET K 3 40.15 37.80 19.10
C MET K 3 39.52 37.42 17.73
N ASN K 4 38.53 36.54 17.79
CA ASN K 4 37.77 36.22 16.61
C ASN K 4 36.46 36.91 16.87
N VAL K 5 36.11 37.85 16.00
CA VAL K 5 35.00 38.73 16.31
C VAL K 5 33.74 38.06 15.87
N PHE K 6 32.99 37.56 16.85
CA PHE K 6 31.79 36.82 16.53
C PHE K 6 30.62 37.69 16.05
N ASN K 7 30.14 37.39 14.84
CA ASN K 7 29.01 38.09 14.23
C ASN K 7 27.81 37.15 14.14
N PRO K 8 26.79 37.37 15.00
CA PRO K 8 25.60 36.49 15.02
C PRO K 8 24.85 36.43 13.68
N ALA K 9 24.84 37.53 12.94
CA ALA K 9 24.18 37.57 11.63
C ALA K 9 24.87 36.70 10.59
N GLN K 10 26.19 36.83 10.49
CA GLN K 10 27.01 35.97 9.66
C GLN K 10 26.74 34.50 9.98
N PHE K 11 26.83 34.16 11.25
CA PHE K 11 26.52 32.83 11.74
C PHE K 11 25.15 32.37 11.27
N ARG K 12 24.13 33.19 11.54
CA ARG K 12 22.75 32.89 11.13
C ARG K 12 22.60 32.53 9.67
N ALA K 13 23.24 33.32 8.81
CA ALA K 13 23.09 33.21 7.37
C ALA K 13 23.32 31.80 6.82
N GLN K 14 24.08 30.99 7.55
CA GLN K 14 24.53 29.69 7.07
C GLN K 14 23.46 28.58 7.14
N PHE K 15 22.36 28.83 7.84
CA PHE K 15 21.35 27.82 8.08
C PHE K 15 20.15 28.02 7.16
N PRO K 16 19.99 27.16 6.14
CA PRO K 16 18.86 27.29 5.22
C PRO K 16 17.49 27.00 5.82
N ALA K 17 17.43 26.29 6.95
CA ALA K 17 16.16 26.03 7.61
C ALA K 17 15.54 27.30 8.26
N LEU K 18 16.40 28.28 8.58
CA LEU K 18 16.00 29.49 9.27
C LEU K 18 15.32 30.30 8.20
N GLN K 19 14.12 30.73 8.55
CA GLN K 19 13.09 31.34 7.64
C GLN K 19 11.82 30.55 7.85
N ASP K 20 11.78 29.32 7.30
CA ASP K 20 10.64 28.42 7.46
C ASP K 20 10.50 27.94 8.91
N ALA K 21 11.61 27.86 9.63
CA ALA K 21 11.62 27.25 10.97
C ALA K 21 10.89 28.10 12.01
N GLY K 22 10.67 29.39 11.69
CA GLY K 22 10.00 30.30 12.60
C GLY K 22 10.92 30.70 13.73
N VAL K 23 10.43 30.57 14.95
CA VAL K 23 11.23 30.87 16.13
C VAL K 23 11.62 29.54 16.77
N TYR K 24 12.82 29.07 16.47
CA TYR K 24 13.28 27.75 16.89
C TYR K 24 14.08 27.83 18.18
N LEU K 25 13.52 27.28 19.25
CA LEU K 25 14.15 27.31 20.57
C LEU K 25 14.22 25.90 21.18
N ASP K 26 14.57 24.92 20.34
CA ASP K 26 14.62 23.53 20.76
C ASP K 26 15.93 22.87 20.34
N SER K 27 17.01 23.64 20.33
CA SER K 27 18.33 23.16 19.89
C SER K 27 18.95 22.14 20.84
N ALA K 28 18.56 22.18 22.11
CA ALA K 28 19.05 21.18 23.09
C ALA K 28 18.49 19.79 22.77
N ALA K 29 17.35 19.74 22.09
CA ALA K 29 16.82 18.48 21.57
C ALA K 29 17.61 18.09 20.33
N THR K 30 17.53 18.92 19.29
CA THR K 30 18.33 18.69 18.07
C THR K 30 18.64 20.03 17.39
N ALA K 31 19.86 20.13 16.86
CA ALA K 31 20.36 21.37 16.29
C ALA K 31 20.04 21.45 14.81
N LEU K 32 19.86 22.68 14.32
CA LEU K 32 19.73 22.91 12.89
C LEU K 32 21.11 22.78 12.24
N LYS K 33 21.12 22.57 10.93
CA LYS K 33 22.36 22.24 10.20
C LYS K 33 22.78 23.36 9.26
N PRO K 34 24.09 23.70 9.23
CA PRO K 34 24.59 24.67 8.27
C PRO K 34 24.70 24.08 6.87
N GLU K 35 24.77 24.94 5.86
CA GLU K 35 24.79 24.47 4.46
C GLU K 35 25.97 23.53 4.20
N ALA K 36 27.09 23.74 4.88
CA ALA K 36 28.26 22.87 4.78
C ALA K 36 27.92 21.41 5.00
N VAL K 37 27.09 21.14 5.99
CA VAL K 37 26.68 19.78 6.31
C VAL K 37 25.72 19.23 5.26
N VAL K 38 24.76 20.05 4.86
CA VAL K 38 23.78 19.66 3.83
C VAL K 38 24.46 19.35 2.51
N GLU K 39 25.48 20.13 2.17
CA GLU K 39 26.16 20.03 0.90
C GLU K 39 27.12 18.84 0.83
N ALA K 40 27.77 18.54 1.94
CA ALA K 40 28.68 17.39 2.02
C ALA K 40 27.89 16.10 1.87
N THR K 41 26.73 16.04 2.51
CA THR K 41 25.86 14.87 2.46
C THR K 41 25.34 14.62 1.05
N GLN K 42 24.88 15.67 0.38
CA GLN K 42 24.36 15.53 -0.99
C GLN K 42 25.44 15.06 -1.93
N GLN K 43 26.63 15.61 -1.78
CA GLN K 43 27.77 15.24 -2.61
C GLN K 43 28.22 13.79 -2.36
N PHE K 44 28.15 13.36 -1.10
CA PHE K 44 28.51 11.99 -0.77
C PHE K 44 27.57 10.99 -1.43
N TYR K 45 26.28 11.26 -1.40
CA TYR K 45 25.29 10.37 -1.98
C TYR K 45 25.12 10.55 -3.50
N SER K 46 25.70 11.62 -4.03
CA SER K 46 25.64 11.91 -5.47
C SER K 46 26.82 11.34 -6.25
N LEU K 47 27.76 10.72 -5.55
CA LEU K 47 28.93 10.12 -6.17
C LEU K 47 29.14 8.69 -5.70
N SER K 48 29.83 7.90 -6.53
CA SER K 48 30.05 6.49 -6.25
C SER K 48 30.93 6.26 -5.02
N ALA K 49 30.70 5.16 -4.31
CA ALA K 49 31.42 4.91 -3.07
C ALA K 49 32.78 4.28 -3.35
N GLY K 50 33.62 5.09 -4.00
CA GLY K 50 35.00 4.74 -4.26
C GLY K 50 35.72 6.05 -4.52
N ASN K 51 37.05 6.05 -4.45
CA ASN K 51 37.76 7.24 -4.86
C ASN K 51 37.45 7.43 -6.32
N VAL K 52 37.49 6.32 -7.05
CA VAL K 52 36.99 6.22 -8.42
C VAL K 52 37.77 7.10 -9.38
N HIS K 53 37.17 7.37 -10.53
CA HIS K 53 37.63 8.46 -11.37
C HIS K 53 36.69 8.91 -12.48
N ARG K 54 37.04 10.06 -13.05
CA ARG K 54 36.33 10.66 -14.16
C ARG K 54 36.44 12.16 -13.97
N SER K 55 35.47 12.91 -14.46
CA SER K 55 35.58 14.35 -14.41
C SER K 55 35.71 14.88 -12.98
N GLN K 56 34.94 14.32 -12.05
CA GLN K 56 34.95 14.84 -10.68
C GLN K 56 36.00 14.23 -9.73
N PHE K 57 37.27 14.34 -10.07
CA PHE K 57 38.34 13.92 -9.17
C PHE K 57 38.46 14.77 -7.90
N ALA K 58 38.33 16.07 -8.08
CA ALA K 58 38.54 17.07 -7.03
C ALA K 58 37.51 16.93 -5.90
N GLU K 59 36.23 16.86 -6.28
CA GLU K 59 35.13 16.65 -5.31
C GLU K 59 35.25 15.32 -4.56
N ALA K 60 35.70 14.28 -5.26
CA ALA K 60 35.90 12.96 -4.66
C ALA K 60 37.04 12.98 -3.63
N GLN K 61 38.14 13.66 -3.98
CA GLN K 61 39.29 13.84 -3.08
C GLN K 61 38.89 14.55 -1.81
N ARG K 62 38.01 15.54 -1.94
CA ARG K 62 37.56 16.34 -0.80
C ARG K 62 36.78 15.46 0.18
N LEU K 63 35.88 14.64 -0.35
CA LEU K 63 35.07 13.75 0.50
C LEU K 63 35.93 12.73 1.24
N THR K 64 36.93 12.18 0.54
CA THR K 64 37.87 11.24 1.15
C THR K 64 38.67 11.93 2.25
N ALA K 65 39.13 13.15 1.94
CA ALA K 65 39.87 13.99 2.89
C ALA K 65 39.06 14.25 4.15
N ARG K 66 37.78 14.56 3.98
CA ARG K 66 36.86 14.78 5.11
C ARG K 66 36.75 13.54 6.00
N TYR K 67 36.61 12.37 5.37
CA TYR K 67 36.39 11.11 6.09
C TYR K 67 37.60 10.71 6.91
N GLU K 68 38.76 10.81 6.27
CA GLU K 68 40.02 10.41 6.88
C GLU K 68 40.43 11.34 8.02
N ALA K 69 40.07 12.63 7.91
CA ALA K 69 40.38 13.62 8.93
C ALA K 69 39.35 13.66 10.07
N ALA K 70 38.20 13.03 9.88
CA ALA K 70 37.08 13.11 10.83
C ALA K 70 37.48 12.83 12.28
N ARG K 71 38.27 11.78 12.51
CA ARG K 71 38.73 11.47 13.88
C ARG K 71 39.57 12.58 14.44
N GLU K 72 40.53 13.06 13.65
CA GLU K 72 41.41 14.14 14.07
C GLU K 72 40.61 15.39 14.47
N LYS K 73 39.58 15.70 13.71
CA LYS K 73 38.78 16.90 13.95
C LYS K 73 38.02 16.79 15.27
N VAL K 74 37.55 15.59 15.60
CA VAL K 74 36.92 15.36 16.89
C VAL K 74 37.95 15.51 18.00
N ALA K 75 39.16 14.99 17.75
CA ALA K 75 40.25 15.08 18.70
C ALA K 75 40.60 16.53 18.99
N GLN K 76 40.68 17.35 17.94
CA GLN K 76 41.00 18.76 18.11
C GLN K 76 39.95 19.50 18.94
N LEU K 77 38.68 19.14 18.74
CA LEU K 77 37.60 19.70 19.54
C LEU K 77 37.75 19.38 21.02
N LEU K 78 38.25 18.20 21.33
CA LEU K 78 38.38 17.73 22.73
C LEU K 78 39.80 17.86 23.27
N ASN K 79 40.70 18.40 22.46
CA ASN K 79 42.12 18.44 22.79
C ASN K 79 42.61 17.05 23.20
N ALA K 80 42.22 16.04 22.42
CA ALA K 80 42.66 14.67 22.67
C ALA K 80 44.06 14.47 22.07
N PRO K 81 44.89 13.61 22.69
CA PRO K 81 46.28 13.46 22.22
C PRO K 81 46.40 12.71 20.88
N ASP K 82 45.58 11.68 20.72
CA ASP K 82 45.69 10.66 19.68
C ASP K 82 44.32 10.51 19.02
N ASP K 83 44.22 10.52 17.69
CA ASP K 83 42.90 10.30 17.03
C ASP K 83 42.39 8.86 17.17
N LYS K 84 43.27 7.95 17.59
CA LYS K 84 42.90 6.56 17.82
C LYS K 84 42.12 6.39 19.11
N THR K 85 42.09 7.43 19.93
CA THR K 85 41.25 7.42 21.12
C THR K 85 39.77 7.77 20.83
N ILE K 86 39.44 8.07 19.57
CA ILE K 86 38.08 8.39 19.18
C ILE K 86 37.41 7.18 18.54
N VAL K 87 36.21 6.86 18.99
CA VAL K 87 35.42 5.75 18.49
C VAL K 87 34.06 6.22 17.99
N TRP K 88 33.63 5.73 16.83
CA TRP K 88 32.34 6.11 16.26
C TRP K 88 31.25 5.24 16.80
N THR K 89 30.15 5.88 17.19
CA THR K 89 28.94 5.18 17.66
C THR K 89 27.74 5.80 16.97
N ARG K 90 26.55 5.35 17.31
CA ARG K 90 25.34 5.91 16.74
C ARG K 90 24.77 7.04 17.62
N GLY K 91 25.44 7.36 18.72
CA GLY K 91 25.03 8.43 19.60
C GLY K 91 25.55 8.26 21.01
N THR K 92 25.35 9.30 21.82
CA THR K 92 25.74 9.27 23.22
C THR K 92 25.20 8.03 23.94
N THR K 93 23.95 7.68 23.66
CA THR K 93 23.31 6.54 24.29
C THR K 93 24.10 5.25 24.04
N GLU K 94 24.49 5.01 22.79
CA GLU K 94 25.26 3.80 22.48
C GLU K 94 26.64 3.89 23.15
N SER K 95 27.29 5.04 23.02
CA SER K 95 28.59 5.28 23.65
C SER K 95 28.61 4.87 25.11
N ILE K 96 27.60 5.30 25.86
CA ILE K 96 27.56 5.01 27.29
C ILE K 96 27.28 3.53 27.56
N ASN K 97 26.35 2.95 26.80
CA ASN K 97 26.06 1.52 26.90
C ASN K 97 27.29 0.66 26.64
N MET K 98 28.14 1.11 25.71
CA MET K 98 29.38 0.40 25.38
C MET K 98 30.30 0.34 26.58
N VAL K 99 30.53 1.48 27.21
CA VAL K 99 31.36 1.52 28.41
C VAL K 99 30.79 0.63 29.52
N ALA K 100 29.48 0.65 29.71
CA ALA K 100 28.87 -0.16 30.76
C ALA K 100 29.08 -1.65 30.52
N GLN K 101 28.96 -2.06 29.27
CA GLN K 101 28.97 -3.48 28.93
C GLN K 101 30.37 -4.00 28.62
N CYS K 102 31.19 -3.18 27.98
CA CYS K 102 32.52 -3.60 27.59
C CYS K 102 33.59 -3.30 28.64
N TYR K 103 33.38 -2.30 29.48
CA TYR K 103 34.33 -2.00 30.54
C TYR K 103 33.84 -2.50 31.89
N ALA K 104 32.63 -2.12 32.27
CA ALA K 104 32.14 -2.34 33.63
C ALA K 104 31.78 -3.79 33.89
N ARG K 105 30.96 -4.34 33.02
CA ARG K 105 30.34 -5.64 33.28
C ARG K 105 31.31 -6.78 33.58
N PRO K 106 32.42 -6.88 32.82
CA PRO K 106 33.36 -7.97 33.13
C PRO K 106 34.21 -7.73 34.38
N ARG K 107 34.17 -6.52 34.92
CA ARG K 107 34.97 -6.17 36.10
C ARG K 107 34.17 -6.12 37.41
N LEU K 108 32.90 -5.72 37.35
CA LEU K 108 32.11 -5.54 38.57
C LEU K 108 31.79 -6.86 39.27
N GLN K 109 32.01 -6.88 40.59
CA GLN K 109 31.69 -8.02 41.44
C GLN K 109 30.48 -7.70 42.30
N PRO K 110 29.79 -8.73 42.82
CA PRO K 110 28.63 -8.46 43.66
C PRO K 110 28.96 -7.57 44.85
N GLY K 111 28.14 -6.54 45.06
CA GLY K 111 28.38 -5.56 46.11
C GLY K 111 29.09 -4.30 45.67
N ASP K 112 29.74 -4.32 44.51
CA ASP K 112 30.44 -3.14 44.01
C ASP K 112 29.44 -2.01 43.75
N GLU K 113 29.95 -0.78 43.68
CA GLU K 113 29.08 0.39 43.68
C GLU K 113 29.34 1.34 42.52
N ILE K 114 28.24 1.81 41.92
CA ILE K 114 28.28 2.77 40.83
C ILE K 114 27.58 4.05 41.29
N ILE K 115 28.34 5.13 41.40
CA ILE K 115 27.77 6.40 41.86
C ILE K 115 27.25 7.17 40.65
N VAL K 116 25.98 7.55 40.67
CA VAL K 116 25.35 8.25 39.57
C VAL K 116 24.60 9.45 40.08
N SER K 117 24.75 10.59 39.42
CA SER K 117 24.11 11.81 39.90
C SER K 117 22.64 11.82 39.53
N VAL K 118 21.83 12.46 40.37
CA VAL K 118 20.39 12.58 40.11
C VAL K 118 20.11 13.44 38.88
N ALA K 119 21.06 14.29 38.49
CA ALA K 119 20.88 15.18 37.33
C ALA K 119 21.18 14.50 36.00
N GLU K 120 21.31 13.17 36.02
CA GLU K 120 21.69 12.46 34.79
C GLU K 120 20.52 12.22 33.85
N HIS K 121 20.82 12.36 32.56
CA HIS K 121 19.93 11.93 31.49
C HIS K 121 19.78 10.44 31.57
N HIS K 122 18.63 9.93 31.13
CA HIS K 122 18.36 8.48 31.17
C HIS K 122 19.46 7.67 30.54
N ALA K 123 20.07 8.22 29.50
CA ALA K 123 21.19 7.60 28.79
C ALA K 123 22.38 7.33 29.71
N ASN K 124 22.58 8.17 30.73
CA ASN K 124 23.65 7.94 31.71
C ASN K 124 23.11 7.47 33.05
N LEU K 125 21.96 6.81 33.03
CA LEU K 125 21.41 6.15 34.22
C LEU K 125 20.95 4.71 33.95
N VAL K 126 20.12 4.52 32.92
CA VAL K 126 19.53 3.21 32.67
C VAL K 126 20.56 2.12 32.42
N PRO K 127 21.64 2.44 31.69
CA PRO K 127 22.67 1.44 31.45
C PRO K 127 23.36 0.94 32.71
N TRP K 128 23.46 1.81 33.70
CA TRP K 128 24.06 1.43 34.97
C TRP K 128 23.12 0.60 35.77
N LEU K 129 21.83 0.92 35.70
CA LEU K 129 20.83 0.11 36.37
C LEU K 129 20.86 -1.29 35.79
N MET K 130 20.91 -1.37 34.47
CA MET K 130 20.95 -2.65 33.75
C MET K 130 22.16 -3.49 34.15
N VAL K 131 23.33 -2.89 34.12
CA VAL K 131 24.54 -3.62 34.46
C VAL K 131 24.56 -4.01 35.93
N ALA K 132 24.01 -3.17 36.78
CA ALA K 132 23.93 -3.47 38.21
C ALA K 132 23.18 -4.75 38.46
N GLN K 133 22.03 -4.88 37.81
CA GLN K 133 21.20 -6.05 37.91
C GLN K 133 21.95 -7.28 37.39
N GLN K 134 22.71 -7.09 36.33
CA GLN K 134 23.44 -8.19 35.69
C GLN K 134 24.65 -8.69 36.48
N THR K 135 25.26 -7.81 37.29
CA THR K 135 26.51 -8.13 38.00
C THR K 135 26.36 -8.27 39.50
N GLY K 136 25.22 -7.85 40.03
CA GLY K 136 25.00 -7.81 41.46
C GLY K 136 25.60 -6.57 42.12
N ALA K 137 25.96 -5.57 41.31
CA ALA K 137 26.42 -4.30 41.81
C ALA K 137 25.22 -3.44 42.19
N LYS K 138 25.50 -2.29 42.80
CA LYS K 138 24.46 -1.37 43.25
C LYS K 138 24.70 0.04 42.76
N VAL K 139 23.63 0.70 42.35
CA VAL K 139 23.72 2.10 41.93
C VAL K 139 23.46 2.97 43.16
N VAL K 140 24.39 3.90 43.41
CA VAL K 140 24.27 4.80 44.55
C VAL K 140 24.09 6.23 44.04
N LYS K 141 23.15 6.95 44.64
CA LYS K 141 22.76 8.27 44.18
C LYS K 141 23.66 9.37 44.72
N LEU K 142 24.07 10.28 43.83
CA LEU K 142 24.77 11.50 44.21
C LEU K 142 23.81 12.68 44.07
N PRO K 143 23.35 13.25 45.19
CA PRO K 143 22.28 14.22 45.14
C PRO K 143 22.70 15.62 44.73
N LEU K 144 21.72 16.51 44.60
CA LEU K 144 21.97 17.92 44.29
C LEU K 144 22.28 18.70 45.54
N ASN K 145 23.07 19.75 45.38
CA ASN K 145 23.31 20.72 46.46
C ASN K 145 22.28 21.85 46.42
N ALA K 146 22.48 22.86 47.26
CA ALA K 146 21.56 24.01 47.34
C ALA K 146 21.46 24.79 46.04
N GLN K 147 22.51 24.73 45.23
CA GLN K 147 22.57 25.44 43.96
C GLN K 147 22.02 24.59 42.79
N ARG K 148 21.44 23.44 43.11
CA ARG K 148 20.86 22.51 42.13
C ARG K 148 21.87 21.89 41.17
N LEU K 149 23.10 21.73 41.66
CA LEU K 149 24.14 21.00 40.96
C LEU K 149 24.47 19.75 41.76
N PRO K 150 24.89 18.66 41.09
CA PRO K 150 25.40 17.49 41.78
C PRO K 150 26.43 17.84 42.84
N ASP K 151 26.19 17.35 44.06
CA ASP K 151 26.93 17.77 45.24
C ASP K 151 28.31 17.09 45.30
N VAL K 152 29.25 17.66 44.56
CA VAL K 152 30.60 17.12 44.45
C VAL K 152 31.36 17.13 45.77
N ASP K 153 31.06 18.08 46.65
CA ASP K 153 31.73 18.12 47.96
C ASP K 153 31.29 16.99 48.89
N LEU K 154 30.12 16.41 48.61
CA LEU K 154 29.59 15.26 49.36
C LEU K 154 30.27 13.96 48.94
N LEU K 155 30.95 14.00 47.80
CA LEU K 155 31.46 12.79 47.13
C LEU K 155 32.39 11.93 47.99
N PRO K 156 33.33 12.55 48.73
CA PRO K 156 34.18 11.74 49.61
C PRO K 156 33.39 10.90 50.60
N GLU K 157 32.25 11.41 51.07
CA GLU K 157 31.43 10.68 52.02
C GLU K 157 30.65 9.54 51.38
N LEU K 158 30.29 9.69 50.11
CA LEU K 158 29.59 8.62 49.38
C LEU K 158 30.54 7.52 48.90
N ILE K 159 31.80 7.87 48.63
CA ILE K 159 32.80 6.91 48.21
C ILE K 159 33.18 5.96 49.33
N THR K 160 33.08 4.67 49.04
CA THR K 160 33.48 3.61 49.97
C THR K 160 34.53 2.75 49.27
N PRO K 161 35.09 1.76 49.98
CA PRO K 161 36.06 0.87 49.32
C PRO K 161 35.49 0.05 48.15
N ARG K 162 34.16 0.01 48.02
CA ARG K 162 33.49 -0.78 47.00
C ARG K 162 33.05 0.08 45.79
N SER K 163 33.40 1.37 45.83
CA SER K 163 33.07 2.28 44.72
C SER K 163 34.01 2.05 43.57
N ARG K 164 33.44 1.97 42.36
CA ARG K 164 34.20 1.63 41.15
C ARG K 164 33.99 2.61 40.01
N ILE K 165 32.76 3.08 39.83
CA ILE K 165 32.42 3.93 38.69
C ILE K 165 31.66 5.17 39.11
N LEU K 166 31.99 6.29 38.47
CA LEU K 166 31.31 7.56 38.66
C LEU K 166 30.68 8.00 37.34
N ALA K 167 29.36 7.95 37.27
CA ALA K 167 28.61 8.44 36.11
C ALA K 167 28.15 9.85 36.39
N LEU K 168 28.60 10.80 35.57
CA LEU K 168 28.37 12.21 35.84
C LEU K 168 28.22 13.00 34.54
N GLY K 169 27.22 13.87 34.48
CA GLY K 169 26.99 14.71 33.30
C GLY K 169 27.80 16.00 33.34
N GLN K 170 28.35 16.41 32.21
CA GLN K 170 29.07 17.68 32.10
C GLN K 170 28.09 18.85 32.21
N MET K 171 26.91 18.67 31.64
CA MET K 171 25.90 19.71 31.58
C MET K 171 24.51 19.07 31.53
N SER K 172 23.64 19.48 32.44
CA SER K 172 22.26 19.00 32.47
C SER K 172 21.47 19.55 31.29
N ASN K 173 20.60 18.71 30.74
CA ASN K 173 19.73 19.13 29.63
C ASN K 173 18.48 19.83 30.12
N VAL K 174 18.33 19.92 31.45
CA VAL K 174 17.17 20.57 32.06
C VAL K 174 17.57 21.93 32.64
N THR K 175 18.52 21.93 33.57
CA THR K 175 18.97 23.15 34.22
C THR K 175 20.07 23.89 33.45
N GLY K 176 20.74 23.21 32.54
CA GLY K 176 21.92 23.74 31.88
C GLY K 176 23.12 23.89 32.81
N GLY K 177 23.05 23.26 33.97
CA GLY K 177 24.06 23.43 34.99
C GLY K 177 25.22 22.47 34.83
N CYS K 178 26.43 22.99 35.02
CA CYS K 178 27.66 22.20 34.97
C CYS K 178 28.27 22.05 36.36
N PRO K 179 28.39 20.81 36.86
CA PRO K 179 29.05 20.62 38.16
C PRO K 179 30.56 20.83 38.11
N ASP K 180 31.21 20.87 39.28
CA ASP K 180 32.67 21.03 39.34
C ASP K 180 33.35 19.72 38.96
N LEU K 181 33.47 19.52 37.66
CA LEU K 181 33.93 18.27 37.10
C LEU K 181 35.38 17.98 37.47
N ALA K 182 36.23 19.00 37.42
CA ALA K 182 37.64 18.83 37.71
C ALA K 182 37.83 18.24 39.11
N ARG K 183 37.13 18.80 40.09
CA ARG K 183 37.24 18.33 41.48
C ARG K 183 36.69 16.92 41.62
N ALA K 184 35.52 16.68 41.02
CA ALA K 184 34.89 15.36 41.04
C ALA K 184 35.86 14.28 40.61
N ILE K 185 36.55 14.52 39.49
CA ILE K 185 37.47 13.56 38.92
C ILE K 185 38.65 13.28 39.86
N THR K 186 39.17 14.33 40.50
CA THR K 186 40.25 14.17 41.47
C THR K 186 39.86 13.22 42.60
N PHE K 187 38.64 13.35 43.10
CA PHE K 187 38.14 12.49 44.18
C PHE K 187 37.99 11.06 43.70
N ALA K 188 37.41 10.89 42.50
CA ALA K 188 37.18 9.56 41.94
C ALA K 188 38.49 8.82 41.71
N HIS K 189 39.49 9.53 41.18
CA HIS K 189 40.77 8.94 40.85
C HIS K 189 41.57 8.58 42.06
N SER K 190 41.41 9.35 43.13
CA SER K 190 42.02 9.02 44.42
C SER K 190 41.48 7.69 44.93
N ALA K 191 40.21 7.42 44.67
CA ALA K 191 39.58 6.17 45.10
C ALA K 191 39.72 5.06 44.07
N GLY K 192 40.56 5.27 43.05
CA GLY K 192 40.75 4.29 41.99
C GLY K 192 39.51 4.00 41.16
N MET K 193 38.62 4.98 41.03
CA MET K 193 37.41 4.81 40.23
C MET K 193 37.65 5.29 38.81
N VAL K 194 36.75 4.92 37.90
CA VAL K 194 36.76 5.47 36.53
C VAL K 194 35.54 6.33 36.33
N VAL K 195 35.69 7.43 35.58
CA VAL K 195 34.61 8.40 35.38
C VAL K 195 34.03 8.38 33.98
N MET K 196 32.72 8.22 33.89
CA MET K 196 32.00 8.32 32.62
C MET K 196 31.34 9.70 32.57
N VAL K 197 31.76 10.54 31.63
CA VAL K 197 31.19 11.86 31.48
C VAL K 197 30.26 11.93 30.26
N ASP K 198 29.01 12.29 30.51
CA ASP K 198 28.03 12.51 29.45
C ASP K 198 28.17 13.96 28.98
N GLY K 199 28.66 14.14 27.76
CA GLY K 199 28.91 15.47 27.20
C GLY K 199 27.97 15.85 26.06
N ALA K 200 26.80 15.24 26.02
CA ALA K 200 25.87 15.47 24.92
C ALA K 200 25.55 16.95 24.74
N GLN K 201 25.36 17.63 25.87
CA GLN K 201 25.12 19.08 25.88
C GLN K 201 26.42 19.85 25.97
N GLY K 202 27.30 19.40 26.86
CA GLY K 202 28.56 20.08 27.12
C GLY K 202 29.44 20.25 25.90
N ALA K 203 29.45 19.27 25.02
CA ALA K 203 30.25 19.34 23.80
C ALA K 203 29.84 20.52 22.93
N VAL K 204 28.56 20.85 22.96
CA VAL K 204 28.00 21.90 22.12
C VAL K 204 28.34 23.30 22.66
N HIS K 205 28.37 23.43 23.99
CA HIS K 205 28.45 24.74 24.64
C HIS K 205 29.79 25.02 25.29
N PHE K 206 30.37 24.00 25.93
CA PHE K 206 31.66 24.12 26.62
C PHE K 206 32.49 22.87 26.36
N PRO K 207 32.97 22.68 25.11
CA PRO K 207 33.61 21.41 24.80
C PRO K 207 34.77 21.11 25.76
N ALA K 208 34.77 19.92 26.35
CA ALA K 208 35.71 19.59 27.42
C ALA K 208 37.11 19.27 26.92
N ASP K 209 38.11 19.84 27.59
CA ASP K 209 39.50 19.48 27.37
C ASP K 209 39.81 18.20 28.15
N VAL K 210 39.83 17.08 27.44
CA VAL K 210 39.92 15.76 28.08
C VAL K 210 41.25 15.49 28.77
N GLN K 211 42.34 16.10 28.27
CA GLN K 211 43.68 15.99 28.91
C GLN K 211 43.72 16.74 30.19
N GLN K 212 43.36 18.01 30.10
CA GLN K 212 43.41 18.92 31.22
C GLN K 212 42.53 18.38 32.34
N LEU K 213 41.30 18.03 32.01
CA LEU K 213 40.36 17.48 32.98
C LEU K 213 40.69 16.03 33.40
N ASP K 214 41.48 15.33 32.59
CA ASP K 214 41.86 13.93 32.86
C ASP K 214 40.64 12.98 32.81
N ILE K 215 39.74 13.26 31.87
CA ILE K 215 38.54 12.46 31.69
C ILE K 215 38.86 11.05 31.19
N ASP K 216 38.24 10.05 31.80
CA ASP K 216 38.43 8.67 31.39
C ASP K 216 37.64 8.35 30.13
N PHE K 217 36.34 8.64 30.19
CA PHE K 217 35.43 8.43 29.07
C PHE K 217 34.58 9.66 28.84
N TYR K 218 34.28 9.96 27.58
CA TYR K 218 33.50 11.14 27.22
C TYR K 218 32.64 10.84 26.01
N ALA K 219 31.36 11.19 26.07
CA ALA K 219 30.42 10.86 24.99
C ALA K 219 29.63 12.08 24.53
N PHE K 220 29.38 12.18 23.22
CA PHE K 220 28.41 13.16 22.72
C PHE K 220 27.77 12.74 21.39
N SER K 221 26.77 13.50 20.95
CA SER K 221 25.98 13.16 19.76
C SER K 221 26.16 14.21 18.67
N GLY K 222 26.24 13.75 17.43
CA GLY K 222 26.49 14.63 16.30
C GLY K 222 25.35 15.59 16.00
N HIS K 223 24.11 15.16 16.24
CA HIS K 223 22.94 15.97 15.87
C HIS K 223 22.75 17.20 16.73
N LYS K 224 23.24 17.15 17.96
CA LYS K 224 23.21 18.33 18.84
C LYS K 224 24.32 19.26 18.46
N LEU K 225 25.34 18.72 17.79
CA LEU K 225 26.50 19.51 17.39
C LEU K 225 26.39 20.00 15.93
N TYR K 226 25.19 20.42 15.54
CA TYR K 226 24.90 20.97 14.20
C TYR K 226 25.20 19.99 13.09
N GLY K 227 25.10 18.69 13.41
CA GLY K 227 25.55 17.64 12.50
C GLY K 227 24.48 16.62 12.21
N PRO K 228 24.87 15.52 11.55
CA PRO K 228 23.91 14.53 11.12
C PRO K 228 23.36 13.68 12.25
N THR K 229 22.23 13.03 12.00
CA THR K 229 21.67 12.06 12.92
C THR K 229 22.36 10.73 12.72
N GLY K 230 22.20 9.83 13.68
CA GLY K 230 22.76 8.48 13.59
C GLY K 230 24.27 8.40 13.73
N ILE K 231 24.89 9.41 14.33
CA ILE K 231 26.33 9.40 14.55
C ILE K 231 26.67 10.04 15.89
N GLY K 232 27.55 9.37 16.61
CA GLY K 232 27.99 9.82 17.92
C GLY K 232 29.43 9.41 18.17
N VAL K 233 29.99 9.88 19.27
CA VAL K 233 31.38 9.65 19.58
C VAL K 233 31.56 9.10 20.97
N LEU K 234 32.53 8.22 21.12
CA LEU K 234 33.03 7.83 22.43
C LEU K 234 34.52 8.12 22.43
N TYR K 235 34.95 9.02 23.30
CA TYR K 235 36.37 9.18 23.58
C TYR K 235 36.74 8.31 24.77
N GLY K 236 37.89 7.67 24.70
CA GLY K 236 38.44 6.96 25.83
C GLY K 236 39.95 7.04 25.85
N LYS K 237 40.54 7.03 27.05
CA LYS K 237 41.97 6.86 27.19
C LYS K 237 42.36 5.53 26.54
N SER K 238 43.51 5.50 25.87
CA SER K 238 43.87 4.33 25.08
C SER K 238 43.98 3.06 25.92
N GLU K 239 44.51 3.18 27.14
CA GLU K 239 44.64 2.04 28.05
C GLU K 239 43.27 1.43 28.34
N LEU K 240 42.27 2.30 28.46
CA LEU K 240 40.90 1.87 28.78
C LEU K 240 40.22 1.25 27.57
N LEU K 241 40.45 1.82 26.40
CA LEU K 241 39.93 1.25 25.16
C LEU K 241 40.55 -0.13 24.89
N GLU K 242 41.83 -0.28 25.21
CA GLU K 242 42.53 -1.57 25.10
C GLU K 242 41.98 -2.59 26.10
N ALA K 243 41.62 -2.12 27.28
CA ALA K 243 41.06 -3.00 28.33
C ALA K 243 39.63 -3.48 28.02
N MET K 244 38.90 -2.70 27.22
CA MET K 244 37.51 -3.03 26.91
C MET K 244 37.38 -4.30 26.08
N SER K 245 36.30 -5.02 26.34
CA SER K 245 35.92 -6.18 25.54
C SER K 245 35.37 -5.70 24.21
N PRO K 246 35.28 -6.61 23.22
CA PRO K 246 34.63 -6.21 21.99
C PRO K 246 33.16 -5.91 22.20
N TRP K 247 32.63 -5.02 21.38
CA TRP K 247 31.27 -4.58 21.52
C TRP K 247 30.40 -5.46 20.66
N LEU K 248 30.09 -5.05 19.43
CA LEU K 248 29.36 -5.90 18.51
C LEU K 248 30.35 -6.81 17.80
N GLY K 249 29.89 -8.00 17.40
CA GLY K 249 30.70 -8.92 16.62
C GLY K 249 30.36 -8.84 15.13
N GLY K 250 31.38 -8.92 14.29
CA GLY K 250 31.17 -8.93 12.85
C GLY K 250 32.39 -8.54 12.03
N GLY K 251 32.15 -8.02 10.84
CA GLY K 251 33.23 -7.60 9.96
C GLY K 251 33.96 -6.39 10.51
N LYS K 252 35.18 -6.19 10.03
CA LYS K 252 36.03 -5.03 10.34
C LYS K 252 36.69 -5.14 11.73
N MET K 253 35.91 -5.49 12.75
CA MET K 253 36.44 -5.64 14.10
C MET K 253 37.25 -6.91 14.30
N VAL K 254 36.98 -7.94 13.49
CA VAL K 254 37.72 -9.23 13.60
C VAL K 254 39.03 -9.17 12.84
N HIS K 255 39.99 -9.97 13.30
CA HIS K 255 41.25 -10.14 12.62
C HIS K 255 41.23 -11.47 11.93
N GLU K 256 41.07 -12.54 12.70
CA GLU K 256 40.97 -13.88 12.15
C GLU K 256 39.81 -14.64 12.77
N VAL K 257 39.09 -15.39 11.95
CA VAL K 257 37.92 -16.14 12.40
C VAL K 257 37.90 -17.56 11.88
N SER K 258 37.62 -18.48 12.81
CA SER K 258 37.30 -19.86 12.46
C SER K 258 36.14 -20.28 13.34
N PHE K 259 35.67 -21.51 13.16
CA PHE K 259 34.59 -22.04 13.99
C PHE K 259 35.07 -22.38 15.41
N ASP K 260 36.38 -22.38 15.61
CA ASP K 260 36.94 -22.64 16.93
C ASP K 260 37.13 -21.36 17.75
N GLY K 261 37.08 -20.20 17.09
CA GLY K 261 37.19 -18.92 17.79
C GLY K 261 37.63 -17.77 16.90
N PHE K 262 37.94 -16.63 17.51
CA PHE K 262 38.36 -15.46 16.73
C PHE K 262 39.25 -14.50 17.53
N THR K 263 40.05 -13.73 16.79
CA THR K 263 40.84 -12.64 17.35
C THR K 263 40.34 -11.32 16.77
N THR K 264 40.58 -10.23 17.49
CA THR K 264 40.09 -8.91 17.08
C THR K 264 41.21 -7.95 16.71
N GLN K 265 40.84 -6.86 16.05
CA GLN K 265 41.74 -5.74 15.79
C GLN K 265 41.99 -5.00 17.12
N SER K 266 42.83 -3.97 17.08
CA SER K 266 42.99 -3.05 18.21
C SER K 266 41.90 -1.99 18.16
N ALA K 267 41.78 -1.22 19.23
CA ALA K 267 40.90 -0.06 19.22
C ALA K 267 41.46 0.99 18.27
N PRO K 268 40.58 1.81 17.65
CA PRO K 268 39.15 1.84 17.86
C PRO K 268 38.39 0.79 17.05
N TRP K 269 39.05 0.13 16.12
CA TRP K 269 38.37 -0.77 15.18
C TRP K 269 37.78 -1.97 15.87
N LYS K 270 38.40 -2.37 16.98
CA LYS K 270 37.85 -3.43 17.84
C LYS K 270 36.40 -3.17 18.23
N LEU K 271 36.05 -1.91 18.38
CA LEU K 271 34.74 -1.52 18.88
C LEU K 271 33.76 -1.08 17.78
N GLU K 272 34.14 -1.26 16.52
CA GLU K 272 33.36 -0.73 15.39
C GLU K 272 33.05 -1.83 14.39
N ALA K 273 32.08 -2.68 14.68
CA ALA K 273 31.70 -3.77 13.78
C ALA K 273 30.86 -3.27 12.62
N GLY K 274 31.00 -3.91 11.45
CA GLY K 274 30.14 -3.65 10.32
C GLY K 274 30.53 -2.44 9.51
N THR K 275 29.80 -2.21 8.42
CA THR K 275 29.99 -1.01 7.61
C THR K 275 29.64 0.22 8.45
N PRO K 276 30.56 1.17 8.55
CA PRO K 276 30.27 2.36 9.35
C PRO K 276 29.26 3.29 8.67
N ASN K 277 28.61 4.13 9.46
CA ASN K 277 27.74 5.17 8.92
C ASN K 277 28.60 6.28 8.31
N VAL K 278 29.07 6.03 7.09
CA VAL K 278 30.01 6.91 6.42
C VAL K 278 29.41 8.30 6.19
N ALA K 279 28.11 8.35 5.87
CA ALA K 279 27.40 9.63 5.73
C ALA K 279 27.49 10.47 7.01
N GLY K 280 27.25 9.83 8.14
CA GLY K 280 27.33 10.50 9.43
C GLY K 280 28.71 11.06 9.72
N VAL K 281 29.74 10.25 9.50
CA VAL K 281 31.12 10.67 9.77
C VAL K 281 31.52 11.85 8.91
N ILE K 282 31.25 11.74 7.61
CA ILE K 282 31.57 12.81 6.66
C ILE K 282 30.83 14.10 7.02
N GLY K 283 29.54 13.97 7.30
CA GLY K 283 28.71 15.10 7.68
C GLY K 283 29.13 15.75 8.99
N LEU K 284 29.51 14.93 9.96
CA LEU K 284 30.01 15.42 11.24
C LEU K 284 31.33 16.13 11.06
N SER K 285 32.16 15.60 10.16
CA SER K 285 33.42 16.22 9.82
C SER K 285 33.18 17.61 9.22
N ALA K 286 32.21 17.69 8.31
CA ALA K 286 31.83 18.96 7.70
C ALA K 286 31.39 19.95 8.77
N ALA K 287 30.60 19.47 9.73
CA ALA K 287 30.14 20.30 10.84
C ALA K 287 31.31 20.82 11.68
N LEU K 288 32.24 19.94 12.01
CA LEU K 288 33.38 20.33 12.86
C LEU K 288 34.31 21.30 12.15
N GLU K 289 34.63 21.02 10.89
CA GLU K 289 35.49 21.91 10.13
C GLU K 289 34.88 23.31 10.07
N TRP K 290 33.58 23.36 9.84
CA TRP K 290 32.84 24.61 9.79
C TRP K 290 32.79 25.31 11.12
N LEU K 291 32.49 24.55 12.18
CA LEU K 291 32.41 25.08 13.54
C LEU K 291 33.74 25.69 13.99
N ALA K 292 34.84 25.11 13.53
CA ALA K 292 36.18 25.58 13.88
C ALA K 292 36.45 27.04 13.54
N ASP K 293 35.64 27.62 12.65
CA ASP K 293 35.79 29.03 12.26
C ASP K 293 35.35 30.05 13.31
N TYR K 294 34.52 29.62 14.27
CA TYR K 294 33.96 30.54 15.25
C TYR K 294 34.53 30.28 16.65
N ASP K 295 34.70 31.35 17.42
CA ASP K 295 35.09 31.23 18.82
C ASP K 295 33.87 30.81 19.62
N ILE K 296 33.87 29.55 20.07
CA ILE K 296 32.74 28.97 20.82
C ILE K 296 32.42 29.76 22.09
N ASN K 297 33.46 30.29 22.72
CA ASN K 297 33.28 31.07 23.93
C ASN K 297 32.41 32.30 23.65
N GLN K 298 32.67 32.98 22.54
CA GLN K 298 31.89 34.16 22.15
C GLN K 298 30.50 33.76 21.70
N ALA K 299 30.41 32.66 20.95
CA ALA K 299 29.12 32.18 20.46
C ALA K 299 28.24 31.72 21.60
N GLU K 300 28.84 31.15 22.64
CA GLU K 300 28.07 30.71 23.79
C GLU K 300 27.62 31.90 24.64
N SER K 301 28.50 32.88 24.81
CA SER K 301 28.15 34.10 25.52
C SER K 301 26.91 34.73 24.90
N TRP K 302 26.87 34.79 23.57
CA TRP K 302 25.72 35.33 22.87
C TRP K 302 24.47 34.56 23.20
N SER K 303 24.54 33.23 23.07
CA SER K 303 23.42 32.36 23.40
C SER K 303 22.89 32.58 24.81
N ARG K 304 23.80 32.78 25.74
CA ARG K 304 23.45 33.01 27.14
C ARG K 304 22.81 34.38 27.35
N SER K 305 23.32 35.39 26.66
CA SER K 305 22.75 36.74 26.72
C SER K 305 21.26 36.73 26.41
N LEU K 306 20.88 35.97 25.38
CA LEU K 306 19.49 35.90 24.95
C LEU K 306 18.65 35.18 25.99
N ALA K 307 19.22 34.14 26.58
CA ALA K 307 18.54 33.38 27.62
C ALA K 307 18.27 34.24 28.84
N THR K 308 19.22 35.12 29.16
CA THR K 308 19.08 36.01 30.30
C THR K 308 17.98 37.03 30.08
N LEU K 309 17.92 37.60 28.87
CA LEU K 309 16.86 38.54 28.52
C LEU K 309 15.49 37.88 28.59
N ALA K 310 15.43 36.64 28.10
CA ALA K 310 14.20 35.86 28.15
C ALA K 310 13.73 35.65 29.59
N GLU K 311 14.66 35.26 30.47
CA GLU K 311 14.33 34.95 31.87
C GLU K 311 13.87 36.18 32.63
N ASP K 312 14.61 37.28 32.49
CA ASP K 312 14.27 38.52 33.16
C ASP K 312 12.91 39.06 32.70
N ALA K 313 12.62 38.95 31.40
CA ALA K 313 11.34 39.42 30.85
C ALA K 313 10.17 38.58 31.35
N LEU K 314 10.32 37.27 31.31
CA LEU K 314 9.26 36.37 31.76
C LEU K 314 9.07 36.44 33.27
N ALA K 315 10.14 36.74 34.00
CA ALA K 315 10.06 36.87 35.47
C ALA K 315 9.13 38.01 35.92
N LYS K 316 8.87 38.98 35.05
CA LYS K 316 7.91 40.05 35.36
C LYS K 316 6.47 39.56 35.41
N ARG K 317 6.19 38.44 34.76
CA ARG K 317 4.87 37.82 34.81
C ARG K 317 4.74 37.05 36.11
N PRO K 318 3.62 37.21 36.84
CA PRO K 318 3.52 36.52 38.11
C PRO K 318 3.25 35.02 37.97
N GLY K 319 3.71 34.24 38.94
CA GLY K 319 3.60 32.78 38.90
C GLY K 319 4.72 32.10 38.13
N PHE K 320 5.70 32.88 37.71
CA PHE K 320 6.82 32.37 36.94
C PHE K 320 7.87 31.73 37.82
N ARG K 321 8.46 30.64 37.33
CA ARG K 321 9.55 29.96 38.01
C ARG K 321 10.56 29.42 37.02
N SER K 322 11.83 29.67 37.29
CA SER K 322 12.92 29.19 36.45
C SER K 322 13.75 28.16 37.20
N PHE K 323 14.24 27.15 36.47
CA PHE K 323 15.14 26.14 37.02
C PHE K 323 16.56 26.28 36.46
N ARG K 324 16.83 27.42 35.85
CA ARG K 324 18.08 27.62 35.11
C ARG K 324 19.26 27.92 36.02
N CYS K 325 20.39 27.26 35.77
CA CYS K 325 21.61 27.43 36.56
C CYS K 325 22.71 28.16 35.78
N GLN K 326 23.58 28.86 36.51
CA GLN K 326 24.81 29.42 35.96
C GLN K 326 24.58 30.24 34.69
N ASP K 327 23.44 30.92 34.64
CA ASP K 327 23.05 31.74 33.48
C ASP K 327 23.25 31.00 32.14
N SER K 328 22.80 29.76 32.07
CA SER K 328 23.05 28.94 30.88
C SER K 328 22.14 29.34 29.72
N SER K 329 22.45 28.78 28.55
CA SER K 329 21.66 29.02 27.36
C SER K 329 20.38 28.18 27.33
N LEU K 330 20.26 27.24 28.28
CA LEU K 330 19.06 26.42 28.44
C LEU K 330 18.17 27.04 29.51
N LEU K 331 16.90 27.26 29.18
CA LEU K 331 15.97 27.87 30.11
C LEU K 331 14.75 26.98 30.36
N ALA K 332 14.80 26.21 31.44
CA ALA K 332 13.65 25.42 31.85
C ALA K 332 12.79 26.27 32.77
N PHE K 333 11.48 26.20 32.58
CA PHE K 333 10.57 27.01 33.38
C PHE K 333 9.14 26.49 33.39
N ASP K 334 8.31 27.10 34.24
CA ASP K 334 6.87 26.85 34.25
C ASP K 334 6.10 28.03 34.87
N PHE K 335 4.77 27.94 34.82
CA PHE K 335 3.88 28.95 35.37
C PHE K 335 2.85 28.31 36.30
N ALA K 336 2.69 28.87 37.49
CA ALA K 336 1.75 28.34 38.48
C ALA K 336 0.35 28.15 37.91
N GLY K 337 -0.19 26.95 38.04
CA GLY K 337 -1.55 26.64 37.63
C GLY K 337 -1.75 26.39 36.14
N VAL K 338 -0.66 26.40 35.38
CA VAL K 338 -0.72 26.23 33.93
C VAL K 338 0.04 24.97 33.56
N HIS K 339 -0.63 24.04 32.89
N HIS K 339 -0.64 24.03 32.89
CA HIS K 339 -0.04 22.77 32.51
CA HIS K 339 -0.01 22.77 32.50
C HIS K 339 0.85 22.95 31.29
C HIS K 339 0.87 22.98 31.30
N HIS K 340 2.06 22.40 31.36
CA HIS K 340 3.09 22.66 30.34
C HIS K 340 2.74 22.15 28.97
N SER K 341 2.02 21.03 28.90
CA SER K 341 1.54 20.50 27.63
C SER K 341 0.63 21.49 26.90
N ASP K 342 -0.25 22.15 27.64
CA ASP K 342 -1.15 23.14 27.04
C ASP K 342 -0.37 24.30 26.44
N MET K 343 0.62 24.79 27.20
CA MET K 343 1.48 25.90 26.80
C MET K 343 2.22 25.62 25.50
N VAL K 344 2.78 24.41 25.40
CA VAL K 344 3.58 24.06 24.24
C VAL K 344 2.72 24.02 22.98
N THR K 345 1.50 23.51 23.10
CA THR K 345 0.60 23.43 21.96
C THR K 345 0.29 24.83 21.43
N LEU K 346 -0.05 25.75 22.33
CA LEU K 346 -0.41 27.10 21.94
C LEU K 346 0.80 27.90 21.44
N LEU K 347 1.96 27.73 22.06
CA LEU K 347 3.17 28.41 21.60
C LEU K 347 3.55 27.99 20.18
N ALA K 348 3.34 26.71 19.88
CA ALA K 348 3.54 26.20 18.53
C ALA K 348 2.68 26.97 17.55
N GLU K 349 1.39 27.10 17.88
CA GLU K 349 0.43 27.82 17.05
C GLU K 349 0.81 29.28 16.83
N TYR K 350 1.51 29.88 17.78
CA TYR K 350 1.99 31.26 17.63
C TYR K 350 3.33 31.35 16.90
N GLY K 351 3.86 30.21 16.47
CA GLY K 351 5.07 30.17 15.67
C GLY K 351 6.35 30.02 16.48
N ILE K 352 6.22 29.54 17.72
CA ILE K 352 7.36 29.31 18.58
C ILE K 352 7.49 27.82 18.81
N ALA K 353 8.65 27.27 18.45
CA ALA K 353 8.89 25.84 18.55
C ALA K 353 9.77 25.59 19.75
N LEU K 354 9.21 24.93 20.75
CA LEU K 354 9.97 24.53 21.92
C LEU K 354 9.46 23.17 22.40
N ARG K 355 9.98 22.74 23.54
CA ARG K 355 9.72 21.39 24.02
C ARG K 355 9.20 21.39 25.46
N ALA K 356 8.27 20.49 25.72
CA ALA K 356 7.74 20.26 27.06
C ALA K 356 7.93 18.79 27.38
N GLY K 357 7.66 18.43 28.62
CA GLY K 357 7.73 17.03 29.04
C GLY K 357 8.77 16.81 30.13
N GLN K 358 9.29 15.59 30.19
CA GLN K 358 10.18 15.16 31.27
C GLN K 358 11.66 15.24 30.88
N HIS K 359 11.94 15.37 29.58
CA HIS K 359 13.30 15.57 29.07
C HIS K 359 14.24 14.45 29.42
N CSS K 360 13.72 13.23 29.38
CA CSS K 360 14.46 12.04 29.75
CB CSS K 360 15.38 11.60 28.60
SG CSS K 360 14.48 11.04 27.19
SD CSS K 360 13.26 9.58 27.98
C CSS K 360 15.23 12.29 31.01
O CSS K 360 16.43 11.96 31.06
N ALA K 361 14.56 12.84 32.02
CA ALA K 361 15.22 13.17 33.29
C ALA K 361 14.24 13.09 34.47
N GLN K 362 13.63 11.93 34.66
CA GLN K 362 12.61 11.74 35.68
C GLN K 362 13.09 11.97 37.11
N PRO K 363 14.24 11.38 37.49
CA PRO K 363 14.72 11.55 38.86
C PRO K 363 14.99 13.00 39.23
N LEU K 364 15.55 13.76 38.29
CA LEU K 364 15.83 15.17 38.51
C LEU K 364 14.54 15.96 38.79
N LEU K 365 13.54 15.77 37.95
CA LEU K 365 12.26 16.46 38.12
C LEU K 365 11.56 16.06 39.42
N ALA K 366 11.70 14.80 39.81
CA ALA K 366 11.18 14.33 41.10
C ALA K 366 11.87 15.05 42.26
N GLU K 367 13.18 15.23 42.13
CA GLU K 367 13.99 15.96 43.11
C GLU K 367 13.57 17.44 43.12
N LEU K 368 13.27 17.99 41.96
CA LEU K 368 12.76 19.37 41.85
C LEU K 368 11.28 19.50 42.23
N GLY K 369 10.59 18.37 42.39
CA GLY K 369 9.20 18.36 42.84
C GLY K 369 8.20 18.71 41.74
N VAL K 370 8.54 18.38 40.50
CA VAL K 370 7.65 18.61 39.37
C VAL K 370 7.62 17.38 38.46
N THR K 371 6.53 17.26 37.69
CA THR K 371 6.32 16.11 36.82
C THR K 371 6.73 16.43 35.38
N GLY K 372 6.91 17.71 35.09
CA GLY K 372 7.38 18.12 33.78
C GLY K 372 7.62 19.61 33.71
N THR K 373 8.23 20.04 32.62
CA THR K 373 8.58 21.44 32.45
C THR K 373 8.62 21.85 30.98
N LEU K 374 8.48 23.14 30.75
CA LEU K 374 8.77 23.73 29.45
C LEU K 374 10.25 23.99 29.36
N ARG K 375 10.80 23.90 28.16
CA ARG K 375 12.21 24.22 27.98
C ARG K 375 12.49 24.97 26.69
N ALA K 376 13.04 26.17 26.83
CA ALA K 376 13.48 26.97 25.72
C ALA K 376 14.99 26.92 25.72
N SER K 377 15.59 26.54 24.60
CA SER K 377 17.04 26.46 24.51
C SER K 377 17.54 27.33 23.38
N PHE K 378 18.52 28.17 23.68
CA PHE K 378 19.01 29.18 22.76
C PHE K 378 20.32 28.79 22.11
N ALA K 379 20.38 28.94 20.79
CA ALA K 379 21.58 28.66 20.02
C ALA K 379 22.12 29.97 19.47
N PRO K 380 23.36 29.97 18.94
CA PRO K 380 23.91 31.21 18.38
C PRO K 380 23.22 31.71 17.08
N TYR K 381 22.33 30.92 16.50
CA TYR K 381 21.53 31.39 15.37
C TYR K 381 20.23 32.06 15.78
N ASN K 382 20.04 32.27 17.07
CA ASN K 382 18.88 33.01 17.56
C ASN K 382 19.18 34.50 17.71
N THR K 383 18.12 35.28 17.79
CA THR K 383 18.19 36.75 17.82
C THR K 383 17.39 37.30 19.00
N LYS K 384 17.48 38.61 19.20
CA LYS K 384 16.66 39.28 20.20
C LYS K 384 15.19 39.27 19.79
N SER K 385 14.94 39.35 18.49
CA SER K 385 13.56 39.29 17.98
C SER K 385 12.92 37.99 18.42
N ASP K 386 13.71 36.92 18.48
CA ASP K 386 13.20 35.63 18.92
C ASP K 386 12.74 35.70 20.38
N VAL K 387 13.53 36.37 21.22
CA VAL K 387 13.17 36.50 22.63
C VAL K 387 11.86 37.27 22.79
N ASP K 388 11.73 38.38 22.08
CA ASP K 388 10.51 39.17 22.12
C ASP K 388 9.30 38.35 21.68
N ALA K 389 9.46 37.58 20.62
CA ALA K 389 8.39 36.75 20.08
C ALA K 389 7.96 35.69 21.09
N LEU K 390 8.93 35.11 21.79
CA LEU K 390 8.64 34.14 22.84
C LEU K 390 7.82 34.78 23.94
N VAL K 391 8.32 35.91 24.44
CA VAL K 391 7.67 36.61 25.54
C VAL K 391 6.24 36.97 25.15
N ASN K 392 6.08 37.53 23.95
CA ASN K 392 4.76 37.93 23.46
C ASN K 392 3.82 36.73 23.33
N ALA K 393 4.33 35.63 22.81
CA ALA K 393 3.52 34.42 22.66
C ALA K 393 3.04 33.87 24.01
N VAL K 394 3.92 33.88 25.00
CA VAL K 394 3.57 33.42 26.34
C VAL K 394 2.40 34.22 26.89
N ASP K 395 2.46 35.54 26.75
CA ASP K 395 1.36 36.42 27.21
C ASP K 395 0.03 36.01 26.60
N ARG K 396 0.04 35.80 25.30
CA ARG K 396 -1.17 35.42 24.57
C ARG K 396 -1.64 34.06 25.08
N ALA K 397 -0.70 33.15 25.25
CA ALA K 397 -1.01 31.81 25.75
C ALA K 397 -1.63 31.89 27.14
N LEU K 398 -0.99 32.65 28.03
CA LEU K 398 -1.47 32.76 29.40
C LEU K 398 -2.88 33.32 29.46
N GLU K 399 -3.19 34.29 28.61
CA GLU K 399 -4.53 34.88 28.59
C GLU K 399 -5.61 33.89 28.17
N LEU K 400 -5.25 32.94 27.32
CA LEU K 400 -6.19 31.89 26.91
C LEU K 400 -6.34 30.81 27.98
N LEU K 401 -5.27 30.53 28.70
CA LEU K 401 -5.27 29.44 29.66
C LEU K 401 -5.77 29.87 31.04
N VAL K 402 -6.05 31.16 31.23
CA VAL K 402 -6.22 31.75 32.56
C VAL K 402 -7.66 31.76 33.14
N ASP K 403 -7.83 31.10 34.29
CA ASP K 403 -9.19 30.81 34.81
C ASP K 403 -9.17 29.99 36.13
N GLY L 8 -19.87 12.06 38.46
CA GLY L 8 -20.87 12.05 37.37
C GLY L 8 -20.31 12.59 36.05
N HIS L 9 -20.99 13.58 35.49
CA HIS L 9 -20.61 14.49 34.39
C HIS L 9 -21.77 14.72 33.44
N PRO L 10 -21.87 15.95 32.88
CA PRO L 10 -23.03 16.31 32.08
C PRO L 10 -22.99 15.86 30.61
N PHE L 11 -21.84 15.34 30.18
CA PHE L 11 -21.64 15.04 28.76
C PHE L 11 -22.44 13.82 28.34
N GLY L 12 -23.18 13.96 27.25
CA GLY L 12 -24.08 12.92 26.76
C GLY L 12 -25.52 13.10 27.26
N THR L 13 -25.68 13.63 28.48
CA THR L 13 -27.00 13.85 29.06
C THR L 13 -27.43 15.30 28.85
N THR L 14 -26.86 16.22 29.63
CA THR L 14 -27.22 17.64 29.55
C THR L 14 -26.42 18.41 28.50
N VAL L 15 -25.19 17.97 28.22
CA VAL L 15 -24.40 18.53 27.13
C VAL L 15 -24.39 17.53 25.97
N THR L 16 -25.05 17.88 24.88
CA THR L 16 -25.22 16.95 23.74
C THR L 16 -24.45 17.42 22.51
N ALA L 17 -24.51 16.63 21.45
CA ALA L 17 -23.91 16.99 20.16
C ALA L 17 -24.50 18.29 19.63
N GLU L 18 -25.81 18.45 19.78
CA GLU L 18 -26.53 19.67 19.39
C GLU L 18 -25.96 20.90 20.12
N THR L 19 -25.87 20.80 21.45
CA THR L 19 -25.36 21.86 22.33
C THR L 19 -23.94 22.27 21.97
N LEU L 20 -23.08 21.28 21.73
CA LEU L 20 -21.71 21.55 21.30
C LEU L 20 -21.69 22.25 19.94
N ARG L 21 -22.56 21.80 19.04
CA ARG L 21 -22.60 22.33 17.68
C ARG L 21 -23.01 23.80 17.65
N ASN L 22 -23.90 24.21 18.54
CA ASN L 22 -24.27 25.62 18.65
C ASN L 22 -23.09 26.47 19.07
N THR L 23 -22.25 25.92 19.94
CA THR L 23 -21.09 26.62 20.50
C THR L 23 -19.90 26.72 19.53
N PHE L 24 -19.62 25.64 18.81
CA PHE L 24 -18.41 25.55 18.00
C PHE L 24 -18.60 25.89 16.52
N ALA L 25 -19.82 25.69 16.02
CA ALA L 25 -20.14 25.92 14.61
C ALA L 25 -19.76 27.32 14.10
N PRO L 26 -20.07 28.39 14.85
CA PRO L 26 -19.77 29.74 14.33
C PRO L 26 -18.29 30.15 14.37
N LEU L 27 -17.56 29.87 13.29
CA LEU L 27 -16.09 29.89 13.32
C LEU L 27 -15.50 31.14 12.67
N THR L 28 -14.59 31.80 13.38
CA THR L 28 -13.73 32.78 12.73
C THR L 28 -12.22 32.52 12.93
N GLN L 29 -11.84 31.79 13.99
CA GLN L 29 -10.40 31.50 14.24
C GLN L 29 -10.00 30.45 15.28
N TRP L 30 -8.79 29.96 15.10
CA TRP L 30 -8.26 28.85 15.90
C TRP L 30 -8.07 29.16 17.35
N GLU L 31 -7.70 30.40 17.68
CA GLU L 31 -7.51 30.82 19.06
C GLU L 31 -8.79 30.71 19.89
N ASP L 32 -9.91 31.09 19.28
CA ASP L 32 -11.19 31.03 19.96
C ASP L 32 -11.66 29.59 20.17
N LYS L 33 -11.32 28.72 19.23
CA LYS L 33 -11.68 27.30 19.35
C LYS L 33 -11.02 26.63 20.54
N TYR L 34 -9.73 26.91 20.73
CA TYR L 34 -8.99 26.40 21.88
C TYR L 34 -9.57 26.95 23.20
N ARG L 35 -9.84 28.26 23.23
CA ARG L 35 -10.47 28.93 24.38
C ARG L 35 -11.72 28.18 24.84
N GLN L 36 -12.53 27.81 23.87
CA GLN L 36 -13.80 27.16 24.12
C GLN L 36 -13.63 25.69 24.55
N LEU L 37 -12.59 25.03 24.03
CA LEU L 37 -12.23 23.69 24.50
C LEU L 37 -11.80 23.69 25.95
N ILE L 38 -10.95 24.65 26.32
CA ILE L 38 -10.49 24.79 27.70
C ILE L 38 -11.69 25.04 28.62
N MET L 39 -12.58 25.94 28.21
CA MET L 39 -13.79 26.24 28.97
C MET L 39 -14.70 25.03 29.10
N LEU L 40 -14.84 24.26 28.03
CA LEU L 40 -15.62 23.03 28.07
C LEU L 40 -15.05 22.05 29.09
N GLY L 41 -13.73 22.01 29.22
CA GLY L 41 -13.06 21.12 30.15
C GLY L 41 -13.30 21.43 31.61
N LYS L 42 -13.60 22.70 31.94
CA LYS L 42 -13.99 23.06 33.31
C LYS L 42 -15.26 22.35 33.76
N GLN L 43 -16.14 22.03 32.82
CA GLN L 43 -17.37 21.30 33.15
C GLN L 43 -17.17 19.84 33.51
N LEU L 44 -15.97 19.30 33.25
CA LEU L 44 -15.62 17.96 33.69
C LEU L 44 -15.08 18.05 35.13
N PRO L 45 -15.83 17.52 36.12
CA PRO L 45 -15.30 17.50 37.50
C PRO L 45 -13.97 16.70 37.70
N ALA L 46 -13.30 16.96 38.82
CA ALA L 46 -11.91 16.49 39.04
C ALA L 46 -11.66 14.97 39.08
N LEU L 47 -12.63 14.20 39.55
CA LEU L 47 -12.50 12.73 39.69
C LEU L 47 -11.67 12.34 40.94
N PRO L 48 -12.32 11.73 41.95
CA PRO L 48 -11.62 11.39 43.19
C PRO L 48 -10.66 10.21 43.07
N ASP L 49 -9.83 9.99 44.09
CA ASP L 49 -8.84 8.91 44.09
C ASP L 49 -9.46 7.52 43.95
N GLU L 50 -10.59 7.30 44.62
CA GLU L 50 -11.26 5.98 44.61
C GLU L 50 -11.75 5.62 43.19
N LEU L 51 -12.27 6.59 42.45
CA LEU L 51 -12.69 6.36 41.05
C LEU L 51 -11.49 6.26 40.10
N LYS L 52 -10.37 6.85 40.47
CA LYS L 52 -9.12 6.71 39.70
C LYS L 52 -8.54 5.30 39.83
N ALA L 53 -8.80 4.65 40.95
CA ALA L 53 -8.32 3.28 41.19
C ALA L 53 -8.99 2.26 40.26
N GLN L 54 -10.27 2.46 39.94
CA GLN L 54 -10.99 1.58 39.01
C GLN L 54 -10.91 2.00 37.54
N ALA L 55 -10.21 3.09 37.24
CA ALA L 55 -9.95 3.50 35.85
C ALA L 55 -8.54 3.11 35.44
N LYS L 56 -8.31 2.97 34.13
CA LYS L 56 -6.95 2.72 33.64
C LYS L 56 -6.18 4.02 33.61
N GLU L 57 -4.91 3.97 34.02
CA GLU L 57 -4.11 5.17 34.30
C GLU L 57 -3.46 5.91 33.11
N ILE L 58 -3.25 5.26 31.97
CA ILE L 58 -2.54 5.86 30.80
C ILE L 58 -1.62 7.10 31.07
N ALA L 59 -0.48 6.85 31.72
CA ALA L 59 0.50 7.89 32.02
C ALA L 59 1.45 8.09 30.84
N GLY L 60 1.26 9.17 30.08
CA GLY L 60 2.13 9.48 28.94
C GLY L 60 3.35 10.24 29.40
N CSS L 61 4.29 10.44 28.48
CA CSS L 61 5.47 11.28 28.76
CB CSS L 61 6.47 11.18 27.60
SG CSS L 61 7.48 12.61 27.40
SD CSS L 61 8.61 12.44 29.05
C CSS L 61 5.01 12.70 28.96
O CSS L 61 5.44 13.38 29.88
N GLU L 62 4.11 13.13 28.08
CA GLU L 62 3.57 14.49 28.10
C GLU L 62 2.57 14.72 29.22
N ASN L 63 1.58 13.86 29.30
CA ASN L 63 0.37 14.15 30.07
C ASN L 63 -0.31 12.89 30.60
N ARG L 64 -0.77 12.92 31.86
CA ARG L 64 -1.49 11.80 32.46
C ARG L 64 -2.96 11.88 32.13
N VAL L 65 -3.55 10.72 31.81
CA VAL L 65 -4.95 10.64 31.45
C VAL L 65 -5.57 9.37 32.04
N TRP L 66 -6.82 9.45 32.48
CA TRP L 66 -7.52 8.32 33.05
C TRP L 66 -8.76 8.01 32.27
N LEU L 67 -9.09 6.72 32.18
CA LEU L 67 -10.32 6.30 31.52
C LEU L 67 -10.84 5.00 32.10
N GLY L 68 -12.12 4.98 32.43
CA GLY L 68 -12.80 3.80 32.96
C GLY L 68 -14.23 3.71 32.46
N TYR L 69 -14.86 2.56 32.67
CA TYR L 69 -16.21 2.31 32.16
C TYR L 69 -17.03 1.41 33.09
N THR L 70 -18.34 1.51 32.95
CA THR L 70 -19.27 0.56 33.56
C THR L 70 -20.41 0.30 32.58
N VAL L 71 -21.03 -0.87 32.70
CA VAL L 71 -22.13 -1.27 31.83
C VAL L 71 -23.38 -1.60 32.63
N ALA L 72 -24.50 -1.03 32.22
CA ALA L 72 -25.80 -1.31 32.86
C ALA L 72 -26.45 -2.53 32.21
N GLU L 73 -27.55 -3.02 32.81
CA GLU L 73 -28.30 -4.14 32.24
C GLU L 73 -28.90 -3.78 30.88
N ASN L 74 -29.20 -2.50 30.68
CA ASN L 74 -29.63 -1.99 29.38
C ASN L 74 -28.67 -2.41 28.27
N GLY L 75 -27.37 -2.39 28.59
CA GLY L 75 -26.33 -2.57 27.61
C GLY L 75 -25.69 -1.24 27.25
N LYS L 76 -26.24 -0.15 27.79
CA LYS L 76 -25.66 1.18 27.64
C LYS L 76 -24.38 1.28 28.46
N MET L 77 -23.37 1.91 27.88
CA MET L 77 -22.07 2.05 28.54
C MET L 77 -21.93 3.45 29.15
N HIS L 78 -21.53 3.49 30.41
CA HIS L 78 -21.18 4.74 31.08
C HIS L 78 -19.68 4.87 31.08
N PHE L 79 -19.19 6.03 30.67
CA PHE L 79 -17.75 6.31 30.63
C PHE L 79 -17.38 7.41 31.62
N PHE L 80 -16.20 7.28 32.21
CA PHE L 80 -15.65 8.33 33.08
C PHE L 80 -14.14 8.41 32.91
N GLY L 81 -13.59 9.58 33.22
CA GLY L 81 -12.16 9.81 33.05
C GLY L 81 -11.70 11.21 33.44
N ASP L 82 -10.42 11.49 33.21
CA ASP L 82 -9.82 12.77 33.57
C ASP L 82 -8.51 12.99 32.83
N SER L 83 -8.08 14.24 32.75
CA SER L 83 -6.81 14.63 32.16
C SER L 83 -6.20 15.71 33.04
N GLU L 84 -4.88 15.80 33.06
CA GLU L 84 -4.19 16.89 33.73
C GLU L 84 -4.12 18.10 32.81
N GLY L 85 -3.90 17.84 31.52
CA GLY L 85 -3.81 18.90 30.52
C GLY L 85 -5.19 19.42 30.20
N ARG L 86 -5.33 20.73 30.18
CA ARG L 86 -6.64 21.37 30.04
C ARG L 86 -7.18 21.35 28.61
N ILE L 87 -6.30 21.37 27.61
CA ILE L 87 -6.72 21.28 26.20
C ILE L 87 -7.19 19.83 25.93
N VAL L 88 -6.48 18.85 26.48
CA VAL L 88 -6.86 17.45 26.33
C VAL L 88 -8.14 17.15 27.12
N ARG L 89 -8.34 17.88 28.22
CA ARG L 89 -9.55 17.73 29.02
C ARG L 89 -10.80 18.17 28.25
N GLY L 90 -10.68 19.25 27.49
CA GLY L 90 -11.77 19.69 26.64
C GLY L 90 -12.08 18.68 25.54
N LEU L 91 -11.04 18.12 24.93
CA LEU L 91 -11.19 17.13 23.86
C LEU L 91 -11.79 15.83 24.38
N LEU L 92 -11.41 15.44 25.59
CA LEU L 92 -12.02 14.29 26.27
C LEU L 92 -13.51 14.55 26.51
N ALA L 93 -13.84 15.78 26.88
CA ALA L 93 -15.22 16.17 27.12
C ALA L 93 -16.06 16.02 25.85
N VAL L 94 -15.48 16.37 24.70
CA VAL L 94 -16.15 16.18 23.42
C VAL L 94 -16.31 14.68 23.14
N LEU L 95 -15.25 13.92 23.40
CA LEU L 95 -15.25 12.47 23.18
C LEU L 95 -16.31 11.78 24.04
N LEU L 96 -16.45 12.21 25.29
CA LEU L 96 -17.45 11.66 26.20
C LEU L 96 -18.89 11.94 25.75
N THR L 97 -19.10 13.10 25.13
CA THR L 97 -20.41 13.43 24.56
C THR L 97 -20.81 12.47 23.45
N ALA L 98 -19.85 12.15 22.57
CA ALA L 98 -20.09 11.27 21.42
C ALA L 98 -20.43 9.84 21.85
N VAL L 99 -19.68 9.32 22.82
CA VAL L 99 -20.00 8.04 23.42
C VAL L 99 -20.98 8.35 24.56
N GLU L 100 -21.06 7.50 25.56
CA GLU L 100 -21.85 7.74 26.77
C GLU L 100 -23.33 7.44 26.54
N GLY L 101 -23.83 6.50 27.33
CA GLY L 101 -25.20 6.06 27.25
C GLY L 101 -25.49 5.27 25.99
N LYS L 102 -24.44 4.96 25.22
CA LYS L 102 -24.55 4.22 23.97
C LYS L 102 -24.04 2.81 24.16
N THR L 103 -24.66 1.87 23.42
CA THR L 103 -24.28 0.47 23.51
C THR L 103 -23.07 0.17 22.63
N ALA L 104 -22.47 -0.99 22.85
CA ALA L 104 -21.27 -1.41 22.13
C ALA L 104 -21.51 -1.57 20.63
N ALA L 105 -22.68 -2.08 20.27
CA ALA L 105 -23.10 -2.20 18.87
C ALA L 105 -23.17 -0.84 18.20
N GLU L 106 -23.81 0.12 18.86
CA GLU L 106 -23.90 1.50 18.38
C GLU L 106 -22.52 2.10 18.18
N LEU L 107 -21.67 1.97 19.20
CA LEU L 107 -20.26 2.35 19.11
C LEU L 107 -19.59 1.48 18.05
N GLN L 108 -18.68 2.06 17.26
CA GLN L 108 -17.99 1.31 16.19
C GLN L 108 -18.92 0.81 15.07
N ALA L 109 -20.19 1.19 15.15
CA ALA L 109 -21.07 1.23 14.00
C ALA L 109 -20.97 2.67 13.51
N GLN L 110 -20.50 3.53 14.40
CA GLN L 110 -20.17 4.89 14.09
C GLN L 110 -18.79 5.22 14.69
N SER L 111 -18.01 6.06 14.01
CA SER L 111 -16.72 6.53 14.54
C SER L 111 -16.97 7.73 15.45
N PRO L 112 -16.37 7.75 16.65
CA PRO L 112 -16.46 8.94 17.49
C PRO L 112 -15.79 10.18 16.87
N LEU L 113 -14.79 9.96 16.02
CA LEU L 113 -14.04 11.04 15.37
C LEU L 113 -14.95 11.92 14.49
N ALA L 114 -16.05 11.35 14.00
CA ALA L 114 -17.02 12.08 13.19
C ALA L 114 -17.59 13.33 13.88
N LEU L 115 -17.64 13.31 15.22
CA LEU L 115 -18.13 14.46 15.98
C LEU L 115 -17.18 15.66 15.92
N PHE L 116 -15.87 15.39 15.89
CA PHE L 116 -14.87 16.47 15.80
C PHE L 116 -14.93 17.19 14.46
N ASP L 117 -15.30 16.46 13.41
CA ASP L 117 -15.54 17.04 12.08
C ASP L 117 -16.75 17.96 12.10
N GLU L 118 -17.84 17.48 12.71
CA GLU L 118 -19.08 18.25 12.79
C GLU L 118 -18.91 19.55 13.59
N LEU L 119 -18.02 19.53 14.57
CA LEU L 119 -17.73 20.70 15.40
C LEU L 119 -16.61 21.56 14.81
N GLY L 120 -15.93 21.04 13.78
CA GLY L 120 -14.83 21.74 13.13
C GLY L 120 -13.59 21.79 13.99
N LEU L 121 -13.23 20.66 14.60
CA LEU L 121 -12.12 20.60 15.56
C LEU L 121 -11.03 19.60 15.17
N ARG L 122 -10.91 19.30 13.88
CA ARG L 122 -9.91 18.30 13.47
C ARG L 122 -8.48 18.75 13.65
N ALA L 123 -8.21 20.04 13.44
CA ALA L 123 -6.86 20.59 13.60
C ALA L 123 -6.40 20.51 15.06
N GLN L 124 -7.35 20.71 15.97
CA GLN L 124 -7.06 20.70 17.41
C GLN L 124 -6.86 19.27 17.89
N LEU L 125 -7.76 18.38 17.46
CA LEU L 125 -7.65 16.94 17.74
C LEU L 125 -6.29 16.40 17.30
N SER L 126 -5.94 16.70 16.06
CA SER L 126 -4.65 16.26 15.49
C SER L 126 -3.47 16.75 16.29
N ALA L 127 -3.53 17.99 16.76
CA ALA L 127 -2.43 18.61 17.49
C ALA L 127 -2.15 17.95 18.85
N SER L 128 -3.16 17.27 19.41
CA SER L 128 -3.06 16.70 20.74
C SER L 128 -3.20 15.17 20.77
N ARG L 129 -3.05 14.53 19.62
CA ARG L 129 -3.24 13.07 19.52
C ARG L 129 -2.32 12.27 20.43
N SER L 130 -1.04 12.64 20.43
CA SER L 130 -0.04 11.92 21.19
C SER L 130 0.08 12.43 22.64
N GLN L 131 -0.71 13.45 22.98
CA GLN L 131 -0.80 13.93 24.36
C GLN L 131 -1.89 13.24 25.17
N GLY L 132 -2.49 12.19 24.60
CA GLY L 132 -3.49 11.41 25.34
C GLY L 132 -4.70 10.95 24.55
N LEU L 133 -5.01 11.63 23.44
CA LEU L 133 -6.21 11.32 22.66
C LEU L 133 -6.14 9.96 21.96
N ASN L 134 -5.00 9.65 21.36
CA ASN L 134 -4.77 8.31 20.83
C ASN L 134 -5.11 7.27 21.89
N ALA L 135 -4.48 7.42 23.06
CA ALA L 135 -4.61 6.48 24.18
C ALA L 135 -6.06 6.23 24.60
N LEU L 136 -6.80 7.32 24.81
CA LEU L 136 -8.21 7.25 25.20
C LEU L 136 -9.05 6.52 24.15
N SER L 137 -8.86 6.89 22.88
CA SER L 137 -9.57 6.25 21.74
C SER L 137 -9.39 4.73 21.79
N GLU L 138 -8.15 4.27 21.93
CA GLU L 138 -7.86 2.81 21.97
C GLU L 138 -8.44 2.11 23.20
N ALA L 139 -8.47 2.85 24.32
CA ALA L 139 -9.01 2.30 25.57
C ALA L 139 -10.51 2.12 25.47
N ILE L 140 -11.17 3.00 24.70
CA ILE L 140 -12.59 2.89 24.42
C ILE L 140 -12.87 1.71 23.49
N ILE L 141 -12.00 1.50 22.50
CA ILE L 141 -12.12 0.36 21.59
C ILE L 141 -11.96 -0.97 22.34
N ALA L 142 -11.03 -1.01 23.30
CA ALA L 142 -10.84 -2.20 24.13
C ALA L 142 -12.03 -2.42 25.06
N ALA L 143 -12.56 -1.31 25.60
CA ALA L 143 -13.74 -1.35 26.46
C ALA L 143 -15.00 -1.71 25.69
N THR L 144 -15.06 -1.30 24.42
CA THR L 144 -16.24 -1.51 23.59
C THR L 144 -16.39 -2.98 23.21
N LYS L 145 -15.29 -3.74 23.34
CA LYS L 145 -15.42 -5.23 23.34
C LYS L 145 -16.15 -5.65 24.68
N GLN L 146 -17.21 -6.44 24.57
CA GLN L 146 -17.99 -6.83 25.77
C GLN L 146 -19.03 -7.94 25.51
N VAL L 147 -19.40 -8.62 26.59
CA VAL L 147 -20.43 -9.66 26.58
C VAL L 147 -21.79 -9.03 26.26
N VAL M 5 9.03 67.56 10.80
CA VAL M 5 9.25 68.72 11.70
C VAL M 5 9.60 68.30 13.14
N PHE M 6 10.20 69.24 13.85
CA PHE M 6 10.61 69.05 15.23
C PHE M 6 9.42 68.79 16.16
N ASN M 7 9.49 67.66 16.87
CA ASN M 7 8.46 67.25 17.82
C ASN M 7 9.00 67.32 19.25
N PRO M 8 8.58 68.34 20.02
CA PRO M 8 9.08 68.50 21.39
C PRO M 8 8.84 67.29 22.30
N ALA M 9 7.73 66.59 22.09
CA ALA M 9 7.39 65.42 22.90
C ALA M 9 8.36 64.27 22.66
N GLN M 10 8.60 63.98 21.39
CA GLN M 10 9.60 62.99 20.99
C GLN M 10 10.95 63.31 21.63
N PHE M 11 11.39 64.54 21.45
CA PHE M 11 12.61 65.02 22.07
C PHE M 11 12.62 64.77 23.58
N ARG M 12 11.57 65.24 24.26
CA ARG M 12 11.46 65.09 25.70
C ARG M 12 11.58 63.64 26.20
N ALA M 13 10.97 62.70 25.48
CA ALA M 13 10.93 61.30 25.89
C ALA M 13 12.31 60.68 26.17
N GLN M 14 13.35 61.26 25.59
CA GLN M 14 14.69 60.67 25.62
C GLN M 14 15.44 60.86 26.94
N PHE M 15 14.94 61.74 27.80
CA PHE M 15 15.67 62.13 29.00
C PHE M 15 15.10 61.45 30.25
N PRO M 16 15.82 60.47 30.81
CA PRO M 16 15.32 59.76 32.00
C PRO M 16 15.30 60.60 33.27
N ALA M 17 16.07 61.68 33.30
CA ALA M 17 16.11 62.55 34.45
C ALA M 17 14.81 63.35 34.63
N LEU M 18 14.06 63.54 33.55
CA LEU M 18 12.96 64.52 33.54
C LEU M 18 11.83 64.33 34.54
N GLN M 19 11.46 63.09 34.82
CA GLN M 19 10.41 62.81 35.83
C GLN M 19 10.79 63.36 37.20
N ASP M 20 11.95 62.93 37.68
CA ASP M 20 12.45 63.29 38.99
C ASP M 20 12.84 64.77 39.05
N ALA M 21 13.26 65.34 37.91
CA ALA M 21 13.82 66.69 37.90
C ALA M 21 12.79 67.77 38.17
N GLY M 22 11.51 67.43 38.01
CA GLY M 22 10.44 68.40 38.21
C GLY M 22 10.38 69.37 37.05
N VAL M 23 10.40 70.67 37.36
CA VAL M 23 10.47 71.71 36.34
C VAL M 23 11.89 72.25 36.31
N TYR M 24 12.68 71.75 35.36
CA TYR M 24 14.09 72.07 35.29
C TYR M 24 14.32 73.24 34.34
N LEU M 25 14.75 74.37 34.89
CA LEU M 25 15.03 75.56 34.09
C LEU M 25 16.43 76.12 34.35
N ASP M 26 17.41 75.22 34.42
CA ASP M 26 18.79 75.59 34.72
C ASP M 26 19.78 74.97 33.73
N SER M 27 19.34 74.81 32.50
CA SER M 27 20.10 74.12 31.47
C SER M 27 21.33 74.95 30.98
N ALA M 28 21.30 76.27 31.16
CA ALA M 28 22.45 77.11 30.86
C ALA M 28 23.60 76.88 31.83
N ALA M 29 23.29 76.37 33.02
CA ALA M 29 24.31 75.91 33.96
C ALA M 29 24.82 74.55 33.50
N THR M 30 23.92 73.57 33.49
CA THR M 30 24.27 72.24 33.00
C THR M 30 23.05 71.54 32.42
N ALA M 31 23.26 70.83 31.32
CA ALA M 31 22.16 70.22 30.57
C ALA M 31 21.88 68.80 31.07
N LEU M 32 20.63 68.38 30.98
CA LEU M 32 20.25 67.00 31.23
C LEU M 32 20.73 66.13 30.07
N LYS M 33 20.85 64.83 30.32
CA LYS M 33 21.47 63.91 29.35
C LYS M 33 20.43 62.93 28.77
N PRO M 34 20.47 62.70 27.45
CA PRO M 34 19.62 61.69 26.83
C PRO M 34 20.10 60.28 27.12
N GLU M 35 19.23 59.28 26.96
CA GLU M 35 19.58 57.92 27.31
C GLU M 35 20.82 57.42 26.53
N ALA M 36 20.99 57.91 25.30
CA ALA M 36 22.15 57.54 24.48
C ALA M 36 23.47 57.80 25.20
N VAL M 37 23.56 58.93 25.88
CA VAL M 37 24.75 59.30 26.62
C VAL M 37 24.92 58.45 27.88
N VAL M 38 23.84 58.27 28.62
CA VAL M 38 23.84 57.46 29.83
C VAL M 38 24.24 56.01 29.54
N GLU M 39 23.77 55.49 28.42
CA GLU M 39 23.97 54.10 28.04
C GLU M 39 25.39 53.82 27.53
N ALA M 40 25.95 54.77 26.79
CA ALA M 40 27.33 54.64 26.30
C ALA M 40 28.31 54.64 27.45
N THR M 41 28.08 55.53 28.42
CA THR M 41 28.92 55.64 29.61
C THR M 41 28.90 54.37 30.45
N GLN M 42 27.72 53.83 30.70
CA GLN M 42 27.60 52.62 31.50
C GLN M 42 28.28 51.44 30.81
N GLN M 43 28.11 51.33 29.50
CA GLN M 43 28.76 50.28 28.72
C GLN M 43 30.28 50.41 28.71
N PHE M 44 30.77 51.64 28.64
CA PHE M 44 32.20 51.86 28.65
C PHE M 44 32.84 51.41 29.96
N TYR M 45 32.20 51.73 31.08
CA TYR M 45 32.72 51.37 32.39
C TYR M 45 32.39 49.93 32.79
N SER M 46 31.49 49.29 32.04
CA SER M 46 31.09 47.90 32.30
C SER M 46 31.94 46.89 31.54
N LEU M 47 32.81 47.37 30.66
CA LEU M 47 33.64 46.48 29.84
C LEU M 47 35.12 46.80 29.99
N SER M 48 35.95 45.83 29.60
CA SER M 48 37.40 46.00 29.55
C SER M 48 37.80 46.93 28.42
N ALA M 49 38.90 47.65 28.60
CA ALA M 49 39.42 48.56 27.58
C ALA M 49 40.59 47.92 26.83
N GLY M 50 40.72 46.61 26.95
CA GLY M 50 41.78 45.87 26.28
C GLY M 50 41.39 45.34 24.90
N ASN M 51 42.27 44.52 24.34
CA ASN M 51 42.04 43.90 23.04
C ASN M 51 41.14 42.66 23.12
N VAL M 52 41.19 42.00 24.28
CA VAL M 52 40.49 40.74 24.45
C VAL M 52 39.06 41.00 24.91
N HIS M 53 38.10 40.42 24.21
CA HIS M 53 36.68 40.53 24.55
C HIS M 53 36.00 39.22 24.37
N ARG M 54 35.59 38.60 25.49
CA ARG M 54 35.12 37.22 25.50
C ARG M 54 33.64 37.09 25.08
N SER M 55 32.83 38.05 25.51
CA SER M 55 31.38 37.99 25.36
C SER M 55 30.84 39.15 24.52
N GLN M 56 31.17 40.37 24.93
CA GLN M 56 30.58 41.58 24.36
C GLN M 56 31.50 42.33 23.41
N PHE M 57 31.87 41.64 22.32
CA PHE M 57 32.70 42.23 21.29
C PHE M 57 31.94 43.31 20.51
N ALA M 58 30.70 43.00 20.13
CA ALA M 58 29.87 43.92 19.35
C ALA M 58 29.79 45.28 20.05
N GLU M 59 29.46 45.26 21.33
CA GLU M 59 29.40 46.47 22.15
C GLU M 59 30.74 47.19 22.25
N ALA M 60 31.82 46.41 22.30
CA ALA M 60 33.17 46.96 22.35
C ALA M 60 33.54 47.66 21.03
N GLN M 61 33.18 47.03 19.91
CA GLN M 61 33.37 47.62 18.58
C GLN M 61 32.64 48.95 18.43
N ARG M 62 31.44 49.01 19.01
CA ARG M 62 30.59 50.20 18.96
C ARG M 62 31.25 51.36 19.68
N LEU M 63 31.80 51.08 20.87
CA LEU M 63 32.48 52.09 21.67
C LEU M 63 33.75 52.61 20.97
N THR M 64 34.50 51.71 20.36
CA THR M 64 35.68 52.09 19.59
C THR M 64 35.28 52.99 18.41
N ALA M 65 34.23 52.60 17.70
CA ALA M 65 33.68 53.38 16.59
C ALA M 65 33.32 54.80 17.01
N ARG M 66 32.65 54.90 18.17
CA ARG M 66 32.27 56.19 18.72
C ARG M 66 33.47 57.09 19.02
N TYR M 67 34.50 56.50 19.61
CA TYR M 67 35.70 57.22 20.03
C TYR M 67 36.46 57.79 18.84
N GLU M 68 36.65 56.94 17.83
CA GLU M 68 37.39 57.31 16.64
C GLU M 68 36.69 58.35 15.79
N ALA M 69 35.36 58.34 15.80
CA ALA M 69 34.55 59.31 15.05
C ALA M 69 34.31 60.61 15.81
N ALA M 70 34.60 60.62 17.11
CA ALA M 70 34.29 61.76 17.98
C ALA M 70 34.74 63.11 17.44
N ARG M 71 35.97 63.19 16.94
CA ARG M 71 36.48 64.44 16.38
C ARG M 71 35.66 64.88 15.17
N GLU M 72 35.41 63.94 14.26
CA GLU M 72 34.65 64.23 13.05
C GLU M 72 33.28 64.80 13.39
N LYS M 73 32.64 64.23 14.42
CA LYS M 73 31.30 64.65 14.80
C LYS M 73 31.27 66.08 15.35
N VAL M 74 32.31 66.47 16.07
CA VAL M 74 32.45 67.85 16.51
C VAL M 74 32.68 68.75 15.30
N ALA M 75 33.47 68.28 14.35
CA ALA M 75 33.75 69.04 13.13
C ALA M 75 32.46 69.31 12.34
N GLN M 76 31.65 68.28 12.21
CA GLN M 76 30.37 68.41 11.51
C GLN M 76 29.45 69.45 12.17
N LEU M 77 29.45 69.46 13.51
CA LEU M 77 28.68 70.46 14.25
C LEU M 77 29.12 71.89 13.97
N LEU M 78 30.42 72.09 13.77
CA LEU M 78 31.00 73.42 13.56
C LEU M 78 31.28 73.71 12.08
N ASN M 79 30.93 72.77 11.21
CA ASN M 79 31.30 72.85 9.79
C ASN M 79 32.79 73.14 9.64
N ALA M 80 33.61 72.41 10.40
CA ALA M 80 35.05 72.55 10.33
C ALA M 80 35.57 71.73 9.14
N PRO M 81 36.66 72.18 8.50
CA PRO M 81 37.15 71.54 7.27
C PRO M 81 37.69 70.13 7.52
N ASP M 82 38.39 69.94 8.64
CA ASP M 82 38.97 68.63 8.95
C ASP M 82 39.06 68.40 10.46
N ASP M 83 39.06 67.12 10.83
CA ASP M 83 38.91 66.73 12.23
C ASP M 83 40.17 66.94 13.08
N LYS M 84 41.30 67.20 12.43
CA LYS M 84 42.56 67.48 13.13
C LYS M 84 42.58 68.88 13.73
N THR M 85 41.63 69.73 13.34
CA THR M 85 41.49 71.04 13.94
C THR M 85 40.75 71.01 15.28
N ILE M 86 40.29 69.83 15.71
CA ILE M 86 39.59 69.68 16.99
C ILE M 86 40.50 69.14 18.06
N VAL M 87 40.51 69.79 19.23
CA VAL M 87 41.35 69.41 20.35
C VAL M 87 40.50 69.17 21.60
N TRP M 88 40.79 68.10 22.33
CA TRP M 88 40.05 67.78 23.55
C TRP M 88 40.62 68.48 24.73
N THR M 89 39.75 69.07 25.55
CA THR M 89 40.13 69.72 26.78
C THR M 89 39.16 69.27 27.88
N ARG M 90 39.32 69.81 29.08
CA ARG M 90 38.41 69.47 30.19
C ARG M 90 37.23 70.45 30.27
N GLY M 91 37.20 71.43 29.36
CA GLY M 91 36.11 72.40 29.33
C GLY M 91 36.50 73.70 28.64
N THR M 92 35.51 74.56 28.43
CA THR M 92 35.74 75.88 27.84
C THR M 92 36.84 76.65 28.57
N THR M 93 36.82 76.57 29.91
CA THR M 93 37.82 77.28 30.72
C THR M 93 39.25 76.86 30.37
N GLU M 94 39.49 75.56 30.26
CA GLU M 94 40.83 75.09 29.88
C GLU M 94 41.15 75.52 28.46
N SER M 95 40.19 75.31 27.55
CA SER M 95 40.36 75.68 26.15
C SER M 95 40.88 77.10 26.00
N ILE M 96 40.26 78.03 26.72
CA ILE M 96 40.64 79.43 26.62
C ILE M 96 42.01 79.70 27.24
N ASN M 97 42.26 79.10 28.39
CA ASN M 97 43.57 79.23 29.04
C ASN M 97 44.71 78.73 28.14
N MET M 98 44.42 77.68 27.37
CA MET M 98 45.41 77.11 26.44
C MET M 98 45.81 78.12 25.39
N VAL M 99 44.82 78.75 24.76
CA VAL M 99 45.09 79.78 23.76
C VAL M 99 45.89 80.94 24.37
N ALA M 100 45.52 81.36 25.57
CA ALA M 100 46.22 82.47 26.22
C ALA M 100 47.70 82.15 26.47
N GLN M 101 47.97 80.93 26.89
CA GLN M 101 49.31 80.54 27.31
C GLN M 101 50.16 79.98 26.16
N CYS M 102 49.53 79.24 25.26
CA CYS M 102 50.25 78.60 24.16
C CYS M 102 50.32 79.43 22.91
N TYR M 103 49.36 80.33 22.71
CA TYR M 103 49.41 81.23 21.55
C TYR M 103 49.86 82.64 21.92
N ALA M 104 49.20 83.23 22.91
CA ALA M 104 49.40 84.65 23.21
C ALA M 104 50.72 84.93 23.92
N ARG M 105 50.97 84.20 25.00
CA ARG M 105 52.07 84.52 25.90
C ARG M 105 53.45 84.60 25.23
N PRO M 106 53.79 83.65 24.34
CA PRO M 106 55.10 83.76 23.69
C PRO M 106 55.19 84.86 22.63
N ARG M 107 54.05 85.45 22.24
CA ARG M 107 54.01 86.49 21.20
C ARG M 107 53.83 87.91 21.72
N LEU M 108 53.10 88.09 22.83
CA LEU M 108 52.80 89.43 23.33
C LEU M 108 54.03 90.16 23.87
N GLN M 109 54.19 91.41 23.43
CA GLN M 109 55.27 92.28 23.91
C GLN M 109 54.71 93.34 24.84
N PRO M 110 55.56 93.94 25.69
CA PRO M 110 55.06 94.98 26.60
C PRO M 110 54.37 96.12 25.86
N GLY M 111 53.18 96.49 26.31
CA GLY M 111 52.37 97.53 25.67
C GLY M 111 51.32 97.00 24.71
N ASP M 112 51.44 95.74 24.28
CA ASP M 112 50.44 95.16 23.39
C ASP M 112 49.07 95.13 24.07
N GLU M 113 48.02 95.01 23.27
CA GLU M 113 46.65 95.20 23.79
C GLU M 113 45.72 94.04 23.47
N ILE M 114 44.94 93.66 24.48
CA ILE M 114 43.95 92.59 24.39
C ILE M 114 42.57 93.19 24.62
N ILE M 115 41.73 93.21 23.60
CA ILE M 115 40.40 93.78 23.74
C ILE M 115 39.44 92.69 24.22
N VAL M 116 38.77 92.94 25.33
CA VAL M 116 37.84 91.97 25.92
C VAL M 116 36.51 92.66 26.22
N SER M 117 35.40 92.01 25.88
CA SER M 117 34.08 92.62 26.08
C SER M 117 33.65 92.52 27.54
N VAL M 118 32.88 93.49 28.00
CA VAL M 118 32.37 93.50 29.38
C VAL M 118 31.36 92.37 29.63
N ALA M 119 30.78 91.85 28.55
CA ALA M 119 29.81 90.74 28.63
C ALA M 119 30.46 89.36 28.76
N GLU M 120 31.76 89.31 29.00
CA GLU M 120 32.47 88.03 29.02
C GLU M 120 32.32 87.29 30.34
N HIS M 121 32.16 85.98 30.23
CA HIS M 121 32.27 85.06 31.34
C HIS M 121 33.68 85.13 31.88
N HIS M 122 33.83 84.88 33.18
CA HIS M 122 35.16 84.92 33.83
C HIS M 122 36.18 84.09 33.11
N ALA M 123 35.74 82.97 32.54
CA ALA M 123 36.60 82.09 31.75
C ALA M 123 37.25 82.81 30.57
N ASN M 124 36.57 83.79 29.98
CA ASN M 124 37.13 84.55 28.87
C ASN M 124 37.56 85.95 29.29
N LEU M 125 37.89 86.10 30.56
CA LEU M 125 38.45 87.35 31.09
C LEU M 125 39.69 87.13 31.96
N VAL M 126 39.57 86.26 32.96
CA VAL M 126 40.66 86.07 33.93
C VAL M 126 41.97 85.60 33.27
N PRO M 127 41.89 84.69 32.27
CA PRO M 127 43.11 84.27 31.59
C PRO M 127 43.85 85.40 30.88
N TRP M 128 43.11 86.38 30.40
CA TRP M 128 43.71 87.52 29.72
C TRP M 128 44.32 88.46 30.70
N LEU M 129 43.69 88.61 31.85
CA LEU M 129 44.27 89.40 32.93
C LEU M 129 45.58 88.77 33.37
N MET M 130 45.58 87.45 33.55
CA MET M 130 46.77 86.71 33.96
C MET M 130 47.92 86.87 32.96
N VAL M 131 47.64 86.67 31.69
CA VAL M 131 48.67 86.76 30.67
C VAL M 131 49.16 88.19 30.52
N ALA M 132 48.26 89.15 30.70
CA ALA M 132 48.64 90.57 30.61
C ALA M 132 49.71 90.90 31.63
N GLN M 133 49.49 90.45 32.87
CA GLN M 133 50.43 90.66 33.95
C GLN M 133 51.77 89.98 33.64
N GLN M 134 51.70 88.81 33.03
CA GLN M 134 52.90 88.02 32.73
C GLN M 134 53.74 88.57 31.58
N THR M 135 53.11 89.27 30.64
CA THR M 135 53.79 89.75 29.43
C THR M 135 54.00 91.27 29.38
N GLY M 136 53.32 92.01 30.26
CA GLY M 136 53.34 93.46 30.22
C GLY M 136 52.34 94.03 29.21
N ALA M 137 51.43 93.19 28.74
CA ALA M 137 50.35 93.65 27.87
C ALA M 137 49.24 94.25 28.70
N LYS M 138 48.27 94.87 28.04
CA LYS M 138 47.17 95.53 28.71
C LYS M 138 45.83 95.04 28.18
N VAL M 139 44.88 94.85 29.09
CA VAL M 139 43.52 94.47 28.72
C VAL M 139 42.71 95.74 28.51
N VAL M 140 42.06 95.86 27.35
CA VAL M 140 41.23 97.01 27.02
C VAL M 140 39.77 96.57 26.93
N LYS M 141 38.87 97.32 27.55
CA LYS M 141 37.45 96.97 27.64
C LYS M 141 36.67 97.38 26.40
N LEU M 142 35.84 96.46 25.91
CA LEU M 142 34.88 96.73 24.86
C LEU M 142 33.48 96.80 25.49
N PRO M 143 32.91 98.00 25.60
CA PRO M 143 31.68 98.16 26.37
C PRO M 143 30.40 97.73 25.64
N LEU M 144 29.29 97.79 26.36
CA LEU M 144 27.98 97.47 25.81
C LEU M 144 27.39 98.67 25.11
N ASN M 145 26.58 98.41 24.10
CA ASN M 145 25.79 99.45 23.45
C ASN M 145 24.43 99.62 24.15
N ALA M 146 23.56 100.44 23.56
CA ALA M 146 22.24 100.72 24.12
C ALA M 146 21.35 99.48 24.19
N GLN M 147 21.62 98.49 23.35
CA GLN M 147 20.86 97.23 23.31
C GLN M 147 21.46 96.14 24.22
N ARG M 148 22.44 96.51 25.03
CA ARG M 148 23.13 95.60 25.96
C ARG M 148 23.92 94.50 25.31
N LEU M 149 24.41 94.78 24.11
CA LEU M 149 25.34 93.89 23.44
C LEU M 149 26.68 94.60 23.33
N PRO M 150 27.80 93.84 23.33
CA PRO M 150 29.11 94.40 23.04
C PRO M 150 29.10 95.28 21.81
N ASP M 151 29.59 96.52 21.98
CA ASP M 151 29.46 97.56 20.98
C ASP M 151 30.47 97.35 19.85
N VAL M 152 30.12 96.49 18.91
CA VAL M 152 30.98 96.13 17.80
C VAL M 152 31.26 97.31 16.86
N ASP M 153 30.32 98.25 16.75
CA ASP M 153 30.53 99.44 15.90
C ASP M 153 31.57 100.40 16.47
N LEU M 154 31.81 100.30 17.78
CA LEU M 154 32.85 101.09 18.46
C LEU M 154 34.26 100.51 18.25
N LEU M 155 34.31 99.28 17.76
CA LEU M 155 35.56 98.50 17.70
C LEU M 155 36.69 99.17 16.90
N PRO M 156 36.38 99.75 15.73
CA PRO M 156 37.45 100.45 14.99
C PRO M 156 38.14 101.54 15.82
N GLU M 157 37.39 102.21 16.69
CA GLU M 157 37.94 103.28 17.52
C GLU M 157 38.80 102.73 18.67
N LEU M 158 38.47 101.54 19.16
CA LEU M 158 39.26 100.91 20.22
C LEU M 158 40.53 100.23 19.69
N ILE M 159 40.49 99.79 18.44
CA ILE M 159 41.65 99.17 17.80
C ILE M 159 42.75 100.18 17.51
N THR M 160 43.95 99.87 17.99
CA THR M 160 45.13 100.67 17.72
C THR M 160 46.19 99.77 17.07
N PRO M 161 47.33 100.34 16.67
CA PRO M 161 48.40 99.50 16.11
C PRO M 161 48.96 98.45 17.06
N ARG M 162 48.65 98.55 18.35
CA ARG M 162 49.14 97.62 19.38
C ARG M 162 48.13 96.55 19.76
N SER M 163 46.97 96.57 19.10
CA SER M 163 45.92 95.57 19.33
C SER M 163 46.31 94.25 18.69
N ARG M 164 46.17 93.17 19.44
CA ARG M 164 46.61 91.85 19.00
C ARG M 164 45.53 90.79 19.11
N ILE M 165 44.75 90.84 20.20
CA ILE M 165 43.75 89.79 20.47
C ILE M 165 42.38 90.39 20.78
N LEU M 166 41.34 89.73 20.27
CA LEU M 166 39.96 90.06 20.57
C LEU M 166 39.30 88.87 21.26
N ALA M 167 39.00 89.02 22.55
CA ALA M 167 38.28 88.03 23.33
C ALA M 167 36.80 88.40 23.36
N LEU M 168 35.95 87.56 22.78
CA LEU M 168 34.55 87.91 22.58
C LEU M 168 33.65 86.69 22.70
N GLY M 169 32.54 86.82 23.42
CA GLY M 169 31.59 85.72 23.60
C GLY M 169 30.57 85.67 22.48
N GLN M 170 30.25 84.47 22.02
CA GLN M 170 29.22 84.28 21.00
C GLN M 170 27.84 84.57 21.60
N MET M 171 27.66 84.19 22.86
CA MET M 171 26.38 84.33 23.54
C MET M 171 26.61 84.49 25.04
N SER M 172 26.04 85.54 25.61
CA SER M 172 26.14 85.78 27.05
C SER M 172 25.32 84.74 27.82
N ASN M 173 25.85 84.30 28.97
CA ASN M 173 25.13 83.38 29.84
C ASN M 173 24.15 84.08 30.77
N VAL M 174 24.10 85.41 30.68
CA VAL M 174 23.19 86.22 31.49
C VAL M 174 22.04 86.77 30.65
N THR M 175 22.38 87.55 29.63
CA THR M 175 21.37 88.15 28.76
C THR M 175 20.91 87.24 27.62
N GLY M 176 21.69 86.22 27.30
CA GLY M 176 21.44 85.38 26.12
C GLY M 176 21.71 86.10 24.81
N GLY M 177 22.37 87.25 24.89
CA GLY M 177 22.55 88.11 23.74
C GLY M 177 23.78 87.74 22.93
N CYS M 178 23.61 87.74 21.60
CA CYS M 178 24.69 87.45 20.66
CA CYS M 178 24.69 87.44 20.66
C CYS M 178 25.09 88.72 19.92
N PRO M 179 26.35 89.15 20.06
CA PRO M 179 26.79 90.31 19.28
C PRO M 179 26.98 90.01 17.80
N ASP M 180 27.17 91.04 16.98
CA ASP M 180 27.39 90.86 15.53
C ASP M 180 28.80 90.33 15.28
N LEU M 181 28.94 89.02 15.43
CA LEU M 181 30.24 88.37 15.42
C LEU M 181 30.92 88.46 14.05
N ALA M 182 30.14 88.32 12.98
CA ALA M 182 30.68 88.39 11.63
C ALA M 182 31.40 89.71 11.39
N ARG M 183 30.76 90.81 11.77
CA ARG M 183 31.33 92.13 11.57
C ARG M 183 32.56 92.32 12.46
N ALA M 184 32.44 91.91 13.71
CA ALA M 184 33.55 92.00 14.67
C ALA M 184 34.82 91.38 14.09
N ILE M 185 34.68 90.18 13.54
CA ILE M 185 35.81 89.44 12.99
C ILE M 185 36.44 90.18 11.80
N THR M 186 35.61 90.76 10.95
CA THR M 186 36.10 91.54 9.80
C THR M 186 37.00 92.69 10.28
N PHE M 187 36.58 93.37 11.33
CA PHE M 187 37.37 94.48 11.88
C PHE M 187 38.67 93.99 12.49
N ALA M 188 38.60 92.91 13.25
CA ALA M 188 39.77 92.34 13.90
C ALA M 188 40.81 91.89 12.89
N HIS M 189 40.35 91.24 11.82
CA HIS M 189 41.24 90.69 10.81
C HIS M 189 41.88 91.74 9.98
N SER M 190 41.17 92.85 9.76
CA SER M 190 41.75 94.01 9.09
C SER M 190 42.93 94.56 9.87
N ALA M 191 42.84 94.49 11.20
CA ALA M 191 43.90 94.97 12.08
C ALA M 191 44.93 93.90 12.39
N GLY M 192 44.87 92.78 11.69
CA GLY M 192 45.79 91.66 11.93
C GLY M 192 45.68 91.03 13.30
N MET M 193 44.50 91.07 13.91
CA MET M 193 44.29 90.48 15.24
C MET M 193 43.77 89.06 15.11
N VAL M 194 43.86 88.29 16.20
CA VAL M 194 43.26 86.96 16.26
C VAL M 194 42.10 86.97 17.26
N VAL M 195 41.05 86.22 16.93
CA VAL M 195 39.81 86.27 17.72
C VAL M 195 39.59 84.99 18.51
N MET M 196 39.39 85.12 19.82
CA MET M 196 39.01 84.00 20.68
C MET M 196 37.52 84.11 20.94
N VAL M 197 36.77 83.13 20.46
CA VAL M 197 35.32 83.13 20.64
C VAL M 197 34.90 82.09 21.69
N ASP M 198 34.25 82.56 22.76
CA ASP M 198 33.71 81.68 23.79
C ASP M 198 32.34 81.25 23.37
N GLY M 199 32.21 79.97 23.03
CA GLY M 199 30.95 79.41 22.53
C GLY M 199 30.28 78.44 23.47
N ALA M 200 30.55 78.57 24.77
CA ALA M 200 29.99 77.64 25.76
C ALA M 200 28.45 77.58 25.67
N GLN M 201 27.83 78.74 25.49
CA GLN M 201 26.38 78.81 25.31
C GLN M 201 26.01 78.70 23.84
N GLY M 202 26.75 79.43 23.00
CA GLY M 202 26.44 79.51 21.57
C GLY M 202 26.43 78.16 20.86
N ALA M 203 27.32 77.26 21.26
CA ALA M 203 27.40 75.93 20.68
C ALA M 203 26.09 75.15 20.87
N VAL M 204 25.42 75.43 21.99
CA VAL M 204 24.19 74.72 22.35
C VAL M 204 22.97 75.25 21.58
N HIS M 205 22.95 76.55 21.30
CA HIS M 205 21.77 77.21 20.73
C HIS M 205 21.92 77.65 19.29
N PHE M 206 23.10 78.15 18.93
CA PHE M 206 23.37 78.62 17.57
C PHE M 206 24.78 78.19 17.19
N PRO M 207 24.99 76.88 16.98
CA PRO M 207 26.37 76.45 16.76
C PRO M 207 27.02 77.20 15.60
N ALA M 208 28.22 77.73 15.83
CA ALA M 208 28.88 78.59 14.87
C ALA M 208 29.48 77.83 13.69
N ASP M 209 29.23 78.33 12.49
CA ASP M 209 29.92 77.86 11.28
C ASP M 209 31.29 78.53 11.21
N VAL M 210 32.32 77.80 11.62
CA VAL M 210 33.65 78.39 11.80
C VAL M 210 34.31 78.85 10.51
N GLN M 211 33.99 78.19 9.39
CA GLN M 211 34.55 78.56 8.09
C GLN M 211 33.89 79.83 7.58
N GLN M 212 32.56 79.84 7.59
CA GLN M 212 31.80 80.98 7.11
C GLN M 212 32.12 82.23 7.94
N LEU M 213 32.11 82.09 9.26
CA LEU M 213 32.46 83.19 10.17
C LEU M 213 33.96 83.51 10.19
N ASP M 214 34.80 82.56 9.75
CA ASP M 214 36.26 82.74 9.74
C ASP M 214 36.85 82.84 11.15
N ILE M 215 36.27 82.07 12.07
CA ILE M 215 36.70 82.08 13.46
C ILE M 215 38.10 81.48 13.61
N ASP M 216 38.94 82.16 14.38
CA ASP M 216 40.29 81.68 14.65
C ASP M 216 40.29 80.57 15.70
N PHE M 217 39.69 80.87 16.85
CA PHE M 217 39.58 79.91 17.95
C PHE M 217 38.15 79.88 18.46
N TYR M 218 37.70 78.69 18.85
CA TYR M 218 36.32 78.50 19.31
C TYR M 218 36.30 77.44 20.40
N ALA M 219 35.64 77.74 21.52
CA ALA M 219 35.62 76.83 22.65
C ALA M 219 34.21 76.55 23.17
N PHE M 220 33.94 75.32 23.59
CA PHE M 220 32.71 75.00 24.31
C PHE M 220 32.85 73.81 25.26
N SER M 221 31.82 73.57 26.07
CA SER M 221 31.84 72.53 27.08
C SER M 221 30.81 71.44 26.78
N GLY M 222 31.19 70.19 27.03
CA GLY M 222 30.33 69.06 26.73
C GLY M 222 29.08 68.96 27.58
N HIS M 223 29.17 69.40 28.84
CA HIS M 223 28.04 69.25 29.77
C HIS M 223 26.87 70.17 29.47
N LYS M 224 27.13 71.30 28.84
CA LYS M 224 26.06 72.18 28.39
C LYS M 224 25.45 71.66 27.13
N LEU M 225 26.18 70.81 26.41
CA LEU M 225 25.72 70.25 25.15
C LEU M 225 25.13 68.85 25.33
N TYR M 226 24.35 68.67 26.40
CA TYR M 226 23.67 67.41 26.71
C TYR M 226 24.62 66.23 26.88
N GLY M 227 25.85 66.52 27.29
CA GLY M 227 26.91 65.54 27.33
C GLY M 227 27.58 65.43 28.68
N PRO M 228 28.70 64.69 28.75
CA PRO M 228 29.35 64.40 30.02
C PRO M 228 30.07 65.59 30.59
N THR M 229 30.37 65.53 31.89
CA THR M 229 31.20 66.50 32.56
C THR M 229 32.68 66.17 32.30
N GLY M 230 33.55 67.12 32.56
CA GLY M 230 34.99 66.90 32.42
C GLY M 230 35.51 66.77 31.01
N ILE M 231 34.75 67.28 30.04
CA ILE M 231 35.18 67.24 28.65
C ILE M 231 34.76 68.50 27.91
N GLY M 232 35.69 69.05 27.15
CA GLY M 232 35.47 70.26 26.39
C GLY M 232 36.25 70.24 25.09
N VAL M 233 36.01 71.23 24.26
CA VAL M 233 36.61 71.28 22.94
C VAL M 233 37.30 72.62 22.70
N LEU M 234 38.43 72.58 22.00
CA LEU M 234 39.02 73.77 21.42
C LEU M 234 39.14 73.53 19.94
N TYR M 235 38.45 74.33 19.14
CA TYR M 235 38.69 74.36 17.71
C TYR M 235 39.71 75.45 17.41
N GLY M 236 40.61 75.16 16.49
CA GLY M 236 41.53 76.16 15.99
C GLY M 236 41.85 75.92 14.52
N LYS M 237 42.10 77.00 13.78
CA LYS M 237 42.65 76.89 12.43
C LYS M 237 43.97 76.14 12.53
N SER M 238 44.25 75.28 11.56
CA SER M 238 45.41 74.40 11.64
C SER M 238 46.73 75.17 11.76
N GLU M 239 46.84 76.29 11.03
CA GLU M 239 48.04 77.13 11.09
C GLU M 239 48.29 77.62 12.50
N LEU M 240 47.21 77.93 13.20
CA LEU M 240 47.29 78.46 14.56
C LEU M 240 47.60 77.37 15.57
N LEU M 241 47.02 76.19 15.39
CA LEU M 241 47.33 75.04 16.24
C LEU M 241 48.80 74.62 16.06
N GLU M 242 49.29 74.71 14.82
CA GLU M 242 50.70 74.42 14.51
C GLU M 242 51.63 75.45 15.18
N ALA M 243 51.20 76.71 15.20
CA ALA M 243 51.99 77.78 15.78
C ALA M 243 52.04 77.73 17.32
N MET M 244 51.05 77.09 17.93
CA MET M 244 50.96 77.04 19.39
C MET M 244 52.09 76.23 20.00
N SER M 245 52.53 76.64 21.18
CA SER M 245 53.48 75.90 21.98
C SER M 245 52.79 74.72 22.60
N PRO M 246 53.57 73.74 23.10
CA PRO M 246 52.92 72.64 23.79
C PRO M 246 52.24 73.12 25.06
N TRP M 247 51.17 72.44 25.45
CA TRP M 247 50.41 72.84 26.61
C TRP M 247 50.96 72.12 27.82
N LEU M 248 50.39 70.99 28.21
CA LEU M 248 50.95 70.19 29.28
C LEU M 248 52.02 69.27 28.71
N GLY M 249 53.01 68.93 29.53
CA GLY M 249 54.07 68.01 29.13
C GLY M 249 53.81 66.61 29.66
N GLY M 250 54.11 65.59 28.87
CA GLY M 250 53.98 64.21 29.31
C GLY M 250 53.84 63.20 28.19
N GLY M 251 53.18 62.09 28.48
CA GLY M 251 52.99 61.04 27.49
C GLY M 251 52.04 61.48 26.39
N LYS M 252 52.11 60.78 25.26
CA LYS M 252 51.23 60.98 24.11
C LYS M 252 51.61 62.20 23.26
N MET M 253 51.82 63.34 23.92
CA MET M 253 52.21 64.56 23.22
C MET M 253 53.67 64.57 22.75
N VAL M 254 54.52 63.78 23.41
CA VAL M 254 55.95 63.71 23.04
C VAL M 254 56.14 62.72 21.90
N HIS M 255 57.19 62.95 21.11
CA HIS M 255 57.62 62.04 20.07
C HIS M 255 58.83 61.30 20.55
N GLU M 256 59.90 62.04 20.86
CA GLU M 256 61.11 61.45 21.39
C GLU M 256 61.60 62.24 22.59
N VAL M 257 62.06 61.53 23.62
CA VAL M 257 62.50 62.17 24.86
C VAL M 257 63.81 61.59 25.39
N SER M 258 64.72 62.49 25.73
CA SER M 258 65.93 62.16 26.47
C SER M 258 66.14 63.24 27.50
N PHE M 259 67.19 63.11 28.31
CA PHE M 259 67.53 64.15 29.28
C PHE M 259 68.14 65.40 28.65
N ASP M 260 68.50 65.30 27.37
CA ASP M 260 69.04 66.44 26.63
C ASP M 260 67.93 67.25 25.94
N GLY M 261 66.74 66.69 25.82
CA GLY M 261 65.59 67.42 25.28
C GLY M 261 64.49 66.53 24.74
N PHE M 262 63.51 67.12 24.07
CA PHE M 262 62.41 66.36 23.51
C PHE M 262 61.81 67.00 22.27
N THR M 263 61.17 66.17 21.45
CA THR M 263 60.37 66.63 20.32
C THR M 263 58.91 66.22 20.54
N THR M 264 57.98 66.94 19.93
CA THR M 264 56.55 66.68 20.12
C THR M 264 55.87 66.16 18.86
N GLN M 265 54.67 65.63 19.04
CA GLN M 265 53.82 65.27 17.92
C GLN M 265 53.31 66.56 17.26
N SER M 266 52.54 66.40 16.20
CA SER M 266 51.80 67.52 15.62
C SER M 266 50.50 67.70 16.37
N ALA M 267 49.81 68.81 16.09
CA ALA M 267 48.47 69.01 16.61
C ALA M 267 47.52 68.01 15.94
N PRO M 268 46.46 67.59 16.65
CA PRO M 268 46.07 68.04 17.98
C PRO M 268 46.80 67.34 19.14
N TRP M 269 47.53 66.27 18.83
CA TRP M 269 48.14 65.43 19.88
C TRP M 269 49.20 66.19 20.65
N LYS M 270 49.84 67.16 20.00
CA LYS M 270 50.78 68.06 20.65
C LYS M 270 50.18 68.71 21.89
N LEU M 271 48.88 68.97 21.84
CA LEU M 271 48.20 69.71 22.90
C LEU M 271 47.42 68.82 23.89
N GLU M 272 47.59 67.51 23.79
CA GLU M 272 46.80 66.56 24.57
C GLU M 272 47.70 65.59 25.35
N ALA M 273 48.28 66.05 26.44
CA ALA M 273 49.18 65.22 27.24
C ALA M 273 48.40 64.26 28.13
N GLY M 274 48.97 63.08 28.38
CA GLY M 274 48.43 62.15 29.36
C GLY M 274 47.28 61.31 28.84
N THR M 275 46.80 60.40 29.69
CA THR M 275 45.65 59.56 29.33
C THR M 275 44.44 60.46 29.17
N PRO M 276 43.78 60.39 28.01
CA PRO M 276 42.62 61.25 27.81
C PRO M 276 41.41 60.80 28.61
N ASN M 277 40.47 61.72 28.84
CA ASN M 277 39.21 61.36 29.47
C ASN M 277 38.35 60.64 28.44
N VAL M 278 38.61 59.34 28.28
CA VAL M 278 37.99 58.52 27.25
C VAL M 278 36.48 58.46 27.45
N ALA M 279 36.05 58.38 28.71
CA ALA M 279 34.63 58.40 29.05
C ALA M 279 33.94 59.65 28.49
N GLY M 280 34.57 60.79 28.70
CA GLY M 280 34.04 62.06 28.22
C GLY M 280 33.91 62.12 26.70
N VAL M 281 34.96 61.71 26.01
CA VAL M 281 34.99 61.74 24.55
C VAL M 281 33.91 60.82 23.96
N ILE M 282 33.83 59.59 24.46
CA ILE M 282 32.82 58.64 24.01
C ILE M 282 31.41 59.17 24.28
N GLY M 283 31.19 59.68 25.49
CA GLY M 283 29.89 60.20 25.88
C GLY M 283 29.49 61.42 25.09
N LEU M 284 30.45 62.28 24.80
CA LEU M 284 30.22 63.46 23.98
C LEU M 284 29.88 63.05 22.54
N SER M 285 30.55 62.02 22.06
CA SER M 285 30.28 61.47 20.74
C SER M 285 28.84 60.95 20.67
N ALA M 286 28.43 60.24 21.72
CA ALA M 286 27.05 59.76 21.82
C ALA M 286 26.07 60.92 21.77
N ALA M 287 26.37 61.97 22.49
CA ALA M 287 25.54 63.16 22.50
C ALA M 287 25.41 63.78 21.11
N LEU M 288 26.54 63.93 20.44
CA LEU M 288 26.56 64.58 19.13
C LEU M 288 25.83 63.75 18.09
N GLU M 289 26.09 62.44 18.07
CA GLU M 289 25.41 61.56 17.11
C GLU M 289 23.91 61.68 17.27
N TRP M 290 23.48 61.69 18.52
CA TRP M 290 22.06 61.82 18.87
C TRP M 290 21.50 63.16 18.52
N LEU M 291 22.23 64.22 18.86
CA LEU M 291 21.80 65.59 18.55
C LEU M 291 21.65 65.84 17.07
N ALA M 292 22.49 65.19 16.26
CA ALA M 292 22.45 65.33 14.81
C ALA M 292 21.10 64.99 14.16
N ASP M 293 20.24 64.28 14.89
CA ASP M 293 18.92 63.92 14.38
C ASP M 293 17.91 65.07 14.34
N TYR M 294 18.16 66.13 15.10
CA TYR M 294 17.18 67.23 15.21
C TYR M 294 17.67 68.51 14.55
N ASP M 295 16.75 69.27 13.97
CA ASP M 295 17.07 70.58 13.42
C ASP M 295 17.17 71.57 14.60
N ILE M 296 18.39 71.98 14.89
CA ILE M 296 18.66 72.88 16.02
C ILE M 296 17.91 74.20 15.90
N ASN M 297 17.75 74.69 14.67
CA ASN M 297 17.05 75.93 14.44
C ASN M 297 15.61 75.85 14.92
N GLN M 298 14.95 74.73 14.64
CA GLN M 298 13.58 74.49 15.09
C GLN M 298 13.52 74.27 16.60
N ALA M 299 14.50 73.52 17.10
CA ALA M 299 14.57 73.22 18.53
C ALA M 299 14.82 74.48 19.34
N GLU M 300 15.60 75.39 18.79
CA GLU M 300 15.90 76.64 19.48
C GLU M 300 14.70 77.58 19.44
N SER M 301 14.03 77.64 18.30
CA SER M 301 12.80 78.42 18.18
C SER M 301 11.80 78.03 19.26
N TRP M 302 11.65 76.72 19.46
CA TRP M 302 10.76 76.21 20.51
C TRP M 302 11.17 76.72 21.86
N SER M 303 12.45 76.55 22.19
CA SER M 303 12.98 77.02 23.47
C SER M 303 12.71 78.52 23.70
N ARG M 304 12.85 79.30 22.65
CA ARG M 304 12.63 80.74 22.72
C ARG M 304 11.16 81.09 22.89
N SER M 305 10.27 80.36 22.22
CA SER M 305 8.83 80.54 22.36
C SER M 305 8.41 80.47 23.81
N LEU M 306 8.95 79.49 24.53
CA LEU M 306 8.59 79.29 25.93
C LEU M 306 9.14 80.43 26.79
N ALA M 307 10.35 80.88 26.47
CA ALA M 307 10.97 81.99 27.20
C ALA M 307 10.16 83.26 27.03
N THR M 308 9.60 83.46 25.84
CA THR M 308 8.79 84.65 25.56
C THR M 308 7.47 84.64 26.32
N LEU M 309 6.82 83.48 26.39
CA LEU M 309 5.60 83.33 27.18
C LEU M 309 5.87 83.59 28.66
N ALA M 310 6.99 83.08 29.15
CA ALA M 310 7.39 83.29 30.53
C ALA M 310 7.58 84.78 30.84
N GLU M 311 8.29 85.48 29.96
CA GLU M 311 8.59 86.91 30.16
C GLU M 311 7.34 87.77 30.14
N ASP M 312 6.50 87.56 29.14
CA ASP M 312 5.26 88.32 29.00
C ASP M 312 4.31 88.12 30.20
N ALA M 313 4.23 86.89 30.68
CA ALA M 313 3.39 86.56 31.84
C ALA M 313 3.92 87.21 33.12
N LEU M 314 5.22 87.09 33.36
CA LEU M 314 5.84 87.67 34.56
C LEU M 314 5.83 89.18 34.52
N ALA M 315 5.89 89.75 33.32
CA ALA M 315 5.87 91.21 33.15
C ALA M 315 4.57 91.86 33.65
N LYS M 316 3.50 91.09 33.74
CA LYS M 316 2.23 91.58 34.29
C LYS M 316 2.32 91.84 35.79
N ARG M 317 3.26 91.19 36.47
CA ARG M 317 3.48 91.40 37.90
C ARG M 317 4.30 92.69 38.07
N PRO M 318 3.89 93.58 39.00
CA PRO M 318 4.62 94.84 39.13
C PRO M 318 5.96 94.69 39.83
N GLY M 319 6.91 95.55 39.48
CA GLY M 319 8.27 95.46 39.99
C GLY M 319 9.18 94.51 39.22
N PHE M 320 8.66 93.97 38.11
CA PHE M 320 9.40 93.01 37.30
C PHE M 320 10.37 93.70 36.36
N ARG M 321 11.54 93.10 36.19
CA ARG M 321 12.55 93.58 35.25
C ARG M 321 13.26 92.42 34.59
N SER M 322 13.40 92.49 33.27
CA SER M 322 14.09 91.47 32.48
C SER M 322 15.37 92.04 31.88
N PHE M 323 16.40 91.21 31.80
CA PHE M 323 17.66 91.59 31.15
C PHE M 323 17.88 90.83 29.84
N ARG M 324 16.82 90.21 29.33
CA ARG M 324 16.90 89.28 28.20
C ARG M 324 17.01 90.02 26.85
N CYS M 325 17.94 89.58 26.01
CA CYS M 325 18.16 90.16 24.70
C CYS M 325 17.72 89.24 23.56
N GLN M 326 17.35 89.85 22.43
CA GLN M 326 17.12 89.12 21.17
C GLN M 326 16.16 87.93 21.33
N ASP M 327 15.19 88.08 22.23
CA ASP M 327 14.21 87.02 22.52
C ASP M 327 14.87 85.65 22.74
N SER M 328 15.93 85.61 23.53
CA SER M 328 16.68 84.38 23.71
C SER M 328 15.96 83.39 24.62
N SER M 329 16.49 82.18 24.67
CA SER M 329 15.97 81.11 25.52
C SER M 329 16.43 81.27 26.98
N LEU M 330 17.37 82.18 27.22
CA LEU M 330 17.82 82.52 28.57
C LEU M 330 17.06 83.72 29.08
N LEU M 331 16.48 83.63 30.28
CA LEU M 331 15.70 84.71 30.86
C LEU M 331 16.25 85.11 32.23
N ALA M 332 17.09 86.14 32.24
CA ALA M 332 17.56 86.68 33.51
C ALA M 332 16.58 87.77 33.97
N PHE M 333 16.28 87.80 35.25
CA PHE M 333 15.30 88.75 35.78
C PHE M 333 15.41 88.96 37.28
N ASP M 334 14.66 89.96 37.77
CA ASP M 334 14.50 90.18 39.21
C ASP M 334 13.21 90.94 39.52
N PHE M 335 12.94 91.09 40.82
CA PHE M 335 11.75 91.80 41.29
C PHE M 335 12.14 92.84 42.33
N ALA M 336 11.65 94.06 42.17
CA ALA M 336 11.99 95.15 43.07
C ALA M 336 11.72 94.80 44.53
N GLY M 337 12.74 94.96 45.37
CA GLY M 337 12.61 94.76 46.81
C GLY M 337 12.66 93.31 47.27
N VAL M 338 12.90 92.39 46.34
CA VAL M 338 12.91 90.97 46.63
C VAL M 338 14.28 90.39 46.35
N HIS M 339 14.90 89.78 47.34
CA HIS M 339 16.23 89.24 47.19
C HIS M 339 16.20 87.94 46.43
N HIS M 340 17.11 87.78 45.47
CA HIS M 340 17.09 86.65 44.54
C HIS M 340 17.34 85.32 45.22
N SER M 341 18.16 85.31 46.25
CA SER M 341 18.41 84.10 47.04
C SER M 341 17.15 83.56 47.69
N ASP M 342 16.33 84.45 48.23
CA ASP M 342 15.07 84.05 48.85
C ASP M 342 14.14 83.38 47.85
N MET M 343 14.05 84.00 46.68
CA MET M 343 13.18 83.51 45.64
C MET M 343 13.56 82.11 45.18
N VAL M 344 14.86 81.87 45.01
CA VAL M 344 15.33 80.59 44.50
C VAL M 344 15.00 79.47 45.49
N THR M 345 15.13 79.76 46.78
CA THR M 345 14.84 78.78 47.81
C THR M 345 13.39 78.37 47.74
N LEU M 346 12.50 79.36 47.67
CA LEU M 346 11.06 79.08 47.67
C LEU M 346 10.60 78.43 46.36
N LEU M 347 11.14 78.86 45.22
CA LEU M 347 10.80 78.24 43.94
C LEU M 347 11.20 76.77 43.91
N ALA M 348 12.34 76.46 44.53
CA ALA M 348 12.78 75.07 44.69
C ALA M 348 11.72 74.27 45.41
N GLU M 349 11.24 74.79 46.53
CA GLU M 349 10.22 74.15 47.34
C GLU M 349 8.91 73.93 46.57
N TYR M 350 8.61 74.79 45.60
CA TYR M 350 7.43 74.61 44.75
C TYR M 350 7.69 73.68 43.55
N GLY M 351 8.91 73.15 43.45
CA GLY M 351 9.24 72.17 42.41
C GLY M 351 9.83 72.77 41.16
N ILE M 352 10.34 74.00 41.25
CA ILE M 352 10.95 74.67 40.13
C ILE M 352 12.44 74.83 40.44
N ALA M 353 13.28 74.29 39.56
CA ALA M 353 14.73 74.33 39.77
C ALA M 353 15.35 75.36 38.84
N LEU M 354 15.90 76.42 39.42
CA LEU M 354 16.60 77.44 38.66
C LEU M 354 17.81 77.95 39.45
N ARG M 355 18.46 78.99 38.92
CA ARG M 355 19.71 79.47 39.51
C ARG M 355 19.67 80.97 39.79
N ALA M 356 20.30 81.36 40.89
CA ALA M 356 20.51 82.77 41.24
C ALA M 356 22.00 83.01 41.44
N GLY M 357 22.39 84.27 41.60
CA GLY M 357 23.79 84.63 41.84
C GLY M 357 24.35 85.52 40.76
N GLN M 358 25.67 85.47 40.62
CA GLN M 358 26.44 86.35 39.78
C GLN M 358 26.77 85.76 38.38
N HIS M 359 26.67 84.44 38.27
CA HIS M 359 26.82 83.73 36.99
C HIS M 359 28.15 83.94 36.34
N CSS M 360 29.19 83.97 37.19
CA CSS M 360 30.57 84.19 36.77
CB CSS M 360 31.18 82.90 36.19
SG CSS M 360 31.37 81.64 37.42
SD CSS M 360 32.49 82.58 38.86
C CSS M 360 30.64 85.31 35.76
O CSS M 360 31.27 85.17 34.71
N ALA M 361 29.97 86.43 36.08
CA ALA M 361 29.93 87.59 35.19
C ALA M 361 29.83 88.91 35.96
N GLN M 362 30.79 89.17 36.81
CA GLN M 362 30.75 90.35 37.70
C GLN M 362 30.78 91.68 36.98
N PRO M 363 31.71 91.87 36.03
CA PRO M 363 31.75 93.14 35.30
C PRO M 363 30.45 93.47 34.58
N LEU M 364 29.81 92.47 33.98
CA LEU M 364 28.55 92.67 33.29
C LEU M 364 27.47 93.17 34.23
N LEU M 365 27.31 92.48 35.36
CA LEU M 365 26.30 92.86 36.36
C LEU M 365 26.57 94.25 36.94
N ALA M 366 27.84 94.60 37.11
CA ALA M 366 28.22 95.95 37.56
C ALA M 366 27.81 97.00 36.52
N GLU M 367 28.01 96.66 35.25
CA GLU M 367 27.59 97.51 34.11
C GLU M 367 26.06 97.60 34.09
N LEU M 368 25.37 96.51 34.40
CA LEU M 368 23.90 96.49 34.51
C LEU M 368 23.38 97.13 35.81
N GLY M 369 24.28 97.37 36.76
CA GLY M 369 23.92 98.03 38.01
C GLY M 369 23.22 97.12 39.01
N VAL M 370 23.54 95.83 38.97
CA VAL M 370 23.01 94.88 39.94
C VAL M 370 24.12 93.97 40.46
N THR M 371 23.92 93.40 41.64
CA THR M 371 24.90 92.53 42.28
C THR M 371 24.59 91.04 42.02
N GLY M 372 23.38 90.75 41.55
CA GLY M 372 23.02 89.39 41.20
C GLY M 372 21.63 89.32 40.59
N THR M 373 21.29 88.15 40.06
CA THR M 373 20.02 87.96 39.38
C THR M 373 19.52 86.52 39.44
N LEU M 374 18.22 86.35 39.24
CA LEU M 374 17.63 85.04 38.97
C LEU M 374 17.80 84.74 37.50
N ARG M 375 17.93 83.47 37.16
CA ARG M 375 18.00 83.07 35.77
C ARG M 375 17.26 81.78 35.49
N ALA M 376 16.28 81.87 34.60
CA ALA M 376 15.56 80.72 34.10
C ALA M 376 16.01 80.50 32.68
N SER M 377 16.46 79.28 32.37
CA SER M 377 16.95 78.96 31.03
C SER M 377 16.15 77.80 30.47
N PHE M 378 15.64 77.97 29.26
CA PHE M 378 14.73 77.02 28.64
C PHE M 378 15.44 76.15 27.61
N ALA M 379 15.21 74.85 27.70
CA ALA M 379 15.76 73.88 26.75
C ALA M 379 14.61 73.29 25.93
N PRO M 380 14.93 72.57 24.85
CA PRO M 380 13.88 71.96 24.05
C PRO M 380 13.11 70.80 24.72
N TYR M 381 13.58 70.34 25.88
CA TYR M 381 12.82 69.37 26.69
C TYR M 381 11.83 70.03 27.67
N ASN M 382 11.65 71.34 27.59
CA ASN M 382 10.66 72.04 28.40
C ASN M 382 9.33 72.18 27.65
N THR M 383 8.27 72.47 28.41
CA THR M 383 6.91 72.52 27.89
C THR M 383 6.23 73.84 28.29
N LYS M 384 5.03 74.06 27.78
CA LYS M 384 4.23 75.21 28.21
C LYS M 384 3.76 75.04 29.66
N SER M 385 3.50 73.80 30.07
CA SER M 385 3.14 73.51 31.46
C SER M 385 4.23 74.01 32.41
N ASP M 386 5.48 73.89 31.98
CA ASP M 386 6.62 74.37 32.78
C ASP M 386 6.54 75.88 32.99
N VAL M 387 6.21 76.62 31.93
CA VAL M 387 6.07 78.08 32.04
C VAL M 387 4.97 78.45 33.02
N ASP M 388 3.82 77.83 32.90
CA ASP M 388 2.70 78.09 33.80
C ASP M 388 3.07 77.79 35.24
N ALA M 389 3.78 76.69 35.45
CA ALA M 389 4.21 76.28 36.78
C ALA M 389 5.19 77.30 37.39
N LEU M 390 6.08 77.84 36.56
CA LEU M 390 7.01 78.88 36.98
C LEU M 390 6.26 80.12 37.41
N VAL M 391 5.38 80.59 36.54
CA VAL M 391 4.61 81.80 36.81
C VAL M 391 3.80 81.64 38.09
N ASN M 392 3.12 80.50 38.23
CA ASN M 392 2.34 80.23 39.44
C ASN M 392 3.19 80.18 40.69
N ALA M 393 4.35 79.55 40.61
CA ALA M 393 5.26 79.46 41.75
C ALA M 393 5.74 80.83 42.20
N VAL M 394 6.08 81.70 41.25
CA VAL M 394 6.52 83.05 41.56
C VAL M 394 5.45 83.81 42.35
N ASP M 395 4.20 83.72 41.91
CA ASP M 395 3.10 84.36 42.62
C ASP M 395 3.04 83.93 44.07
N ARG M 396 3.13 82.62 44.30
CA ARG M 396 3.07 82.06 45.65
C ARG M 396 4.27 82.55 46.46
N ALA M 397 5.44 82.55 45.83
CA ALA M 397 6.65 83.05 46.47
C ALA M 397 6.50 84.50 46.88
N LEU M 398 6.05 85.33 45.93
CA LEU M 398 5.91 86.76 46.17
C LEU M 398 4.94 87.05 47.33
N GLU M 399 3.86 86.28 47.41
CA GLU M 399 2.88 86.47 48.49
C GLU M 399 3.46 86.15 49.87
N LEU M 400 4.39 85.22 49.92
CA LEU M 400 5.03 84.84 51.17
C LEU M 400 5.99 85.92 51.66
N LEU M 401 6.91 86.31 50.79
CA LEU M 401 7.89 87.34 51.13
C LEU M 401 7.21 88.67 51.43
N VAL M 402 6.20 89.01 50.63
CA VAL M 402 5.41 90.22 50.81
C VAL M 402 6.27 91.49 50.81
N ASP M 403 6.07 92.35 51.80
CA ASP M 403 6.83 93.59 51.90
C ASP M 403 8.33 93.31 51.95
N GLY N 8 20.54 95.39 71.15
CA GLY N 8 21.09 94.75 69.93
C GLY N 8 20.56 93.35 69.66
N HIS N 9 19.35 93.06 70.16
CA HIS N 9 18.40 92.05 69.67
C HIS N 9 17.71 91.29 70.78
N PRO N 10 16.42 90.93 70.58
CA PRO N 10 15.63 90.33 71.66
C PRO N 10 15.84 88.82 71.84
N PHE N 11 16.56 88.19 70.91
CA PHE N 11 16.68 86.74 70.89
C PHE N 11 17.56 86.25 72.05
N GLY N 12 17.05 85.26 72.78
CA GLY N 12 17.73 84.75 73.98
C GLY N 12 17.27 85.42 75.26
N THR N 13 16.92 86.70 75.19
CA THR N 13 16.46 87.45 76.36
C THR N 13 14.93 87.49 76.38
N THR N 14 14.33 88.33 75.54
CA THR N 14 12.87 88.48 75.49
C THR N 14 12.17 87.46 74.58
N VAL N 15 12.87 87.00 73.54
CA VAL N 15 12.37 85.90 72.70
C VAL N 15 13.15 84.62 73.04
N THR N 16 12.47 83.66 73.66
CA THR N 16 13.11 82.43 74.14
C THR N 16 12.69 81.20 73.34
N ALA N 17 13.27 80.06 73.69
CA ALA N 17 12.89 78.78 73.09
C ALA N 17 11.41 78.49 73.35
N GLU N 18 10.93 78.79 74.56
CA GLU N 18 9.50 78.62 74.89
C GLU N 18 8.61 79.46 73.98
N THR N 19 8.94 80.75 73.86
CA THR N 19 8.19 81.70 73.02
C THR N 19 8.11 81.25 71.57
N LEU N 20 9.23 80.79 71.04
CA LEU N 20 9.27 80.27 69.69
C LEU N 20 8.40 79.02 69.57
N ARG N 21 8.47 78.16 70.58
CA ARG N 21 7.74 76.89 70.57
C ARG N 21 6.23 77.09 70.56
N ASN N 22 5.74 78.12 71.25
CA ASN N 22 4.31 78.45 71.21
C ASN N 22 3.87 78.86 69.81
N THR N 23 4.76 79.55 69.09
CA THR N 23 4.48 80.05 67.74
C THR N 23 4.55 78.98 66.65
N PHE N 24 5.55 78.10 66.72
CA PHE N 24 5.83 77.16 65.63
C PHE N 24 5.23 75.78 65.83
N ALA N 25 5.01 75.39 67.09
CA ALA N 25 4.49 74.07 67.42
C ALA N 25 3.18 73.72 66.70
N PRO N 26 2.20 74.64 66.64
CA PRO N 26 0.91 74.28 66.03
C PRO N 26 0.89 74.21 64.49
N LEU N 27 1.17 73.03 63.94
CA LEU N 27 1.52 72.92 62.53
C LEU N 27 0.42 72.34 61.67
N THR N 28 0.12 73.01 60.57
CA THR N 28 -0.68 72.38 59.52
C THR N 28 0.01 72.39 58.14
N GLN N 29 0.95 73.32 57.91
CA GLN N 29 1.67 73.37 56.59
C GLN N 29 2.95 74.23 56.43
N TRP N 30 3.71 73.85 55.42
CA TRP N 30 5.03 74.42 55.18
C TRP N 30 5.03 75.88 54.81
N GLU N 31 4.00 76.30 54.10
CA GLU N 31 3.87 77.70 53.68
C GLU N 31 3.75 78.64 54.89
N ASP N 32 3.01 78.22 55.90
CA ASP N 32 2.82 79.03 57.11
C ASP N 32 4.11 79.10 57.94
N LYS N 33 4.89 78.03 57.92
CA LYS N 33 6.16 77.99 58.64
C LYS N 33 7.15 79.01 58.10
N TYR N 34 7.25 79.10 56.77
CA TYR N 34 8.11 80.09 56.13
C TYR N 34 7.64 81.52 56.42
N ARG N 35 6.34 81.75 56.32
CA ARG N 35 5.76 83.05 56.65
C ARG N 35 6.18 83.54 58.03
N GLN N 36 6.15 82.62 59.00
CA GLN N 36 6.48 82.93 60.40
C GLN N 36 7.97 83.15 60.58
N LEU N 37 8.80 82.43 59.81
CA LEU N 37 10.25 82.66 59.80
C LEU N 37 10.59 84.05 59.27
N ILE N 38 9.96 84.45 58.16
CA ILE N 38 10.15 85.77 57.58
C ILE N 38 9.76 86.85 58.59
N MET N 39 8.60 86.67 59.23
CA MET N 39 8.11 87.60 60.26
C MET N 39 9.05 87.66 61.46
N LEU N 40 9.57 86.51 61.89
CA LEU N 40 10.55 86.47 62.97
C LEU N 40 11.80 87.29 62.63
N GLY N 41 12.19 87.25 61.36
CA GLY N 41 13.36 87.99 60.89
C GLY N 41 13.23 89.50 60.94
N LYS N 42 12.00 90.02 60.85
CA LYS N 42 11.75 91.46 61.04
C LYS N 42 12.17 91.96 62.42
N GLN N 43 12.10 91.09 63.43
CA GLN N 43 12.51 91.45 64.80
C GLN N 43 14.04 91.58 64.97
N LEU N 44 14.82 91.11 63.99
CA LEU N 44 16.27 91.32 63.99
C LEU N 44 16.59 92.67 63.34
N PRO N 45 17.18 93.60 64.12
CA PRO N 45 17.49 94.92 63.55
C PRO N 45 18.53 94.88 62.44
N ALA N 46 18.59 95.94 61.65
CA ALA N 46 19.41 95.95 60.42
C ALA N 46 20.95 95.79 60.58
N LEU N 47 21.50 96.26 61.69
CA LEU N 47 22.95 96.20 61.98
C LEU N 47 23.75 97.28 61.22
N PRO N 48 24.32 98.25 61.95
CA PRO N 48 25.03 99.36 61.30
C PRO N 48 26.39 98.96 60.71
N ASP N 49 26.96 99.85 59.92
CA ASP N 49 28.26 99.61 59.27
C ASP N 49 29.38 99.35 60.26
N GLU N 50 29.38 100.09 61.37
CA GLU N 50 30.44 99.97 62.37
C GLU N 50 30.45 98.59 63.03
N LEU N 51 29.27 98.05 63.31
CA LEU N 51 29.16 96.69 63.88
C LEU N 51 29.43 95.61 62.83
N LYS N 52 29.24 95.94 61.55
CA LYS N 52 29.60 95.04 60.45
C LYS N 52 31.11 94.89 60.31
N ALA N 53 31.84 95.94 60.68
CA ALA N 53 33.31 95.92 60.61
C ALA N 53 33.93 94.93 61.60
N GLN N 54 33.30 94.80 62.77
CA GLN N 54 33.72 93.90 63.85
C GLN N 54 33.20 92.46 63.68
N ALA N 55 32.32 92.24 62.70
CA ALA N 55 31.80 90.90 62.41
C ALA N 55 32.50 90.28 61.19
N LYS N 56 32.49 88.96 61.12
CA LYS N 56 33.01 88.28 59.93
C LYS N 56 31.98 88.34 58.82
N GLU N 57 32.43 88.61 57.61
CA GLU N 57 31.54 88.97 56.49
C GLU N 57 30.84 87.82 55.72
N ILE N 58 31.34 86.59 55.80
CA ILE N 58 30.77 85.43 55.03
C ILE N 58 29.89 85.77 53.78
N ALA N 59 30.54 86.26 52.72
CA ALA N 59 29.86 86.58 51.47
C ALA N 59 29.76 85.34 50.59
N GLY N 60 28.56 84.76 50.52
CA GLY N 60 28.34 83.59 49.67
C GLY N 60 28.01 84.02 48.26
N CSS N 61 27.96 83.05 47.35
CA CSS N 61 27.52 83.31 45.97
CB CSS N 61 27.72 82.06 45.11
SG CSS N 61 26.61 81.96 43.75
SD CSS N 61 27.35 83.44 42.62
C CSS N 61 26.08 83.72 46.00
O CSS N 61 25.67 84.68 45.34
N GLU N 62 25.30 82.99 46.80
CA GLU N 62 23.86 83.23 46.92
C GLU N 62 23.53 84.48 47.74
N ASN N 63 24.08 84.56 48.94
CA ASN N 63 23.58 85.48 49.96
C ASN N 63 24.68 85.91 50.92
N ARG N 64 24.70 87.21 51.26
CA ARG N 64 25.66 87.74 52.22
C ARG N 64 25.13 87.59 53.64
N VAL N 65 26.03 87.20 54.54
CA VAL N 65 25.67 86.98 55.93
C VAL N 65 26.81 87.46 56.83
N TRP N 66 26.45 88.03 57.98
CA TRP N 66 27.44 88.54 58.94
C TRP N 66 27.27 87.85 60.27
N LEU N 67 28.39 87.60 60.95
CA LEU N 67 28.36 87.03 62.29
C LEU N 67 29.56 87.49 63.12
N GLY N 68 29.28 87.96 64.33
CA GLY N 68 30.31 88.40 65.26
C GLY N 68 29.93 88.08 66.69
N TYR N 69 30.91 88.21 67.58
CA TYR N 69 30.71 87.83 68.99
C TYR N 69 31.49 88.73 69.94
N THR N 70 31.04 88.75 71.19
CA THR N 70 31.79 89.34 72.30
C THR N 70 31.59 88.48 73.53
N VAL N 71 32.56 88.52 74.44
CA VAL N 71 32.51 87.74 75.67
C VAL N 71 32.60 88.65 76.89
N ALA N 72 31.69 88.46 77.85
CA ALA N 72 31.67 89.23 79.09
C ALA N 72 32.54 88.53 80.14
N GLU N 73 32.74 89.20 81.27
CA GLU N 73 33.53 88.64 82.38
C GLU N 73 32.86 87.40 82.96
N ASN N 74 31.53 87.35 82.89
CA ASN N 74 30.77 86.16 83.25
C ASN N 74 31.31 84.91 82.54
N GLY N 75 31.67 85.07 81.27
CA GLY N 75 31.99 83.94 80.40
C GLY N 75 30.86 83.67 79.43
N LYS N 76 29.75 84.39 79.61
CA LYS N 76 28.61 84.33 78.69
C LYS N 76 28.98 84.99 77.37
N MET N 77 28.57 84.39 76.27
CA MET N 77 28.86 84.91 74.93
C MET N 77 27.67 85.65 74.37
N HIS N 78 27.91 86.86 73.88
CA HIS N 78 26.92 87.65 73.15
C HIS N 78 27.20 87.49 71.68
N PHE N 79 26.16 87.17 70.92
CA PHE N 79 26.26 87.01 69.47
C PHE N 79 25.47 88.08 68.74
N PHE N 80 25.99 88.51 67.59
CA PHE N 80 25.27 89.44 66.73
C PHE N 80 25.55 89.11 65.26
N GLY N 81 24.63 89.51 64.39
CA GLY N 81 24.77 89.20 62.96
C GLY N 81 23.65 89.75 62.11
N ASP N 82 23.68 89.42 60.82
CA ASP N 82 22.67 89.88 59.85
C ASP N 82 22.71 89.02 58.58
N SER N 83 21.60 89.06 57.84
CA SER N 83 21.50 88.40 56.54
C SER N 83 20.77 89.33 55.60
N GLU N 84 21.06 89.21 54.31
CA GLU N 84 20.29 89.94 53.29
C GLU N 84 19.01 89.18 52.96
N GLY N 85 19.12 87.85 52.90
CA GLY N 85 17.99 87.01 52.60
C GLY N 85 17.07 86.94 53.80
N ARG N 86 15.78 87.10 53.57
CA ARG N 86 14.80 87.19 54.65
C ARG N 86 14.46 85.85 55.29
N ILE N 87 14.51 84.76 54.53
CA ILE N 87 14.27 83.42 55.06
C ILE N 87 15.48 83.01 55.93
N VAL N 88 16.68 83.36 55.48
CA VAL N 88 17.89 83.06 56.26
C VAL N 88 17.95 83.95 57.49
N ARG N 89 17.38 85.14 57.41
CA ARG N 89 17.34 86.05 58.54
C ARG N 89 16.48 85.49 59.66
N GLY N 90 15.36 84.87 59.30
CA GLY N 90 14.52 84.20 60.29
C GLY N 90 15.23 83.03 60.95
N LEU N 91 15.94 82.25 60.15
CA LEU N 91 16.67 81.08 60.64
C LEU N 91 17.82 81.49 61.55
N LEU N 92 18.49 82.60 61.20
CA LEU N 92 19.52 83.18 62.05
C LEU N 92 18.93 83.60 63.40
N ALA N 93 17.72 84.16 63.35
CA ALA N 93 17.02 84.59 64.55
C ALA N 93 16.75 83.42 65.48
N VAL N 94 16.39 82.27 64.91
CA VAL N 94 16.21 81.05 65.69
C VAL N 94 17.55 80.59 66.28
N LEU N 95 18.59 80.64 65.45
CA LEU N 95 19.94 80.23 65.87
C LEU N 95 20.45 81.09 67.02
N LEU N 96 20.19 82.40 66.95
CA LEU N 96 20.60 83.33 68.01
C LEU N 96 19.88 83.07 69.33
N THR N 97 18.63 82.63 69.26
CA THR N 97 17.87 82.26 70.46
C THR N 97 18.51 81.07 71.18
N ALA N 98 18.94 80.07 70.42
CA ALA N 98 19.54 78.85 70.97
C ALA N 98 20.86 79.12 71.67
N VAL N 99 21.71 79.93 71.02
CA VAL N 99 22.94 80.41 71.64
C VAL N 99 22.55 81.66 72.43
N GLU N 100 23.49 82.53 72.67
CA GLU N 100 23.24 83.84 73.28
C GLU N 100 23.11 83.73 74.79
N GLY N 101 24.00 84.44 75.47
CA GLY N 101 24.03 84.47 76.92
C GLY N 101 24.52 83.16 77.51
N LYS N 102 24.98 82.25 76.65
CA LYS N 102 25.47 80.94 77.04
C LYS N 102 27.00 80.90 76.94
N THR N 103 27.61 80.14 77.84
CA THR N 103 29.06 80.01 77.85
C THR N 103 29.54 78.99 76.83
N ALA N 104 30.84 79.00 76.56
CA ALA N 104 31.45 78.12 75.56
C ALA N 104 31.33 76.64 75.96
N ALA N 105 31.45 76.35 77.25
CA ALA N 105 31.26 74.99 77.77
C ALA N 105 29.83 74.50 77.52
N GLU N 106 28.86 75.34 77.84
CA GLU N 106 27.45 75.04 77.58
C GLU N 106 27.21 74.76 76.09
N LEU N 107 27.71 75.66 75.25
CA LEU N 107 27.69 75.48 73.80
C LEU N 107 28.53 74.25 73.45
N GLN N 108 28.09 73.45 72.48
CA GLN N 108 28.81 72.23 72.09
C GLN N 108 28.87 71.15 73.18
N ALA N 109 28.20 71.42 74.30
CA ALA N 109 27.76 70.37 75.20
C ALA N 109 26.34 70.06 74.75
N GLN N 110 25.77 71.02 74.02
CA GLN N 110 24.48 70.88 73.37
C GLN N 110 24.62 71.37 71.93
N SER N 111 23.90 70.73 71.00
CA SER N 111 23.87 71.18 69.60
C SER N 111 22.79 72.25 69.45
N PRO N 112 23.11 73.37 68.78
CA PRO N 112 22.08 74.36 68.45
C PRO N 112 20.99 73.82 67.50
N LEU N 113 21.34 72.85 66.66
CA LEU N 113 20.41 72.25 65.69
C LEU N 113 19.19 71.60 66.37
N ALA N 114 19.38 71.17 67.62
CA ALA N 114 18.29 70.57 68.40
C ALA N 114 17.06 71.47 68.53
N LEU N 115 17.27 72.78 68.50
CA LEU N 115 16.16 73.73 68.59
C LEU N 115 15.27 73.71 67.35
N PHE N 116 15.86 73.50 66.18
CA PHE N 116 15.10 73.44 64.93
C PHE N 116 14.19 72.21 64.87
N ASP N 117 14.63 71.12 65.51
CA ASP N 117 13.80 69.92 65.68
C ASP N 117 12.60 70.20 66.58
N GLU N 118 12.86 70.85 67.72
CA GLU N 118 11.81 71.18 68.69
C GLU N 118 10.75 72.10 68.10
N LEU N 119 11.16 72.98 67.18
CA LEU N 119 10.23 73.90 66.53
C LEU N 119 9.62 73.30 65.25
N GLY N 120 10.14 72.15 64.82
CA GLY N 120 9.67 71.47 63.61
C GLY N 120 10.08 72.20 62.35
N LEU N 121 11.35 72.61 62.28
CA LEU N 121 11.85 73.43 61.17
C LEU N 121 13.04 72.79 60.43
N ARG N 122 13.17 71.46 60.49
CA ARG N 122 14.33 70.77 59.87
C ARG N 122 14.28 70.87 58.33
N ALA N 123 13.09 70.83 57.73
CA ALA N 123 12.94 70.94 56.28
C ALA N 123 13.36 72.31 55.75
N GLN N 124 13.07 73.35 56.53
CA GLN N 124 13.36 74.72 56.16
C GLN N 124 14.85 75.00 56.31
N LEU N 125 15.40 74.55 57.44
CA LEU N 125 16.84 74.63 57.70
C LEU N 125 17.63 73.97 56.57
N SER N 126 17.23 72.75 56.24
CA SER N 126 17.85 71.98 55.18
C SER N 126 17.84 72.70 53.84
N ALA N 127 16.72 73.35 53.53
CA ALA N 127 16.55 74.02 52.24
C ALA N 127 17.47 75.22 52.06
N SER N 128 17.95 75.79 53.16
CA SER N 128 18.76 77.01 53.13
C SER N 128 20.18 76.85 53.67
N ARG N 129 20.63 75.61 53.79
CA ARG N 129 21.94 75.33 54.39
C ARG N 129 23.10 76.02 53.67
N SER N 130 23.10 75.93 52.35
CA SER N 130 24.18 76.47 51.52
C SER N 130 23.98 77.95 51.22
N GLN N 131 22.86 78.50 51.66
CA GLN N 131 22.59 79.94 51.50
C GLN N 131 23.08 80.75 52.70
N GLY N 132 23.82 80.11 53.61
CA GLY N 132 24.43 80.82 54.73
C GLY N 132 24.40 80.10 56.07
N LEU N 133 23.47 79.15 56.24
CA LEU N 133 23.30 78.48 57.54
C LEU N 133 24.47 77.59 57.92
N ASN N 134 25.00 76.84 56.96
CA ASN N 134 26.24 76.10 57.18
C ASN N 134 27.31 77.03 57.74
N ALA N 135 27.54 78.13 57.02
CA ALA N 135 28.60 79.10 57.36
C ALA N 135 28.46 79.66 58.78
N LEU N 136 27.26 80.11 59.12
CA LEU N 136 26.98 80.67 60.46
C LEU N 136 27.25 79.66 61.56
N SER N 137 26.71 78.45 61.37
CA SER N 137 26.84 77.38 62.33
C SER N 137 28.30 77.03 62.64
N GLU N 138 29.09 76.87 61.58
CA GLU N 138 30.51 76.56 61.72
C GLU N 138 31.31 77.76 62.24
N ALA N 139 30.83 78.98 61.98
CA ALA N 139 31.46 80.21 62.50
C ALA N 139 31.26 80.33 64.01
N ILE N 140 30.11 79.87 64.50
CA ILE N 140 29.84 79.80 65.94
C ILE N 140 30.72 78.76 66.63
N ILE N 141 30.91 77.62 65.96
CA ILE N 141 31.80 76.56 66.46
C ILE N 141 33.26 77.05 66.52
N ALA N 142 33.66 77.83 65.51
CA ALA N 142 35.00 78.42 65.48
C ALA N 142 35.16 79.48 66.56
N ALA N 143 34.10 80.27 66.78
CA ALA N 143 34.09 81.31 67.81
C ALA N 143 34.07 80.71 69.22
N THR N 144 33.41 79.56 69.38
CA THR N 144 33.33 78.90 70.69
C THR N 144 34.67 78.23 71.07
N LYS N 145 35.48 77.94 70.07
CA LYS N 145 36.77 77.28 70.28
C LYS N 145 37.82 78.31 70.68
N GLN N 146 37.58 79.56 70.32
CA GLN N 146 38.47 80.67 70.66
C GLN N 146 38.36 81.05 72.13
N VAL N 147 37.24 80.68 72.77
CA VAL N 147 36.93 81.03 74.15
C VAL N 147 37.24 79.88 75.10
N VAL O 5 42.79 37.88 57.37
CA VAL O 5 41.59 38.42 56.67
C VAL O 5 41.90 38.64 55.18
N PHE O 6 40.84 38.68 54.37
CA PHE O 6 40.86 39.00 52.89
C PHE O 6 40.56 37.77 52.06
N ASN O 7 39.49 37.86 51.27
CA ASN O 7 39.02 36.77 50.38
C ASN O 7 39.10 37.21 48.90
N PRO O 8 40.04 36.63 48.12
CA PRO O 8 40.17 37.00 46.70
C PRO O 8 38.91 36.78 45.86
N ALA O 9 38.14 35.76 46.19
CA ALA O 9 36.91 35.51 45.46
C ALA O 9 36.02 36.71 45.72
N GLN O 10 35.58 36.86 46.96
CA GLN O 10 34.67 37.95 47.30
C GLN O 10 35.05 39.22 46.52
N PHE O 11 36.32 39.57 46.61
CA PHE O 11 36.85 40.71 45.86
C PHE O 11 36.50 40.61 44.37
N ARG O 12 36.85 39.47 43.77
CA ARG O 12 36.58 39.24 42.34
C ARG O 12 35.15 39.51 41.93
N ALA O 13 34.23 39.00 42.72
CA ALA O 13 32.80 39.02 42.40
C ALA O 13 32.26 40.43 42.04
N GLN O 14 32.94 41.46 42.51
CA GLN O 14 32.45 42.84 42.39
C GLN O 14 32.63 43.46 41.01
N PHE O 15 33.42 42.84 40.15
CA PHE O 15 33.78 43.44 38.85
C PHE O 15 32.99 42.82 37.70
N PRO O 16 32.03 43.57 37.15
CA PRO O 16 31.23 43.03 36.04
C PRO O 16 31.99 42.86 34.72
N ALA O 17 33.10 43.54 34.57
CA ALA O 17 33.91 43.42 33.36
C ALA O 17 34.61 42.07 33.25
N LEU O 18 34.81 41.39 34.39
CA LEU O 18 35.72 40.23 34.44
C LEU O 18 35.40 39.03 33.54
N GLN O 19 34.13 38.69 33.35
CA GLN O 19 33.79 37.57 32.44
C GLN O 19 34.22 37.84 31.00
N ASP O 20 33.84 39.00 30.47
CA ASP O 20 34.18 39.39 29.11
C ASP O 20 35.67 39.68 28.95
N ALA O 21 36.32 40.13 30.02
CA ALA O 21 37.71 40.58 29.94
C ALA O 21 38.71 39.46 29.69
N GLY O 22 38.30 38.22 29.97
CA GLY O 22 39.19 37.06 29.80
C GLY O 22 40.20 37.02 30.92
N VAL O 23 41.47 36.92 30.55
CA VAL O 23 42.57 37.00 31.51
C VAL O 23 43.20 38.37 31.39
N TYR O 24 42.81 39.27 32.28
CA TYR O 24 43.23 40.66 32.22
C TYR O 24 44.46 40.90 33.10
N LEU O 25 45.59 41.20 32.47
CA LEU O 25 46.84 41.44 33.19
C LEU O 25 47.47 42.77 32.77
N ASP O 26 46.64 43.80 32.66
CA ASP O 26 47.08 45.13 32.23
C ASP O 26 46.57 46.23 33.16
N SER O 27 46.45 45.90 34.46
CA SER O 27 45.90 46.83 35.45
C SER O 27 46.82 48.02 35.74
N ALA O 28 48.11 47.87 35.50
CA ALA O 28 49.05 48.97 35.68
C ALA O 28 48.83 50.06 34.62
N ALA O 29 48.24 49.68 33.48
CA ALA O 29 47.80 50.65 32.49
C ALA O 29 46.50 51.30 32.97
N THR O 30 45.45 50.49 33.11
CA THR O 30 44.18 50.96 33.65
C THR O 30 43.44 49.83 34.36
N ALA O 31 42.82 50.17 35.48
CA ALA O 31 42.18 49.18 36.34
C ALA O 31 40.73 48.96 35.93
N LEU O 32 40.23 47.75 36.17
CA LEU O 32 38.81 47.46 36.02
C LEU O 32 38.05 48.09 37.19
N LYS O 33 36.75 48.28 37.01
CA LYS O 33 35.93 49.03 37.96
C LYS O 33 34.92 48.14 38.68
N PRO O 34 34.76 48.31 39.99
CA PRO O 34 33.74 47.56 40.72
C PRO O 34 32.35 48.12 40.46
N GLU O 35 31.31 47.34 40.75
CA GLU O 35 29.94 47.77 40.45
C GLU O 35 29.59 49.09 41.15
N ALA O 36 30.15 49.31 42.35
CA ALA O 36 29.93 50.55 43.10
C ALA O 36 30.24 51.79 42.26
N VAL O 37 31.32 51.75 41.51
CA VAL O 37 31.71 52.87 40.64
C VAL O 37 30.79 53.01 39.45
N VAL O 38 30.49 51.88 38.80
CA VAL O 38 29.61 51.87 37.64
C VAL O 38 28.22 52.40 37.99
N GLU O 39 27.75 52.04 39.18
CA GLU O 39 26.40 52.37 39.61
C GLU O 39 26.25 53.82 40.03
N ALA O 40 27.28 54.37 40.66
CA ALA O 40 27.29 55.76 41.06
C ALA O 40 27.26 56.68 39.84
N THR O 41 28.06 56.31 38.84
CA THR O 41 28.15 57.08 37.61
C THR O 41 26.83 57.09 36.85
N GLN O 42 26.19 55.93 36.73
CA GLN O 42 24.93 55.86 36.00
C GLN O 42 23.86 56.66 36.71
N GLN O 43 23.82 56.58 38.03
CA GLN O 43 22.88 57.35 38.82
C GLN O 43 23.11 58.85 38.74
N PHE O 44 24.37 59.26 38.69
CA PHE O 44 24.68 60.67 38.58
C PHE O 44 24.17 61.25 37.27
N TYR O 45 24.37 60.52 36.17
CA TYR O 45 23.94 60.99 34.86
C TYR O 45 22.45 60.74 34.58
N SER O 46 21.82 59.95 35.43
CA SER O 46 20.40 59.63 35.29
C SER O 46 19.50 60.58 36.07
N LEU O 47 20.09 61.47 36.85
CA LEU O 47 19.33 62.39 37.70
C LEU O 47 19.74 63.85 37.49
N SER O 48 18.87 64.76 37.92
CA SER O 48 19.15 66.19 37.92
C SER O 48 20.18 66.53 39.00
N ALA O 49 20.98 67.56 38.74
CA ALA O 49 21.96 68.03 39.72
C ALA O 49 21.45 69.29 40.46
N GLY O 50 20.13 69.51 40.39
CA GLY O 50 19.52 70.66 41.06
C GLY O 50 19.01 70.37 42.46
N ASN O 51 18.29 71.34 43.01
CA ASN O 51 17.73 71.24 44.36
C ASN O 51 16.35 70.55 44.38
N VAL O 52 15.69 70.50 43.23
CA VAL O 52 14.38 69.84 43.12
C VAL O 52 14.55 68.38 42.80
N HIS O 53 13.92 67.52 43.60
CA HIS O 53 13.86 66.09 43.34
C HIS O 53 12.50 65.55 43.67
N ARG O 54 11.75 65.12 42.66
CA ARG O 54 10.35 64.75 42.80
C ARG O 54 10.16 63.31 43.33
N SER O 55 11.01 62.40 42.86
CA SER O 55 10.86 60.96 43.11
C SER O 55 12.06 60.39 43.85
N GLN O 56 13.25 60.60 43.29
CA GLN O 56 14.48 59.95 43.75
C GLN O 56 15.37 60.86 44.60
N PHE O 57 14.81 61.32 45.71
CA PHE O 57 15.53 62.16 46.65
C PHE O 57 16.63 61.37 47.36
N ALA O 58 16.30 60.17 47.82
CA ALA O 58 17.25 59.32 48.54
C ALA O 58 18.53 59.13 47.74
N GLU O 59 18.37 58.76 46.47
CA GLU O 59 19.50 58.59 45.54
C GLU O 59 20.27 59.90 45.34
N ALA O 60 19.55 61.02 45.29
CA ALA O 60 20.17 62.34 45.13
C ALA O 60 20.99 62.73 46.36
N GLN O 61 20.45 62.48 47.54
CA GLN O 61 21.15 62.70 48.79
C GLN O 61 22.45 61.91 48.90
N ARG O 62 22.40 60.68 48.38
CA ARG O 62 23.53 59.76 48.39
C ARG O 62 24.67 60.33 47.55
N LEU O 63 24.33 60.82 46.35
CA LEU O 63 25.32 61.39 45.44
C LEU O 63 25.96 62.66 46.01
N THR O 64 25.14 63.50 46.64
CA THR O 64 25.64 64.70 47.30
C THR O 64 26.61 64.32 48.43
N ALA O 65 26.21 63.34 49.23
CA ALA O 65 27.02 62.83 50.34
C ALA O 65 28.38 62.35 49.84
N ARG O 66 28.37 61.61 48.74
CA ARG O 66 29.59 61.10 48.11
C ARG O 66 30.53 62.22 47.68
N TYR O 67 29.96 63.26 47.06
CA TYR O 67 30.73 64.38 46.52
C TYR O 67 31.42 65.17 47.62
N GLU O 68 30.65 65.48 48.66
CA GLU O 68 31.13 66.29 49.76
C GLU O 68 32.19 65.58 50.60
N ALA O 69 32.08 64.26 50.70
CA ALA O 69 33.05 63.48 51.46
C ALA O 69 34.28 63.08 50.63
N ALA O 70 34.24 63.27 49.31
CA ALA O 70 35.30 62.83 48.41
C ALA O 70 36.71 63.23 48.83
N ARG O 71 36.89 64.49 49.23
CA ARG O 71 38.22 64.94 49.67
C ARG O 71 38.66 64.18 50.92
N GLU O 72 37.77 64.08 51.89
CA GLU O 72 38.08 63.39 53.15
C GLU O 72 38.53 61.96 52.89
N LYS O 73 37.86 61.28 51.95
CA LYS O 73 38.16 59.89 51.64
C LYS O 73 39.55 59.74 51.03
N VAL O 74 39.97 60.70 50.20
CA VAL O 74 41.33 60.71 49.67
C VAL O 74 42.32 60.97 50.80
N ALA O 75 41.96 61.86 51.71
CA ALA O 75 42.80 62.18 52.87
C ALA O 75 43.03 60.95 53.74
N GLN O 76 41.96 60.20 53.98
CA GLN O 76 42.06 58.97 54.78
C GLN O 76 42.98 57.94 54.14
N LEU O 77 42.93 57.81 52.81
CA LEU O 77 43.86 56.88 52.13
C LEU O 77 45.29 57.30 52.28
N LEU O 78 45.57 58.60 52.34
CA LEU O 78 46.94 59.10 52.42
C LEU O 78 47.35 59.48 53.85
N ASN O 79 46.45 59.26 54.81
CA ASN O 79 46.64 59.73 56.18
C ASN O 79 47.03 61.21 56.19
N ALA O 80 46.31 62.02 55.41
CA ALA O 80 46.55 63.46 55.35
C ALA O 80 45.85 64.12 56.53
N PRO O 81 46.43 65.22 57.05
CA PRO O 81 45.89 65.83 58.27
C PRO O 81 44.52 66.48 58.07
N ASP O 82 44.33 67.08 56.90
CA ASP O 82 43.05 67.71 56.57
C ASP O 82 42.72 67.65 55.10
N ASP O 83 41.43 67.72 54.82
CA ASP O 83 40.94 67.50 53.46
C ASP O 83 41.19 68.68 52.51
N LYS O 84 41.55 69.84 53.07
CA LYS O 84 41.87 71.01 52.25
C LYS O 84 43.22 70.89 51.56
N THR O 85 44.02 69.92 51.98
CA THR O 85 45.29 69.65 51.31
C THR O 85 45.12 68.81 50.04
N ILE O 86 43.89 68.41 49.72
CA ILE O 86 43.62 67.62 48.51
C ILE O 86 43.08 68.50 47.40
N VAL O 87 43.66 68.37 46.20
CA VAL O 87 43.26 69.15 45.02
C VAL O 87 42.88 68.23 43.87
N TRP O 88 41.79 68.54 43.18
CA TRP O 88 41.33 67.72 42.04
C TRP O 88 41.99 68.15 40.78
N THR O 89 42.48 67.18 40.01
CA THR O 89 43.08 67.42 38.70
C THR O 89 42.49 66.41 37.73
N ARG O 90 42.97 66.42 36.49
CA ARG O 90 42.51 65.45 35.48
C ARG O 90 43.40 64.21 35.43
N GLY O 91 44.43 64.16 36.28
CA GLY O 91 45.33 63.03 36.34
C GLY O 91 46.68 63.38 36.91
N THR O 92 47.48 62.35 37.17
CA THR O 92 48.85 62.53 37.66
C THR O 92 49.64 63.51 36.80
N THR O 93 49.47 63.42 35.48
CA THR O 93 50.18 64.28 34.54
C THR O 93 49.89 65.76 34.81
N GLU O 94 48.62 66.11 34.98
CA GLU O 94 48.28 67.49 35.26
C GLU O 94 48.81 67.90 36.63
N SER O 95 48.59 67.03 37.63
CA SER O 95 49.07 67.27 38.98
C SER O 95 50.53 67.69 39.00
N ILE O 96 51.37 66.95 38.28
CA ILE O 96 52.80 67.24 38.27
C ILE O 96 53.12 68.53 37.52
N ASN O 97 52.46 68.75 36.39
CA ASN O 97 52.62 69.99 35.64
C ASN O 97 52.26 71.21 36.46
N MET O 98 51.24 71.07 37.32
CA MET O 98 50.81 72.16 38.20
C MET O 98 51.92 72.56 39.17
N VAL O 99 52.51 71.57 39.82
CA VAL O 99 53.63 71.83 40.74
C VAL O 99 54.80 72.50 40.01
N ALA O 100 55.13 72.02 38.81
CA ALA O 100 56.23 72.59 38.02
C ALA O 100 55.99 74.07 37.68
N GLN O 101 54.77 74.40 37.32
CA GLN O 101 54.44 75.74 36.83
C GLN O 101 54.03 76.70 37.93
N CYS O 102 53.30 76.20 38.93
CA CYS O 102 52.78 77.05 40.00
C CYS O 102 53.70 77.15 41.20
N TYR O 103 54.54 76.13 41.43
CA TYR O 103 55.51 76.21 42.51
C TYR O 103 56.92 76.53 42.01
N ALA O 104 57.40 75.75 41.05
CA ALA O 104 58.80 75.81 40.65
C ALA O 104 59.13 77.05 39.83
N ARG O 105 58.35 77.28 38.78
CA ARG O 105 58.68 78.29 37.78
C ARG O 105 58.91 79.70 38.32
N PRO O 106 58.05 80.17 39.24
CA PRO O 106 58.30 81.51 39.78
C PRO O 106 59.47 81.60 40.77
N ARG O 107 59.99 80.45 41.20
CA ARG O 107 61.08 80.41 42.18
C ARG O 107 62.45 80.09 41.59
N LEU O 108 62.50 79.29 40.53
CA LEU O 108 63.78 78.86 39.95
C LEU O 108 64.53 79.99 39.27
N GLN O 109 65.82 80.12 39.60
CA GLN O 109 66.72 81.08 38.99
C GLN O 109 67.70 80.37 38.05
N PRO O 110 68.29 81.10 37.10
CA PRO O 110 69.23 80.48 36.18
C PRO O 110 70.37 79.76 36.90
N GLY O 111 70.64 78.52 36.52
CA GLY O 111 71.65 77.70 37.17
C GLY O 111 71.12 76.75 38.24
N ASP O 112 69.91 77.00 38.73
CA ASP O 112 69.32 76.11 39.74
C ASP O 112 69.13 74.69 39.17
N GLU O 113 69.00 73.72 40.07
CA GLU O 113 69.06 72.32 39.65
C GLU O 113 67.86 71.49 40.12
N ILE O 114 67.36 70.66 39.20
CA ILE O 114 66.25 69.76 39.46
C ILE O 114 66.75 68.33 39.30
N ILE O 115 66.78 67.57 40.39
CA ILE O 115 67.25 66.19 40.33
C ILE O 115 66.07 65.29 40.01
N VAL O 116 66.20 64.50 38.94
CA VAL O 116 65.14 63.60 38.50
C VAL O 116 65.71 62.20 38.26
N SER O 117 65.01 61.18 38.75
CA SER O 117 65.52 59.81 38.61
C SER O 117 65.30 59.27 37.19
N VAL O 118 66.19 58.39 36.74
CA VAL O 118 66.07 57.77 35.41
C VAL O 118 64.86 56.83 35.34
N ALA O 119 64.38 56.38 36.49
CA ALA O 119 63.22 55.49 36.56
C ALA O 119 61.87 56.22 36.46
N GLU O 120 61.89 57.50 36.11
CA GLU O 120 60.67 58.30 36.09
C GLU O 120 59.84 58.10 34.84
N HIS O 121 58.53 58.04 35.03
CA HIS O 121 57.55 58.13 33.96
C HIS O 121 57.69 59.47 33.30
N HIS O 122 57.37 59.53 32.00
CA HIS O 122 57.46 60.79 31.25
C HIS O 122 56.74 61.94 31.93
N ALA O 123 55.63 61.62 32.59
CA ALA O 123 54.85 62.59 33.37
C ALA O 123 55.67 63.29 34.45
N ASN O 124 56.64 62.59 35.03
CA ASN O 124 57.50 63.19 36.05
C ASN O 124 58.90 63.48 35.51
N LEU O 125 59.00 63.70 34.20
CA LEU O 125 60.26 64.12 33.56
C LEU O 125 60.07 65.29 32.60
N VAL O 126 59.13 65.16 31.67
CA VAL O 126 58.95 66.18 30.63
C VAL O 126 58.60 67.57 31.20
N PRO O 127 57.76 67.63 32.24
CA PRO O 127 57.44 68.93 32.84
C PRO O 127 58.65 69.65 33.42
N TRP O 128 59.61 68.89 33.91
CA TRP O 128 60.82 69.46 34.47
C TRP O 128 61.74 69.93 33.38
N LEU O 129 61.78 69.19 32.28
CA LEU O 129 62.55 69.62 31.12
C LEU O 129 61.98 70.94 30.61
N MET O 130 60.66 71.02 30.50
CA MET O 130 59.97 72.22 30.04
C MET O 130 60.26 73.43 30.92
N VAL O 131 60.11 73.26 32.23
CA VAL O 131 60.33 74.36 33.15
C VAL O 131 61.81 74.77 33.18
N ALA O 132 62.70 73.79 33.02
CA ALA O 132 64.13 74.07 32.99
C ALA O 132 64.47 75.03 31.86
N GLN O 133 63.93 74.74 30.69
CA GLN O 133 64.14 75.59 29.52
C GLN O 133 63.56 76.99 29.76
N GLN O 134 62.43 77.06 30.44
CA GLN O 134 61.75 78.32 30.69
C GLN O 134 62.42 79.21 31.73
N THR O 135 63.14 78.61 32.68
CA THR O 135 63.74 79.35 33.79
C THR O 135 65.27 79.45 33.74
N GLY O 136 65.90 78.65 32.87
CA GLY O 136 67.36 78.58 32.82
C GLY O 136 67.94 77.63 33.86
N ALA O 137 67.08 76.81 34.45
CA ALA O 137 67.51 75.78 35.39
C ALA O 137 67.98 74.56 34.60
N LYS O 138 68.55 73.59 35.32
CA LYS O 138 69.08 72.37 34.69
C LYS O 138 68.55 71.12 35.37
N VAL O 139 68.23 70.11 34.55
CA VAL O 139 67.80 68.82 35.07
C VAL O 139 69.03 67.95 35.27
N VAL O 140 69.18 67.40 36.47
CA VAL O 140 70.29 66.52 36.80
C VAL O 140 69.76 65.12 37.04
N LYS O 141 70.42 64.13 36.46
CA LYS O 141 69.98 62.74 36.52
C LYS O 141 70.40 62.03 37.80
N LEU O 142 69.46 61.31 38.42
CA LEU O 142 69.75 60.40 39.52
C LEU O 142 69.67 58.97 39.00
N PRO O 143 70.83 58.30 38.87
CA PRO O 143 70.85 57.00 38.20
C PRO O 143 70.37 55.83 39.06
N LEU O 144 70.30 54.66 38.43
CA LEU O 144 69.92 53.42 39.11
C LEU O 144 71.13 52.80 39.77
N ASN O 145 70.89 52.08 40.87
CA ASN O 145 71.93 51.27 41.51
C ASN O 145 71.96 49.87 40.90
N ALA O 146 72.76 48.99 41.50
CA ALA O 146 72.90 47.60 41.02
C ALA O 146 71.60 46.80 41.10
N GLN O 147 70.70 47.22 42.01
CA GLN O 147 69.41 46.55 42.19
C GLN O 147 68.31 47.14 41.30
N ARG O 148 68.69 48.02 40.38
CA ARG O 148 67.77 48.69 39.45
C ARG O 148 66.75 49.63 40.12
N LEU O 149 67.13 50.19 41.26
CA LEU O 149 66.35 51.24 41.91
C LEU O 149 67.16 52.53 41.86
N PRO O 150 66.48 53.68 41.81
CA PRO O 150 67.13 54.97 41.94
C PRO O 150 68.11 55.00 43.12
N ASP O 151 69.35 55.39 42.84
CA ASP O 151 70.44 55.27 43.80
C ASP O 151 70.38 56.37 44.86
N VAL O 152 69.55 56.15 45.87
CA VAL O 152 69.30 57.14 46.92
C VAL O 152 70.55 57.40 47.77
N ASP O 153 71.44 56.42 47.90
CA ASP O 153 72.67 56.62 48.66
C ASP O 153 73.66 57.55 47.94
N LEU O 154 73.50 57.68 46.63
CA LEU O 154 74.32 58.59 45.82
C LEU O 154 73.86 60.05 45.94
N LEU O 155 72.66 60.24 46.48
CA LEU O 155 71.97 61.54 46.47
C LEU O 155 72.76 62.67 47.13
N PRO O 156 73.37 62.43 48.31
CA PRO O 156 74.19 63.49 48.90
C PRO O 156 75.28 64.02 47.96
N GLU O 157 75.84 63.16 47.13
CA GLU O 157 76.89 63.56 46.20
C GLU O 157 76.35 64.36 45.00
N LEU O 158 75.11 64.09 44.60
CA LEU O 158 74.49 64.83 43.51
C LEU O 158 73.94 66.18 43.97
N ILE O 159 73.56 66.29 45.25
CA ILE O 159 73.06 67.53 45.81
C ILE O 159 74.16 68.58 45.94
N THR O 160 73.91 69.75 45.38
CA THR O 160 74.81 70.89 45.48
C THR O 160 74.04 72.06 46.09
N PRO O 161 74.71 73.20 46.35
CA PRO O 161 73.99 74.36 46.87
C PRO O 161 72.91 74.92 45.94
N ARG O 162 72.89 74.49 44.68
CA ARG O 162 71.94 74.97 43.69
C ARG O 162 70.76 74.00 43.47
N SER O 163 70.75 72.91 44.22
CA SER O 163 69.68 71.92 44.13
C SER O 163 68.42 72.46 44.82
N ARG O 164 67.29 72.32 44.15
CA ARG O 164 66.03 72.90 44.62
C ARG O 164 64.89 71.89 44.66
N ILE O 165 64.81 71.03 43.64
CA ILE O 165 63.71 70.09 43.52
C ILE O 165 64.17 68.66 43.29
N LEU O 166 63.48 67.72 43.92
CA LEU O 166 63.71 66.29 43.74
C LEU O 166 62.43 65.66 43.17
N ALA O 167 62.48 65.25 41.90
CA ALA O 167 61.38 64.54 41.26
C ALA O 167 61.67 63.03 41.34
N LEU O 168 60.82 62.29 42.04
CA LEU O 168 61.08 60.88 42.35
C LEU O 168 59.79 60.07 42.36
N GLY O 169 59.81 58.90 41.73
CA GLY O 169 58.64 58.03 41.69
C GLY O 169 58.59 57.10 42.90
N GLN O 170 57.39 56.91 43.43
CA GLN O 170 57.19 55.98 44.55
C GLN O 170 57.36 54.55 44.07
N MET O 171 56.90 54.28 42.84
CA MET O 171 56.90 52.95 42.27
C MET O 171 56.99 53.05 40.76
N SER O 172 57.97 52.37 40.18
CA SER O 172 58.13 52.32 38.72
C SER O 172 57.01 51.51 38.08
N ASN O 173 56.55 51.96 36.92
CA ASN O 173 55.52 51.25 36.16
C ASN O 173 56.11 50.14 35.28
N VAL O 174 57.44 50.02 35.29
CA VAL O 174 58.14 48.99 34.53
C VAL O 174 58.63 47.88 35.44
N THR O 175 59.49 48.24 36.41
CA THR O 175 60.07 47.27 37.33
C THR O 175 59.20 46.97 38.55
N GLY O 176 58.24 47.85 38.83
CA GLY O 176 57.46 47.76 40.07
C GLY O 176 58.27 48.06 41.32
N GLY O 177 59.46 48.64 41.12
CA GLY O 177 60.40 48.86 42.21
C GLY O 177 60.15 50.17 42.93
N CYS O 178 60.22 50.11 44.26
CA CYS O 178 60.06 51.29 45.11
C CYS O 178 61.41 51.65 45.74
N PRO O 179 61.92 52.86 45.46
CA PRO O 179 63.16 53.27 46.13
C PRO O 179 62.95 53.61 47.61
N ASP O 180 64.04 53.79 48.35
CA ASP O 180 63.95 54.14 49.77
C ASP O 180 63.53 55.60 49.92
N LEU O 181 62.22 55.81 49.83
CA LEU O 181 61.65 57.15 49.76
C LEU O 181 61.86 57.94 51.06
N ALA O 182 61.73 57.26 52.20
CA ALA O 182 61.91 57.91 53.50
C ALA O 182 63.30 58.55 53.59
N ARG O 183 64.33 57.80 53.22
CA ARG O 183 65.70 58.29 53.28
C ARG O 183 65.91 59.43 52.29
N ALA O 184 65.43 59.23 51.06
CA ALA O 184 65.53 60.24 50.01
C ALA O 184 65.03 61.59 50.50
N ILE O 185 63.85 61.58 51.13
CA ILE O 185 63.23 62.81 51.62
C ILE O 185 64.05 63.48 52.70
N THR O 186 64.63 62.69 53.60
CA THR O 186 65.51 63.24 54.64
C THR O 186 66.69 64.00 54.05
N PHE O 187 67.28 63.44 53.00
CA PHE O 187 68.41 64.09 52.33
C PHE O 187 67.99 65.38 51.64
N ALA O 188 66.86 65.33 50.94
CA ALA O 188 66.34 66.49 50.21
C ALA O 188 66.01 67.62 51.16
N HIS O 189 65.38 67.30 52.28
CA HIS O 189 64.95 68.30 53.25
C HIS O 189 66.09 68.93 53.99
N SER O 190 67.16 68.16 54.21
CA SER O 190 68.39 68.69 54.77
C SER O 190 68.98 69.76 53.86
N ALA O 191 68.85 69.57 52.56
CA ALA O 191 69.36 70.53 51.58
C ALA O 191 68.33 71.62 51.23
N GLY O 192 67.24 71.69 51.99
CA GLY O 192 66.19 72.67 51.74
C GLY O 192 65.47 72.50 50.40
N MET O 193 65.41 71.28 49.90
CA MET O 193 64.74 71.01 48.63
C MET O 193 63.29 70.61 48.88
N VAL O 194 62.47 70.65 47.83
CA VAL O 194 61.10 70.15 47.91
C VAL O 194 60.97 68.92 47.03
N VAL O 195 60.19 67.95 47.47
CA VAL O 195 60.11 66.65 46.81
C VAL O 195 58.75 66.45 46.12
N MET O 196 58.79 66.13 44.82
CA MET O 196 57.60 65.76 44.06
C MET O 196 57.59 64.24 43.92
N VAL O 197 56.60 63.60 44.52
CA VAL O 197 56.48 62.15 44.45
C VAL O 197 55.36 61.74 43.49
N ASP O 198 55.72 60.97 42.47
CA ASP O 198 54.75 60.42 41.53
C ASP O 198 54.24 59.11 42.12
N GLY O 199 52.97 59.10 42.52
CA GLY O 199 52.37 57.93 43.17
C GLY O 199 51.31 57.25 42.33
N ALA O 200 51.38 57.40 41.01
CA ALA O 200 50.37 56.82 40.13
C ALA O 200 50.20 55.33 40.34
N GLN O 201 51.32 54.62 40.50
CA GLN O 201 51.31 53.19 40.80
C GLN O 201 51.26 52.95 42.30
N GLY O 202 52.08 53.69 43.05
CA GLY O 202 52.21 53.51 44.48
C GLY O 202 50.93 53.65 45.27
N ALA O 203 50.06 54.57 44.83
CA ALA O 203 48.78 54.77 45.48
C ALA O 203 47.91 53.51 45.43
N VAL O 204 48.06 52.74 44.35
CA VAL O 204 47.26 51.54 44.13
C VAL O 204 47.74 50.36 44.98
N HIS O 205 49.05 50.26 45.20
CA HIS O 205 49.66 49.09 45.83
C HIS O 205 50.18 49.32 47.22
N PHE O 206 50.79 50.48 47.46
CA PHE O 206 51.34 50.84 48.77
C PHE O 206 51.03 52.31 49.07
N PRO O 207 49.77 52.63 49.35
CA PRO O 207 49.41 54.04 49.45
C PRO O 207 50.25 54.74 50.51
N ALA O 208 50.86 55.86 50.15
CA ALA O 208 51.84 56.52 51.00
C ALA O 208 51.22 57.28 52.16
N ASP O 209 51.77 57.09 53.35
CA ASP O 209 51.42 57.90 54.52
C ASP O 209 52.20 59.21 54.43
N VAL O 210 51.51 60.26 53.99
CA VAL O 210 52.17 61.54 53.66
C VAL O 210 52.76 62.26 54.86
N GLN O 211 52.15 62.08 56.03
CA GLN O 211 52.64 62.70 57.26
C GLN O 211 53.89 61.99 57.76
N GLN O 212 53.81 60.66 57.85
CA GLN O 212 54.91 59.85 58.33
C GLN O 212 56.13 60.03 57.43
N LEU O 213 55.91 59.92 56.11
CA LEU O 213 56.98 60.12 55.13
C LEU O 213 57.41 61.58 54.96
N ASP O 214 56.55 62.52 55.37
CA ASP O 214 56.82 63.95 55.25
C ASP O 214 56.88 64.41 53.79
N ILE O 215 56.02 63.84 52.96
CA ILE O 215 55.98 64.15 51.54
C ILE O 215 55.48 65.57 51.31
N ASP O 216 56.16 66.29 50.43
CA ASP O 216 55.77 67.66 50.09
C ASP O 216 54.60 67.66 49.11
N PHE O 217 54.78 66.95 48.00
CA PHE O 217 53.74 66.82 46.97
C PHE O 217 53.57 65.36 46.58
N TYR O 218 52.34 64.97 46.30
CA TYR O 218 52.04 63.59 45.95
C TYR O 218 50.91 63.55 44.92
N ALA O 219 51.09 62.78 43.86
CA ALA O 219 50.10 62.75 42.76
C ALA O 219 49.70 61.32 42.39
N PHE O 220 48.43 61.12 42.06
CA PHE O 220 47.99 59.86 41.46
C PHE O 220 46.76 60.01 40.57
N SER O 221 46.41 58.93 39.88
CA SER O 221 45.31 58.94 38.91
C SER O 221 44.18 58.01 39.36
N GLY O 222 42.95 58.46 39.15
CA GLY O 222 41.78 57.70 39.58
C GLY O 222 41.56 56.39 38.83
N HIS O 223 41.92 56.35 37.56
CA HIS O 223 41.65 55.17 36.72
C HIS O 223 42.49 53.97 37.06
N LYS O 224 43.68 54.21 37.61
CA LYS O 224 44.52 53.11 38.10
C LYS O 224 44.02 52.63 39.44
N LEU O 225 43.27 53.48 40.14
CA LEU O 225 42.75 53.17 41.46
C LEU O 225 41.31 52.66 41.40
N TYR O 226 41.02 51.83 40.40
CA TYR O 226 39.70 51.19 40.22
C TYR O 226 38.59 52.22 40.05
N GLY O 227 38.93 53.38 39.52
CA GLY O 227 38.02 54.51 39.45
C GLY O 227 37.86 55.07 38.06
N PRO O 228 37.19 56.22 37.95
CA PRO O 228 36.87 56.80 36.64
C PRO O 228 38.07 57.41 35.94
N THR O 229 37.95 57.60 34.63
CA THR O 229 38.94 58.32 33.85
C THR O 229 38.71 59.82 34.01
N GLY O 230 39.70 60.61 33.63
CA GLY O 230 39.58 62.07 33.65
C GLY O 230 39.58 62.70 35.04
N ILE O 231 40.10 61.98 36.03
CA ILE O 231 40.17 62.51 37.40
C ILE O 231 41.45 62.06 38.08
N GLY O 232 42.10 63.01 38.74
CA GLY O 232 43.34 62.77 39.45
C GLY O 232 43.45 63.66 40.67
N VAL O 233 44.47 63.40 41.46
CA VAL O 233 44.64 64.09 42.71
C VAL O 233 46.03 64.70 42.83
N LEU O 234 46.10 65.89 43.44
CA LEU O 234 47.36 66.43 43.90
C LEU O 234 47.23 66.69 45.39
N TYR O 235 48.03 66.00 46.19
CA TYR O 235 48.18 66.35 47.59
C TYR O 235 49.35 67.31 47.74
N GLY O 236 49.17 68.31 48.60
CA GLY O 236 50.26 69.19 48.98
C GLY O 236 50.13 69.64 50.41
N LYS O 237 51.28 69.87 51.07
CA LYS O 237 51.28 70.52 52.37
C LYS O 237 50.63 71.88 52.22
N SER O 238 49.85 72.29 53.21
CA SER O 238 49.05 73.51 53.08
C SER O 238 49.90 74.76 52.83
N GLU O 239 51.06 74.84 53.47
CA GLU O 239 51.98 75.96 53.27
C GLU O 239 52.41 76.07 51.81
N LEU O 240 52.62 74.92 51.19
CA LEU O 240 53.06 74.85 49.80
C LEU O 240 51.93 75.17 48.83
N LEU O 241 50.72 74.70 49.13
CA LEU O 241 49.56 75.03 48.32
C LEU O 241 49.27 76.53 48.39
N GLU O 242 49.47 77.11 49.58
CA GLU O 242 49.29 78.54 49.77
C GLU O 242 50.36 79.33 49.00
N ALA O 243 51.57 78.79 48.95
CA ALA O 243 52.67 79.44 48.22
C ALA O 243 52.52 79.39 46.71
N MET O 244 51.76 78.42 46.22
CA MET O 244 51.61 78.24 44.77
C MET O 244 50.84 79.37 44.13
N SER O 245 51.21 79.70 42.90
CA SER O 245 50.48 80.64 42.07
C SER O 245 49.20 79.98 41.60
N PRO O 246 48.24 80.79 41.12
CA PRO O 246 47.05 80.17 40.53
C PRO O 246 47.41 79.37 39.28
N TRP O 247 46.63 78.33 39.02
CA TRP O 247 46.90 77.44 37.90
C TRP O 247 46.15 77.96 36.71
N LEU O 248 44.95 77.46 36.45
CA LEU O 248 44.13 78.01 35.37
C LEU O 248 43.32 79.17 35.91
N GLY O 249 42.99 80.11 35.05
CA GLY O 249 42.16 81.25 35.41
C GLY O 249 40.73 81.05 34.98
N GLY O 250 39.78 81.48 35.82
CA GLY O 250 38.37 81.42 35.45
C GLY O 250 37.43 81.45 36.65
N GLY O 251 36.24 80.86 36.46
CA GLY O 251 35.26 80.78 37.53
C GLY O 251 35.70 79.89 38.67
N LYS O 252 35.09 80.09 39.83
CA LYS O 252 35.31 79.29 41.04
C LYS O 252 36.61 79.64 41.77
N MET O 253 37.71 79.72 41.04
CA MET O 253 39.00 80.07 41.63
C MET O 253 39.13 81.55 41.99
N VAL O 254 38.36 82.40 41.32
CA VAL O 254 38.42 83.84 41.60
C VAL O 254 37.53 84.23 42.75
N HIS O 255 37.88 85.32 43.42
CA HIS O 255 37.07 85.88 44.48
C HIS O 255 36.38 87.11 43.94
N GLU O 256 37.17 88.09 43.52
CA GLU O 256 36.64 89.31 42.93
C GLU O 256 37.39 89.64 41.64
N VAL O 257 36.65 90.09 40.63
CA VAL O 257 37.22 90.43 39.32
C VAL O 257 36.74 91.76 38.79
N SER O 258 37.69 92.56 38.34
CA SER O 258 37.40 93.79 37.60
C SER O 258 38.40 93.87 36.47
N PHE O 259 38.28 94.91 35.64
CA PHE O 259 39.24 95.12 34.56
C PHE O 259 40.59 95.61 35.05
N ASP O 260 40.67 96.00 36.31
CA ASP O 260 41.92 96.44 36.91
C ASP O 260 42.69 95.29 37.55
N GLY O 261 42.03 94.16 37.79
CA GLY O 261 42.69 92.99 38.35
C GLY O 261 41.74 92.02 39.03
N PHE O 262 42.30 91.05 39.74
CA PHE O 262 41.48 90.05 40.42
C PHE O 262 42.16 89.49 41.66
N THR O 263 41.34 89.00 42.58
CA THR O 263 41.82 88.25 43.74
C THR O 263 41.29 86.82 43.65
N THR O 264 41.99 85.89 44.30
CA THR O 264 41.61 84.47 44.23
C THR O 264 41.12 83.93 45.56
N GLN O 265 40.50 82.76 45.52
CA GLN O 265 40.15 82.04 46.72
C GLN O 265 41.43 81.48 47.34
N SER O 266 41.29 80.80 48.48
CA SER O 266 42.39 80.01 49.05
C SER O 266 42.45 78.65 48.38
N ALA O 267 43.51 77.91 48.65
CA ALA O 267 43.58 76.51 48.23
C ALA O 267 42.57 75.69 49.04
N PRO O 268 42.05 74.61 48.43
CA PRO O 268 42.38 74.10 47.11
C PRO O 268 41.65 74.80 45.95
N TRP O 269 40.65 75.63 46.25
CA TRP O 269 39.81 76.22 45.21
C TRP O 269 40.58 77.16 44.31
N LYS O 270 41.62 77.77 44.86
CA LYS O 270 42.55 78.60 44.09
C LYS O 270 43.09 77.87 42.87
N LEU O 271 43.26 76.55 42.98
CA LEU O 271 43.88 75.74 41.94
C LEU O 271 42.88 74.96 41.08
N GLU O 272 41.59 75.23 41.23
CA GLU O 272 40.54 74.47 40.57
C GLU O 272 39.59 75.37 39.80
N ALA O 273 40.03 75.84 38.63
CA ALA O 273 39.19 76.73 37.82
C ALA O 273 38.13 75.96 37.05
N GLY O 274 36.97 76.59 36.84
CA GLY O 274 35.95 76.03 35.97
C GLY O 274 35.07 75.00 36.62
N THR O 275 34.08 74.52 35.87
CA THR O 275 33.22 73.46 36.37
C THR O 275 34.06 72.21 36.57
N PRO O 276 34.01 71.63 37.79
CA PRO O 276 34.79 70.43 38.02
C PRO O 276 34.22 69.19 37.33
N ASN O 277 35.05 68.18 37.13
CA ASN O 277 34.57 66.89 36.62
C ASN O 277 33.85 66.17 37.76
N VAL O 278 32.59 66.54 37.95
CA VAL O 278 31.79 66.04 39.08
C VAL O 278 31.61 64.54 38.99
N ALA O 279 31.43 64.03 37.79
CA ALA O 279 31.32 62.58 37.58
C ALA O 279 32.55 61.86 38.11
N GLY O 280 33.72 62.38 37.77
CA GLY O 280 34.98 61.78 38.21
C GLY O 280 35.13 61.75 39.71
N VAL O 281 34.82 62.89 40.35
CA VAL O 281 34.94 63.01 41.80
C VAL O 281 34.00 62.05 42.52
N ILE O 282 32.74 62.03 42.10
CA ILE O 282 31.75 61.14 42.68
C ILE O 282 32.16 59.68 42.50
N GLY O 283 32.57 59.33 41.28
CA GLY O 283 32.99 57.97 40.97
C GLY O 283 34.23 57.53 41.71
N LEU O 284 35.18 58.45 41.87
CA LEU O 284 36.39 58.19 42.64
C LEU O 284 36.05 57.99 44.12
N SER O 285 35.09 58.77 44.60
CA SER O 285 34.61 58.64 45.97
C SER O 285 34.00 57.26 46.19
N ALA O 286 33.21 56.81 45.21
CA ALA O 286 32.62 55.48 45.25
C ALA O 286 33.70 54.41 45.31
N ALA O 287 34.75 54.59 44.50
CA ALA O 287 35.88 53.66 44.49
C ALA O 287 36.58 53.61 45.85
N LEU O 288 36.83 54.77 46.42
CA LEU O 288 37.54 54.84 47.69
C LEU O 288 36.72 54.26 48.84
N GLU O 289 35.44 54.61 48.91
CA GLU O 289 34.58 54.08 49.96
C GLU O 289 34.58 52.55 49.91
N TRP O 290 34.49 52.04 48.70
CA TRP O 290 34.49 50.60 48.47
C TRP O 290 35.81 49.98 48.81
N LEU O 291 36.90 50.59 48.36
CA LEU O 291 38.25 50.09 48.61
C LEU O 291 38.57 50.03 50.11
N ALA O 292 38.01 50.97 50.86
CA ALA O 292 38.22 51.05 52.31
C ALA O 292 37.83 49.77 53.08
N ASP O 293 37.02 48.91 52.46
CA ASP O 293 36.58 47.66 53.08
C ASP O 293 37.67 46.58 53.16
N TYR O 294 38.70 46.70 52.33
CA TYR O 294 39.71 45.65 52.23
C TYR O 294 41.06 46.11 52.80
N ASP O 295 41.78 45.19 53.42
CA ASP O 295 43.16 45.47 53.84
C ASP O 295 44.07 45.41 52.61
N ILE O 296 44.54 46.58 52.19
CA ILE O 296 45.39 46.69 51.00
C ILE O 296 46.67 45.86 51.11
N ASN O 297 47.21 45.76 52.32
CA ASN O 297 48.42 44.99 52.56
C ASN O 297 48.20 43.52 52.20
N GLN O 298 47.06 42.97 52.59
CA GLN O 298 46.70 41.59 52.27
C GLN O 298 46.40 41.42 50.80
N ALA O 299 45.68 42.40 50.25
CA ALA O 299 45.31 42.37 48.83
C ALA O 299 46.54 42.48 47.94
N GLU O 300 47.53 43.24 48.38
CA GLU O 300 48.76 43.39 47.60
C GLU O 300 49.62 42.13 47.70
N SER O 301 49.69 41.55 48.89
CA SER O 301 50.41 40.28 49.08
C SER O 301 49.89 39.23 48.11
N TRP O 302 48.57 39.14 47.98
CA TRP O 302 47.96 38.21 47.05
C TRP O 302 48.42 38.48 45.65
N SER O 303 48.31 39.73 45.21
CA SER O 303 48.74 40.14 43.86
C SER O 303 50.19 39.74 43.59
N ARG O 304 51.04 39.93 44.59
CA ARG O 304 52.45 39.60 44.47
C ARG O 304 52.70 38.09 44.40
N SER O 305 51.95 37.33 45.19
CA SER O 305 52.03 35.86 45.16
C SER O 305 51.85 35.32 43.75
N LEU O 306 50.87 35.86 43.03
CA LEU O 306 50.57 35.42 41.67
C LEU O 306 51.69 35.82 40.71
N ALA O 307 52.24 37.02 40.90
CA ALA O 307 53.34 37.49 40.08
C ALA O 307 54.58 36.60 40.27
N THR O 308 54.80 36.13 41.50
CA THR O 308 55.94 35.27 41.80
C THR O 308 55.81 33.91 41.13
N LEU O 309 54.61 33.33 41.19
CA LEU O 309 54.33 32.06 40.52
C LEU O 309 54.54 32.19 39.01
N ALA O 310 54.08 33.30 38.45
CA ALA O 310 54.25 33.58 37.02
C ALA O 310 55.72 33.64 36.63
N GLU O 311 56.52 34.36 37.41
CA GLU O 311 57.95 34.56 37.13
C GLU O 311 58.73 33.25 37.22
N ASP O 312 58.52 32.51 38.29
CA ASP O 312 59.22 31.25 38.51
C ASP O 312 58.89 30.23 37.42
N ALA O 313 57.63 30.19 37.00
CA ALA O 313 57.19 29.28 35.95
C ALA O 313 57.80 29.64 34.60
N LEU O 314 57.74 30.92 34.25
CA LEU O 314 58.29 31.40 32.97
C LEU O 314 59.81 31.29 32.93
N ALA O 315 60.45 31.42 34.09
CA ALA O 315 61.91 31.29 34.21
C ALA O 315 62.44 29.91 33.78
N LYS O 316 61.58 28.89 33.82
CA LYS O 316 61.97 27.55 33.36
C LYS O 316 62.14 27.48 31.85
N ARG O 317 61.51 28.41 31.12
CA ARG O 317 61.66 28.50 29.67
C ARG O 317 62.98 29.20 29.36
N PRO O 318 63.78 28.65 28.43
CA PRO O 318 65.08 29.27 28.19
C PRO O 318 64.98 30.56 27.39
N GLY O 319 65.92 31.48 27.60
CA GLY O 319 65.92 32.79 26.97
C GLY O 319 65.07 33.82 27.71
N PHE O 320 64.57 33.44 28.88
CA PHE O 320 63.70 34.31 29.66
C PHE O 320 64.51 35.31 30.48
N ARG O 321 64.00 36.53 30.57
CA ARG O 321 64.59 37.57 31.41
C ARG O 321 63.51 38.42 32.07
N SER O 322 63.66 38.66 33.36
CA SER O 322 62.73 39.50 34.12
C SER O 322 63.41 40.78 34.59
N PHE O 323 62.66 41.88 34.61
CA PHE O 323 63.14 43.16 35.12
C PHE O 323 62.47 43.53 36.43
N ARG O 324 61.81 42.56 37.06
CA ARG O 324 60.95 42.80 38.21
C ARG O 324 61.76 42.97 39.51
N CYS O 325 61.41 43.98 40.29
CA CYS O 325 62.08 44.28 41.55
C CYS O 325 61.20 44.01 42.77
N GLN O 326 61.84 43.68 43.89
CA GLN O 326 61.18 43.58 45.19
C GLN O 326 59.93 42.70 45.18
N ASP O 327 59.95 41.65 44.36
CA ASP O 327 58.82 40.75 44.20
C ASP O 327 57.50 41.48 44.00
N SER O 328 57.48 42.48 43.13
CA SER O 328 56.29 43.30 42.94
C SER O 328 55.20 42.57 42.14
N SER O 329 54.01 43.18 42.12
CA SER O 329 52.89 42.67 41.36
C SER O 329 52.99 42.99 39.87
N LEU O 330 53.96 43.84 39.50
CA LEU O 330 54.24 44.14 38.10
C LEU O 330 55.37 43.27 37.60
N LEU O 331 55.16 42.60 36.47
CA LEU O 331 56.17 41.71 35.90
C LEU O 331 56.53 42.11 34.48
N ALA O 332 57.62 42.87 34.33
CA ALA O 332 58.15 43.19 33.01
C ALA O 332 59.12 42.11 32.59
N PHE O 333 59.06 41.70 31.34
CA PHE O 333 59.93 40.62 30.86
C PHE O 333 60.08 40.59 29.35
N ASP O 334 61.00 39.73 28.89
CA ASP O 334 61.15 39.43 27.47
C ASP O 334 61.80 38.07 27.23
N PHE O 335 61.85 37.66 25.96
CA PHE O 335 62.46 36.40 25.56
C PHE O 335 63.46 36.63 24.44
N ALA O 336 64.65 36.07 24.60
CA ALA O 336 65.73 36.25 23.62
C ALA O 336 65.27 35.89 22.20
N GLY O 337 65.47 36.83 21.28
CA GLY O 337 65.19 36.61 19.86
C GLY O 337 63.73 36.75 19.46
N VAL O 338 62.88 37.11 20.41
CA VAL O 338 61.45 37.17 20.18
C VAL O 338 60.97 38.61 20.39
N HIS O 339 60.35 39.18 19.36
CA HIS O 339 59.89 40.56 19.43
C HIS O 339 58.63 40.68 20.24
N HIS O 340 58.58 41.67 21.11
CA HIS O 340 57.49 41.82 22.08
C HIS O 340 56.14 42.08 21.44
N SER O 341 56.14 42.82 20.33
CA SER O 341 54.90 43.08 19.59
C SER O 341 54.26 41.81 19.06
N ASP O 342 55.07 40.87 18.58
CA ASP O 342 54.56 39.59 18.10
C ASP O 342 53.90 38.80 19.21
N MET O 343 54.57 38.76 20.36
CA MET O 343 54.09 38.04 21.55
C MET O 343 52.73 38.55 22.00
N VAL O 344 52.57 39.87 22.04
CA VAL O 344 51.34 40.48 22.53
C VAL O 344 50.15 40.13 21.64
N THR O 345 50.38 40.13 20.33
CA THR O 345 49.33 39.80 19.36
C THR O 345 48.84 38.38 19.59
N LEU O 346 49.77 37.44 19.70
CA LEU O 346 49.41 36.04 19.87
C LEU O 346 48.79 35.74 21.23
N LEU O 347 49.33 36.36 22.29
CA LEU O 347 48.75 36.17 23.63
C LEU O 347 47.31 36.67 23.69
N ALA O 348 47.03 37.76 22.97
CA ALA O 348 45.68 38.27 22.85
C ALA O 348 44.78 37.18 22.27
N GLU O 349 45.22 36.58 21.18
CA GLU O 349 44.47 35.53 20.50
C GLU O 349 44.20 34.33 21.39
N TYR O 350 45.09 34.08 22.35
CA TYR O 350 44.89 32.99 23.32
C TYR O 350 44.05 33.41 24.53
N GLY O 351 43.59 34.66 24.53
CA GLY O 351 42.69 35.15 25.56
C GLY O 351 43.37 35.83 26.73
N ILE O 352 44.63 36.24 26.54
CA ILE O 352 45.40 36.91 27.56
C ILE O 352 45.61 38.34 27.12
N ALA O 353 45.18 39.29 27.94
CA ALA O 353 45.29 40.71 27.62
C ALA O 353 46.41 41.36 28.44
N LEU O 354 47.46 41.78 27.75
CA LEU O 354 48.56 42.47 28.41
C LEU O 354 49.11 43.57 27.50
N ARG O 355 50.21 44.19 27.91
CA ARG O 355 50.76 45.33 27.20
C ARG O 355 52.23 45.15 26.85
N ALA O 356 52.59 45.65 25.66
CA ALA O 356 53.98 45.73 25.22
C ALA O 356 54.30 47.18 24.89
N GLY O 357 55.58 47.47 24.63
CA GLY O 357 56.01 48.83 24.26
C GLY O 357 57.01 49.43 25.24
N GLN O 358 57.05 50.77 25.27
CA GLN O 358 58.05 51.51 26.06
C GLN O 358 57.53 51.98 27.43
N HIS O 359 56.21 51.96 27.61
CA HIS O 359 55.58 52.27 28.90
C HIS O 359 55.88 53.67 29.40
N CSS O 360 55.92 54.62 28.46
CA CSS O 360 56.27 56.01 28.75
CB CSS O 360 55.07 56.77 29.35
SG CSS O 360 53.76 56.97 28.18
SD CSS O 360 54.68 57.86 26.58
C CSS O 360 57.44 56.10 29.68
O CSS O 360 57.41 56.81 30.69
N ALA O 361 58.50 55.34 29.36
CA ALA O 361 59.70 55.28 30.20
C ALA O 361 60.95 55.00 29.37
N GLN O 362 61.23 55.87 28.40
CA GLN O 362 62.34 55.68 27.48
C GLN O 362 63.73 55.67 28.13
N PRO O 363 64.03 56.66 28.99
CA PRO O 363 65.35 56.67 29.64
C PRO O 363 65.64 55.41 30.46
N LEU O 364 64.64 54.89 31.16
CA LEU O 364 64.81 53.68 31.96
C LEU O 364 65.18 52.48 31.07
N LEU O 365 64.41 52.30 30.00
CA LEU O 365 64.66 51.19 29.07
C LEU O 365 66.02 51.30 28.38
N ALA O 366 66.44 52.54 28.08
CA ALA O 366 67.78 52.79 27.53
C ALA O 366 68.86 52.39 28.54
N GLU O 367 68.61 52.67 29.81
CA GLU O 367 69.48 52.24 30.91
C GLU O 367 69.54 50.73 30.98
N LEU O 368 68.38 50.11 30.83
CA LEU O 368 68.28 48.65 30.87
C LEU O 368 68.77 48.01 29.58
N GLY O 369 69.01 48.83 28.55
CA GLY O 369 69.58 48.34 27.31
C GLY O 369 68.57 47.64 26.41
N VAL O 370 67.31 48.04 26.51
CA VAL O 370 66.25 47.51 25.64
C VAL O 370 65.39 48.63 25.09
N THR O 371 64.74 48.36 23.96
CA THR O 371 63.88 49.35 23.29
C THR O 371 62.41 49.17 23.67
N GLY O 372 62.08 48.02 24.26
CA GLY O 372 60.73 47.78 24.73
C GLY O 372 60.61 46.46 25.46
N THR O 373 59.47 46.25 26.11
CA THR O 373 59.25 45.04 26.91
C THR O 373 57.77 44.64 26.94
N LEU O 374 57.54 43.38 27.27
CA LEU O 374 56.22 42.87 27.59
C LEU O 374 56.00 43.17 29.09
N ARG O 375 54.75 43.45 29.48
CA ARG O 375 54.44 43.68 30.89
C ARG O 375 53.12 43.05 31.29
N ALA O 376 53.19 42.15 32.25
CA ALA O 376 52.01 41.56 32.88
C ALA O 376 51.89 42.15 34.28
N SER O 377 50.73 42.72 34.59
CA SER O 377 50.52 43.33 35.90
C SER O 377 49.32 42.68 36.57
N PHE O 378 49.53 42.25 37.81
CA PHE O 378 48.57 41.46 38.55
C PHE O 378 47.80 42.31 39.56
N ALA O 379 46.48 42.17 39.55
CA ALA O 379 45.60 42.84 40.50
C ALA O 379 44.99 41.81 41.45
N PRO O 380 44.36 42.27 42.54
CA PRO O 380 43.72 41.31 43.47
C PRO O 380 42.49 40.57 42.90
N TYR O 381 42.01 40.98 41.73
CA TYR O 381 40.94 40.24 41.05
C TYR O 381 41.47 39.14 40.13
N ASN O 382 42.78 38.88 40.16
CA ASN O 382 43.35 37.78 39.39
C ASN O 382 43.44 36.49 40.24
N THR O 383 43.61 35.36 39.56
CA THR O 383 43.60 34.03 40.18
C THR O 383 44.83 33.23 39.79
N LYS O 384 45.00 32.04 40.37
CA LYS O 384 46.06 31.12 39.95
C LYS O 384 45.78 30.58 38.56
N SER O 385 44.50 30.39 38.22
CA SER O 385 44.13 29.95 36.88
C SER O 385 44.66 30.92 35.82
N ASP O 386 44.66 32.21 36.16
CA ASP O 386 45.19 33.23 35.27
C ASP O 386 46.67 32.99 35.00
N VAL O 387 47.43 32.68 36.04
CA VAL O 387 48.86 32.44 35.91
C VAL O 387 49.12 31.23 35.00
N ASP O 388 48.40 30.14 35.23
CA ASP O 388 48.53 28.95 34.41
C ASP O 388 48.21 29.24 32.94
N ALA O 389 47.15 30.01 32.73
CA ALA O 389 46.73 30.37 31.37
C ALA O 389 47.80 31.20 30.66
N LEU O 390 48.42 32.11 31.40
CA LEU O 390 49.52 32.91 30.87
C LEU O 390 50.68 32.03 30.45
N VAL O 391 51.11 31.17 31.37
CA VAL O 391 52.25 30.30 31.14
C VAL O 391 51.98 29.42 29.93
N ASN O 392 50.79 28.82 29.88
CA ASN O 392 50.41 27.95 28.76
C ASN O 392 50.38 28.71 27.45
N ALA O 393 49.83 29.91 27.46
CA ALA O 393 49.75 30.73 26.24
C ALA O 393 51.15 31.07 25.70
N VAL O 394 52.06 31.42 26.59
CA VAL O 394 53.44 31.74 26.20
C VAL O 394 54.08 30.56 25.46
N ASP O 395 53.91 29.35 26.00
CA ASP O 395 54.44 28.14 25.36
C ASP O 395 53.94 28.01 23.93
N ARG O 396 52.64 28.17 23.75
CA ARG O 396 52.00 28.06 22.43
C ARG O 396 52.55 29.15 21.52
N ALA O 397 52.66 30.37 22.05
CA ALA O 397 53.20 31.50 21.30
C ALA O 397 54.65 31.21 20.87
N LEU O 398 55.48 30.76 21.81
CA LEU O 398 56.89 30.50 21.53
C LEU O 398 57.07 29.46 20.44
N GLU O 399 56.23 28.42 20.46
CA GLU O 399 56.30 27.36 19.45
C GLU O 399 55.99 27.86 18.05
N LEU O 400 55.12 28.87 17.95
CA LEU O 400 54.81 29.48 16.65
C LEU O 400 55.91 30.42 16.19
N LEU O 401 56.54 31.11 17.14
CA LEU O 401 57.51 32.17 16.83
C LEU O 401 58.96 31.67 16.76
N VAL O 402 59.31 30.65 17.52
CA VAL O 402 60.61 30.02 17.33
C VAL O 402 60.67 29.46 15.90
N ASP O 403 61.78 29.71 15.22
CA ASP O 403 62.03 29.28 13.83
C ASP O 403 61.30 30.18 12.81
N HIS P 9 62.17 41.61 -4.19
CA HIS P 9 61.29 40.66 -3.45
C HIS P 9 60.40 39.87 -4.40
N PRO P 10 59.87 38.71 -3.95
CA PRO P 10 58.98 37.89 -4.76
C PRO P 10 57.52 37.91 -4.28
N PHE P 11 56.84 39.05 -4.38
CA PHE P 11 55.44 39.18 -3.93
C PHE P 11 54.54 39.95 -4.92
N GLY P 12 54.10 39.29 -5.99
CA GLY P 12 53.26 39.92 -7.01
C GLY P 12 53.48 39.36 -8.41
N THR P 13 54.73 39.32 -8.83
CA THR P 13 55.10 38.79 -10.13
C THR P 13 55.34 37.29 -10.09
N THR P 14 56.07 36.83 -9.06
CA THR P 14 56.41 35.41 -8.94
C THR P 14 55.38 34.59 -8.14
N VAL P 15 54.92 35.14 -7.00
CA VAL P 15 53.91 34.48 -6.16
C VAL P 15 52.63 35.34 -6.07
N THR P 16 51.63 34.99 -6.88
CA THR P 16 50.38 35.77 -7.00
C THR P 16 49.26 35.21 -6.12
N ALA P 17 48.11 35.92 -6.11
CA ALA P 17 46.91 35.46 -5.40
C ALA P 17 46.56 34.00 -5.72
N GLU P 18 46.88 33.56 -6.94
CA GLU P 18 46.76 32.17 -7.31
C GLU P 18 47.66 31.28 -6.45
N THR P 19 48.95 31.63 -6.37
CA THR P 19 49.92 30.83 -5.60
C THR P 19 49.55 30.75 -4.11
N LEU P 20 48.96 31.81 -3.58
CA LEU P 20 48.52 31.84 -2.18
C LEU P 20 47.33 30.91 -1.96
N ARG P 21 46.34 31.00 -2.84
CA ARG P 21 45.15 30.17 -2.74
C ARG P 21 45.45 28.66 -2.81
N ASN P 22 46.59 28.29 -3.40
CA ASN P 22 47.09 26.91 -3.33
C ASN P 22 47.43 26.51 -1.90
N THR P 23 47.77 27.51 -1.09
CA THR P 23 48.29 27.30 0.25
C THR P 23 47.23 27.49 1.34
N PHE P 24 46.44 28.55 1.24
CA PHE P 24 45.53 28.97 2.33
C PHE P 24 44.05 28.57 2.19
N ALA P 25 43.65 28.11 1.02
CA ALA P 25 42.28 27.66 0.79
C ALA P 25 41.90 26.32 1.46
N PRO P 26 42.86 25.40 1.64
CA PRO P 26 42.52 24.11 2.28
C PRO P 26 42.70 24.10 3.80
N LEU P 27 43.31 25.16 4.36
CA LEU P 27 43.51 25.27 5.80
C LEU P 27 42.21 25.66 6.51
N THR P 28 42.15 25.46 7.82
CA THR P 28 40.93 25.71 8.59
C THR P 28 41.18 26.44 9.92
N GLN P 29 41.69 25.73 10.92
CA GLN P 29 41.83 26.30 12.27
C GLN P 29 42.88 27.42 12.33
N TRP P 30 42.73 28.29 13.32
CA TRP P 30 43.50 29.53 13.38
C TRP P 30 44.93 29.34 13.82
N GLU P 31 45.19 28.40 14.72
CA GLU P 31 46.56 28.14 15.18
C GLU P 31 47.47 27.79 14.03
N ASP P 32 46.96 27.00 13.09
CA ASP P 32 47.68 26.69 11.86
C ASP P 32 47.97 27.98 11.10
N LYS P 33 46.90 28.70 10.76
CA LYS P 33 46.96 29.86 9.86
C LYS P 33 48.10 30.82 10.16
N TYR P 34 48.43 31.00 11.44
CA TYR P 34 49.53 31.89 11.83
C TYR P 34 50.91 31.37 11.37
N ARG P 35 51.14 30.06 11.48
CA ARG P 35 52.46 29.48 11.13
C ARG P 35 52.91 29.80 9.71
N GLN P 36 51.97 29.89 8.78
CA GLN P 36 52.28 30.14 7.38
C GLN P 36 52.74 31.58 7.16
N LEU P 37 52.09 32.51 7.86
CA LEU P 37 52.46 33.93 7.78
C LEU P 37 53.89 34.16 8.24
N ILE P 38 54.28 33.48 9.33
CA ILE P 38 55.62 33.63 9.91
C ILE P 38 56.71 33.21 8.92
N MET P 39 56.51 32.08 8.26
CA MET P 39 57.47 31.55 7.29
C MET P 39 57.60 32.45 6.07
N LEU P 40 56.46 32.96 5.59
CA LEU P 40 56.43 33.84 4.42
C LEU P 40 57.45 34.97 4.53
N GLY P 41 57.43 35.68 5.67
CA GLY P 41 58.38 36.75 5.93
C GLY P 41 59.75 36.24 6.32
N GLY P 81 58.83 48.56 2.23
CA GLY P 81 58.49 48.55 3.65
C GLY P 81 59.06 47.35 4.39
N ASP P 82 59.03 47.43 5.72
CA ASP P 82 59.49 46.34 6.59
C ASP P 82 58.61 46.31 7.85
N SER P 83 59.02 45.54 8.87
CA SER P 83 58.28 45.50 10.12
C SER P 83 59.14 45.08 11.31
N GLU P 84 58.75 45.56 12.49
CA GLU P 84 59.48 45.32 13.74
C GLU P 84 59.43 43.84 14.11
N GLY P 85 58.21 43.31 14.20
CA GLY P 85 57.97 41.90 14.48
C GLY P 85 57.69 41.11 13.21
N ARG P 86 57.41 39.82 13.37
CA ARG P 86 57.18 38.92 12.26
C ARG P 86 55.71 38.83 11.85
N ILE P 87 54.83 38.58 12.82
CA ILE P 87 53.43 38.25 12.52
C ILE P 87 52.75 39.30 11.64
N VAL P 88 53.07 40.57 11.87
CA VAL P 88 52.56 41.66 11.05
C VAL P 88 53.29 41.68 9.71
N ARG P 89 54.60 41.43 9.76
CA ARG P 89 55.44 41.37 8.56
C ARG P 89 54.96 40.29 7.57
N GLY P 90 54.28 39.28 8.08
CA GLY P 90 53.65 38.26 7.23
C GLY P 90 52.43 38.81 6.50
N LEU P 91 51.46 39.32 7.27
CA LEU P 91 50.24 39.93 6.72
C LEU P 91 50.61 40.93 5.63
N LEU P 92 51.63 41.73 5.93
CA LEU P 92 52.17 42.72 5.02
C LEU P 92 52.48 42.11 3.65
N ALA P 93 53.23 41.01 3.67
CA ALA P 93 53.68 40.34 2.44
C ALA P 93 52.52 40.12 1.46
N VAL P 94 51.45 39.53 1.96
CA VAL P 94 50.30 39.17 1.13
C VAL P 94 49.52 40.41 0.66
N LEU P 95 49.32 41.37 1.56
CA LEU P 95 48.60 42.59 1.24
C LEU P 95 49.20 43.33 0.04
N LEU P 96 50.53 43.32 -0.04
CA LEU P 96 51.27 44.01 -1.11
C LEU P 96 51.06 43.38 -2.49
N THR P 97 50.82 42.08 -2.51
CA THR P 97 50.69 41.34 -3.76
C THR P 97 49.50 41.84 -4.58
N ALA P 98 48.34 41.93 -3.95
CA ALA P 98 47.10 42.33 -4.63
C ALA P 98 47.13 43.76 -5.20
N VAL P 99 47.99 44.61 -4.65
CA VAL P 99 48.00 46.04 -4.96
C VAL P 99 49.03 46.45 -6.02
N GLU P 100 50.08 45.65 -6.20
CA GLU P 100 51.20 46.02 -7.11
C GLU P 100 50.75 46.18 -8.57
N GLY P 101 51.28 47.19 -9.25
CA GLY P 101 51.04 47.41 -10.68
C GLY P 101 49.84 48.28 -11.04
N LYS P 102 48.83 48.28 -10.17
CA LYS P 102 47.57 48.99 -10.41
C LYS P 102 47.79 50.48 -10.68
N THR P 103 47.22 50.97 -11.78
CA THR P 103 47.33 52.38 -12.13
C THR P 103 46.43 53.24 -11.23
N ALA P 104 46.83 54.49 -11.02
CA ALA P 104 46.24 55.37 -10.00
C ALA P 104 44.72 55.56 -10.07
N ALA P 105 44.16 55.58 -11.28
CA ALA P 105 42.72 55.77 -11.46
C ALA P 105 41.89 54.64 -10.83
N GLU P 106 42.40 53.41 -10.91
CA GLU P 106 41.71 52.22 -10.36
C GLU P 106 41.67 52.20 -8.83
N LEU P 107 42.70 52.79 -8.21
CA LEU P 107 42.93 52.68 -6.77
C LEU P 107 41.81 53.27 -5.92
N GLN P 108 41.65 52.73 -4.70
CA GLN P 108 40.64 53.16 -3.72
C GLN P 108 39.21 52.77 -4.11
N ALA P 109 38.81 53.07 -5.35
CA ALA P 109 37.54 52.57 -5.89
C ALA P 109 37.46 51.08 -5.63
N GLN P 110 38.44 50.34 -6.19
CA GLN P 110 38.58 48.91 -5.93
C GLN P 110 39.37 48.71 -4.63
N SER P 111 38.72 48.14 -3.62
CA SER P 111 39.37 47.91 -2.32
C SER P 111 40.18 46.62 -2.34
N PRO P 112 41.46 46.67 -1.91
CA PRO P 112 42.29 45.47 -1.87
C PRO P 112 42.05 44.58 -0.64
N LEU P 113 41.32 45.11 0.34
CA LEU P 113 40.98 44.38 1.56
C LEU P 113 40.11 43.13 1.30
N ALA P 114 39.54 43.03 0.09
CA ALA P 114 38.74 41.87 -0.30
C ALA P 114 39.57 40.60 -0.57
N LEU P 115 40.88 40.74 -0.75
CA LEU P 115 41.75 39.59 -1.04
C LEU P 115 41.87 38.63 0.14
N PHE P 116 41.85 39.18 1.37
CA PHE P 116 41.91 38.38 2.59
C PHE P 116 40.78 37.37 2.67
N ASP P 117 39.61 37.73 2.14
CA ASP P 117 38.44 36.86 2.17
C ASP P 117 38.65 35.59 1.36
N GLU P 118 39.22 35.72 0.17
CA GLU P 118 39.48 34.58 -0.71
C GLU P 118 40.26 33.48 0.00
N LEU P 119 41.37 33.88 0.61
CA LEU P 119 42.21 32.96 1.39
C LEU P 119 41.49 32.61 2.69
N GLY P 120 41.04 33.63 3.41
CA GLY P 120 40.26 33.47 4.62
C GLY P 120 41.05 33.90 5.86
N LEU P 121 41.47 35.15 5.87
CA LEU P 121 42.21 35.71 7.00
C LEU P 121 41.70 37.09 7.39
N ARG P 122 40.40 37.19 7.63
CA ARG P 122 39.76 38.44 8.05
C ARG P 122 40.05 38.78 9.52
N ALA P 123 39.95 37.77 10.40
CA ALA P 123 40.16 37.97 11.83
C ALA P 123 41.63 38.12 12.21
N GLN P 124 42.53 37.74 11.29
CA GLN P 124 43.98 37.90 11.48
C GLN P 124 44.41 39.32 11.08
N LEU P 125 43.76 39.87 10.08
CA LEU P 125 43.91 41.27 9.71
C LEU P 125 43.49 42.12 10.89
N SER P 126 42.33 41.81 11.44
CA SER P 126 41.84 42.48 12.64
C SER P 126 42.81 42.33 13.81
N ALA P 127 43.37 41.13 13.97
CA ALA P 127 44.29 40.79 15.07
C ALA P 127 45.28 41.90 15.41
N SER P 128 45.84 42.54 14.39
CA SER P 128 46.86 43.56 14.58
C SER P 128 46.50 44.86 13.86
N ARG P 129 45.23 45.27 13.96
CA ARG P 129 44.77 46.52 13.33
C ARG P 129 45.45 47.77 13.90
N SER P 130 45.72 47.79 15.20
CA SER P 130 46.42 48.92 15.83
C SER P 130 47.94 48.86 15.62
N GLN P 131 48.48 47.65 15.53
CA GLN P 131 49.92 47.47 15.29
C GLN P 131 50.28 47.73 13.83
N GLY P 132 50.30 49.00 13.44
CA GLY P 132 50.80 49.41 12.13
C GLY P 132 49.94 49.10 10.91
N LEU P 133 48.85 48.37 11.09
CA LEU P 133 47.96 48.04 9.97
C LEU P 133 47.15 49.25 9.55
N ASN P 134 46.39 49.83 10.48
CA ASN P 134 45.62 51.05 10.22
C ASN P 134 46.51 52.22 9.81
N ALA P 135 47.77 52.19 10.22
CA ALA P 135 48.79 53.11 9.71
C ALA P 135 49.11 52.81 8.25
N LEU P 136 49.34 51.53 7.95
CA LEU P 136 49.62 51.08 6.59
C LEU P 136 48.36 50.92 5.73
N SER P 137 47.19 51.11 6.31
CA SER P 137 45.91 51.02 5.60
C SER P 137 45.60 52.32 4.86
N GLU P 138 45.48 53.42 5.60
CA GLU P 138 45.21 54.73 5.00
C GLU P 138 46.43 55.33 4.32
N ALA P 139 47.60 54.73 4.54
CA ALA P 139 48.82 55.15 3.85
C ALA P 139 48.73 54.91 2.34
N ILE P 140 47.91 53.94 1.94
CA ILE P 140 47.73 53.61 0.52
C ILE P 140 46.73 54.54 -0.17
N ILE P 141 45.70 54.98 0.57
CA ILE P 141 44.73 55.96 0.05
C ILE P 141 45.39 57.31 -0.25
N ALA P 142 46.40 57.67 0.54
CA ALA P 142 47.20 58.87 0.31
C ALA P 142 48.02 58.78 -0.99
N ALA P 143 48.46 57.56 -1.32
CA ALA P 143 49.22 57.30 -2.55
C ALA P 143 48.47 57.73 -3.80
N THR P 144 47.15 57.54 -3.81
CA THR P 144 46.31 58.00 -4.90
C THR P 144 45.68 59.35 -4.56
N1 PLP Q . 1.35 -24.99 -37.14
C2 PLP Q . 1.00 -26.17 -37.69
C2A PLP Q . 1.92 -27.35 -37.55
C3 PLP Q . -0.29 -26.33 -38.44
O3 PLP Q . -0.68 -27.51 -38.99
C4 PLP Q . -1.16 -25.14 -38.52
C4A PLP Q . -2.48 -25.20 -39.27
C5 PLP Q . -0.67 -23.88 -37.86
C6 PLP Q . 0.58 -23.89 -37.21
C5A PLP Q . -1.45 -22.59 -37.92
O4P PLP Q . -2.76 -22.66 -37.36
P PLP Q . -3.82 -21.47 -37.62
O1P PLP Q . -3.19 -20.25 -36.97
O2P PLP Q . -5.07 -21.98 -36.95
O3P PLP Q . -3.93 -21.33 -39.12
C1 PEG R . 6.63 -5.53 -27.44
O1 PEG R . 6.63 -6.76 -28.16
C2 PEG R . 5.21 -5.00 -27.40
O2 PEG R . 4.50 -5.47 -28.58
C3 PEG R . 3.21 -4.85 -28.78
C4 PEG R . 2.21 -5.11 -27.65
O4 PEG R . 2.59 -6.26 -26.86
C1 PEG S . -18.65 -26.88 -15.62
O1 PEG S . -18.78 -25.45 -15.66
C2 PEG S . -19.57 -27.58 -16.63
O2 PEG S . -18.89 -28.61 -17.39
C3 PEG S . -19.76 -29.26 -18.32
C4 PEG S . -20.19 -28.31 -19.44
O4 PEG S . -21.53 -27.83 -19.24
C1 PEG T . -34.26 -22.78 -29.18
O1 PEG T . -34.51 -24.14 -29.53
C2 PEG T . -34.37 -21.87 -30.40
O2 PEG T . -33.16 -21.85 -31.17
C3 PEG T . -33.27 -22.36 -32.50
C4 PEG T . -34.13 -21.46 -33.38
O4 PEG T . -35.50 -21.91 -33.35
C1 GOL U . 14.05 -29.63 -16.82
O1 GOL U . 15.13 -30.52 -17.14
C2 GOL U . 14.57 -28.40 -16.07
O2 GOL U . 13.48 -27.49 -15.78
C3 GOL U . 15.27 -28.82 -14.78
O3 GOL U . 16.64 -29.10 -15.09
C1 GOL V . -16.97 -46.76 -27.12
O1 GOL V . -18.02 -46.80 -28.10
C2 GOL V . -16.06 -45.54 -27.30
O2 GOL V . -14.73 -45.78 -26.79
C3 GOL V . -16.62 -44.34 -26.56
O3 GOL V . -15.76 -43.22 -26.77
C1 GOL W . -28.51 -29.15 -25.96
O1 GOL W . -29.31 -30.14 -26.62
C2 GOL W . -29.33 -27.88 -25.60
O2 GOL W . -28.94 -26.79 -26.46
C3 GOL W . -29.11 -27.43 -24.16
O3 GOL W . -30.34 -27.45 -23.42
C1 GOL X . -1.94 -51.16 -61.85
O1 GOL X . -3.37 -51.06 -61.89
C2 GOL X . -1.48 -51.25 -60.39
O2 GOL X . -2.25 -52.24 -59.72
C3 GOL X . 0.02 -51.57 -60.30
O3 GOL X . 0.27 -52.52 -59.26
C1 GOL Y . 19.99 -39.54 -36.76
O1 GOL Y . 20.78 -39.07 -37.86
C2 GOL Y . 20.77 -39.45 -35.45
O2 GOL Y . 19.84 -39.20 -34.38
C3 GOL Y . 21.82 -38.35 -35.50
O3 GOL Y . 22.44 -38.21 -34.22
C1 GOL Z . -22.61 -17.53 -21.26
O1 GOL Z . -22.47 -16.96 -19.97
C2 GOL Z . -23.07 -16.47 -22.25
O2 GOL Z . -22.01 -15.54 -22.51
C3 GOL Z . -23.53 -17.14 -23.54
O3 GOL Z . -24.95 -17.24 -23.62
C1 GOL AA . 4.23 -49.33 -44.12
O1 GOL AA . 3.75 -49.26 -42.76
C2 GOL AA . 5.59 -50.02 -44.22
O2 GOL AA . 6.31 -49.47 -45.33
C3 GOL AA . 5.48 -51.55 -44.40
O3 GOL AA . 4.21 -52.06 -43.97
C1 GOL BA . 7.65 -46.77 -48.61
O1 GOL BA . 8.70 -47.10 -49.53
C2 GOL BA . 6.82 -48.02 -48.26
O2 GOL BA . 5.66 -47.61 -47.53
C3 GOL BA . 6.40 -48.74 -49.54
O3 GOL BA . 5.45 -49.78 -49.25
C1 GOL CA . 16.75 -33.03 -52.14
O1 GOL CA . 17.55 -34.12 -51.65
C2 GOL CA . 17.64 -31.90 -52.71
O2 GOL CA . 17.57 -30.79 -51.81
C3 GOL CA . 17.24 -31.49 -54.13
O3 GOL CA . 17.16 -30.06 -54.29
C1 GOL DA . -5.83 -36.50 -18.11
O1 GOL DA . -5.48 -35.27 -17.46
C2 GOL DA . -4.62 -37.07 -18.85
O2 GOL DA . -4.24 -36.19 -19.93
C3 GOL DA . -4.94 -38.47 -19.38
O3 GOL DA . -4.62 -38.60 -20.78
C1 GOL EA . 4.17 8.02 -14.75
O1 GOL EA . 2.79 7.86 -15.06
C2 GOL EA . 5.05 7.50 -15.90
O2 GOL EA . 4.91 6.08 -15.96
C3 GOL EA . 6.50 7.92 -15.67
O3 GOL EA . 7.40 6.93 -16.22
C1 GOL FA . 23.37 -19.00 -43.04
O1 GOL FA . 24.59 -19.65 -42.61
C2 GOL FA . 22.17 -19.69 -42.40
O2 GOL FA . 21.57 -20.61 -43.32
C3 GOL FA . 21.10 -18.69 -41.96
O3 GOL FA . 20.40 -19.19 -40.82
C1 PEG GA . -15.95 -23.49 -59.19
O1 PEG GA . -16.07 -24.83 -59.70
C2 PEG GA . -14.79 -23.40 -58.18
O2 PEG GA . -13.58 -23.05 -58.86
C3 PEG GA . -12.43 -23.82 -58.45
C4 PEG GA . -11.19 -23.06 -58.85
O4 PEG GA . -10.15 -23.93 -59.33
C1 GOL HA . -15.79 -8.54 -69.57
O1 GOL HA . -15.51 -9.65 -70.45
C2 GOL HA . -15.99 -7.23 -70.33
O2 GOL HA . -15.41 -6.16 -69.56
C3 GOL HA . -17.46 -6.93 -70.60
O3 GOL HA . -17.68 -5.52 -70.75
C1 GOL IA . -19.36 -34.62 -63.97
O1 GOL IA . -20.70 -35.12 -63.94
C2 GOL IA . -18.48 -35.33 -62.94
O2 GOL IA . -17.14 -34.80 -62.97
C3 GOL IA . -18.44 -36.85 -63.16
O3 GOL IA . -19.37 -37.30 -64.17
C1 GOL JA . -22.51 -10.24 -71.24
O1 GOL JA . -21.49 -11.26 -71.27
C2 GOL JA . -22.03 -9.07 -70.40
O2 GOL JA . -20.86 -8.52 -71.01
C3 GOL JA . -21.71 -9.52 -68.98
O3 GOL JA . -20.32 -9.89 -68.86
N1 PLP KA . -15.41 0.88 -29.09
C2 PLP KA . -16.71 1.11 -28.83
C2A PLP KA . -17.28 2.50 -28.92
C3 PLP KA . -17.56 -0.04 -28.44
O3 PLP KA . -18.89 0.14 -28.16
C4 PLP KA . -16.93 -1.37 -28.38
C4A PLP KA . -17.75 -2.58 -27.96
C5 PLP KA . -15.49 -1.49 -28.70
C6 PLP KA . -14.80 -0.33 -29.04
C5A PLP KA . -14.72 -2.82 -28.64
O4P PLP KA . -15.22 -3.83 -29.49
P PLP KA . -14.72 -5.35 -29.31
O1P PLP KA . -15.01 -5.71 -27.87
O2P PLP KA . -13.25 -5.31 -29.61
O3P PLP KA . -15.57 -6.10 -30.32
C1 PEG LA . 9.52 -6.05 -50.85
O1 PEG LA . 9.20 -7.42 -51.07
C2 PEG LA . 8.32 -5.26 -50.34
O2 PEG LA . 7.09 -5.82 -50.82
C3 PEG LA . 6.08 -4.84 -51.06
C4 PEG LA . 4.73 -5.51 -51.31
O4 PEG LA . 4.67 -5.95 -52.68
C1 PEG MA . 1.62 15.10 -19.21
O1 PEG MA . 0.22 15.33 -18.92
C2 PEG MA . 1.79 13.83 -20.07
O2 PEG MA . 0.78 13.73 -21.07
C3 PEG MA . 0.87 14.72 -22.12
C4 PEG MA . -0.23 15.78 -22.03
O4 PEG MA . 0.07 16.86 -22.93
C1 PEG NA . 5.60 15.24 -19.41
O1 PEG NA . 7.02 15.09 -19.24
C2 PEG NA . 5.28 16.53 -20.16
O2 PEG NA . 4.38 16.25 -21.25
C3 PEG NA . 3.71 17.42 -21.79
C4 PEG NA . 3.89 17.52 -23.31
O4 PEG NA . 2.85 16.78 -23.95
C1 PEG OA . -23.67 2.25 -51.77
O1 PEG OA . -22.71 3.15 -52.32
C2 PEG OA . -23.44 0.82 -52.29
O2 PEG OA . -23.72 0.74 -53.70
C3 PEG OA . -22.58 0.93 -54.55
C4 PEG OA . -22.09 -0.40 -55.12
O4 PEG OA . -20.66 -0.40 -55.22
C1 GOL PA . 0.38 3.10 -54.49
O1 GOL PA . 1.01 2.09 -55.30
C2 GOL PA . 0.92 3.05 -53.05
O2 GOL PA . 0.27 2.01 -52.31
C3 GOL PA . 0.70 4.41 -52.36
O3 GOL PA . 1.79 4.67 -51.45
C1 GOL QA . -14.64 -23.02 -47.81
O1 GOL QA . -13.71 -22.29 -46.99
C2 GOL QA . -15.69 -22.09 -48.43
O2 GOL QA . -16.22 -21.21 -47.43
C3 GOL QA . -15.10 -21.29 -49.58
O3 GOL QA . -15.28 -22.00 -50.81
C1 GOL RA . -8.86 -20.09 -47.65
O1 GOL RA . -8.87 -19.56 -48.98
C2 GOL RA . -10.05 -21.02 -47.44
O2 GOL RA . -11.19 -20.56 -48.19
C3 GOL RA . -10.40 -21.12 -45.95
O3 GOL RA . -9.23 -20.94 -45.14
C1 GOL SA . -18.93 0.56 -52.79
O1 GOL SA . -18.71 -0.82 -53.11
C2 GOL SA . -18.41 1.46 -53.91
O2 GOL SA . -17.02 1.20 -54.16
C3 GOL SA . -18.58 2.92 -53.53
O3 GOL SA . -19.97 3.29 -53.57
C1 GOL TA . -39.06 13.09 -4.04
O1 GOL TA . -40.14 13.05 -4.97
C2 GOL TA . -38.45 11.69 -3.84
O2 GOL TA . -37.44 11.74 -2.82
C3 GOL TA . -37.79 11.21 -5.14
O3 GOL TA . -36.76 12.13 -5.51
C1 GOL UA . -16.18 14.45 -9.77
O1 GOL UA . -15.51 14.13 -11.02
C2 GOL UA . -16.74 15.88 -9.75
O2 GOL UA . -16.32 16.52 -8.54
C3 GOL UA . -18.28 15.95 -9.81
O3 GOL UA . -18.69 16.66 -10.99
C1 GOL VA . 14.42 12.57 -27.97
O1 GOL VA . 14.52 13.36 -26.77
C2 GOL VA . 14.76 13.35 -29.24
O2 GOL VA . 15.19 12.41 -30.24
C3 GOL VA . 13.55 14.18 -29.73
O3 GOL VA . 12.65 13.45 -30.58
C1 GOL WA . -18.14 8.50 -5.61
O1 GOL WA . -18.12 8.22 -4.20
C2 GOL WA . -19.56 8.47 -6.19
O2 GOL WA . -20.52 8.79 -5.17
C3 GOL WA . -19.71 9.44 -7.37
O3 GOL WA . -21.07 9.87 -7.53
C1 GOL XA . -35.71 16.25 -25.03
O1 GOL XA . -35.02 17.01 -26.03
C2 GOL XA . -36.94 15.51 -25.60
O2 GOL XA . -36.97 14.17 -25.10
C3 GOL XA . -36.92 15.47 -27.13
O3 GOL XA . -36.55 16.74 -27.69
C1 GOL YA . -11.11 -14.84 -50.72
O1 GOL YA . -11.12 -14.70 -52.14
C2 GOL YA . -11.49 -13.52 -50.02
O2 GOL YA . -10.68 -12.43 -50.48
C3 GOL YA . -11.34 -13.67 -48.51
O3 GOL YA . -12.37 -12.90 -47.88
C1 GOL ZA . -38.52 -21.23 4.68
O1 GOL ZA . -37.58 -22.26 5.01
C2 GOL ZA . -38.08 -20.51 3.40
O2 GOL ZA . -38.01 -21.48 2.34
C3 GOL ZA . -39.03 -19.37 3.02
O3 GOL ZA . -38.33 -18.36 2.27
N1 PLP AB . -56.00 -38.12 -9.50
C2 PLP AB . -57.34 -38.06 -9.47
C2A PLP AB . -58.06 -36.77 -9.82
C3 PLP AB . -58.11 -39.27 -9.11
O3 PLP AB . -59.47 -39.25 -9.09
C4 PLP AB . -57.37 -40.51 -8.78
C4A PLP AB . -58.09 -41.77 -8.39
C5 PLP AB . -55.90 -40.44 -8.83
C6 PLP AB . -55.32 -39.22 -9.18
C5A PLP AB . -55.01 -41.62 -8.48
O4P PLP AB . -55.21 -42.76 -9.31
P PLP AB . -54.58 -44.19 -8.88
O1P PLP AB . -55.09 -44.46 -7.49
O2P PLP AB . -53.08 -43.96 -8.91
O3P PLP AB . -55.11 -45.11 -9.95
C1 PEG BB . -69.51 -26.78 -18.28
O1 PEG BB . -68.68 -27.88 -18.69
C2 PEG BB . -70.68 -26.58 -19.25
O2 PEG BB . -71.82 -27.30 -18.75
C3 PEG BB . -73.09 -26.89 -19.27
C4 PEG BB . -73.70 -27.95 -20.19
O4 PEG BB . -74.94 -28.46 -19.65
C1 PEG CB . -50.34 -24.86 -29.51
O1 PEG CB . -51.48 -24.02 -29.71
C2 PEG CB . -50.49 -26.16 -30.31
O2 PEG CB . -49.27 -26.42 -31.01
C3 PEG CB . -49.22 -25.82 -32.32
C4 PEG CB . -47.82 -25.95 -32.91
O4 PEG CB . -46.83 -26.05 -31.88
C1 PEG DB . -30.65 -29.65 -0.71
O1 PEG DB . -31.32 -30.91 -0.55
C2 PEG DB . -29.88 -29.55 -2.03
O2 PEG DB . -30.03 -30.74 -2.81
C3 PEG DB . -29.50 -30.64 -4.14
C4 PEG DB . -29.54 -31.99 -4.86
O4 PEG DB . -30.61 -32.03 -5.83
C1 PEG EB . -30.35 -38.36 -1.75
O1 PEG EB . -29.34 -39.23 -2.29
C2 PEG EB . -31.58 -39.15 -1.36
O2 PEG EB . -32.68 -38.89 -2.24
C3 PEG EB . -33.92 -39.36 -1.71
C4 PEG EB . -34.49 -38.40 -0.64
O4 PEG EB . -34.85 -39.12 0.54
C1 GOL FB . -29.69 -44.16 -25.51
O1 GOL FB . -30.93 -44.84 -25.24
C2 GOL FB . -28.56 -44.60 -24.56
O2 GOL FB . -28.90 -44.36 -23.19
C3 GOL FB . -27.27 -43.86 -24.89
O3 GOL FB . -27.33 -42.51 -24.39
C1 GOL GB . -34.84 -33.67 -25.06
O1 GOL GB . -35.44 -33.67 -26.36
C2 GOL GB . -33.90 -32.46 -24.83
O2 GOL GB . -33.00 -32.75 -23.74
C3 GOL GB . -34.69 -31.20 -24.49
O3 GOL GB . -35.27 -30.67 -25.68
C1 GOL HB . -48.76 -52.03 -35.23
O1 GOL HB . -50.02 -52.56 -34.73
C2 GOL HB . -47.64 -52.59 -34.37
O2 GOL HB . -46.34 -52.29 -34.89
C3 GOL HB . -47.78 -52.07 -32.93
O3 GOL HB . -47.34 -53.10 -32.04
C1 GOL IB . -29.26 -29.69 -15.66
O1 GOL IB . -28.03 -30.43 -15.47
C2 GOL IB . -29.29 -28.42 -14.81
O2 GOL IB . -29.03 -28.77 -13.43
C3 GOL IB . -30.64 -27.71 -14.95
O3 GOL IB . -31.00 -27.03 -13.73
C1 GOL JB . -79.73 -54.10 -15.20
O1 GOL JB . -79.27 -52.80 -14.79
C2 GOL JB . -80.53 -54.84 -14.11
O2 GOL JB . -79.65 -55.35 -13.07
C3 GOL JB . -81.58 -53.94 -13.45
O3 GOL JB . -82.27 -54.70 -12.46
C1 GOL KB . -91.01 -37.21 11.47
O1 GOL KB . -92.10 -37.74 10.70
C2 GOL KB . -90.80 -38.01 12.77
O2 GOL KB . -90.39 -37.14 13.85
C3 GOL KB . -89.79 -39.14 12.57
O3 GOL KB . -88.50 -38.62 12.23
C1 GOL LB . -64.94 -26.36 -18.61
O1 GOL LB . -65.89 -25.30 -18.41
C2 GOL LB . -63.63 -25.74 -19.08
O2 GOL LB . -62.98 -25.07 -17.99
C3 GOL LB . -62.69 -26.80 -19.66
O3 GOL LB . -61.87 -26.19 -20.66
C1 GOL MB . -43.45 -41.41 -35.73
O1 GOL MB . -43.18 -41.74 -34.35
C2 GOL MB . -44.94 -41.52 -36.10
O2 GOL MB . -45.49 -42.81 -35.73
C3 GOL MB . -45.10 -41.30 -37.61
O3 GOL MB . -46.49 -41.16 -37.98
C1 GOL NB . -58.37 -37.49 -37.14
O1 GOL NB . -57.08 -38.05 -37.42
C2 GOL NB . -58.19 -36.15 -36.44
O2 GOL NB . -57.13 -36.26 -35.48
C3 GOL NB . -59.50 -35.72 -35.77
O3 GOL NB . -59.71 -34.30 -35.88
C1 GOL OB . -47.17 -21.91 -28.64
O1 GOL OB . -47.80 -22.09 -29.92
C2 GOL OB . -45.94 -22.80 -28.49
O2 GOL OB . -45.68 -23.47 -29.73
C3 GOL OB . -44.72 -21.97 -28.05
O3 GOL OB . -43.64 -22.80 -27.62
C1 GOL PB . -62.70 -38.21 -33.42
O1 GOL PB . -62.05 -38.69 -34.60
C2 GOL PB . -62.35 -36.75 -33.10
O2 GOL PB . -62.79 -36.46 -31.78
C3 GOL PB . -63.01 -35.80 -34.11
O3 GOL PB . -64.37 -35.47 -33.77
N1 PLP QB . -34.98 -61.85 -11.23
C2 PLP QB . -35.05 -63.12 -11.72
C2A PLP QB . -34.09 -64.22 -11.35
C3 PLP QB . -36.09 -63.48 -12.66
O3 PLP QB . -36.16 -64.76 -13.14
C4 PLP QB . -37.03 -62.42 -13.06
C4A PLP QB . -38.13 -62.76 -14.05
C5 PLP QB . -36.86 -61.08 -12.44
C6 PLP QB . -35.83 -60.86 -11.55
C5A PLP QB . -37.78 -59.93 -12.82
O4P PLP QB . -39.15 -60.15 -12.53
P PLP QB . -40.27 -59.14 -13.13
O1P PLP QB . -39.96 -57.82 -12.50
O2P PLP QB . -41.56 -59.77 -12.67
O3P PLP QB . -40.04 -59.15 -14.64
C1 PEG RB . -40.72 -30.97 6.69
O1 PEG RB . -40.30 -30.01 7.66
C2 PEG RB . -42.20 -30.84 6.35
O2 PEG RB . -42.98 -30.38 7.47
C3 PEG RB . -43.06 -28.94 7.59
C4 PEG RB . -44.51 -28.54 7.88
O4 PEG RB . -44.56 -27.25 8.50
C1 GOL SB . -40.61 -65.87 -27.71
O1 GOL SB . -41.85 -65.18 -27.89
C2 GOL SB . -40.87 -67.38 -27.58
O2 GOL SB . -40.91 -67.72 -26.19
C3 GOL SB . -39.82 -68.19 -28.31
O3 GOL SB . -40.37 -69.45 -28.76
C1 GOL TB . -33.12 -87.07 -11.20
O1 GOL TB . -33.75 -85.96 -10.54
C2 GOL TB . -34.09 -88.22 -11.47
O2 GOL TB . -33.69 -89.33 -10.66
C3 GOL TB . -34.10 -88.68 -12.94
O3 GOL TB . -35.22 -88.19 -13.73
C1 GOL UB . -53.02 -82.55 4.86
O1 GOL UB . -52.53 -81.64 3.85
C2 GOL UB . -51.87 -83.40 5.38
O2 GOL UB . -50.78 -82.55 5.78
C3 GOL UB . -52.31 -84.29 6.56
O3 GOL UB . -52.72 -85.59 6.10
C1 GOL VB . -77.28 -59.42 3.32
O1 GOL VB . -76.39 -60.31 3.99
C2 GOL VB . -76.83 -59.22 1.87
O2 GOL VB . -76.54 -60.49 1.27
C3 GOL VB . -75.60 -58.28 1.82
O3 GOL VB . -75.98 -56.95 1.42
C1 GOL WB . -44.07 -59.61 16.00
O1 GOL WB . -45.28 -59.56 15.22
C2 GOL WB . -43.06 -60.60 15.39
O2 GOL WB . -43.65 -61.91 15.31
C3 GOL WB . -41.80 -60.66 16.24
O3 GOL WB . -40.90 -61.67 15.76
C1 GOL XB . -21.31 -84.23 -27.15
O1 GOL XB . -20.24 -84.60 -28.05
C2 GOL XB . -21.82 -85.39 -26.28
O2 GOL XB . -22.82 -86.13 -26.98
C3 GOL XB . -22.41 -84.84 -24.99
O3 GOL XB . -22.65 -85.91 -24.07
C1 GOL YB . -68.68 -66.47 -19.31
O1 GOL YB . -68.86 -67.86 -19.62
C2 GOL YB . -69.55 -66.11 -18.10
O2 GOL YB . -70.93 -66.12 -18.50
C3 GOL YB . -69.34 -67.11 -16.95
O3 GOL YB . -67.94 -67.32 -16.73
C1 PEG ZB . -11.99 -61.26 -46.12
O1 PEG ZB . -13.06 -61.72 -45.28
C2 PEG ZB . -11.77 -62.27 -47.25
O2 PEG ZB . -11.06 -61.71 -48.36
C3 PEG ZB . -10.72 -62.70 -49.33
C4 PEG ZB . -9.30 -63.22 -49.06
O4 PEG ZB . -9.29 -64.66 -48.98
C1 GOL AC . -25.20 -40.66 -53.45
O1 GOL AC . -25.81 -41.79 -52.79
C2 GOL AC . -25.77 -39.34 -52.93
O2 GOL AC . -25.20 -38.28 -53.69
C3 GOL AC . -25.50 -39.15 -51.43
O3 GOL AC . -26.74 -38.96 -50.70
N1 PLP BC . 25.76 -10.26 5.82
C2 PLP BC . 25.95 -10.25 4.48
C2A PLP BC . 25.59 -11.48 3.69
C3 PLP BC . 26.48 -9.03 3.81
O3 PLP BC . 26.65 -8.97 2.48
C4 PLP BC . 26.78 -7.84 4.64
C4A PLP BC . 27.32 -6.57 4.02
C5 PLP BC . 26.52 -7.96 6.10
C6 PLP BC . 26.03 -9.19 6.58
C5A PLP BC . 26.83 -6.82 7.06
O4P PLP BC . 26.11 -5.61 6.81
P PLP BC . 26.53 -4.25 7.56
O1P PLP BC . 25.59 -3.21 6.93
O2P PLP BC . 26.27 -4.53 9.02
O3P PLP BC . 27.99 -4.06 7.24
C1 PEG CC . 30.83 -24.48 29.72
O1 PEG CC . 29.72 -23.89 30.43
C2 PEG CC . 30.38 -25.71 28.90
O2 PEG CC . 30.53 -25.46 27.50
C3 PEG CC . 31.88 -25.60 27.05
C4 PEG CC . 32.05 -25.07 25.63
O4 PEG CC . 32.82 -23.87 25.62
C1 GOL DC . 8.23 -1.30 -16.01
O1 GOL DC . 8.24 -0.54 -17.22
C2 GOL DC . 9.51 -1.04 -15.18
O2 GOL DC . 10.62 -0.78 -16.06
C3 GOL DC . 9.81 -2.24 -14.26
O3 GOL DC . 8.64 -2.97 -13.90
C1 GOL EC . 20.98 19.75 -7.84
O1 GOL EC . 22.37 19.94 -7.51
C2 GOL EC . 20.69 18.28 -8.15
O2 GOL EC . 21.59 17.86 -9.18
C3 GOL EC . 19.25 18.09 -8.63
O3 GOL EC . 18.58 17.09 -7.84
C1 GOL FC . 35.80 -0.51 -22.87
O1 GOL FC . 35.65 -1.87 -23.34
C2 GOL FC . 37.25 -0.05 -22.97
O2 GOL FC . 37.65 -0.16 -24.34
C3 GOL FC . 38.24 -0.83 -22.09
O3 GOL FC . 37.68 -1.35 -20.87
C1 GOL GC . 5.51 -21.31 15.16
O1 GOL GC . 6.39 -22.28 14.57
C2 GOL GC . 6.28 -20.07 15.62
O2 GOL GC . 7.49 -20.47 16.28
C3 GOL GC . 5.48 -19.21 16.58
O3 GOL GC . 6.33 -18.19 17.11
C1 GOL HC . 31.09 -32.65 23.58
O1 GOL HC . 30.70 -31.96 24.78
C2 GOL HC . 30.18 -32.35 22.37
O2 GOL HC . 29.48 -31.10 22.53
C3 GOL HC . 29.18 -33.48 22.15
O3 GOL HC . 29.86 -34.61 21.57
N1 PLP IC . 22.70 12.96 27.49
C2 PLP IC . 22.30 14.24 27.42
C2A PLP IC . 22.71 15.20 28.50
C3 PLP IC . 21.48 14.69 26.28
O3 PLP IC . 21.05 15.98 26.18
C4 PLP IC . 21.11 13.70 25.23
C4A PLP IC . 20.27 14.10 24.04
C5 PLP IC . 21.61 12.31 25.41
C6 PLP IC . 22.38 12.04 26.55
C5A PLP IC . 21.31 11.18 24.42
O4P PLP IC . 21.78 11.43 23.09
P PLP IC . 21.26 10.51 21.87
O1P PLP IC . 19.76 10.60 21.91
O2P PLP IC . 21.78 9.13 22.21
O3P PLP IC . 21.90 11.15 20.67
C1 PEG JC . 43.66 -2.61 11.11
O1 PEG JC . 43.89 -2.77 12.53
C2 PEG JC . 43.26 -1.17 10.80
O2 PEG JC . 42.09 -1.08 9.96
C3 PEG JC . 40.88 -1.59 10.56
C4 PEG JC . 39.65 -0.75 10.15
O4 PEG JC . 39.07 -1.18 8.90
N1 PLP KC . 31.71 80.64 29.06
C2 PLP KC . 30.35 80.68 29.10
C2A PLP KC . 29.60 81.70 28.29
C3 PLP KC . 29.62 79.70 29.94
O3 PLP KC . 28.26 79.71 29.98
C4 PLP KC . 30.41 78.70 30.71
C4A PLP KC . 29.70 77.69 31.58
C5 PLP KC . 31.89 78.77 30.58
C6 PLP KC . 32.45 79.76 29.76
C5A PLP KC . 32.80 77.82 31.34
O4P PLP KC . 32.60 76.45 31.03
P PLP KC . 33.28 75.32 31.96
O1P PLP KC . 32.80 75.60 33.36
O2P PLP KC . 34.77 75.53 31.80
O3P PLP KC . 32.74 74.04 31.37
C1 GOL LC . 4.95 91.86 22.08
O1 GOL LC . 6.20 92.02 21.38
C2 GOL LC . 5.18 91.16 23.42
O2 GOL LC . 4.73 89.80 23.36
C3 GOL LC . 4.46 91.91 24.54
O3 GOL LC . 3.06 92.00 24.29
N1 PLP MC . 53.26 58.08 36.48
C2 PLP MC . 53.22 56.74 36.57
C2A PLP MC . 54.27 56.03 37.39
C3 PLP MC . 52.15 55.99 35.86
O3 PLP MC . 52.05 54.62 35.93
C4 PLP MC . 51.16 56.80 35.09
C4A PLP MC . 50.04 56.10 34.34
C5 PLP MC . 51.32 58.28 35.08
C6 PLP MC . 52.40 58.83 35.79
C5A PLP MC . 50.39 59.21 34.32
O4P PLP MC . 49.02 59.12 34.71
P PLP MC . 47.88 59.80 33.80
O1P PLP MC . 48.20 61.28 33.82
O2P PLP MC . 46.61 59.40 34.50
O3P PLP MC . 48.05 59.19 32.43
#